data_8ONU
#
_entry.id   8ONU
#
loop_
_entity.id
_entity.type
_entity.pdbx_description
1 polymer 'Lipopolysaccharide export system protein LptA'
2 polymer 'Thanatin-like derivative'
#
loop_
_entity_poly.entity_id
_entity_poly.type
_entity_poly.pdbx_seq_one_letter_code
_entity_poly.pdbx_strand_id
1 'polypeptide(L)'
;GLPSDRNQQISLVADRATYNEKTGLTTYTGNVVIEQGTMKLQADSIVATLNSKREIQTITAKGRPSKFQQQISADKGIAR
GEGQTIVYNADTGIITLSGGAYLYQDGSSIRGNTLKYSMNKGDVEAQGSSSNR
;
A
2 'polypeptide(L)' (EU0)(HYP)ITY(LE1)NR(DAB)T(4FO)KC(DAB)RY B
#
# COMPACT_ATOMS: atom_id res chain seq x y z
N GLY A 1 10.82 3.36 -20.71
CA GLY A 1 12.14 2.76 -20.97
C GLY A 1 12.04 1.66 -22.02
N LEU A 2 13.18 1.24 -22.57
CA LEU A 2 13.32 0.11 -23.50
C LEU A 2 12.83 -1.22 -22.86
N PRO A 3 12.49 -2.27 -23.64
CA PRO A 3 12.13 -3.57 -23.10
C PRO A 3 13.27 -4.23 -22.34
N SER A 4 12.95 -4.77 -21.17
CA SER A 4 13.90 -5.44 -20.26
C SER A 4 13.23 -6.55 -19.44
N ASP A 5 12.02 -6.96 -19.84
CA ASP A 5 11.00 -7.47 -18.90
C ASP A 5 11.25 -8.88 -18.36
N ARG A 6 12.27 -9.58 -18.90
CA ARG A 6 12.89 -10.78 -18.31
C ARG A 6 13.35 -10.60 -16.84
N ASN A 7 13.50 -9.33 -16.39
CA ASN A 7 13.97 -8.95 -15.07
C ASN A 7 12.92 -8.17 -14.24
N GLN A 8 11.62 -8.20 -14.59
CA GLN A 8 10.56 -7.60 -13.76
C GLN A 8 10.47 -8.23 -12.36
N GLN A 9 9.91 -7.51 -11.38
CA GLN A 9 9.53 -8.10 -10.08
C GLN A 9 8.24 -7.54 -9.49
N ILE A 10 8.00 -6.22 -9.57
CA ILE A 10 6.73 -5.62 -9.12
C ILE A 10 5.72 -5.68 -10.27
N SER A 11 4.44 -5.91 -9.97
CA SER A 11 3.35 -5.85 -10.96
C SER A 11 2.15 -5.08 -10.42
N LEU A 12 1.75 -4.00 -11.10
CA LEU A 12 0.44 -3.36 -10.88
C LEU A 12 -0.53 -3.69 -12.02
N VAL A 13 -1.82 -3.83 -11.69
CA VAL A 13 -2.88 -4.02 -12.69
C VAL A 13 -4.07 -3.09 -12.45
N ALA A 14 -4.47 -2.35 -13.48
CA ALA A 14 -5.47 -1.29 -13.44
C ALA A 14 -6.43 -1.28 -14.65
N ASP A 15 -7.69 -0.86 -14.42
CA ASP A 15 -8.71 -0.73 -15.47
C ASP A 15 -8.79 0.67 -16.09
N ARG A 16 -8.47 1.72 -15.32
CA ARG A 16 -8.25 3.07 -15.82
C ARG A 16 -6.95 3.61 -15.21
N ALA A 17 -5.94 3.83 -16.04
CA ALA A 17 -4.65 4.37 -15.64
C ALA A 17 -4.35 5.66 -16.41
N THR A 18 -3.72 6.62 -15.75
CA THR A 18 -3.40 7.95 -16.32
C THR A 18 -2.06 8.43 -15.81
N TYR A 19 -1.22 8.95 -16.71
CA TYR A 19 -0.11 9.80 -16.30
C TYR A 19 -0.63 11.21 -15.96
N ASN A 20 0.18 12.01 -15.26
CA ASN A 20 -0.22 13.34 -14.79
C ASN A 20 0.78 14.40 -15.24
N GLU A 21 1.00 14.49 -16.56
CA GLU A 21 2.04 15.25 -17.28
C GLU A 21 2.47 16.54 -16.59
N LYS A 22 1.53 17.47 -16.36
CA LYS A 22 1.80 18.81 -15.78
C LYS A 22 2.18 18.82 -14.30
N THR A 23 2.34 17.65 -13.66
CA THR A 23 2.71 17.51 -12.25
C THR A 23 3.53 16.24 -11.92
N GLY A 24 3.99 15.47 -12.92
CA GLY A 24 4.94 14.37 -12.75
C GLY A 24 4.38 13.04 -12.20
N LEU A 25 3.27 13.07 -11.46
CA LEU A 25 2.58 11.92 -10.85
C LEU A 25 2.07 10.89 -11.88
N THR A 26 1.66 9.72 -11.40
CA THR A 26 0.82 8.76 -12.13
C THR A 26 -0.38 8.36 -11.27
N THR A 27 -1.60 8.37 -11.81
CA THR A 27 -2.84 8.09 -11.07
C THR A 27 -3.66 6.98 -11.74
N TYR A 28 -4.04 5.99 -10.95
CA TYR A 28 -4.69 4.75 -11.31
C TYR A 28 -6.05 4.62 -10.59
N THR A 29 -7.01 3.92 -11.21
CA THR A 29 -8.44 3.87 -10.85
C THR A 29 -9.08 2.57 -11.37
N GLY A 30 -10.15 2.09 -10.71
CA GLY A 30 -10.90 0.90 -11.09
C GLY A 30 -10.39 -0.37 -10.42
N ASN A 31 -10.61 -0.51 -9.12
CA ASN A 31 -10.23 -1.68 -8.29
C ASN A 31 -8.76 -2.09 -8.51
N VAL A 32 -7.82 -1.13 -8.46
CA VAL A 32 -6.41 -1.37 -8.85
C VAL A 32 -5.60 -2.02 -7.72
N VAL A 33 -4.56 -2.75 -8.10
CA VAL A 33 -3.66 -3.42 -7.14
C VAL A 33 -2.21 -3.34 -7.62
N ILE A 34 -1.28 -3.26 -6.66
CA ILE A 34 0.16 -3.40 -6.86
C ILE A 34 0.70 -4.52 -5.96
N GLU A 35 1.33 -5.52 -6.59
CA GLU A 35 1.80 -6.75 -5.96
C GLU A 35 3.32 -6.91 -6.10
N GLN A 36 3.95 -7.54 -5.10
CA GLN A 36 5.37 -7.96 -5.10
C GLN A 36 5.65 -9.06 -4.06
N GLY A 37 4.96 -9.02 -2.91
CA GLY A 37 5.12 -9.96 -1.79
C GLY A 37 3.77 -10.23 -1.11
N THR A 38 3.76 -10.60 0.18
CA THR A 38 2.50 -10.91 0.87
C THR A 38 1.62 -9.68 1.16
N MET A 39 2.19 -8.49 1.01
CA MET A 39 1.55 -7.18 1.14
C MET A 39 0.59 -6.96 -0.04
N LYS A 40 -0.70 -7.25 0.19
CA LYS A 40 -1.75 -7.23 -0.84
C LYS A 40 -2.32 -5.81 -0.96
N LEU A 41 -1.54 -4.91 -1.57
CA LEU A 41 -1.84 -3.49 -1.69
C LEU A 41 -2.81 -3.24 -2.87
N GLN A 42 -4.09 -3.55 -2.65
CA GLN A 42 -5.20 -3.14 -3.51
C GLN A 42 -5.95 -1.93 -2.95
N ALA A 43 -6.68 -1.25 -3.82
CA ALA A 43 -7.51 -0.08 -3.56
C ALA A 43 -8.64 -0.04 -4.63
N ASP A 44 -9.44 1.03 -4.70
CA ASP A 44 -9.94 1.43 -6.03
C ASP A 44 -8.83 2.16 -6.78
N SER A 45 -8.27 3.19 -6.14
CA SER A 45 -7.45 4.21 -6.78
C SER A 45 -6.13 4.39 -6.04
N ILE A 46 -5.07 4.58 -6.84
CA ILE A 46 -3.70 4.77 -6.38
C ILE A 46 -3.13 6.02 -7.07
N VAL A 47 -2.60 6.94 -6.28
CA VAL A 47 -1.80 8.08 -6.76
C VAL A 47 -0.34 7.80 -6.42
N ALA A 48 0.46 7.53 -7.44
CA ALA A 48 1.90 7.36 -7.32
C ALA A 48 2.61 8.71 -7.58
N THR A 49 3.23 9.28 -6.55
CA THR A 49 4.13 10.43 -6.70
C THR A 49 5.54 9.94 -6.98
N LEU A 50 6.25 10.58 -7.90
CA LEU A 50 7.57 10.14 -8.36
C LEU A 50 8.48 11.31 -8.71
N ASN A 51 9.79 11.08 -8.67
CA ASN A 51 10.81 12.10 -8.93
C ASN A 51 11.61 11.86 -10.24
N SER A 52 12.64 12.68 -10.45
CA SER A 52 13.55 12.64 -11.61
C SER A 52 14.11 11.26 -11.95
N LYS A 53 14.24 10.33 -10.99
CA LYS A 53 14.79 8.98 -11.23
C LYS A 53 13.75 7.94 -11.68
N ARG A 54 12.48 8.36 -11.89
CA ARG A 54 11.27 7.51 -11.84
C ARG A 54 11.07 6.79 -10.49
N GLU A 55 11.82 7.17 -9.47
CA GLU A 55 11.67 6.69 -8.10
C GLU A 55 10.33 7.16 -7.51
N ILE A 56 9.52 6.21 -7.03
CA ILE A 56 8.15 6.45 -6.56
C ILE A 56 8.17 6.93 -5.10
N GLN A 57 8.65 8.15 -4.89
CA GLN A 57 8.97 8.76 -3.58
C GLN A 57 7.89 8.62 -2.49
N THR A 58 6.60 8.55 -2.84
CA THR A 58 5.52 8.08 -1.95
C THR A 58 4.23 7.84 -2.76
N ILE A 59 3.35 6.96 -2.25
CA ILE A 59 2.12 6.51 -2.90
C ILE A 59 0.93 6.79 -1.97
N THR A 60 -0.21 7.23 -2.50
CA THR A 60 -1.47 7.43 -1.75
C THR A 60 -2.57 6.52 -2.31
N ALA A 61 -3.38 5.89 -1.44
CA ALA A 61 -4.40 4.91 -1.79
C ALA A 61 -5.80 5.28 -1.24
N LYS A 62 -6.86 4.88 -1.95
CA LYS A 62 -8.27 5.07 -1.54
C LYS A 62 -9.24 4.12 -2.26
N GLY A 63 -10.40 3.90 -1.65
CA GLY A 63 -11.44 2.99 -2.15
C GLY A 63 -12.65 2.91 -1.22
N ARG A 64 -13.57 1.98 -1.49
CA ARG A 64 -14.77 1.74 -0.68
C ARG A 64 -14.88 0.24 -0.32
N PRO A 65 -14.29 -0.23 0.81
CA PRO A 65 -13.49 0.50 1.81
C PRO A 65 -12.06 0.85 1.33
N SER A 66 -11.33 1.64 2.13
CA SER A 66 -10.02 2.20 1.79
C SER A 66 -8.82 1.24 1.91
N LYS A 67 -9.02 -0.01 2.31
CA LYS A 67 -8.01 -0.88 2.94
C LYS A 67 -7.18 -1.79 2.02
N PHE A 68 -6.01 -2.18 2.53
CA PHE A 68 -5.17 -3.27 2.00
C PHE A 68 -5.17 -4.49 2.94
N GLN A 69 -4.76 -5.65 2.44
CA GLN A 69 -4.61 -6.90 3.19
C GLN A 69 -3.12 -7.33 3.27
N GLN A 70 -2.78 -8.27 4.17
CA GLN A 70 -1.51 -8.99 4.17
C GLN A 70 -1.66 -10.46 4.60
N GLN A 71 -0.89 -11.32 3.94
CA GLN A 71 -0.70 -12.73 4.30
C GLN A 71 0.50 -12.87 5.28
N ILE A 72 0.27 -13.38 6.48
CA ILE A 72 1.27 -13.48 7.58
C ILE A 72 1.66 -14.94 7.89
N SER A 73 0.70 -15.87 7.75
CA SER A 73 0.88 -17.32 7.82
C SER A 73 -0.15 -18.00 6.91
N ALA A 74 0.05 -19.27 6.55
CA ALA A 74 -0.87 -20.05 5.71
C ALA A 74 -2.31 -20.06 6.24
N ASP A 75 -2.50 -19.98 7.56
CA ASP A 75 -3.78 -19.76 8.23
C ASP A 75 -4.05 -18.27 8.54
N LYS A 76 -3.03 -17.51 8.97
CA LYS A 76 -3.12 -16.05 9.22
C LYS A 76 -3.01 -15.23 7.92
N GLY A 77 -3.83 -15.58 6.92
CA GLY A 77 -3.90 -14.91 5.62
C GLY A 77 -4.72 -13.61 5.59
N ILE A 78 -5.17 -13.13 6.75
CA ILE A 78 -6.33 -12.23 6.90
C ILE A 78 -6.01 -10.85 7.52
N ALA A 79 -4.73 -10.54 7.75
CA ALA A 79 -4.32 -9.27 8.34
C ALA A 79 -4.58 -8.09 7.39
N ARG A 80 -4.82 -6.88 7.92
CA ARG A 80 -5.22 -5.71 7.11
C ARG A 80 -5.05 -4.37 7.83
N GLY A 81 -4.92 -3.31 7.05
CA GLY A 81 -4.89 -1.92 7.52
C GLY A 81 -5.90 -1.04 6.79
N GLU A 82 -6.69 -0.28 7.55
CA GLU A 82 -7.80 0.57 7.10
C GLU A 82 -7.69 1.98 7.71
N GLY A 83 -8.29 3.00 7.09
CA GLY A 83 -8.22 4.37 7.62
C GLY A 83 -8.92 5.44 6.78
N GLN A 84 -8.94 6.69 7.27
CA GLN A 84 -9.63 7.81 6.64
C GLN A 84 -9.05 8.19 5.26
N THR A 85 -7.76 7.89 5.06
CA THR A 85 -7.02 7.76 3.79
C THR A 85 -5.78 6.90 4.08
N ILE A 86 -5.11 6.34 3.08
CA ILE A 86 -3.87 5.57 3.27
C ILE A 86 -2.74 6.20 2.46
N VAL A 87 -1.56 6.33 3.05
CA VAL A 87 -0.33 6.78 2.38
C VAL A 87 0.82 5.82 2.67
N TYR A 88 1.68 5.58 1.70
CA TYR A 88 2.62 4.46 1.67
C TYR A 88 4.03 4.95 1.35
N ASN A 89 4.97 4.61 2.25
CA ASN A 89 6.40 4.76 2.02
C ASN A 89 6.92 3.60 1.17
N ALA A 90 6.78 3.71 -0.16
CA ALA A 90 7.45 2.82 -1.11
C ALA A 90 8.99 2.91 -1.03
N ASP A 91 9.51 3.99 -0.43
CA ASP A 91 10.90 4.23 -0.04
C ASP A 91 11.40 3.32 1.10
N THR A 92 10.53 2.73 1.93
CA THR A 92 10.94 1.82 3.03
C THR A 92 9.98 0.66 3.33
N GLY A 93 8.95 0.43 2.50
CA GLY A 93 8.01 -0.70 2.64
C GLY A 93 6.93 -0.55 3.72
N ILE A 94 6.75 0.65 4.29
CA ILE A 94 5.83 0.87 5.43
C ILE A 94 4.61 1.70 5.03
N ILE A 95 3.41 1.17 5.28
CA ILE A 95 2.13 1.83 5.02
C ILE A 95 1.68 2.63 6.26
N THR A 96 0.97 3.74 6.04
CA THR A 96 0.48 4.67 7.07
C THR A 96 -1.02 4.91 6.89
N LEU A 97 -1.78 4.62 7.94
CA LEU A 97 -3.23 4.81 8.02
C LEU A 97 -3.47 6.26 8.48
N SER A 98 -3.87 7.12 7.55
CA SER A 98 -3.81 8.58 7.69
C SER A 98 -4.99 9.16 8.47
N GLY A 99 -4.72 10.11 9.37
CA GLY A 99 -5.72 10.81 10.19
C GLY A 99 -6.33 9.94 11.30
N GLY A 100 -7.11 8.94 10.90
CA GLY A 100 -7.69 7.92 11.79
C GLY A 100 -7.61 6.53 11.14
N ALA A 101 -7.41 5.50 11.97
CA ALA A 101 -6.90 4.20 11.55
C ALA A 101 -7.61 3.01 12.19
N TYR A 102 -7.51 1.85 11.53
CA TYR A 102 -7.87 0.53 12.03
C TYR A 102 -6.88 -0.52 11.50
N LEU A 103 -6.46 -1.44 12.37
CA LEU A 103 -5.45 -2.47 12.10
C LEU A 103 -5.94 -3.80 12.68
N TYR A 104 -5.95 -4.86 11.87
CA TYR A 104 -6.52 -6.16 12.25
C TYR A 104 -5.58 -7.31 11.87
N GLN A 105 -5.55 -8.33 12.71
CA GLN A 105 -4.97 -9.66 12.49
C GLN A 105 -5.94 -10.71 13.07
N ASP A 106 -5.69 -12.00 12.85
CA ASP A 106 -6.37 -13.04 13.65
C ASP A 106 -6.12 -12.80 15.15
N GLY A 107 -7.16 -13.03 15.96
CA GLY A 107 -7.13 -12.86 17.41
C GLY A 107 -6.94 -11.44 17.96
N SER A 108 -6.69 -10.40 17.14
CA SER A 108 -6.47 -9.03 17.64
C SER A 108 -6.76 -7.94 16.59
N SER A 109 -7.33 -6.82 17.03
CA SER A 109 -7.41 -5.60 16.21
C SER A 109 -7.47 -4.34 17.06
N ILE A 110 -6.84 -3.25 16.57
CA ILE A 110 -6.66 -1.98 17.26
C ILE A 110 -7.03 -0.80 16.34
N ARG A 111 -7.57 0.28 16.91
CA ARG A 111 -8.13 1.42 16.17
C ARG A 111 -7.90 2.74 16.91
N GLY A 112 -7.91 3.86 16.19
CA GLY A 112 -7.85 5.20 16.78
C GLY A 112 -7.27 6.23 15.84
N ASN A 113 -6.32 7.02 16.34
CA ASN A 113 -5.59 8.03 15.57
C ASN A 113 -4.68 7.42 14.48
N THR A 114 -4.09 8.26 13.64
CA THR A 114 -3.16 7.87 12.57
C THR A 114 -2.00 7.02 13.08
N LEU A 115 -1.59 5.99 12.31
CA LEU A 115 -0.50 5.08 12.68
C LEU A 115 0.24 4.49 11.48
N LYS A 116 1.50 4.11 11.70
CA LYS A 116 2.35 3.33 10.77
C LYS A 116 2.14 1.83 11.04
N TYR A 117 2.01 1.05 9.97
CA TYR A 117 1.74 -0.39 10.02
C TYR A 117 2.95 -1.20 10.54
N SER A 118 2.72 -2.26 11.31
CA SER A 118 3.77 -3.12 11.91
C SER A 118 3.93 -4.45 11.18
N MET A 119 5.18 -4.93 11.06
CA MET A 119 5.55 -6.26 10.57
C MET A 119 6.54 -6.96 11.52
N ASN A 120 6.41 -6.75 12.84
CA ASN A 120 7.29 -7.34 13.84
C ASN A 120 6.54 -7.68 15.15
N LYS A 121 7.24 -8.18 16.17
CA LYS A 121 6.71 -8.54 17.50
C LYS A 121 6.47 -7.29 18.36
N GLY A 122 5.67 -6.35 17.86
CA GLY A 122 5.34 -5.07 18.50
C GLY A 122 4.12 -4.41 17.84
N ASP A 123 3.30 -3.76 18.67
CA ASP A 123 2.04 -3.09 18.30
C ASP A 123 2.17 -1.56 18.45
N VAL A 124 1.05 -0.82 18.33
CA VAL A 124 0.96 0.63 18.52
C VAL A 124 0.33 1.01 19.86
N GLU A 125 -0.51 0.15 20.45
CA GLU A 125 -1.18 0.26 21.77
C GLU A 125 -2.08 1.50 22.00
N ALA A 126 -2.00 2.54 21.16
CA ALA A 126 -2.90 3.69 21.18
C ALA A 126 -4.33 3.31 20.78
N GLN A 127 -5.33 3.82 21.52
CA GLN A 127 -6.73 3.36 21.45
C GLN A 127 -7.70 4.52 21.25
N GLY A 128 -8.73 4.31 20.43
CA GLY A 128 -9.85 5.22 20.23
C GLY A 128 -10.95 4.61 19.37
N SER A 129 -11.62 5.46 18.56
CA SER A 129 -12.59 5.08 17.53
C SER A 129 -12.59 6.13 16.41
N SER A 130 -13.13 5.77 15.23
CA SER A 130 -13.29 6.68 14.09
C SER A 130 -14.49 6.27 13.26
N SER A 131 -15.21 7.23 12.66
CA SER A 131 -16.40 6.95 11.84
C SER A 131 -16.02 6.48 10.43
N ASN A 132 -16.89 5.70 9.78
CA ASN A 132 -16.90 5.61 8.32
C ASN A 132 -17.56 6.88 7.70
N ARG A 133 -17.51 7.00 6.38
CA ARG A 133 -17.82 8.25 5.65
C ARG A 133 -18.33 7.95 4.24
N ILE B 3 9.31 -2.44 -12.25
CA ILE B 3 7.84 -2.41 -12.22
C ILE B 3 7.23 -2.74 -13.59
N THR B 4 6.26 -3.65 -13.56
CA THR B 4 5.35 -3.97 -14.66
C THR B 4 4.01 -3.27 -14.41
N TYR B 5 3.51 -2.54 -15.41
CA TYR B 5 2.25 -1.79 -15.37
C TYR B 5 1.30 -2.45 -16.38
N ASN B 7 -2.38 -3.77 -18.03
CA ASN B 7 -3.66 -3.14 -18.27
C ASN B 7 -4.82 -4.14 -18.34
N ARG B 8 -5.83 -3.88 -17.50
CA ARG B 8 -7.24 -4.16 -17.83
C ARG B 8 -7.74 -3.07 -18.78
N THR B 10 -7.52 -3.65 -21.80
CA THR B 10 -6.81 -3.97 -23.05
C THR B 10 -6.06 -5.32 -23.08
N LYS B 12 -2.93 -5.66 -22.47
CA LYS B 12 -1.54 -5.28 -22.79
C LYS B 12 -0.79 -4.85 -21.52
N CYS B 13 0.50 -4.52 -21.64
CA CYS B 13 1.31 -4.04 -20.51
C CYS B 13 2.14 -2.80 -20.86
N ARG B 15 5.76 -0.24 -19.05
CA ARG B 15 6.81 0.09 -18.07
C ARG B 15 6.85 1.61 -17.86
N TYR B 16 7.71 2.07 -16.95
CA TYR B 16 8.33 3.41 -17.04
C TYR B 16 9.55 3.39 -17.98
N GLY A 1 24.31 -17.26 -11.74
CA GLY A 1 25.57 -16.56 -12.05
C GLY A 1 25.51 -15.26 -11.30
N LEU A 2 25.24 -14.17 -12.03
CA LEU A 2 24.32 -13.14 -11.54
C LEU A 2 22.92 -13.75 -11.29
N PRO A 3 22.05 -13.09 -10.51
CA PRO A 3 20.60 -13.36 -10.47
C PRO A 3 19.91 -12.85 -11.76
N SER A 4 18.57 -12.94 -11.84
CA SER A 4 17.80 -12.41 -12.97
C SER A 4 16.46 -11.79 -12.54
N ASP A 5 16.15 -10.63 -13.12
CA ASP A 5 14.86 -9.93 -12.97
C ASP A 5 13.68 -10.67 -13.63
N ARG A 6 13.93 -11.77 -14.35
CA ARG A 6 12.93 -12.77 -14.75
C ARG A 6 12.01 -13.17 -13.58
N ASN A 7 12.59 -13.32 -12.38
CA ASN A 7 11.87 -13.79 -11.20
C ASN A 7 11.33 -12.64 -10.32
N GLN A 8 11.60 -11.38 -10.68
CA GLN A 8 11.32 -10.20 -9.83
C GLN A 8 10.22 -9.28 -10.39
N GLN A 9 9.31 -9.83 -11.21
CA GLN A 9 8.11 -9.16 -11.72
C GLN A 9 7.20 -8.67 -10.56
N ILE A 10 6.72 -7.43 -10.64
CA ILE A 10 5.65 -6.88 -9.79
C ILE A 10 4.37 -6.76 -10.63
N SER A 11 3.25 -7.29 -10.14
CA SER A 11 1.93 -7.16 -10.80
C SER A 11 1.28 -5.81 -10.47
N LEU A 12 0.69 -5.12 -11.46
CA LEU A 12 -0.12 -3.91 -11.25
C LEU A 12 -1.23 -3.78 -12.31
N VAL A 13 -2.49 -3.65 -11.89
CA VAL A 13 -3.64 -3.51 -12.80
C VAL A 13 -4.47 -2.25 -12.52
N ALA A 14 -5.04 -1.65 -13.56
CA ALA A 14 -6.00 -0.53 -13.44
C ALA A 14 -7.01 -0.47 -14.60
N ASP A 15 -8.16 0.14 -14.34
CA ASP A 15 -9.17 0.47 -15.37
C ASP A 15 -8.79 1.73 -16.19
N ARG A 16 -8.31 2.74 -15.45
CA ARG A 16 -8.06 4.12 -15.90
C ARG A 16 -6.78 4.62 -15.23
N ALA A 17 -5.63 4.13 -15.69
CA ALA A 17 -4.35 4.72 -15.34
C ALA A 17 -4.27 6.13 -15.97
N THR A 18 -3.98 7.13 -15.15
CA THR A 18 -4.18 8.56 -15.44
C THR A 18 -2.93 9.32 -14.99
N TYR A 19 -2.08 9.71 -15.93
CA TYR A 19 -0.72 10.20 -15.64
C TYR A 19 -0.24 11.20 -16.69
N ASN A 20 0.91 11.83 -16.44
CA ASN A 20 1.39 12.93 -17.27
C ASN A 20 2.92 12.94 -17.36
N GLU A 21 3.50 12.25 -18.35
CA GLU A 21 4.95 12.03 -18.43
C GLU A 21 5.79 13.30 -18.61
N LYS A 22 5.18 14.39 -19.10
CA LYS A 22 5.71 15.77 -19.03
C LYS A 22 5.61 16.39 -17.61
N THR A 23 5.94 15.59 -16.60
CA THR A 23 6.16 15.88 -15.18
C THR A 23 6.48 14.57 -14.43
N GLY A 24 5.90 13.44 -14.89
CA GLY A 24 6.26 12.07 -14.52
C GLY A 24 5.40 11.47 -13.41
N LEU A 25 4.59 12.28 -12.72
CA LEU A 25 3.72 11.88 -11.61
C LEU A 25 2.46 11.13 -12.11
N THR A 26 1.94 10.22 -11.28
CA THR A 26 1.14 9.08 -11.75
C THR A 26 -0.10 8.80 -10.89
N THR A 27 -1.18 8.38 -11.55
CA THR A 27 -2.38 7.82 -10.91
C THR A 27 -2.77 6.49 -11.57
N TYR A 28 -3.32 5.58 -10.78
CA TYR A 28 -3.93 4.32 -11.21
C TYR A 28 -5.33 4.27 -10.61
N THR A 29 -6.39 4.34 -11.43
CA THR A 29 -7.76 4.53 -10.91
C THR A 29 -8.75 3.54 -11.51
N GLY A 30 -9.81 3.23 -10.76
CA GLY A 30 -10.81 2.21 -11.07
C GLY A 30 -10.27 0.79 -10.83
N ASN A 31 -10.61 0.22 -9.69
CA ASN A 31 -10.35 -1.16 -9.26
C ASN A 31 -8.91 -1.64 -9.55
N VAL A 32 -8.00 -1.29 -8.64
CA VAL A 32 -6.56 -1.51 -8.74
C VAL A 32 -6.04 -2.50 -7.69
N VAL A 33 -4.99 -3.24 -8.02
CA VAL A 33 -4.21 -4.06 -7.07
C VAL A 33 -2.74 -4.11 -7.46
N ILE A 34 -1.86 -4.13 -6.45
CA ILE A 34 -0.40 -4.25 -6.58
C ILE A 34 0.15 -5.21 -5.50
N GLU A 35 1.09 -6.08 -5.88
CA GLU A 35 1.58 -7.16 -5.00
C GLU A 35 2.96 -7.72 -5.36
N GLN A 36 3.71 -8.08 -4.31
CA GLN A 36 4.93 -8.91 -4.29
C GLN A 36 5.34 -9.14 -2.81
N GLY A 37 6.30 -10.05 -2.56
CA GLY A 37 7.06 -10.09 -1.30
C GLY A 37 6.23 -10.09 -0.01
N THR A 38 5.35 -11.08 0.17
CA THR A 38 4.36 -11.22 1.28
C THR A 38 3.26 -10.15 1.33
N MET A 39 3.21 -9.18 0.42
CA MET A 39 2.41 -7.96 0.57
C MET A 39 1.37 -7.76 -0.54
N LYS A 40 0.16 -7.33 -0.16
CA LYS A 40 -0.98 -7.02 -1.03
C LYS A 40 -1.49 -5.61 -0.73
N LEU A 41 -1.81 -4.82 -1.75
CA LEU A 41 -2.57 -3.57 -1.64
C LEU A 41 -3.62 -3.52 -2.76
N GLN A 42 -4.90 -3.36 -2.41
CA GLN A 42 -6.00 -3.35 -3.37
C GLN A 42 -7.05 -2.28 -3.01
N ALA A 43 -7.37 -1.43 -3.98
CA ALA A 43 -8.16 -0.21 -3.78
C ALA A 43 -9.05 0.10 -4.99
N ASP A 44 -9.96 1.08 -4.86
CA ASP A 44 -10.58 1.67 -6.05
C ASP A 44 -9.57 2.51 -6.85
N SER A 45 -8.67 3.24 -6.18
CA SER A 45 -7.68 4.11 -6.82
C SER A 45 -6.43 4.34 -5.96
N ILE A 46 -5.30 4.56 -6.62
CA ILE A 46 -3.96 4.87 -6.06
C ILE A 46 -3.33 6.04 -6.81
N VAL A 47 -2.68 6.96 -6.11
CA VAL A 47 -1.77 8.00 -6.66
C VAL A 47 -0.33 7.76 -6.20
N ALA A 48 0.66 8.10 -7.02
CA ALA A 48 2.08 7.98 -6.71
C ALA A 48 2.88 9.21 -7.21
N THR A 49 3.71 9.77 -6.34
CA THR A 49 4.64 10.86 -6.68
C THR A 49 6.07 10.32 -6.81
N LEU A 50 6.83 10.84 -7.78
CA LEU A 50 8.14 10.29 -8.13
C LEU A 50 9.10 11.34 -8.70
N ASN A 51 10.40 11.03 -8.61
CA ASN A 51 11.51 11.78 -9.16
C ASN A 51 11.81 11.31 -10.61
N SER A 52 12.54 12.13 -11.39
CA SER A 52 12.92 11.84 -12.79
C SER A 52 13.74 10.55 -13.00
N LYS A 53 14.36 9.98 -11.96
CA LYS A 53 14.95 8.62 -11.99
C LYS A 53 13.94 7.46 -12.08
N ARG A 54 12.64 7.75 -11.93
CA ARG A 54 11.58 6.85 -11.43
C ARG A 54 11.78 6.33 -9.99
N GLU A 55 12.65 6.97 -9.20
CA GLU A 55 12.62 6.85 -7.73
C GLU A 55 11.27 7.37 -7.20
N ILE A 56 10.53 6.53 -6.48
CA ILE A 56 9.22 6.88 -5.92
C ILE A 56 9.40 7.66 -4.63
N GLN A 57 8.72 8.79 -4.50
CA GLN A 57 8.67 9.57 -3.25
C GLN A 57 7.67 8.94 -2.28
N THR A 58 6.40 8.83 -2.67
CA THR A 58 5.36 8.20 -1.83
C THR A 58 4.16 7.73 -2.67
N ILE A 59 3.34 6.84 -2.10
CA ILE A 59 2.18 6.23 -2.77
C ILE A 59 0.97 6.31 -1.83
N THR A 60 -0.20 6.67 -2.36
CA THR A 60 -1.44 6.81 -1.57
C THR A 60 -2.61 6.12 -2.27
N ALA A 61 -3.18 5.10 -1.61
CA ALA A 61 -4.50 4.55 -1.94
C ALA A 61 -5.60 5.37 -1.26
N LYS A 62 -6.80 5.39 -1.84
CA LYS A 62 -7.97 6.00 -1.19
C LYS A 62 -9.28 5.33 -1.60
N GLY A 63 -10.32 5.54 -0.81
CA GLY A 63 -11.69 5.11 -1.09
C GLY A 63 -11.96 3.63 -0.80
N ARG A 64 -12.86 3.02 -1.56
CA ARG A 64 -13.52 1.76 -1.21
C ARG A 64 -13.47 0.76 -2.38
N PRO A 65 -12.67 -0.33 -2.30
CA PRO A 65 -11.75 -0.69 -1.21
C PRO A 65 -10.56 0.26 -1.08
N SER A 66 -9.77 0.10 -0.01
CA SER A 66 -8.42 0.66 0.15
C SER A 66 -7.39 -0.35 0.68
N LYS A 67 -7.86 -1.36 1.42
CA LYS A 67 -7.13 -2.39 2.20
C LYS A 67 -5.77 -2.86 1.68
N PHE A 68 -4.85 -3.00 2.63
CA PHE A 68 -3.63 -3.81 2.50
C PHE A 68 -3.74 -5.14 3.25
N GLN A 69 -2.89 -6.12 2.91
CA GLN A 69 -2.63 -7.32 3.70
C GLN A 69 -1.12 -7.65 3.68
N GLN A 70 -0.58 -8.21 4.76
CA GLN A 70 0.84 -8.63 4.83
C GLN A 70 1.02 -9.98 5.54
N GLN A 71 1.77 -10.88 4.89
CA GLN A 71 1.94 -12.28 5.27
C GLN A 71 3.19 -12.49 6.14
N ILE A 72 3.12 -11.97 7.37
CA ILE A 72 4.19 -11.94 8.39
C ILE A 72 4.80 -13.33 8.71
N SER A 73 4.01 -14.40 8.62
CA SER A 73 4.40 -15.76 9.06
C SER A 73 3.59 -16.82 8.30
N ALA A 74 4.04 -18.08 8.34
CA ALA A 74 3.42 -19.19 7.59
C ALA A 74 2.07 -19.65 8.17
N ASP A 75 1.82 -19.35 9.44
CA ASP A 75 0.61 -19.67 10.21
C ASP A 75 -0.34 -18.46 10.34
N LYS A 76 0.21 -17.31 10.78
CA LYS A 76 -0.54 -16.12 11.20
C LYS A 76 -0.18 -14.86 10.41
N GLY A 77 0.34 -15.04 9.20
CA GLY A 77 0.62 -13.99 8.24
C GLY A 77 -0.66 -13.38 7.64
N ILE A 78 -1.43 -12.69 8.47
CA ILE A 78 -2.71 -12.06 8.12
C ILE A 78 -2.84 -10.68 8.79
N ALA A 79 -1.77 -9.88 8.74
CA ALA A 79 -1.80 -8.49 9.19
C ALA A 79 -2.56 -7.60 8.20
N ARG A 80 -3.36 -6.65 8.69
CA ARG A 80 -4.38 -5.93 7.90
C ARG A 80 -4.51 -4.47 8.33
N GLY A 81 -5.02 -3.63 7.43
CA GLY A 81 -5.56 -2.33 7.83
C GLY A 81 -6.25 -1.56 6.70
N GLU A 82 -7.10 -0.62 7.10
CA GLU A 82 -7.70 0.40 6.24
C GLU A 82 -7.73 1.76 6.93
N GLY A 83 -7.69 2.81 6.11
CA GLY A 83 -8.41 4.05 6.37
C GLY A 83 -9.25 4.38 5.13
N GLN A 84 -9.98 5.49 5.15
CA GLN A 84 -10.60 6.00 3.93
C GLN A 84 -9.52 6.56 2.97
N THR A 85 -8.32 6.83 3.50
CA THR A 85 -7.05 7.03 2.79
C THR A 85 -5.98 6.11 3.41
N ILE A 86 -5.05 5.60 2.60
CA ILE A 86 -3.89 4.82 3.04
C ILE A 86 -2.64 5.33 2.31
N VAL A 87 -1.63 5.78 3.06
CA VAL A 87 -0.32 6.15 2.50
C VAL A 87 0.62 4.95 2.64
N TYR A 88 0.97 4.33 1.52
CA TYR A 88 2.11 3.43 1.42
C TYR A 88 3.37 4.30 1.28
N ASN A 89 4.01 4.62 2.41
CA ASN A 89 5.16 5.51 2.40
C ASN A 89 6.38 4.83 1.77
N ALA A 90 6.60 5.03 0.47
CA ALA A 90 7.82 4.59 -0.21
C ALA A 90 9.08 5.26 0.38
N ASP A 91 8.91 6.46 0.93
CA ASP A 91 9.84 7.24 1.76
C ASP A 91 10.32 6.52 3.05
N THR A 92 9.73 5.39 3.43
CA THR A 92 10.26 4.51 4.49
C THR A 92 10.01 3.00 4.29
N GLY A 93 9.20 2.59 3.31
CA GLY A 93 8.76 1.20 3.10
C GLY A 93 7.61 0.73 3.99
N ILE A 94 6.89 1.63 4.67
CA ILE A 94 5.94 1.30 5.76
C ILE A 94 4.57 1.95 5.53
N ILE A 95 3.46 1.23 5.73
CA ILE A 95 2.10 1.73 5.49
C ILE A 95 1.54 2.56 6.67
N THR A 96 0.81 3.64 6.33
CA THR A 96 0.00 4.50 7.21
C THR A 96 -1.48 4.45 6.79
N LEU A 97 -2.39 4.20 7.73
CA LEU A 97 -3.85 4.29 7.56
C LEU A 97 -4.33 5.69 8.01
N SER A 98 -5.33 6.28 7.37
CA SER A 98 -5.91 7.59 7.78
C SER A 98 -7.37 7.79 7.40
N GLY A 99 -8.10 8.53 8.26
CA GLY A 99 -9.54 8.77 8.17
C GLY A 99 -10.33 7.52 8.56
N GLY A 100 -10.76 7.42 9.83
CA GLY A 100 -11.39 6.20 10.35
C GLY A 100 -10.44 5.00 10.26
N ALA A 101 -9.18 5.21 10.65
CA ALA A 101 -8.07 4.28 10.48
C ALA A 101 -8.19 3.07 11.43
N TYR A 102 -7.92 1.88 10.92
CA TYR A 102 -8.07 0.59 11.60
C TYR A 102 -6.91 -0.35 11.25
N LEU A 103 -6.39 -1.08 12.24
CA LEU A 103 -5.20 -1.93 12.14
C LEU A 103 -5.41 -3.28 12.86
N TYR A 104 -4.84 -4.35 12.30
CA TYR A 104 -4.85 -5.71 12.83
C TYR A 104 -3.48 -6.37 12.68
N GLN A 105 -2.94 -6.88 13.80
CA GLN A 105 -2.00 -8.00 13.83
C GLN A 105 -2.69 -9.18 14.53
N ASP A 106 -2.26 -10.40 14.26
CA ASP A 106 -2.95 -11.62 14.69
C ASP A 106 -2.72 -11.95 16.19
N GLY A 107 -3.21 -11.03 17.03
CA GLY A 107 -2.94 -10.94 18.45
C GLY A 107 -3.37 -9.60 19.07
N SER A 108 -3.53 -8.53 18.28
CA SER A 108 -4.06 -7.23 18.74
C SER A 108 -4.59 -6.37 17.58
N SER A 109 -5.60 -5.54 17.84
CA SER A 109 -6.27 -4.74 16.81
C SER A 109 -6.85 -3.45 17.38
N ILE A 110 -6.69 -2.32 16.68
CA ILE A 110 -6.97 -0.97 17.21
C ILE A 110 -7.44 -0.02 16.09
N ARG A 111 -8.05 1.12 16.45
CA ARG A 111 -8.53 2.15 15.50
C ARG A 111 -8.48 3.58 16.06
N GLY A 112 -8.46 4.57 15.18
CA GLY A 112 -8.46 6.00 15.49
C GLY A 112 -8.49 6.89 14.24
N ASN A 113 -7.97 8.11 14.33
CA ASN A 113 -7.90 9.03 13.18
C ASN A 113 -6.88 8.56 12.11
N THR A 114 -5.67 8.22 12.57
CA THR A 114 -4.49 7.88 11.75
C THR A 114 -3.57 6.97 12.57
N LEU A 115 -2.94 5.96 11.95
CA LEU A 115 -1.81 5.21 12.54
C LEU A 115 -0.97 4.47 11.48
N LYS A 116 0.22 4.02 11.87
CA LYS A 116 1.19 3.28 11.03
C LYS A 116 1.40 1.87 11.58
N TYR A 117 1.56 0.88 10.71
CA TYR A 117 1.84 -0.51 11.12
C TYR A 117 3.34 -0.74 11.36
N SER A 118 3.68 -1.52 12.40
CA SER A 118 5.04 -1.83 12.82
C SER A 118 5.72 -2.92 11.96
N MET A 119 5.88 -2.68 10.64
CA MET A 119 6.41 -3.63 9.62
C MET A 119 7.91 -3.98 9.76
N ASN A 120 8.42 -4.08 10.98
CA ASN A 120 9.74 -4.63 11.30
C ASN A 120 9.81 -5.18 12.73
N LYS A 121 9.19 -4.50 13.70
CA LYS A 121 9.28 -4.83 15.13
C LYS A 121 8.13 -4.16 15.90
N GLY A 122 7.29 -4.95 16.56
CA GLY A 122 6.16 -4.45 17.37
C GLY A 122 4.88 -5.28 17.21
N ASP A 123 3.82 -4.79 17.84
CA ASP A 123 2.45 -5.31 17.76
C ASP A 123 1.47 -4.12 17.90
N VAL A 124 0.16 -4.40 17.90
CA VAL A 124 -0.90 -3.41 17.65
C VAL A 124 -1.65 -2.95 18.91
N GLU A 125 -1.35 -3.52 20.08
CA GLU A 125 -1.87 -3.05 21.38
C GLU A 125 -1.06 -1.85 21.89
N ALA A 126 -1.77 -0.77 22.27
CA ALA A 126 -1.18 0.54 22.57
C ALA A 126 -2.01 1.38 23.56
N GLN A 127 -2.55 0.81 24.64
CA GLN A 127 -3.31 1.52 25.70
C GLN A 127 -2.62 2.82 26.17
N GLY A 128 -1.31 2.74 26.46
CA GLY A 128 -0.55 3.86 27.04
C GLY A 128 -1.17 4.34 28.36
N SER A 129 -1.39 5.65 28.46
CA SER A 129 -2.08 6.31 29.57
C SER A 129 -2.99 7.43 29.06
N SER A 130 -4.26 7.44 29.46
CA SER A 130 -5.25 8.45 29.06
C SER A 130 -6.33 8.62 30.15
N SER A 131 -7.14 9.68 30.06
CA SER A 131 -8.20 10.00 31.03
C SER A 131 -9.32 10.83 30.38
N ASN A 132 -10.48 10.89 31.04
CA ASN A 132 -11.67 11.62 30.59
C ASN A 132 -12.34 12.32 31.78
N ARG A 133 -12.17 13.65 31.89
CA ARG A 133 -12.81 14.51 32.90
C ARG A 133 -13.03 15.88 32.30
N ILE B 3 8.17 -3.53 -13.03
CA ILE B 3 6.74 -3.26 -12.94
C ILE B 3 5.99 -3.85 -14.15
N THR B 4 4.80 -4.40 -13.90
CA THR B 4 3.96 -5.05 -14.91
C THR B 4 2.59 -4.38 -14.90
N TYR B 5 2.57 -3.14 -15.36
CA TYR B 5 1.38 -2.29 -15.48
C TYR B 5 0.49 -2.83 -16.62
N ASN B 7 -3.19 -2.68 -18.50
CA ASN B 7 -4.29 -1.73 -18.71
C ASN B 7 -5.60 -2.46 -19.06
N ARG B 8 -6.43 -2.66 -18.03
CA ARG B 8 -7.66 -3.49 -18.01
C ARG B 8 -8.88 -2.81 -18.64
N THR B 10 -7.95 -1.81 -22.41
CA THR B 10 -7.38 -1.89 -23.78
C THR B 10 -6.45 -3.09 -23.96
N LYS B 12 -3.41 -4.47 -22.97
CA LYS B 12 -1.95 -4.48 -23.10
C LYS B 12 -1.28 -4.43 -21.72
N CYS B 13 0.02 -4.66 -21.68
CA CYS B 13 0.86 -4.59 -20.48
C CYS B 13 2.12 -3.76 -20.74
N ARG B 15 6.15 -2.15 -19.00
CA ARG B 15 7.09 -1.46 -18.09
C ARG B 15 6.74 0.04 -18.07
N TYR B 16 7.16 0.77 -17.05
CA TYR B 16 6.79 2.17 -16.83
C TYR B 16 7.83 2.89 -15.95
N GLY A 1 10.59 -9.24 -29.50
CA GLY A 1 9.90 -8.39 -28.50
C GLY A 1 10.84 -8.11 -27.34
N LEU A 2 10.45 -7.22 -26.42
CA LEU A 2 11.30 -6.76 -25.29
C LEU A 2 10.59 -6.73 -23.91
N PRO A 3 9.77 -7.76 -23.55
CA PRO A 3 8.89 -7.71 -22.37
C PRO A 3 9.58 -7.44 -21.03
N SER A 4 10.86 -7.81 -20.89
CA SER A 4 11.73 -7.47 -19.74
C SER A 4 11.24 -7.96 -18.37
N ASP A 5 10.31 -8.91 -18.37
CA ASP A 5 9.71 -9.64 -17.24
C ASP A 5 10.72 -10.07 -16.16
N ARG A 6 11.83 -10.72 -16.56
CA ARG A 6 12.94 -11.15 -15.70
C ARG A 6 13.55 -10.03 -14.84
N ASN A 7 13.38 -8.77 -15.23
CA ASN A 7 13.94 -7.60 -14.54
C ASN A 7 12.92 -6.90 -13.64
N GLN A 8 11.64 -7.32 -13.66
CA GLN A 8 10.55 -6.70 -12.90
C GLN A 8 10.41 -7.32 -11.49
N GLN A 9 9.98 -6.52 -10.50
CA GLN A 9 9.64 -7.02 -9.16
C GLN A 9 8.34 -6.43 -8.57
N ILE A 10 7.68 -5.53 -9.30
CA ILE A 10 6.48 -4.80 -8.86
C ILE A 10 5.50 -4.74 -10.04
N SER A 11 4.20 -5.03 -9.84
CA SER A 11 3.22 -5.16 -10.94
C SER A 11 1.80 -4.72 -10.56
N LEU A 12 1.09 -4.08 -11.50
CA LEU A 12 -0.32 -3.68 -11.35
C LEU A 12 -1.10 -3.59 -12.68
N VAL A 13 -2.43 -3.57 -12.59
CA VAL A 13 -3.37 -3.60 -13.73
C VAL A 13 -4.54 -2.62 -13.55
N ALA A 14 -5.00 -2.00 -14.64
CA ALA A 14 -6.16 -1.08 -14.65
C ALA A 14 -6.74 -0.88 -16.08
N ASP A 15 -7.99 -0.42 -16.19
CA ASP A 15 -8.51 0.24 -17.40
C ASP A 15 -8.33 1.76 -17.36
N ARG A 16 -8.58 2.37 -16.19
CA ARG A 16 -8.76 3.82 -15.97
C ARG A 16 -7.56 4.53 -15.35
N ALA A 17 -6.43 3.83 -15.22
CA ALA A 17 -5.16 4.41 -14.85
C ALA A 17 -4.65 5.43 -15.88
N THR A 18 -3.99 6.48 -15.39
CA THR A 18 -3.49 7.62 -16.16
C THR A 18 -2.10 8.06 -15.67
N TYR A 19 -1.34 8.71 -16.53
CA TYR A 19 -0.01 9.27 -16.27
C TYR A 19 0.02 10.71 -16.77
N ASN A 20 0.76 11.62 -16.13
CA ASN A 20 1.01 12.96 -16.65
C ASN A 20 2.50 13.31 -16.60
N GLU A 21 3.15 13.09 -17.74
CA GLU A 21 4.43 13.69 -18.18
C GLU A 21 4.68 15.11 -17.64
N LYS A 22 3.70 16.00 -17.74
CA LYS A 22 3.83 17.43 -17.40
C LYS A 22 3.88 17.75 -15.90
N THR A 23 3.81 16.72 -15.04
CA THR A 23 4.08 16.85 -13.60
C THR A 23 4.78 15.61 -12.98
N GLY A 24 4.99 14.53 -13.73
CA GLY A 24 5.65 13.31 -13.26
C GLY A 24 4.81 12.40 -12.36
N LEU A 25 3.48 12.57 -12.29
CA LEU A 25 2.60 11.78 -11.44
C LEU A 25 1.88 10.67 -12.22
N THR A 26 1.58 9.57 -11.53
CA THR A 26 0.79 8.44 -12.06
C THR A 26 -0.38 8.15 -11.12
N THR A 27 -1.55 7.84 -11.68
CA THR A 27 -2.73 7.40 -10.92
C THR A 27 -3.18 6.06 -11.49
N TYR A 28 -3.28 5.05 -10.65
CA TYR A 28 -3.81 3.74 -11.01
C TYR A 28 -5.24 3.63 -10.48
N THR A 29 -6.19 3.97 -11.35
CA THR A 29 -7.61 4.18 -11.06
C THR A 29 -8.46 3.05 -11.64
N GLY A 30 -9.45 2.60 -10.87
CA GLY A 30 -10.43 1.59 -11.28
C GLY A 30 -10.15 0.21 -10.66
N ASN A 31 -10.58 0.00 -9.41
CA ASN A 31 -10.59 -1.28 -8.70
C ASN A 31 -9.22 -2.02 -8.71
N VAL A 32 -8.13 -1.25 -8.71
CA VAL A 32 -6.80 -1.77 -9.00
C VAL A 32 -6.21 -2.60 -7.86
N VAL A 33 -5.33 -3.54 -8.24
CA VAL A 33 -4.49 -4.29 -7.30
C VAL A 33 -3.02 -4.09 -7.68
N ILE A 34 -2.20 -3.84 -6.66
CA ILE A 34 -0.75 -3.77 -6.71
C ILE A 34 -0.22 -4.73 -5.62
N GLU A 35 0.59 -5.72 -6.01
CA GLU A 35 1.20 -6.65 -5.07
C GLU A 35 2.73 -6.68 -5.18
N GLN A 36 3.38 -6.92 -4.04
CA GLN A 36 4.76 -7.40 -3.96
C GLN A 36 4.78 -8.73 -3.19
N GLY A 37 4.05 -9.72 -3.73
CA GLY A 37 3.92 -11.07 -3.17
C GLY A 37 3.21 -11.12 -1.82
N THR A 38 3.95 -10.88 -0.74
CA THR A 38 3.42 -10.82 0.63
C THR A 38 2.71 -9.50 0.92
N MET A 39 3.06 -8.41 0.24
CA MET A 39 2.26 -7.18 0.24
C MET A 39 1.09 -7.32 -0.75
N LYS A 40 -0.13 -7.08 -0.28
CA LYS A 40 -1.37 -7.21 -1.05
C LYS A 40 -2.19 -5.91 -1.02
N LEU A 41 -1.67 -4.86 -1.67
CA LEU A 41 -2.31 -3.55 -1.74
C LEU A 41 -3.41 -3.56 -2.82
N GLN A 42 -4.53 -4.16 -2.48
CA GLN A 42 -5.80 -4.00 -3.20
C GLN A 42 -6.45 -2.66 -2.82
N ALA A 43 -6.99 -1.93 -3.79
CA ALA A 43 -7.67 -0.66 -3.58
C ALA A 43 -8.70 -0.40 -4.71
N ASP A 44 -9.09 0.86 -4.92
CA ASP A 44 -9.71 1.29 -6.18
C ASP A 44 -8.84 2.30 -6.93
N SER A 45 -8.34 3.30 -6.22
CA SER A 45 -7.60 4.43 -6.76
C SER A 45 -6.30 4.61 -5.97
N ILE A 46 -5.18 4.23 -6.58
CA ILE A 46 -3.83 4.53 -6.12
C ILE A 46 -3.33 5.80 -6.83
N VAL A 47 -2.59 6.65 -6.12
CA VAL A 47 -1.75 7.71 -6.71
C VAL A 47 -0.30 7.39 -6.36
N ALA A 48 0.59 7.38 -7.35
CA ALA A 48 2.02 7.13 -7.19
C ALA A 48 2.84 8.34 -7.64
N THR A 49 3.71 8.82 -6.76
CA THR A 49 4.56 9.99 -7.00
C THR A 49 6.03 9.60 -7.07
N LEU A 50 6.75 10.18 -8.02
CA LEU A 50 8.19 10.00 -8.21
C LEU A 50 8.92 11.35 -8.27
N ASN A 51 10.24 11.32 -8.10
CA ASN A 51 11.13 12.49 -8.06
C ASN A 51 12.10 12.53 -9.26
N SER A 52 13.06 13.47 -9.24
CA SER A 52 14.04 13.70 -10.32
C SER A 52 14.83 12.46 -10.74
N LYS A 53 15.08 11.49 -9.84
CA LYS A 53 15.76 10.22 -10.15
C LYS A 53 14.87 9.22 -10.92
N ARG A 54 13.57 9.51 -11.03
CA ARG A 54 12.46 8.56 -11.29
C ARG A 54 12.22 7.53 -10.17
N GLU A 55 12.82 7.77 -9.00
CA GLU A 55 12.55 7.09 -7.73
C GLU A 55 11.18 7.51 -7.15
N ILE A 56 10.45 6.57 -6.54
CA ILE A 56 9.19 6.84 -5.83
C ILE A 56 9.47 7.61 -4.53
N GLN A 57 8.67 8.64 -4.23
CA GLN A 57 8.79 9.44 -3.01
C GLN A 57 7.56 9.42 -2.08
N THR A 58 6.39 9.01 -2.58
CA THR A 58 5.27 8.48 -1.78
C THR A 58 4.20 7.87 -2.71
N ILE A 59 3.39 6.95 -2.17
CA ILE A 59 2.19 6.38 -2.80
C ILE A 59 1.01 6.65 -1.85
N THR A 60 -0.19 6.91 -2.39
CA THR A 60 -1.41 7.13 -1.61
C THR A 60 -2.53 6.24 -2.16
N ALA A 61 -3.25 5.55 -1.28
CA ALA A 61 -4.28 4.58 -1.63
C ALA A 61 -5.66 4.98 -1.06
N LYS A 62 -6.69 4.87 -1.89
CA LYS A 62 -8.09 5.22 -1.57
C LYS A 62 -9.07 4.36 -2.38
N GLY A 63 -10.31 4.32 -1.92
CA GLY A 63 -11.40 3.50 -2.47
C GLY A 63 -12.54 3.34 -1.47
N ARG A 64 -13.33 2.28 -1.60
CA ARG A 64 -14.23 1.81 -0.53
C ARG A 64 -14.43 0.29 -0.62
N PRO A 65 -13.74 -0.53 0.20
CA PRO A 65 -12.68 -0.17 1.14
C PRO A 65 -11.39 0.33 0.47
N SER A 66 -10.44 0.79 1.28
CA SER A 66 -9.07 1.17 0.88
C SER A 66 -7.99 0.24 1.44
N LYS A 67 -8.32 -0.59 2.45
CA LYS A 67 -7.39 -1.50 3.14
C LYS A 67 -6.57 -2.41 2.21
N PHE A 68 -5.26 -2.37 2.42
CA PHE A 68 -4.31 -3.42 2.03
C PHE A 68 -4.53 -4.72 2.81
N GLN A 69 -3.81 -5.78 2.43
CA GLN A 69 -3.51 -6.93 3.28
C GLN A 69 -2.02 -7.30 3.20
N GLN A 70 -1.53 -8.09 4.16
CA GLN A 70 -0.18 -8.68 4.15
C GLN A 70 -0.29 -10.21 4.17
N GLN A 71 0.82 -10.93 3.99
CA GLN A 71 0.97 -12.36 4.25
C GLN A 71 2.08 -12.55 5.31
N ILE A 72 1.72 -12.97 6.53
CA ILE A 72 2.64 -13.01 7.69
C ILE A 72 3.02 -14.44 8.13
N SER A 73 2.07 -15.37 8.22
CA SER A 73 2.31 -16.71 8.80
C SER A 73 1.39 -17.78 8.19
N ALA A 74 1.67 -19.05 8.53
CA ALA A 74 0.84 -20.20 8.16
C ALA A 74 -0.42 -20.37 9.03
N ASP A 75 -0.50 -19.70 10.19
CA ASP A 75 -1.72 -19.52 10.97
C ASP A 75 -2.42 -18.21 10.58
N LYS A 76 -1.75 -17.06 10.76
CA LYS A 76 -2.23 -15.74 10.35
C LYS A 76 -1.70 -15.36 8.97
N GLY A 77 -2.34 -15.92 7.95
CA GLY A 77 -2.06 -15.66 6.53
C GLY A 77 -2.53 -14.28 6.03
N ILE A 78 -2.43 -13.25 6.88
CA ILE A 78 -3.11 -11.96 6.69
C ILE A 78 -2.28 -10.77 7.23
N ALA A 79 -2.79 -9.58 6.92
CA ALA A 79 -2.99 -8.47 7.85
C ALA A 79 -4.18 -7.63 7.33
N ARG A 80 -4.66 -6.65 8.11
CA ARG A 80 -5.49 -5.54 7.62
C ARG A 80 -5.06 -4.24 8.31
N GLY A 81 -5.14 -3.13 7.60
CA GLY A 81 -5.16 -1.80 8.19
C GLY A 81 -6.01 -0.87 7.33
N GLU A 82 -6.81 0.00 7.95
CA GLU A 82 -7.78 0.87 7.29
C GLU A 82 -7.85 2.23 8.00
N GLY A 83 -8.36 3.25 7.31
CA GLY A 83 -8.54 4.60 7.85
C GLY A 83 -9.44 5.46 6.97
N GLN A 84 -9.13 6.76 6.87
CA GLN A 84 -9.83 7.72 6.00
C GLN A 84 -8.96 8.18 4.80
N THR A 85 -7.69 7.76 4.76
CA THR A 85 -6.74 7.78 3.64
C THR A 85 -5.58 6.86 4.04
N ILE A 86 -4.98 6.14 3.10
CA ILE A 86 -3.80 5.30 3.34
C ILE A 86 -2.60 5.89 2.58
N VAL A 87 -1.46 5.98 3.22
CA VAL A 87 -0.18 6.42 2.62
C VAL A 87 0.82 5.27 2.69
N TYR A 88 1.59 5.07 1.63
CA TYR A 88 2.64 4.05 1.52
C TYR A 88 3.92 4.68 1.01
N ASN A 89 4.88 4.89 1.91
CA ASN A 89 6.21 5.36 1.58
C ASN A 89 7.11 4.15 1.33
N ALA A 90 7.00 3.59 0.12
CA ALA A 90 7.74 2.43 -0.37
C ALA A 90 9.27 2.58 -0.21
N ASP A 91 9.75 3.81 -0.35
CA ASP A 91 11.09 4.33 -0.04
C ASP A 91 11.63 3.97 1.36
N THR A 92 10.75 3.75 2.35
CA THR A 92 11.09 3.21 3.68
C THR A 92 10.23 2.00 4.07
N GLY A 93 9.43 1.46 3.14
CA GLY A 93 8.53 0.31 3.35
C GLY A 93 7.30 0.55 4.25
N ILE A 94 7.09 1.75 4.79
CA ILE A 94 6.05 2.02 5.80
C ILE A 94 4.70 2.38 5.16
N ILE A 95 3.63 1.81 5.71
CA ILE A 95 2.24 2.22 5.44
C ILE A 95 1.72 3.00 6.65
N THR A 96 1.12 4.17 6.42
CA THR A 96 0.46 5.02 7.43
C THR A 96 -1.06 5.00 7.20
N LEU A 97 -1.82 4.80 8.28
CA LEU A 97 -3.28 4.75 8.32
C LEU A 97 -3.80 6.01 9.03
N SER A 98 -4.81 6.68 8.45
CA SER A 98 -5.14 8.08 8.80
C SER A 98 -6.52 8.26 9.42
N GLY A 99 -6.66 9.26 10.30
CA GLY A 99 -7.91 9.85 10.80
C GLY A 99 -8.73 8.99 11.78
N GLY A 100 -9.09 7.79 11.34
CA GLY A 100 -9.83 6.77 12.11
C GLY A 100 -9.07 5.44 12.21
N ALA A 101 -7.74 5.52 12.23
CA ALA A 101 -6.86 4.40 11.90
C ALA A 101 -7.02 3.16 12.79
N TYR A 102 -7.06 1.99 12.13
CA TYR A 102 -7.33 0.67 12.70
C TYR A 102 -6.45 -0.41 12.03
N LEU A 103 -6.13 -1.47 12.76
CA LEU A 103 -5.33 -2.63 12.36
C LEU A 103 -5.97 -3.93 12.88
N TYR A 104 -5.88 -5.02 12.11
CA TYR A 104 -6.23 -6.38 12.56
C TYR A 104 -5.22 -7.44 12.05
N GLN A 105 -4.88 -8.39 12.91
CA GLN A 105 -4.11 -9.59 12.58
C GLN A 105 -4.59 -10.75 13.47
N ASP A 106 -4.75 -11.96 12.94
CA ASP A 106 -5.60 -12.99 13.59
C ASP A 106 -5.14 -13.29 15.02
N GLY A 107 -6.01 -12.94 15.97
CA GLY A 107 -5.67 -12.76 17.39
C GLY A 107 -6.35 -11.53 17.97
N SER A 108 -6.22 -10.35 17.34
CA SER A 108 -6.79 -9.10 17.87
C SER A 108 -6.88 -7.95 16.86
N SER A 109 -7.44 -6.82 17.31
CA SER A 109 -7.48 -5.54 16.60
C SER A 109 -7.10 -4.37 17.50
N ILE A 110 -6.30 -3.44 16.98
CA ILE A 110 -5.93 -2.19 17.65
C ILE A 110 -6.30 -0.97 16.78
N ARG A 111 -6.64 0.14 17.41
CA ARG A 111 -7.01 1.40 16.73
C ARG A 111 -6.72 2.61 17.61
N GLY A 112 -6.39 3.75 17.00
CA GLY A 112 -5.87 4.91 17.73
C GLY A 112 -5.88 6.23 16.94
N ASN A 113 -6.83 6.39 16.01
CA ASN A 113 -6.98 7.53 15.09
C ASN A 113 -5.83 7.74 14.08
N THR A 114 -4.57 7.52 14.44
CA THR A 114 -3.41 7.42 13.53
C THR A 114 -2.47 6.29 13.98
N LEU A 115 -2.00 5.46 13.05
CA LEU A 115 -0.99 4.42 13.28
C LEU A 115 -0.29 4.02 11.98
N LYS A 116 0.80 3.27 12.09
CA LYS A 116 1.49 2.63 10.95
C LYS A 116 1.27 1.11 10.93
N TYR A 117 1.51 0.49 9.78
CA TYR A 117 1.83 -0.93 9.70
C TYR A 117 3.35 -1.17 9.62
N SER A 118 3.81 -2.37 9.98
CA SER A 118 5.20 -2.83 9.80
C SER A 118 5.21 -4.36 9.76
N MET A 119 6.03 -4.93 8.86
CA MET A 119 5.95 -6.34 8.45
C MET A 119 6.75 -7.27 9.39
N ASN A 120 6.77 -6.94 10.68
CA ASN A 120 7.42 -7.72 11.72
C ASN A 120 6.71 -9.08 11.89
N LYS A 121 7.47 -10.14 12.21
CA LYS A 121 6.92 -11.51 12.29
C LYS A 121 6.29 -11.79 13.66
N GLY A 122 5.30 -10.99 14.03
CA GLY A 122 4.56 -11.07 15.30
C GLY A 122 3.27 -10.24 15.23
N ASP A 123 2.53 -10.16 16.33
CA ASP A 123 1.25 -9.44 16.40
C ASP A 123 1.41 -7.99 16.88
N VAL A 124 0.79 -7.05 16.15
CA VAL A 124 0.85 -5.61 16.42
C VAL A 124 -0.29 -5.22 17.37
N GLU A 125 -0.08 -5.50 18.66
CA GLU A 125 -1.05 -5.29 19.75
C GLU A 125 -0.43 -4.45 20.87
N ALA A 126 -1.24 -3.67 21.61
CA ALA A 126 -0.83 -2.77 22.67
C ALA A 126 -1.52 -3.05 24.03
N GLN A 127 -2.33 -4.10 24.13
CA GLN A 127 -3.12 -4.47 25.32
C GLN A 127 -2.26 -4.64 26.60
N GLY A 128 -2.37 -3.68 27.52
CA GLY A 128 -1.83 -3.79 28.87
C GLY A 128 -2.46 -4.96 29.64
N SER A 129 -1.64 -5.72 30.36
CA SER A 129 -2.03 -7.00 30.97
C SER A 129 -1.19 -7.32 32.21
N SER A 130 -1.63 -8.28 33.03
CA SER A 130 -0.94 -8.77 34.23
C SER A 130 0.28 -9.66 33.91
N SER A 131 1.07 -9.30 32.90
CA SER A 131 2.24 -10.06 32.44
C SER A 131 3.37 -10.02 33.48
N ASN A 132 4.00 -11.16 33.75
CA ASN A 132 5.10 -11.33 34.71
C ASN A 132 6.25 -12.13 34.09
N ARG A 133 7.40 -12.19 34.78
CA ARG A 133 8.59 -12.97 34.42
C ARG A 133 9.21 -13.54 35.68
N ILE B 3 9.21 -1.49 -12.17
CA ILE B 3 7.74 -1.48 -12.10
C ILE B 3 7.10 -1.89 -13.43
N THR B 4 6.00 -2.66 -13.34
CA THR B 4 5.15 -3.11 -14.44
C THR B 4 3.73 -2.54 -14.31
N TYR B 5 3.19 -2.00 -15.40
CA TYR B 5 1.85 -1.42 -15.47
C TYR B 5 1.15 -1.87 -16.76
N ASN B 7 -2.35 -2.49 -19.21
CA ASN B 7 -3.59 -1.75 -19.51
C ASN B 7 -4.73 -2.66 -20.02
N ARG B 8 -5.80 -2.77 -19.22
CA ARG B 8 -7.14 -3.31 -19.58
C ARG B 8 -7.92 -2.29 -20.43
N THR B 10 -5.54 -1.20 -23.54
CA THR B 10 -4.69 -1.27 -24.75
C THR B 10 -4.15 -2.69 -25.01
N LYS B 12 -1.37 -3.54 -23.98
CA LYS B 12 0.06 -3.26 -23.81
C LYS B 12 0.42 -3.17 -22.31
N CYS B 13 1.71 -3.08 -22.03
CA CYS B 13 2.26 -2.86 -20.70
C CYS B 13 3.29 -1.72 -20.71
N ARG B 15 6.56 0.57 -18.07
CA ARG B 15 7.03 1.30 -16.87
C ARG B 15 5.86 2.16 -16.32
N TYR B 16 5.99 3.48 -16.22
CA TYR B 16 4.89 4.42 -16.58
C TYR B 16 4.95 4.66 -18.09
N GLY A 1 19.98 -15.71 -21.10
CA GLY A 1 18.89 -14.74 -20.81
C GLY A 1 17.77 -15.45 -20.09
N LEU A 2 16.77 -14.71 -19.58
CA LEU A 2 15.64 -15.24 -18.83
C LEU A 2 14.37 -14.36 -19.03
N PRO A 3 13.16 -14.93 -19.05
CA PRO A 3 11.96 -14.20 -19.47
C PRO A 3 11.28 -13.41 -18.33
N SER A 4 10.75 -12.24 -18.66
CA SER A 4 10.13 -11.30 -17.70
C SER A 4 8.61 -11.46 -17.58
N ASP A 5 8.13 -12.69 -17.69
CA ASP A 5 6.85 -13.18 -17.17
C ASP A 5 7.00 -13.65 -15.72
N ARG A 6 8.05 -14.46 -15.46
CA ARG A 6 8.46 -14.97 -14.15
C ARG A 6 9.56 -14.13 -13.50
N ASN A 7 10.59 -13.72 -14.26
CA ASN A 7 11.60 -12.77 -13.79
C ASN A 7 11.09 -11.33 -13.96
N GLN A 8 9.98 -11.08 -13.26
CA GLN A 8 9.22 -9.84 -13.23
C GLN A 8 9.87 -8.77 -12.33
N GLN A 9 9.17 -7.66 -12.11
CA GLN A 9 9.62 -6.56 -11.22
C GLN A 9 8.54 -6.26 -10.18
N ILE A 10 7.54 -5.46 -10.57
CA ILE A 10 6.24 -5.29 -9.91
C ILE A 10 5.20 -5.24 -11.04
N SER A 11 4.00 -5.75 -10.78
CA SER A 11 2.86 -5.68 -11.70
C SER A 11 1.66 -4.97 -11.07
N LEU A 12 0.83 -4.36 -11.93
CA LEU A 12 -0.41 -3.70 -11.55
C LEU A 12 -1.54 -3.98 -12.55
N VAL A 13 -2.78 -3.89 -12.05
CA VAL A 13 -4.00 -3.93 -12.84
C VAL A 13 -4.75 -2.61 -12.70
N ALA A 14 -5.37 -2.13 -13.78
CA ALA A 14 -6.30 -0.99 -13.74
C ALA A 14 -7.23 -1.00 -14.96
N ASP A 15 -8.46 -0.50 -14.80
CA ASP A 15 -9.35 -0.16 -15.90
C ASP A 15 -8.78 0.98 -16.76
N ARG A 16 -8.23 2.00 -16.09
CA ARG A 16 -7.62 3.20 -16.67
C ARG A 16 -6.47 3.72 -15.78
N ALA A 17 -5.24 3.59 -16.27
CA ALA A 17 -4.10 4.37 -15.79
C ALA A 17 -4.14 5.81 -16.34
N THR A 18 -3.54 6.76 -15.63
CA THR A 18 -3.25 8.10 -16.12
C THR A 18 -1.96 8.62 -15.47
N TYR A 19 -1.05 9.17 -16.26
CA TYR A 19 0.24 9.66 -15.76
C TYR A 19 0.79 10.76 -16.66
N ASN A 20 1.82 11.46 -16.20
CA ASN A 20 2.70 12.20 -17.08
C ASN A 20 4.15 12.18 -16.57
N GLU A 21 4.99 11.44 -17.31
CA GLU A 21 6.46 11.31 -17.16
C GLU A 21 7.16 12.65 -16.83
N LYS A 22 7.02 13.66 -17.70
CA LYS A 22 7.69 14.98 -17.59
C LYS A 22 7.21 15.87 -16.44
N THR A 23 6.41 15.34 -15.51
CA THR A 23 6.11 15.95 -14.21
C THR A 23 6.12 14.94 -13.04
N GLY A 24 6.47 13.67 -13.27
CA GLY A 24 6.63 12.65 -12.21
C GLY A 24 5.34 12.22 -11.49
N LEU A 25 4.14 12.54 -12.01
CA LEU A 25 2.85 12.22 -11.40
C LEU A 25 2.15 11.06 -12.13
N THR A 26 1.58 10.14 -11.36
CA THR A 26 0.93 8.91 -11.83
C THR A 26 -0.31 8.59 -10.99
N THR A 27 -1.32 7.97 -11.60
CA THR A 27 -2.57 7.55 -10.96
C THR A 27 -3.19 6.36 -11.69
N TYR A 28 -3.86 5.50 -10.95
CA TYR A 28 -4.60 4.34 -11.46
C TYR A 28 -6.05 4.38 -10.97
N THR A 29 -7.00 3.94 -11.80
CA THR A 29 -8.45 3.96 -11.50
C THR A 29 -9.16 2.73 -12.06
N GLY A 30 -10.26 2.33 -11.41
CA GLY A 30 -11.03 1.14 -11.74
C GLY A 30 -10.30 -0.15 -11.36
N ASN A 31 -10.39 -0.47 -10.06
CA ASN A 31 -9.91 -1.69 -9.40
C ASN A 31 -8.39 -1.94 -9.58
N VAL A 32 -7.58 -1.55 -8.58
CA VAL A 32 -6.12 -1.62 -8.61
C VAL A 32 -5.50 -2.31 -7.38
N VAL A 33 -4.56 -3.20 -7.69
CA VAL A 33 -3.48 -3.68 -6.80
C VAL A 33 -2.14 -3.44 -7.52
N ILE A 34 -1.12 -3.04 -6.77
CA ILE A 34 0.18 -2.56 -7.28
C ILE A 34 1.26 -2.85 -6.21
N GLU A 35 1.68 -4.10 -6.09
CA GLU A 35 2.30 -4.63 -4.87
C GLU A 35 3.34 -5.73 -5.11
N GLN A 36 4.18 -5.98 -4.10
CA GLN A 36 5.21 -7.02 -4.11
C GLN A 36 5.12 -7.91 -2.85
N GLY A 37 6.00 -8.92 -2.73
CA GLY A 37 6.11 -9.78 -1.54
C GLY A 37 4.78 -10.38 -1.08
N THR A 38 4.59 -10.46 0.25
CA THR A 38 3.31 -10.82 0.87
C THR A 38 2.43 -9.63 1.24
N MET A 39 2.85 -8.39 0.93
CA MET A 39 2.10 -7.15 1.19
C MET A 39 1.07 -6.92 0.09
N LYS A 40 -0.17 -6.57 0.46
CA LYS A 40 -1.31 -6.45 -0.45
C LYS A 40 -2.19 -5.23 -0.09
N LEU A 41 -1.67 -4.03 -0.33
CA LEU A 41 -2.48 -2.82 -0.52
C LEU A 41 -3.39 -2.98 -1.75
N GLN A 42 -4.69 -2.68 -1.62
CA GLN A 42 -5.66 -2.67 -2.71
C GLN A 42 -6.60 -1.46 -2.60
N ALA A 43 -7.09 -0.98 -3.74
CA ALA A 43 -8.08 0.10 -3.81
C ALA A 43 -8.87 0.04 -5.13
N ASP A 44 -9.83 0.95 -5.32
CA ASP A 44 -10.32 1.24 -6.67
C ASP A 44 -9.39 2.20 -7.44
N SER A 45 -8.71 3.09 -6.72
CA SER A 45 -7.75 4.03 -7.30
C SER A 45 -6.55 4.31 -6.41
N ILE A 46 -5.42 4.62 -7.04
CA ILE A 46 -4.10 4.87 -6.42
C ILE A 46 -3.53 6.16 -7.00
N VAL A 47 -2.83 6.94 -6.17
CA VAL A 47 -1.89 8.00 -6.59
C VAL A 47 -0.47 7.51 -6.35
N ALA A 48 0.44 7.81 -7.28
CA ALA A 48 1.87 7.57 -7.19
C ALA A 48 2.64 8.79 -7.71
N THR A 49 3.82 9.07 -7.14
CA THR A 49 4.77 10.04 -7.71
C THR A 49 6.19 9.48 -7.70
N LEU A 50 7.02 9.88 -8.67
CA LEU A 50 8.33 9.27 -8.90
C LEU A 50 9.35 10.25 -9.50
N ASN A 51 10.64 10.03 -9.20
CA ASN A 51 11.74 10.68 -9.92
C ASN A 51 12.20 9.85 -11.13
N SER A 52 13.04 10.43 -11.99
CA SER A 52 13.49 9.82 -13.25
C SER A 52 14.25 8.50 -13.11
N LYS A 53 14.81 8.18 -11.94
CA LYS A 53 15.40 6.85 -11.64
C LYS A 53 14.36 5.74 -11.42
N ARG A 54 13.07 6.05 -11.57
CA ARG A 54 11.90 5.16 -11.37
C ARG A 54 11.78 4.64 -9.93
N GLU A 55 12.07 5.52 -8.98
CA GLU A 55 11.88 5.30 -7.55
C GLU A 55 10.62 6.06 -7.12
N ILE A 56 9.78 5.43 -6.28
CA ILE A 56 8.47 5.96 -5.93
C ILE A 56 8.58 6.79 -4.65
N GLN A 57 8.18 8.06 -4.70
CA GLN A 57 8.28 8.98 -3.57
C GLN A 57 7.11 8.85 -2.58
N THR A 58 5.95 8.33 -3.01
CA THR A 58 4.83 7.92 -2.16
C THR A 58 3.79 7.13 -2.99
N ILE A 59 2.99 6.28 -2.31
CA ILE A 59 1.76 5.67 -2.81
C ILE A 59 0.60 6.08 -1.89
N THR A 60 -0.59 6.38 -2.43
CA THR A 60 -1.77 6.78 -1.63
C THR A 60 -3.06 6.22 -2.24
N ALA A 61 -3.94 5.64 -1.41
CA ALA A 61 -5.02 4.75 -1.84
C ALA A 61 -6.44 5.32 -1.58
N LYS A 62 -7.35 5.18 -2.55
CA LYS A 62 -8.73 5.71 -2.49
C LYS A 62 -9.73 4.72 -3.14
N GLY A 63 -10.87 4.46 -2.50
CA GLY A 63 -11.93 3.62 -3.06
C GLY A 63 -12.78 2.91 -2.01
N ARG A 64 -13.69 2.05 -2.45
CA ARG A 64 -14.58 1.22 -1.60
C ARG A 64 -14.62 -0.21 -2.17
N PRO A 65 -13.84 -1.17 -1.63
CA PRO A 65 -12.87 -1.04 -0.54
C PRO A 65 -11.59 -0.29 -0.93
N SER A 66 -10.86 0.21 0.07
CA SER A 66 -9.50 0.74 -0.01
C SER A 66 -8.79 0.46 1.31
N LYS A 67 -7.91 -0.55 1.31
CA LYS A 67 -7.39 -1.25 2.51
C LYS A 67 -6.04 -1.91 2.20
N PHE A 68 -5.33 -2.39 3.22
CA PHE A 68 -4.22 -3.33 3.03
C PHE A 68 -4.41 -4.65 3.79
N GLN A 69 -3.66 -5.66 3.35
CA GLN A 69 -3.38 -6.93 4.03
C GLN A 69 -1.89 -7.26 3.90
N GLN A 70 -1.36 -8.12 4.78
CA GLN A 70 -0.13 -8.87 4.53
C GLN A 70 -0.36 -10.33 4.94
N GLN A 71 0.20 -11.29 4.20
CA GLN A 71 0.28 -12.69 4.65
C GLN A 71 1.55 -12.91 5.47
N ILE A 72 1.45 -13.37 6.73
CA ILE A 72 2.58 -13.34 7.68
C ILE A 72 3.35 -14.68 7.70
N SER A 73 2.65 -15.80 7.61
CA SER A 73 3.23 -17.14 7.44
C SER A 73 2.19 -18.08 6.81
N ALA A 74 2.57 -19.30 6.42
CA ALA A 74 1.67 -20.26 5.76
C ALA A 74 0.49 -20.74 6.64
N ASP A 75 0.63 -20.67 7.97
CA ASP A 75 -0.43 -20.90 8.95
C ASP A 75 -1.22 -19.60 9.25
N LYS A 76 -0.52 -18.56 9.74
CA LYS A 76 -1.06 -17.23 10.03
C LYS A 76 -0.97 -16.31 8.82
N GLY A 77 -1.70 -16.68 7.77
CA GLY A 77 -1.66 -16.04 6.45
C GLY A 77 -2.34 -14.67 6.33
N ILE A 78 -2.55 -13.94 7.44
CA ILE A 78 -3.49 -12.81 7.50
C ILE A 78 -3.04 -11.58 8.31
N ALA A 79 -3.42 -10.42 7.78
CA ALA A 79 -3.47 -9.11 8.43
C ALA A 79 -4.51 -8.22 7.72
N ARG A 80 -4.85 -7.06 8.29
CA ARG A 80 -5.75 -6.04 7.71
C ARG A 80 -5.30 -4.65 8.17
N GLY A 81 -5.58 -3.60 7.41
CA GLY A 81 -5.53 -2.23 7.94
C GLY A 81 -6.16 -1.17 7.04
N GLU A 82 -6.63 -0.10 7.68
CA GLU A 82 -7.58 0.88 7.16
C GLU A 82 -7.63 2.18 8.00
N GLY A 83 -8.25 3.22 7.45
CA GLY A 83 -8.46 4.53 8.08
C GLY A 83 -9.03 5.52 7.06
N GLN A 84 -9.39 6.75 7.48
CA GLN A 84 -9.90 7.77 6.54
C GLN A 84 -8.79 8.41 5.68
N THR A 85 -7.52 8.12 5.97
CA THR A 85 -6.35 8.49 5.16
C THR A 85 -5.39 7.29 5.11
N ILE A 86 -4.98 6.86 3.91
CA ILE A 86 -4.15 5.66 3.69
C ILE A 86 -2.99 5.98 2.74
N VAL A 87 -1.76 5.93 3.28
CA VAL A 87 -0.50 6.19 2.56
C VAL A 87 0.47 5.01 2.72
N TYR A 88 1.26 4.72 1.70
CA TYR A 88 2.24 3.63 1.65
C TYR A 88 3.58 4.20 1.21
N ASN A 89 4.51 4.29 2.15
CA ASN A 89 5.89 4.67 1.94
C ASN A 89 6.63 3.52 1.26
N ALA A 90 6.49 3.41 -0.07
CA ALA A 90 7.19 2.44 -0.90
C ALA A 90 8.73 2.60 -0.82
N ASP A 91 9.19 3.80 -0.46
CA ASP A 91 10.56 4.18 -0.08
C ASP A 91 11.13 3.41 1.14
N THR A 92 10.29 2.85 2.01
CA THR A 92 10.74 2.01 3.15
C THR A 92 9.84 0.80 3.44
N GLY A 93 8.84 0.49 2.60
CA GLY A 93 7.92 -0.64 2.77
C GLY A 93 6.94 -0.51 3.94
N ILE A 94 6.58 0.72 4.35
CA ILE A 94 5.69 0.97 5.50
C ILE A 94 4.36 1.58 5.05
N ILE A 95 3.24 1.00 5.49
CA ILE A 95 1.90 1.57 5.34
C ILE A 95 1.55 2.38 6.60
N THR A 96 1.04 3.60 6.41
CA THR A 96 0.51 4.45 7.48
C THR A 96 -0.95 4.79 7.22
N LEU A 97 -1.75 4.61 8.25
CA LEU A 97 -3.19 4.82 8.31
C LEU A 97 -3.44 6.00 9.26
N SER A 98 -4.42 6.86 9.00
CA SER A 98 -4.76 7.97 9.91
C SER A 98 -6.24 8.36 9.85
N GLY A 99 -6.73 8.96 10.94
CA GLY A 99 -8.13 9.33 11.16
C GLY A 99 -9.03 8.10 11.35
N GLY A 100 -9.31 7.75 12.62
CA GLY A 100 -10.09 6.55 12.97
C GLY A 100 -9.43 5.23 12.56
N ALA A 101 -8.11 5.23 12.40
CA ALA A 101 -7.36 4.17 11.75
C ALA A 101 -7.33 2.87 12.58
N TYR A 102 -7.35 1.71 11.91
CA TYR A 102 -7.34 0.37 12.49
C TYR A 102 -6.38 -0.56 11.75
N LEU A 103 -5.75 -1.49 12.48
CA LEU A 103 -4.86 -2.52 11.94
C LEU A 103 -5.04 -3.81 12.75
N TYR A 104 -5.13 -4.95 12.07
CA TYR A 104 -5.27 -6.28 12.64
C TYR A 104 -4.20 -7.22 12.06
N GLN A 105 -3.78 -8.20 12.86
CA GLN A 105 -2.89 -9.30 12.47
C GLN A 105 -3.24 -10.54 13.30
N ASP A 106 -2.64 -11.69 13.00
CA ASP A 106 -2.64 -12.79 13.97
C ASP A 106 -2.12 -12.34 15.35
N GLY A 107 -2.83 -12.77 16.40
CA GLY A 107 -2.64 -12.37 17.79
C GLY A 107 -2.84 -10.89 18.12
N SER A 108 -3.38 -10.02 17.24
CA SER A 108 -3.39 -8.57 17.49
C SER A 108 -4.46 -7.78 16.74
N SER A 109 -4.95 -6.70 17.36
CA SER A 109 -5.39 -5.51 16.63
C SER A 109 -5.24 -4.23 17.45
N ILE A 110 -5.32 -3.08 16.77
CA ILE A 110 -5.00 -1.75 17.30
C ILE A 110 -5.75 -0.67 16.50
N ARG A 111 -6.22 0.39 17.15
CA ARG A 111 -6.71 1.61 16.49
C ARG A 111 -6.29 2.90 17.19
N GLY A 112 -6.26 4.00 16.44
CA GLY A 112 -5.89 5.33 16.95
C GLY A 112 -6.01 6.45 15.89
N ASN A 113 -5.58 7.66 16.26
CA ASN A 113 -5.66 8.84 15.39
C ASN A 113 -4.65 8.82 14.24
N THR A 114 -3.47 8.22 14.47
CA THR A 114 -2.49 7.85 13.45
C THR A 114 -1.87 6.52 13.83
N LEU A 115 -1.57 5.67 12.85
CA LEU A 115 -1.24 4.25 13.06
C LEU A 115 -0.36 3.76 11.91
N LYS A 116 0.76 3.08 12.21
CA LYS A 116 1.68 2.55 11.21
C LYS A 116 1.82 1.03 11.27
N TYR A 117 2.07 0.43 10.12
CA TYR A 117 2.53 -0.95 9.98
C TYR A 117 3.97 -1.11 10.52
N SER A 118 4.32 -2.33 10.93
CA SER A 118 5.68 -2.77 11.22
C SER A 118 5.84 -4.24 10.82
N MET A 119 6.99 -4.60 10.25
CA MET A 119 7.38 -5.99 10.02
C MET A 119 7.60 -6.75 11.35
N ASN A 120 8.04 -6.02 12.39
CA ASN A 120 8.43 -6.57 13.68
C ASN A 120 7.38 -6.24 14.74
N LYS A 121 6.89 -7.26 15.46
CA LYS A 121 5.90 -7.16 16.55
C LYS A 121 6.09 -8.30 17.55
N GLY A 122 5.86 -8.03 18.83
CA GLY A 122 5.60 -9.03 19.87
C GLY A 122 4.18 -8.85 20.40
N ASP A 123 4.07 -8.15 21.51
CA ASP A 123 2.83 -7.62 22.10
C ASP A 123 2.11 -6.60 21.20
N VAL A 124 0.93 -6.13 21.63
CA VAL A 124 0.21 -5.00 21.04
C VAL A 124 -0.46 -4.14 22.12
N GLU A 125 -0.42 -2.83 21.96
CA GLU A 125 -1.05 -1.83 22.83
C GLU A 125 -1.38 -0.58 22.00
N ALA A 126 -2.49 0.10 22.32
CA ALA A 126 -3.01 1.27 21.60
C ALA A 126 -2.36 2.60 22.03
N GLN A 127 -1.08 2.60 22.41
CA GLN A 127 -0.40 3.75 23.01
C GLN A 127 1.06 3.89 22.56
N GLY A 128 1.53 5.13 22.48
CA GLY A 128 2.93 5.48 22.17
C GLY A 128 3.08 6.98 21.89
N SER A 129 2.22 7.52 21.01
CA SER A 129 1.93 8.96 20.84
C SER A 129 3.15 9.91 20.76
N SER A 130 4.29 9.44 20.26
CA SER A 130 5.57 10.15 20.26
C SER A 130 6.51 9.66 19.15
N SER A 131 7.57 10.42 18.87
CA SER A 131 8.52 10.13 17.80
C SER A 131 9.31 8.85 18.05
N ASN A 132 9.47 8.03 17.00
CA ASN A 132 10.48 6.98 16.98
C ASN A 132 11.89 7.58 16.94
N ARG A 133 12.80 7.02 17.75
CA ARG A 133 14.19 7.44 17.98
C ARG A 133 14.96 6.28 18.63
N ILE B 3 8.19 -1.27 -14.46
CA ILE B 3 7.00 -1.92 -13.92
C ILE B 3 6.18 -2.61 -15.03
N THR B 4 5.13 -3.33 -14.66
CA THR B 4 4.23 -4.06 -15.57
C THR B 4 2.78 -3.64 -15.35
N TYR B 5 2.01 -3.45 -16.42
CA TYR B 5 0.65 -2.92 -16.41
C TYR B 5 -0.28 -3.80 -17.25
N ASN B 7 -3.80 -3.81 -18.43
CA ASN B 7 -5.02 -3.03 -18.60
C ASN B 7 -6.28 -3.93 -18.61
N ARG B 8 -7.22 -3.63 -17.72
CA ARG B 8 -8.46 -4.39 -17.50
C ARG B 8 -9.61 -4.02 -18.45
N THR B 10 -8.67 -4.04 -21.98
CA THR B 10 -8.11 -4.49 -23.27
C THR B 10 -7.22 -5.74 -23.20
N LYS B 12 -4.23 -6.59 -23.35
CA LYS B 12 -2.90 -6.39 -23.94
C LYS B 12 -1.96 -5.67 -22.97
N CYS B 13 -1.39 -6.44 -22.05
CA CYS B 13 -0.51 -5.98 -20.97
C CYS B 13 0.74 -5.25 -21.49
N ARG B 15 4.60 -2.70 -20.28
CA ARG B 15 5.55 -2.18 -19.27
C ARG B 15 5.35 -0.68 -19.12
N TYR B 16 5.95 -0.10 -18.07
CA TYR B 16 6.14 1.34 -17.89
C TYR B 16 7.52 1.59 -17.29
N GLY A 1 21.74 -1.64 2.91
CA GLY A 1 21.48 -0.27 2.42
C GLY A 1 20.72 -0.34 1.11
N LEU A 2 20.53 0.79 0.42
CA LEU A 2 19.87 0.90 -0.90
C LEU A 2 18.51 0.17 -0.99
N PRO A 3 17.40 0.79 -0.55
CA PRO A 3 16.06 0.19 -0.67
C PRO A 3 15.64 0.09 -2.14
N SER A 4 15.08 -1.07 -2.53
CA SER A 4 14.82 -1.45 -3.92
C SER A 4 13.58 -0.76 -4.57
N ASP A 5 13.35 0.52 -4.31
CA ASP A 5 12.24 1.29 -4.91
C ASP A 5 12.43 1.47 -6.43
N ARG A 6 13.54 2.10 -6.83
CA ARG A 6 13.95 2.24 -8.24
C ARG A 6 14.37 0.93 -8.92
N ASN A 7 14.13 -0.20 -8.25
CA ASN A 7 14.39 -1.57 -8.72
C ASN A 7 13.18 -2.50 -8.44
N GLN A 8 11.97 -1.95 -8.28
CA GLN A 8 10.72 -2.72 -8.14
C GLN A 8 10.40 -3.56 -9.39
N GLN A 9 9.81 -4.75 -9.17
CA GLN A 9 9.63 -5.77 -10.19
C GLN A 9 8.28 -6.45 -10.05
N ILE A 10 7.25 -5.90 -10.71
CA ILE A 10 5.87 -6.41 -10.68
C ILE A 10 5.18 -6.16 -12.03
N SER A 11 4.13 -6.94 -12.31
CA SER A 11 3.04 -6.56 -13.20
C SER A 11 2.00 -5.73 -12.44
N LEU A 12 1.89 -4.43 -12.72
CA LEU A 12 0.85 -3.56 -12.15
C LEU A 12 -0.37 -3.48 -13.10
N VAL A 13 -1.58 -3.57 -12.52
CA VAL A 13 -2.83 -3.73 -13.26
C VAL A 13 -3.83 -2.61 -12.91
N ALA A 14 -4.35 -1.94 -13.94
CA ALA A 14 -5.36 -0.91 -13.79
C ALA A 14 -6.42 -0.95 -14.91
N ASP A 15 -7.62 -0.47 -14.58
CA ASP A 15 -8.73 -0.37 -15.54
C ASP A 15 -8.62 0.89 -16.40
N ARG A 16 -8.24 1.99 -15.73
CA ARG A 16 -8.36 3.39 -16.10
C ARG A 16 -7.21 4.14 -15.44
N ALA A 17 -6.11 4.33 -16.14
CA ALA A 17 -4.86 4.88 -15.60
C ALA A 17 -4.44 6.16 -16.33
N THR A 18 -3.79 7.08 -15.60
CA THR A 18 -3.30 8.35 -16.13
C THR A 18 -1.95 8.70 -15.49
N TYR A 19 -1.03 9.25 -16.27
CA TYR A 19 0.38 9.40 -15.93
C TYR A 19 0.94 10.68 -16.54
N ASN A 20 1.88 11.33 -15.83
CA ASN A 20 2.18 12.75 -16.02
C ASN A 20 3.61 13.10 -15.56
N GLU A 21 4.60 12.50 -16.20
CA GLU A 21 6.04 12.66 -15.93
C GLU A 21 6.47 14.14 -15.85
N LYS A 22 5.87 15.01 -16.66
CA LYS A 22 6.06 16.48 -16.67
C LYS A 22 5.76 17.20 -15.34
N THR A 23 5.16 16.50 -14.38
CA THR A 23 4.90 16.95 -13.00
C THR A 23 5.09 15.82 -11.99
N GLY A 24 5.71 14.71 -12.39
CA GLY A 24 6.02 13.58 -11.51
C GLY A 24 4.81 12.82 -10.95
N LEU A 25 3.66 12.77 -11.63
CA LEU A 25 2.44 12.10 -11.14
C LEU A 25 2.11 10.80 -11.90
N THR A 26 1.45 9.86 -11.23
CA THR A 26 0.73 8.74 -11.84
C THR A 26 -0.45 8.29 -10.96
N THR A 27 -1.58 7.96 -11.56
CA THR A 27 -2.79 7.52 -10.88
C THR A 27 -3.38 6.29 -11.60
N TYR A 28 -3.73 5.27 -10.84
CA TYR A 28 -4.33 4.01 -11.30
C TYR A 28 -5.75 3.88 -10.73
N THR A 29 -6.78 3.65 -11.56
CA THR A 29 -8.19 3.60 -11.11
C THR A 29 -8.99 2.42 -11.68
N GLY A 30 -10.13 2.12 -11.04
CA GLY A 30 -11.12 1.14 -11.46
C GLY A 30 -11.04 -0.21 -10.75
N ASN A 31 -10.75 -0.19 -9.44
CA ASN A 31 -10.31 -1.31 -8.60
C ASN A 31 -8.96 -1.89 -9.09
N VAL A 32 -7.90 -1.59 -8.35
CA VAL A 32 -6.49 -1.80 -8.73
C VAL A 32 -5.70 -2.41 -7.57
N VAL A 33 -4.62 -3.14 -7.88
CA VAL A 33 -3.85 -3.92 -6.89
C VAL A 33 -2.38 -4.01 -7.28
N ILE A 34 -1.50 -4.13 -6.27
CA ILE A 34 -0.08 -4.46 -6.45
C ILE A 34 0.38 -5.46 -5.37
N GLU A 35 1.16 -6.46 -5.79
CA GLU A 35 1.51 -7.63 -4.96
C GLU A 35 2.99 -7.98 -5.10
N GLN A 36 3.71 -8.06 -3.98
CA GLN A 36 5.10 -8.52 -3.92
C GLN A 36 5.42 -9.04 -2.51
N GLY A 37 6.29 -10.05 -2.40
CA GLY A 37 6.66 -10.68 -1.14
C GLY A 37 5.45 -11.19 -0.33
N THR A 38 4.97 -10.38 0.62
CA THR A 38 3.77 -10.65 1.43
C THR A 38 2.70 -9.55 1.33
N MET A 39 2.90 -8.53 0.46
CA MET A 39 2.04 -7.35 0.31
C MET A 39 0.81 -7.64 -0.54
N LYS A 40 -0.34 -7.06 -0.15
CA LYS A 40 -1.56 -6.95 -0.97
C LYS A 40 -2.10 -5.52 -0.86
N LEU A 41 -1.47 -4.56 -1.54
CA LEU A 41 -1.88 -3.14 -1.50
C LEU A 41 -2.90 -2.91 -2.63
N GLN A 42 -4.12 -2.50 -2.27
CA GLN A 42 -5.24 -2.41 -3.21
C GLN A 42 -6.22 -1.28 -2.85
N ALA A 43 -6.94 -0.76 -3.85
CA ALA A 43 -7.96 0.27 -3.67
C ALA A 43 -8.93 0.31 -4.88
N ASP A 44 -9.99 1.11 -4.80
CA ASP A 44 -10.70 1.59 -6.02
C ASP A 44 -9.70 2.29 -6.97
N SER A 45 -8.82 3.10 -6.38
CA SER A 45 -7.79 3.85 -7.09
C SER A 45 -6.63 4.27 -6.19
N ILE A 46 -5.43 4.29 -6.75
CA ILE A 46 -4.16 4.64 -6.12
C ILE A 46 -3.57 5.87 -6.82
N VAL A 47 -3.03 6.80 -6.04
CA VAL A 47 -2.21 7.93 -6.51
C VAL A 47 -0.75 7.68 -6.14
N ALA A 48 0.18 8.00 -7.03
CA ALA A 48 1.62 7.87 -6.83
C ALA A 48 2.35 9.08 -7.43
N THR A 49 3.57 9.33 -6.95
CA THR A 49 4.47 10.31 -7.56
C THR A 49 5.87 9.75 -7.78
N LEU A 50 6.59 10.29 -8.76
CA LEU A 50 7.95 9.89 -9.11
C LEU A 50 8.86 11.09 -9.39
N ASN A 51 10.15 10.91 -9.19
CA ASN A 51 11.21 11.76 -9.74
C ASN A 51 11.49 11.31 -11.18
N SER A 52 12.01 12.20 -12.05
CA SER A 52 12.34 11.91 -13.45
C SER A 52 13.26 10.69 -13.65
N LYS A 53 14.13 10.42 -12.67
CA LYS A 53 14.97 9.23 -12.50
C LYS A 53 14.21 7.88 -12.49
N ARG A 54 12.86 7.89 -12.42
CA ARG A 54 11.96 6.84 -11.91
C ARG A 54 12.39 6.36 -10.51
N GLU A 55 11.83 7.02 -9.50
CA GLU A 55 12.12 6.86 -8.07
C GLU A 55 11.02 7.56 -7.27
N ILE A 56 10.37 6.89 -6.33
CA ILE A 56 9.11 7.33 -5.71
C ILE A 56 9.35 8.24 -4.50
N GLN A 57 8.50 9.26 -4.31
CA GLN A 57 8.46 10.06 -3.07
C GLN A 57 7.10 10.10 -2.34
N THR A 58 6.02 9.54 -2.90
CA THR A 58 4.85 9.05 -2.12
C THR A 58 3.96 8.12 -2.96
N ILE A 59 3.18 7.25 -2.28
CA ILE A 59 2.02 6.53 -2.83
C ILE A 59 0.87 6.60 -1.82
N THR A 60 -0.36 6.77 -2.30
CA THR A 60 -1.55 7.02 -1.48
C THR A 60 -2.76 6.21 -1.96
N ALA A 61 -3.47 5.61 -1.01
CA ALA A 61 -4.71 4.88 -1.16
C ALA A 61 -5.83 5.52 -0.33
N LYS A 62 -7.06 5.49 -0.85
CA LYS A 62 -8.29 6.01 -0.22
C LYS A 62 -9.51 5.49 -0.98
N GLY A 63 -10.73 5.85 -0.57
CA GLY A 63 -11.96 5.51 -1.29
C GLY A 63 -12.57 4.18 -0.86
N ARG A 64 -12.95 3.33 -1.82
CA ARG A 64 -13.74 2.11 -1.56
C ARG A 64 -13.36 0.95 -2.50
N PRO A 65 -12.49 0.00 -2.08
CA PRO A 65 -11.73 -0.03 -0.82
C PRO A 65 -10.57 0.99 -0.81
N SER A 66 -9.94 1.15 0.36
CA SER A 66 -8.64 1.84 0.55
C SER A 66 -7.50 0.90 0.96
N LYS A 67 -7.84 -0.31 1.43
CA LYS A 67 -7.00 -1.09 2.35
C LYS A 67 -5.89 -1.90 1.67
N PHE A 68 -4.81 -2.10 2.44
CA PHE A 68 -3.92 -3.23 2.24
C PHE A 68 -4.35 -4.44 3.07
N GLN A 69 -3.85 -5.62 2.65
CA GLN A 69 -3.78 -6.84 3.45
C GLN A 69 -2.32 -7.34 3.44
N GLN A 70 -1.94 -8.24 4.36
CA GLN A 70 -0.58 -8.81 4.40
C GLN A 70 -0.58 -10.31 4.71
N GLN A 71 0.21 -11.07 3.96
CA GLN A 71 0.40 -12.52 4.07
C GLN A 71 1.50 -12.88 5.08
N ILE A 72 1.17 -12.87 6.38
CA ILE A 72 2.14 -12.93 7.49
C ILE A 72 2.95 -14.23 7.56
N SER A 73 2.28 -15.39 7.56
CA SER A 73 2.92 -16.71 7.75
C SER A 73 2.01 -17.82 7.21
N ALA A 74 2.50 -19.07 7.16
CA ALA A 74 1.78 -20.21 6.59
C ALA A 74 0.43 -20.51 7.29
N ASP A 75 0.32 -20.13 8.56
CA ASP A 75 -0.86 -20.21 9.42
C ASP A 75 -1.80 -18.99 9.32
N LYS A 76 -1.39 -17.90 8.63
CA LYS A 76 -2.06 -16.59 8.70
C LYS A 76 -1.78 -15.67 7.50
N GLY A 77 -2.77 -15.53 6.63
CA GLY A 77 -2.81 -14.53 5.55
C GLY A 77 -3.32 -13.14 5.97
N ILE A 78 -3.14 -12.75 7.24
CA ILE A 78 -3.93 -11.69 7.88
C ILE A 78 -3.11 -10.65 8.67
N ALA A 79 -2.63 -9.61 7.97
CA ALA A 79 -2.92 -8.24 8.41
C ALA A 79 -4.10 -7.66 7.63
N ARG A 80 -4.84 -6.75 8.27
CA ARG A 80 -6.00 -6.04 7.72
C ARG A 80 -6.19 -4.71 8.45
N GLY A 81 -6.71 -3.70 7.76
CA GLY A 81 -6.96 -2.39 8.36
C GLY A 81 -7.79 -1.47 7.47
N GLU A 82 -8.02 -0.23 7.91
CA GLU A 82 -8.40 0.87 7.00
C GLU A 82 -8.22 2.26 7.65
N GLY A 83 -8.52 3.29 6.86
CA GLY A 83 -8.54 4.70 7.21
C GLY A 83 -9.14 5.50 6.05
N GLN A 84 -9.47 6.76 6.28
CA GLN A 84 -9.94 7.67 5.22
C GLN A 84 -8.84 8.01 4.21
N THR A 85 -7.57 7.95 4.61
CA THR A 85 -6.41 8.03 3.71
C THR A 85 -5.26 7.18 4.24
N ILE A 86 -4.60 6.47 3.34
CA ILE A 86 -3.59 5.44 3.61
C ILE A 86 -2.38 5.76 2.74
N VAL A 87 -1.17 5.72 3.30
CA VAL A 87 0.06 6.22 2.64
C VAL A 87 1.17 5.18 2.73
N TYR A 88 1.72 4.78 1.58
CA TYR A 88 2.86 3.87 1.48
C TYR A 88 4.16 4.65 1.27
N ASN A 89 5.06 4.54 2.25
CA ASN A 89 6.44 4.98 2.17
C ASN A 89 7.22 3.98 1.31
N ALA A 90 7.24 4.19 0.00
CA ALA A 90 8.06 3.38 -0.92
C ALA A 90 9.57 3.51 -0.62
N ASP A 91 9.95 4.68 -0.12
CA ASP A 91 11.26 5.05 0.45
C ASP A 91 11.77 4.11 1.56
N THR A 92 10.89 3.41 2.28
CA THR A 92 11.26 2.41 3.31
C THR A 92 10.31 1.19 3.38
N GLY A 93 9.56 0.92 2.31
CA GLY A 93 8.69 -0.26 2.17
C GLY A 93 7.52 -0.40 3.15
N ILE A 94 7.03 0.68 3.78
CA ILE A 94 6.12 0.61 4.94
C ILE A 94 4.80 1.38 4.74
N ILE A 95 3.71 0.97 5.40
CA ILE A 95 2.35 1.52 5.19
C ILE A 95 1.85 2.32 6.41
N THR A 96 1.04 3.35 6.15
CA THR A 96 0.42 4.27 7.11
C THR A 96 -1.09 4.26 6.96
N LEU A 97 -1.82 4.42 8.06
CA LEU A 97 -3.27 4.58 8.11
C LEU A 97 -3.58 5.96 8.72
N SER A 98 -4.58 6.69 8.20
CA SER A 98 -5.03 7.96 8.77
C SER A 98 -6.53 8.22 8.52
N GLY A 99 -7.15 9.01 9.40
CA GLY A 99 -8.59 9.24 9.43
C GLY A 99 -9.34 8.07 10.06
N GLY A 100 -9.54 8.13 11.38
CA GLY A 100 -10.24 7.10 12.16
C GLY A 100 -9.56 5.72 12.20
N ALA A 101 -8.26 5.70 11.91
CA ALA A 101 -7.46 4.53 11.54
C ALA A 101 -7.70 3.25 12.36
N TYR A 102 -7.61 2.12 11.67
CA TYR A 102 -7.76 0.75 12.18
C TYR A 102 -6.67 -0.18 11.63
N LEU A 103 -6.09 -1.01 12.50
CA LEU A 103 -5.18 -2.10 12.14
C LEU A 103 -5.48 -3.35 12.99
N TYR A 104 -5.36 -4.52 12.39
CA TYR A 104 -5.52 -5.83 13.00
C TYR A 104 -4.53 -6.82 12.36
N GLN A 105 -4.00 -7.73 13.17
CA GLN A 105 -3.22 -8.89 12.72
C GLN A 105 -3.60 -10.12 13.56
N ASP A 106 -2.83 -11.20 13.49
CA ASP A 106 -3.03 -12.37 14.32
C ASP A 106 -3.00 -12.00 15.82
N GLY A 107 -4.06 -12.39 16.54
CA GLY A 107 -4.24 -12.12 17.96
C GLY A 107 -4.29 -10.63 18.38
N SER A 108 -4.35 -9.67 17.45
CA SER A 108 -4.04 -8.26 17.74
C SER A 108 -4.90 -7.27 16.97
N SER A 109 -5.29 -6.16 17.61
CA SER A 109 -6.17 -5.13 17.04
C SER A 109 -6.01 -3.78 17.74
N ILE A 110 -5.92 -2.69 16.97
CA ILE A 110 -5.77 -1.32 17.45
C ILE A 110 -6.57 -0.34 16.56
N ARG A 111 -7.04 0.76 17.16
CA ARG A 111 -7.56 1.93 16.43
C ARG A 111 -7.04 3.23 17.02
N GLY A 112 -7.12 4.31 16.23
CA GLY A 112 -6.84 5.68 16.65
C GLY A 112 -7.43 6.68 15.65
N ASN A 113 -6.75 7.81 15.44
CA ASN A 113 -6.95 8.60 14.22
C ASN A 113 -5.91 8.25 13.14
N THR A 114 -4.69 7.91 13.54
CA THR A 114 -3.54 7.60 12.67
C THR A 114 -2.79 6.39 13.22
N LEU A 115 -2.32 5.50 12.34
CA LEU A 115 -1.55 4.29 12.66
C LEU A 115 -0.43 4.10 11.63
N LYS A 116 0.57 3.27 11.94
CA LYS A 116 1.60 2.85 10.97
C LYS A 116 1.92 1.37 11.16
N TYR A 117 2.26 0.69 10.08
CA TYR A 117 2.49 -0.75 10.04
C TYR A 117 3.98 -1.10 9.90
N SER A 118 4.33 -2.36 10.12
CA SER A 118 5.67 -2.92 9.96
C SER A 118 5.61 -4.24 9.19
N MET A 119 6.28 -4.33 8.03
CA MET A 119 6.43 -5.59 7.28
C MET A 119 7.56 -6.48 7.85
N ASN A 120 7.58 -6.59 9.18
CA ASN A 120 8.52 -7.37 9.98
C ASN A 120 7.82 -7.74 11.30
N LYS A 121 8.08 -7.02 12.40
CA LYS A 121 7.26 -7.04 13.62
C LYS A 121 7.32 -5.71 14.38
N GLY A 122 6.22 -5.40 15.07
CA GLY A 122 6.08 -4.29 16.01
C GLY A 122 5.13 -4.68 17.15
N ASP A 123 5.51 -4.36 18.38
CA ASP A 123 4.93 -4.92 19.61
C ASP A 123 3.64 -4.17 20.04
N VAL A 124 2.67 -4.12 19.13
CA VAL A 124 1.52 -3.22 19.15
C VAL A 124 0.64 -3.34 20.40
N GLU A 125 0.18 -2.19 20.89
CA GLU A 125 -0.32 -1.97 22.25
C GLU A 125 -1.73 -1.35 22.32
N ALA A 126 -2.14 -0.88 23.50
CA ALA A 126 -3.26 0.04 23.68
C ALA A 126 -2.93 1.03 24.82
N GLN A 127 -3.29 2.31 24.65
CA GLN A 127 -3.12 3.36 25.66
C GLN A 127 -4.13 4.50 25.42
N GLY A 128 -4.58 5.18 26.47
CA GLY A 128 -5.49 6.33 26.37
C GLY A 128 -6.16 6.68 27.69
N SER A 129 -6.53 7.96 27.87
CA SER A 129 -7.17 8.49 29.08
C SER A 129 -8.05 9.70 28.78
N SER A 130 -9.27 9.73 29.34
CA SER A 130 -10.16 10.89 29.31
C SER A 130 -10.00 11.74 30.57
N SER A 131 -10.12 13.06 30.45
CA SER A 131 -9.95 14.03 31.53
C SER A 131 -11.16 14.95 31.70
N ASN A 132 -11.30 15.53 32.89
CA ASN A 132 -12.23 16.62 33.18
C ASN A 132 -11.67 18.00 32.74
N ARG A 133 -12.43 19.06 33.05
CA ARG A 133 -11.95 20.43 33.20
C ARG A 133 -12.22 20.93 34.63
N ILE B 3 9.66 -4.91 -14.90
CA ILE B 3 8.51 -4.09 -14.47
C ILE B 3 7.55 -3.90 -15.65
N THR B 4 6.29 -4.26 -15.42
CA THR B 4 5.27 -4.43 -16.47
C THR B 4 3.97 -3.73 -16.05
N TYR B 5 3.24 -3.12 -16.98
CA TYR B 5 2.05 -2.30 -16.70
C TYR B 5 0.91 -2.66 -17.67
N ASN B 7 -3.33 -2.71 -18.97
CA ASN B 7 -4.52 -1.85 -19.03
C ASN B 7 -5.76 -2.67 -19.44
N ARG B 8 -6.71 -2.84 -18.51
CA ARG B 8 -7.81 -3.83 -18.67
C ARG B 8 -8.85 -3.48 -19.74
N THR B 10 -8.13 -1.59 -22.76
CA THR B 10 -7.43 -1.76 -24.06
C THR B 10 -6.86 -3.17 -24.26
N LYS B 12 -4.25 -4.99 -23.07
CA LYS B 12 -2.83 -5.17 -23.41
C LYS B 12 -1.89 -4.56 -22.36
N CYS B 13 -0.66 -5.04 -22.36
CA CYS B 13 0.41 -4.56 -21.51
C CYS B 13 1.28 -3.52 -22.22
N ARG B 15 5.07 -0.71 -21.24
CA ARG B 15 6.28 -0.44 -20.46
C ARG B 15 6.24 0.85 -19.62
N TYR B 16 7.30 1.05 -18.82
CA TYR B 16 7.82 2.31 -18.27
C TYR B 16 9.33 2.46 -18.61
N GLY A 1 25.79 0.55 -22.13
CA GLY A 1 24.58 0.01 -21.49
C GLY A 1 24.84 -0.20 -20.01
N LEU A 2 23.85 -0.68 -19.27
CA LEU A 2 23.92 -0.97 -17.83
C LEU A 2 23.00 -2.15 -17.49
N PRO A 3 23.23 -2.89 -16.38
CA PRO A 3 22.29 -3.90 -15.90
C PRO A 3 21.00 -3.27 -15.35
N SER A 4 19.90 -4.03 -15.37
CA SER A 4 18.61 -3.68 -14.75
C SER A 4 17.80 -4.95 -14.50
N ASP A 5 16.83 -4.92 -13.59
CA ASP A 5 16.13 -6.13 -13.15
C ASP A 5 15.24 -6.74 -14.24
N ARG A 6 15.17 -8.08 -14.24
CA ARG A 6 14.48 -8.92 -15.24
C ARG A 6 13.43 -9.87 -14.65
N ASN A 7 13.64 -10.32 -13.41
CA ASN A 7 12.72 -11.13 -12.62
C ASN A 7 12.57 -10.59 -11.17
N GLN A 8 12.88 -9.30 -10.96
CA GLN A 8 12.81 -8.61 -9.65
C GLN A 8 11.94 -7.33 -9.70
N GLN A 9 11.15 -7.16 -10.77
CA GLN A 9 10.24 -6.02 -10.98
C GLN A 9 8.97 -6.12 -10.13
N ILE A 10 8.27 -4.98 -10.00
CA ILE A 10 6.93 -4.89 -9.41
C ILE A 10 5.87 -5.04 -10.51
N SER A 11 4.65 -5.49 -10.19
CA SER A 11 3.52 -5.60 -11.13
C SER A 11 2.28 -4.84 -10.64
N LEU A 12 1.48 -4.26 -11.54
CA LEU A 12 0.16 -3.72 -11.23
C LEU A 12 -0.89 -3.98 -12.33
N VAL A 13 -2.16 -3.99 -11.92
CA VAL A 13 -3.32 -4.06 -12.82
C VAL A 13 -4.37 -3.02 -12.46
N ALA A 14 -4.93 -2.35 -13.48
CA ALA A 14 -5.91 -1.29 -13.33
C ALA A 14 -6.99 -1.30 -14.44
N ASP A 15 -8.13 -0.64 -14.23
CA ASP A 15 -9.10 -0.38 -15.31
C ASP A 15 -8.64 0.76 -16.23
N ARG A 16 -7.95 1.75 -15.65
CA ARG A 16 -7.05 2.70 -16.32
C ARG A 16 -5.90 3.09 -15.38
N ALA A 17 -4.73 3.30 -15.95
CA ALA A 17 -3.75 4.26 -15.42
C ALA A 17 -3.96 5.64 -16.08
N THR A 18 -3.51 6.69 -15.40
CA THR A 18 -3.36 8.06 -15.92
C THR A 18 -2.15 8.70 -15.24
N TYR A 19 -1.62 9.79 -15.80
CA TYR A 19 -0.32 10.33 -15.40
C TYR A 19 -0.22 11.84 -15.60
N ASN A 20 0.84 12.44 -15.06
CA ASN A 20 1.17 13.83 -15.36
C ASN A 20 2.70 14.05 -15.27
N GLU A 21 3.43 13.73 -16.33
CA GLU A 21 4.91 13.82 -16.39
C GLU A 21 5.47 15.19 -16.00
N LYS A 22 4.73 16.27 -16.27
CA LYS A 22 4.98 17.65 -15.78
C LYS A 22 4.91 17.84 -14.25
N THR A 23 4.68 16.78 -13.49
CA THR A 23 4.91 16.66 -12.03
C THR A 23 5.27 15.21 -11.62
N GLY A 24 5.69 14.37 -12.57
CA GLY A 24 6.02 12.94 -12.38
C GLY A 24 4.86 11.97 -12.12
N LEU A 25 3.83 12.37 -11.35
CA LEU A 25 2.82 11.50 -10.74
C LEU A 25 2.12 10.52 -11.70
N THR A 26 1.72 9.37 -11.14
CA THR A 26 0.84 8.37 -11.77
C THR A 26 -0.37 8.08 -10.88
N THR A 27 -1.53 7.80 -11.47
CA THR A 27 -2.78 7.52 -10.77
C THR A 27 -3.52 6.38 -11.46
N TYR A 28 -4.25 5.56 -10.70
CA TYR A 28 -4.90 4.32 -11.15
C TYR A 28 -6.32 4.26 -10.56
N THR A 29 -7.33 3.81 -11.31
CA THR A 29 -8.76 3.80 -10.88
C THR A 29 -9.57 2.62 -11.42
N GLY A 30 -10.66 2.26 -10.72
CA GLY A 30 -11.68 1.30 -11.16
C GLY A 30 -11.52 -0.11 -10.56
N ASN A 31 -11.19 -0.20 -9.28
CA ASN A 31 -10.62 -1.39 -8.61
C ASN A 31 -9.27 -1.81 -9.23
N VAL A 32 -8.19 -1.51 -8.51
CA VAL A 32 -6.81 -1.60 -8.99
C VAL A 32 -5.88 -2.12 -7.89
N VAL A 33 -4.77 -2.73 -8.26
CA VAL A 33 -3.80 -3.27 -7.30
C VAL A 33 -2.38 -3.23 -7.85
N ILE A 34 -1.43 -2.87 -6.98
CA ILE A 34 0.01 -3.10 -7.17
C ILE A 34 0.46 -4.24 -6.24
N GLU A 35 1.16 -5.21 -6.81
CA GLU A 35 1.20 -6.59 -6.32
C GLU A 35 2.57 -7.22 -6.56
N GLN A 36 3.09 -7.94 -5.56
CA GLN A 36 4.41 -8.57 -5.62
C GLN A 36 4.50 -9.83 -4.73
N GLY A 37 3.43 -10.63 -4.70
CA GLY A 37 3.31 -11.83 -3.86
C GLY A 37 2.55 -11.54 -2.56
N THR A 38 3.23 -11.53 -1.42
CA THR A 38 2.61 -11.38 -0.08
C THR A 38 2.00 -10.01 0.21
N MET A 39 2.19 -9.01 -0.67
CA MET A 39 1.62 -7.66 -0.56
C MET A 39 0.47 -7.47 -1.55
N LYS A 40 -0.74 -7.25 -1.03
CA LYS A 40 -1.96 -6.92 -1.78
C LYS A 40 -2.30 -5.44 -1.58
N LEU A 41 -1.59 -4.54 -2.28
CA LEU A 41 -1.80 -3.09 -2.17
C LEU A 41 -2.98 -2.67 -3.07
N GLN A 42 -4.18 -3.17 -2.73
CA GLN A 42 -5.41 -3.09 -3.54
C GLN A 42 -6.39 -2.03 -3.01
N ALA A 43 -7.04 -1.31 -3.92
CA ALA A 43 -8.05 -0.29 -3.62
C ALA A 43 -9.08 -0.20 -4.78
N ASP A 44 -10.03 0.73 -4.74
CA ASP A 44 -10.59 1.27 -5.99
C ASP A 44 -9.48 1.97 -6.78
N SER A 45 -8.78 2.88 -6.11
CA SER A 45 -7.82 3.77 -6.76
C SER A 45 -6.55 3.98 -5.95
N ILE A 46 -5.45 4.18 -6.67
CA ILE A 46 -4.08 4.35 -6.15
C ILE A 46 -3.47 5.59 -6.79
N VAL A 47 -2.63 6.31 -6.05
CA VAL A 47 -1.78 7.41 -6.54
C VAL A 47 -0.33 7.09 -6.19
N ALA A 48 0.59 7.38 -7.10
CA ALA A 48 2.02 7.14 -7.00
C ALA A 48 2.81 8.44 -7.26
N THR A 49 3.71 8.76 -6.33
CA THR A 49 4.59 9.94 -6.35
C THR A 49 6.05 9.48 -6.49
N LEU A 50 6.79 10.07 -7.42
CA LEU A 50 8.07 9.54 -7.91
C LEU A 50 9.18 10.59 -7.97
N ASN A 51 10.39 10.15 -8.32
CA ASN A 51 11.60 10.97 -8.26
C ASN A 51 12.36 10.97 -9.60
N SER A 52 13.43 11.76 -9.72
CA SER A 52 14.25 11.84 -10.96
C SER A 52 15.00 10.54 -11.33
N LYS A 53 14.98 9.52 -10.46
CA LYS A 53 15.33 8.12 -10.76
C LYS A 53 14.26 7.38 -11.61
N ARG A 54 13.18 8.06 -12.03
CA ARG A 54 11.90 7.54 -12.60
C ARG A 54 11.07 6.68 -11.64
N GLU A 55 11.73 5.94 -10.74
CA GLU A 55 11.11 5.10 -9.73
C GLU A 55 10.35 5.89 -8.65
N ILE A 56 9.37 5.22 -8.04
CA ILE A 56 8.43 5.73 -7.03
C ILE A 56 9.13 6.00 -5.68
N GLN A 57 8.50 6.80 -4.82
CA GLN A 57 8.89 7.04 -3.43
C GLN A 57 7.70 6.88 -2.45
N THR A 58 6.57 7.52 -2.74
CA THR A 58 5.40 7.54 -1.86
C THR A 58 4.13 7.20 -2.65
N ILE A 59 3.20 6.48 -2.03
CA ILE A 59 1.98 5.94 -2.63
C ILE A 59 0.79 6.28 -1.73
N THR A 60 -0.44 6.36 -2.26
CA THR A 60 -1.67 6.66 -1.51
C THR A 60 -2.85 5.89 -2.10
N ALA A 61 -3.77 5.43 -1.25
CA ALA A 61 -4.87 4.52 -1.61
C ALA A 61 -6.26 5.08 -1.27
N LYS A 62 -7.26 4.75 -2.10
CA LYS A 62 -8.56 5.45 -2.16
C LYS A 62 -9.75 4.51 -2.44
N GLY A 63 -10.89 4.87 -1.83
CA GLY A 63 -12.22 4.38 -2.22
C GLY A 63 -12.75 3.24 -1.36
N ARG A 64 -13.45 2.29 -2.00
CA ARG A 64 -14.01 1.08 -1.39
C ARG A 64 -13.64 -0.14 -2.25
N PRO A 65 -12.65 -0.96 -1.85
CA PRO A 65 -11.75 -0.79 -0.69
C PRO A 65 -10.85 0.46 -0.82
N SER A 66 -10.41 1.01 0.31
CA SER A 66 -9.21 1.89 0.39
C SER A 66 -7.96 1.13 0.83
N LYS A 67 -8.15 -0.10 1.33
CA LYS A 67 -7.25 -0.83 2.24
C LYS A 67 -6.46 -1.96 1.55
N PHE A 68 -5.18 -2.03 1.87
CA PHE A 68 -4.30 -3.14 1.51
C PHE A 68 -4.59 -4.42 2.33
N GLN A 69 -3.89 -5.50 1.98
CA GLN A 69 -3.66 -6.68 2.83
C GLN A 69 -2.21 -7.17 2.70
N GLN A 70 -1.75 -7.88 3.74
CA GLN A 70 -0.49 -8.62 3.77
C GLN A 70 -0.71 -10.00 4.41
N GLN A 71 0.14 -11.00 4.10
CA GLN A 71 0.26 -12.24 4.87
C GLN A 71 1.41 -12.18 5.91
N ILE A 72 1.18 -12.72 7.11
CA ILE A 72 2.19 -12.79 8.19
C ILE A 72 2.86 -14.17 8.26
N SER A 73 2.09 -15.25 8.15
CA SER A 73 2.58 -16.63 7.96
C SER A 73 1.49 -17.49 7.31
N ALA A 74 1.77 -18.76 7.01
CA ALA A 74 0.82 -19.64 6.32
C ALA A 74 -0.45 -19.97 7.15
N ASP A 75 -0.38 -19.91 8.48
CA ASP A 75 -1.52 -20.11 9.40
C ASP A 75 -2.21 -18.79 9.76
N LYS A 76 -1.43 -17.79 10.20
CA LYS A 76 -1.84 -16.38 10.38
C LYS A 76 -1.78 -15.66 9.02
N GLY A 77 -2.68 -16.10 8.14
CA GLY A 77 -2.68 -15.83 6.71
C GLY A 77 -2.92 -14.38 6.28
N ILE A 78 -3.34 -13.48 7.19
CA ILE A 78 -3.80 -12.13 6.87
C ILE A 78 -3.41 -11.06 7.91
N ALA A 79 -3.22 -9.84 7.43
CA ALA A 79 -3.17 -8.57 8.16
C ALA A 79 -3.71 -7.44 7.27
N ARG A 80 -4.21 -6.36 7.89
CA ARG A 80 -4.87 -5.21 7.23
C ARG A 80 -4.45 -3.89 7.88
N GLY A 81 -4.61 -2.78 7.15
CA GLY A 81 -4.68 -1.42 7.70
C GLY A 81 -5.68 -0.58 6.91
N GLU A 82 -6.48 0.21 7.62
CA GLU A 82 -7.73 0.83 7.14
C GLU A 82 -7.90 2.28 7.65
N GLY A 83 -8.81 3.02 7.01
CA GLY A 83 -9.12 4.42 7.30
C GLY A 83 -9.67 5.15 6.06
N GLN A 84 -9.96 6.45 6.21
CA GLN A 84 -10.34 7.34 5.10
C GLN A 84 -9.14 8.07 4.46
N THR A 85 -7.91 7.78 4.89
CA THR A 85 -6.66 8.31 4.34
C THR A 85 -5.55 7.28 4.59
N ILE A 86 -4.97 6.73 3.53
CA ILE A 86 -4.01 5.62 3.60
C ILE A 86 -2.83 5.95 2.68
N VAL A 87 -1.65 6.12 3.28
CA VAL A 87 -0.40 6.53 2.60
C VAL A 87 0.69 5.50 2.85
N TYR A 88 1.53 5.25 1.85
CA TYR A 88 2.58 4.24 1.85
C TYR A 88 3.91 4.89 1.45
N ASN A 89 4.78 5.06 2.43
CA ASN A 89 6.14 5.57 2.25
C ASN A 89 7.04 4.39 1.85
N ALA A 90 6.94 3.94 0.60
CA ALA A 90 7.75 2.84 0.05
C ALA A 90 9.26 3.11 0.20
N ASP A 91 9.64 4.39 0.06
CA ASP A 91 10.77 5.12 0.70
C ASP A 91 11.43 4.43 1.92
N THR A 92 10.63 4.02 2.90
CA THR A 92 11.06 3.35 4.15
C THR A 92 10.21 2.10 4.45
N GLY A 93 9.43 1.61 3.49
CA GLY A 93 8.52 0.46 3.60
C GLY A 93 7.27 0.66 4.49
N ILE A 94 7.07 1.82 5.13
CA ILE A 94 6.00 2.02 6.12
C ILE A 94 4.68 2.47 5.47
N ILE A 95 3.57 1.83 5.87
CA ILE A 95 2.20 2.28 5.59
C ILE A 95 1.67 3.05 6.82
N THR A 96 1.02 4.19 6.60
CA THR A 96 0.40 5.04 7.62
C THR A 96 -1.08 5.27 7.29
N LEU A 97 -1.91 5.20 8.32
CA LEU A 97 -3.37 5.15 8.30
C LEU A 97 -3.93 6.37 9.06
N SER A 98 -4.96 7.04 8.54
CA SER A 98 -5.54 8.26 9.11
C SER A 98 -7.04 8.42 8.81
N GLY A 99 -7.71 9.20 9.66
CA GLY A 99 -9.15 9.42 9.66
C GLY A 99 -9.95 8.14 9.90
N GLY A 100 -10.26 7.83 11.16
CA GLY A 100 -10.81 6.54 11.55
C GLY A 100 -9.83 5.38 11.30
N ALA A 101 -8.55 5.59 11.63
CA ALA A 101 -7.47 4.67 11.32
C ALA A 101 -7.61 3.34 12.06
N TYR A 102 -7.21 2.24 11.43
CA TYR A 102 -7.34 0.89 11.98
C TYR A 102 -6.22 -0.04 11.50
N LEU A 103 -5.88 -1.06 12.30
CA LEU A 103 -4.90 -2.11 11.96
C LEU A 103 -5.38 -3.44 12.55
N TYR A 104 -5.43 -4.50 11.74
CA TYR A 104 -5.73 -5.88 12.13
C TYR A 104 -4.54 -6.79 11.80
N GLN A 105 -4.19 -7.68 12.71
CA GLN A 105 -3.06 -8.62 12.53
C GLN A 105 -3.44 -10.01 13.07
N ASP A 106 -2.47 -10.79 13.57
CA ASP A 106 -2.80 -11.98 14.36
C ASP A 106 -3.42 -11.58 15.70
N GLY A 107 -4.29 -12.42 16.27
CA GLY A 107 -5.00 -12.16 17.53
C GLY A 107 -6.15 -11.15 17.45
N SER A 108 -5.87 -9.85 17.29
CA SER A 108 -6.87 -8.77 17.36
C SER A 108 -6.51 -7.52 16.51
N SER A 109 -7.13 -6.38 16.82
CA SER A 109 -7.04 -5.14 16.05
C SER A 109 -7.25 -3.86 16.89
N ILE A 110 -6.69 -2.75 16.42
CA ILE A 110 -6.67 -1.43 17.05
C ILE A 110 -7.39 -0.41 16.16
N ARG A 111 -8.14 0.55 16.76
CA ARG A 111 -8.69 1.73 16.07
C ARG A 111 -8.29 3.05 16.73
N GLY A 112 -8.11 4.10 15.93
CA GLY A 112 -7.67 5.43 16.37
C GLY A 112 -7.44 6.41 15.21
N ASN A 113 -6.29 7.08 15.21
CA ASN A 113 -5.83 7.98 14.15
C ASN A 113 -4.29 7.94 14.02
N THR A 114 -3.74 8.47 12.93
CA THR A 114 -2.28 8.67 12.74
C THR A 114 -1.43 7.41 13.02
N LEU A 115 -2.00 6.24 12.71
CA LEU A 115 -1.48 4.91 13.04
C LEU A 115 -0.55 4.43 11.92
N LYS A 116 0.45 3.59 12.21
CA LYS A 116 1.40 3.07 11.22
C LYS A 116 1.57 1.56 11.36
N TYR A 117 1.82 0.90 10.24
CA TYR A 117 1.85 -0.56 10.12
C TYR A 117 3.24 -1.16 10.41
N SER A 118 3.25 -2.40 10.92
CA SER A 118 4.45 -3.21 11.12
C SER A 118 4.21 -4.65 10.64
N MET A 119 5.16 -5.22 9.88
CA MET A 119 5.12 -6.63 9.50
C MET A 119 5.43 -7.55 10.70
N ASN A 120 6.32 -7.13 11.59
CA ASN A 120 6.54 -7.79 12.88
C ASN A 120 5.31 -7.53 13.76
N LYS A 121 4.62 -8.59 14.20
CA LYS A 121 3.30 -8.48 14.82
C LYS A 121 3.29 -7.60 16.08
N GLY A 122 2.31 -6.71 16.18
CA GLY A 122 2.03 -5.91 17.37
C GLY A 122 0.72 -6.31 18.02
N ASP A 123 0.75 -6.68 19.29
CA ASP A 123 -0.39 -7.19 20.08
C ASP A 123 -1.35 -6.07 20.54
N VAL A 124 -1.72 -5.16 19.63
CA VAL A 124 -2.38 -3.89 19.97
C VAL A 124 -3.88 -3.95 19.71
N GLU A 125 -4.66 -3.62 20.74
CA GLU A 125 -6.10 -3.34 20.66
C GLU A 125 -6.43 -2.05 21.42
N ALA A 126 -7.42 -1.31 20.93
CA ALA A 126 -8.22 -0.41 21.75
C ALA A 126 -9.67 -0.41 21.24
N GLN A 127 -10.61 -0.46 22.18
CA GLN A 127 -12.05 -0.42 21.94
C GLN A 127 -12.69 0.75 22.70
N GLY A 128 -13.94 1.08 22.36
CA GLY A 128 -14.50 2.43 22.61
C GLY A 128 -14.20 3.38 21.45
N SER A 129 -14.37 4.69 21.68
CA SER A 129 -14.54 5.68 20.60
C SER A 129 -13.72 6.96 20.83
N SER A 130 -12.83 7.32 19.89
CA SER A 130 -12.05 8.58 19.94
C SER A 130 -12.85 9.81 19.49
N SER A 131 -13.92 9.62 18.72
CA SER A 131 -15.12 10.46 18.72
C SER A 131 -16.32 9.53 18.63
N ASN A 132 -17.45 9.93 19.18
CA ASN A 132 -18.74 9.25 18.98
C ASN A 132 -19.78 10.19 18.31
N ARG A 133 -19.28 11.24 17.63
CA ARG A 133 -20.01 12.24 16.85
C ARG A 133 -19.12 12.68 15.67
N ILE B 3 8.88 -1.33 -12.94
CA ILE B 3 7.50 -1.71 -12.65
C ILE B 3 6.74 -1.97 -13.96
N THR B 4 6.01 -3.08 -14.01
CA THR B 4 5.13 -3.48 -15.12
C THR B 4 3.68 -3.18 -14.80
N TYR B 5 2.99 -2.51 -15.72
CA TYR B 5 1.56 -2.17 -15.67
C TYR B 5 0.85 -2.91 -16.79
N ASN B 7 -3.18 -3.11 -18.33
CA ASN B 7 -4.51 -2.50 -18.26
C ASN B 7 -5.62 -3.52 -18.51
N ARG B 8 -6.42 -3.79 -17.46
CA ARG B 8 -7.52 -4.76 -17.43
C ARG B 8 -8.52 -4.51 -18.56
N THR B 10 -8.35 -2.70 -21.51
CA THR B 10 -7.86 -2.62 -22.90
C THR B 10 -6.88 -3.75 -23.26
N LYS B 12 -3.70 -4.37 -22.93
CA LYS B 12 -2.30 -4.03 -23.24
C LYS B 12 -1.49 -3.76 -21.97
N CYS B 13 -0.16 -3.78 -22.08
CA CYS B 13 0.77 -3.60 -20.96
C CYS B 13 1.95 -2.70 -21.33
N ARG B 15 6.19 -1.67 -19.31
CA ARG B 15 7.03 -1.14 -18.23
C ARG B 15 6.87 0.39 -18.18
N TYR B 16 6.83 0.98 -16.98
CA TYR B 16 6.82 2.44 -16.80
C TYR B 16 8.20 3.05 -16.98
N GLY A 1 28.52 -5.38 -16.45
CA GLY A 1 28.19 -6.78 -16.80
C GLY A 1 26.69 -6.91 -17.00
N LEU A 2 26.16 -8.13 -17.10
CA LEU A 2 24.71 -8.36 -17.10
C LEU A 2 24.12 -8.02 -15.71
N PRO A 3 22.87 -7.51 -15.63
CA PRO A 3 22.28 -7.07 -14.37
C PRO A 3 21.84 -8.23 -13.46
N SER A 4 21.72 -7.92 -12.16
CA SER A 4 20.99 -8.73 -11.16
C SER A 4 19.49 -8.77 -11.49
N ASP A 5 18.88 -7.59 -11.57
CA ASP A 5 17.43 -7.40 -11.62
C ASP A 5 16.88 -7.56 -13.05
N ARG A 6 17.03 -8.80 -13.52
CA ARG A 6 16.82 -9.30 -14.89
C ARG A 6 15.52 -10.11 -15.02
N ASN A 7 15.20 -10.85 -13.96
CA ASN A 7 13.93 -11.59 -13.77
C ASN A 7 13.06 -10.95 -12.67
N GLN A 8 13.61 -9.99 -11.92
CA GLN A 8 12.92 -9.15 -10.93
C GLN A 8 11.90 -8.23 -11.61
N GLN A 9 10.73 -8.03 -10.97
CA GLN A 9 9.82 -6.92 -11.31
C GLN A 9 8.82 -6.60 -10.19
N ILE A 10 8.08 -5.51 -10.36
CA ILE A 10 6.75 -5.27 -9.78
C ILE A 10 5.73 -5.31 -10.93
N SER A 11 4.50 -5.77 -10.69
CA SER A 11 3.43 -5.80 -11.71
C SER A 11 2.14 -5.16 -11.21
N LEU A 12 1.47 -4.36 -12.04
CA LEU A 12 0.15 -3.80 -11.75
C LEU A 12 -0.80 -3.92 -12.95
N VAL A 13 -2.10 -4.05 -12.65
CA VAL A 13 -3.20 -4.01 -13.62
C VAL A 13 -4.12 -2.82 -13.33
N ALA A 14 -4.52 -2.09 -14.38
CA ALA A 14 -5.39 -0.91 -14.26
C ALA A 14 -6.22 -0.67 -15.54
N ASP A 15 -7.28 0.15 -15.45
CA ASP A 15 -8.15 0.51 -16.60
C ASP A 15 -7.83 1.91 -17.14
N ARG A 16 -8.05 2.94 -16.32
CA ARG A 16 -7.99 4.36 -16.71
C ARG A 16 -6.90 5.12 -15.95
N ALA A 17 -5.79 4.42 -15.69
CA ALA A 17 -4.60 4.96 -15.06
C ALA A 17 -4.13 6.24 -15.77
N THR A 18 -4.14 7.34 -15.03
CA THR A 18 -3.85 8.69 -15.52
C THR A 18 -2.47 9.08 -15.00
N TYR A 19 -1.53 9.29 -15.92
CA TYR A 19 -0.09 9.44 -15.64
C TYR A 19 0.48 10.53 -16.55
N ASN A 20 1.34 11.41 -16.03
CA ASN A 20 1.75 12.60 -16.79
C ASN A 20 3.23 13.01 -16.58
N GLU A 21 4.03 12.71 -17.62
CA GLU A 21 5.46 13.01 -17.72
C GLU A 21 5.82 14.49 -17.56
N LYS A 22 4.89 15.42 -17.85
CA LYS A 22 5.12 16.87 -17.68
C LYS A 22 5.34 17.30 -16.21
N THR A 23 5.02 16.44 -15.24
CA THR A 23 5.01 16.78 -13.81
C THR A 23 5.24 15.60 -12.86
N GLY A 24 5.33 14.36 -13.34
CA GLY A 24 5.63 13.18 -12.50
C GLY A 24 4.49 12.69 -11.60
N LEU A 25 3.26 13.18 -11.78
CA LEU A 25 2.07 12.73 -11.04
C LEU A 25 1.39 11.54 -11.72
N THR A 26 0.74 10.68 -10.95
CA THR A 26 -0.01 9.52 -11.45
C THR A 26 -1.17 9.13 -10.50
N THR A 27 -2.23 8.56 -11.05
CA THR A 27 -3.20 7.73 -10.30
C THR A 27 -3.65 6.56 -11.16
N TYR A 28 -3.38 5.34 -10.70
CA TYR A 28 -3.91 4.10 -11.27
C TYR A 28 -5.36 3.92 -10.80
N THR A 29 -6.25 3.37 -11.63
CA THR A 29 -7.71 3.28 -11.38
C THR A 29 -8.31 2.01 -11.99
N GLY A 30 -9.49 1.60 -11.50
CA GLY A 30 -10.23 0.44 -12.01
C GLY A 30 -9.77 -0.88 -11.36
N ASN A 31 -10.30 -1.17 -10.16
CA ASN A 31 -10.09 -2.41 -9.41
C ASN A 31 -8.60 -2.80 -9.23
N VAL A 32 -7.67 -1.84 -9.08
CA VAL A 32 -6.24 -2.13 -9.17
C VAL A 32 -5.70 -2.97 -7.98
N VAL A 33 -4.77 -3.87 -8.32
CA VAL A 33 -4.01 -4.69 -7.37
C VAL A 33 -2.52 -4.58 -7.73
N ILE A 34 -1.68 -4.41 -6.71
CA ILE A 34 -0.22 -4.40 -6.81
C ILE A 34 0.38 -5.01 -5.54
N GLU A 35 1.47 -5.76 -5.67
CA GLU A 35 2.29 -6.14 -4.50
C GLU A 35 3.76 -6.37 -4.86
N GLN A 36 4.58 -6.47 -3.81
CA GLN A 36 5.83 -7.22 -3.76
C GLN A 36 6.05 -7.65 -2.30
N GLY A 37 6.81 -8.71 -2.04
CA GLY A 37 7.09 -9.17 -0.67
C GLY A 37 5.84 -9.51 0.17
N THR A 38 4.77 -10.02 -0.46
CA THR A 38 3.43 -10.28 0.12
C THR A 38 2.61 -9.04 0.48
N MET A 39 3.07 -7.84 0.13
CA MET A 39 2.44 -6.56 0.49
C MET A 39 1.21 -6.28 -0.40
N LYS A 40 0.18 -7.09 -0.21
CA LYS A 40 -1.11 -7.13 -0.92
C LYS A 40 -1.87 -5.80 -0.83
N LEU A 41 -1.52 -4.84 -1.69
CA LEU A 41 -2.19 -3.55 -1.80
C LEU A 41 -3.26 -3.62 -2.91
N GLN A 42 -4.53 -3.58 -2.49
CA GLN A 42 -5.68 -3.75 -3.38
C GLN A 42 -6.78 -2.71 -3.08
N ALA A 43 -7.30 -2.09 -4.14
CA ALA A 43 -8.23 -0.96 -4.09
C ALA A 43 -9.09 -0.88 -5.37
N ASP A 44 -9.78 0.24 -5.61
CA ASP A 44 -10.01 0.65 -7.01
C ASP A 44 -8.78 1.38 -7.56
N SER A 45 -8.23 2.31 -6.78
CA SER A 45 -7.29 3.31 -7.26
C SER A 45 -6.11 3.54 -6.30
N ILE A 46 -4.96 3.87 -6.88
CA ILE A 46 -3.68 4.12 -6.20
C ILE A 46 -3.07 5.40 -6.78
N VAL A 47 -2.98 6.44 -5.96
CA VAL A 47 -2.30 7.71 -6.25
C VAL A 47 -0.79 7.53 -6.05
N ALA A 48 0.04 8.07 -6.95
CA ALA A 48 1.50 7.99 -6.88
C ALA A 48 2.17 9.23 -7.48
N THR A 49 3.41 9.53 -7.06
CA THR A 49 4.27 10.52 -7.75
C THR A 49 5.71 10.02 -7.85
N LEU A 50 6.42 10.37 -8.93
CA LEU A 50 7.81 9.96 -9.18
C LEU A 50 8.79 11.13 -9.21
N ASN A 51 10.04 10.83 -8.87
CA ASN A 51 11.16 11.77 -8.90
C ASN A 51 12.01 11.61 -10.18
N SER A 52 13.02 12.47 -10.36
CA SER A 52 13.90 12.48 -11.54
C SER A 52 14.61 11.15 -11.83
N LYS A 53 15.00 10.37 -10.81
CA LYS A 53 15.60 9.02 -10.99
C LYS A 53 14.57 7.93 -11.34
N ARG A 54 13.35 8.33 -11.69
CA ARG A 54 12.19 7.51 -12.09
C ARG A 54 11.82 6.46 -11.05
N GLU A 55 11.70 6.90 -9.80
CA GLU A 55 11.33 6.07 -8.67
C GLU A 55 10.25 6.77 -7.83
N ILE A 56 9.33 5.99 -7.25
CA ILE A 56 8.09 6.51 -6.65
C ILE A 56 8.38 7.05 -5.24
N GLN A 57 8.03 8.31 -4.99
CA GLN A 57 8.42 9.04 -3.77
C GLN A 57 7.32 9.11 -2.70
N THR A 58 6.06 8.81 -3.04
CA THR A 58 4.93 8.64 -2.11
C THR A 58 3.74 7.99 -2.84
N ILE A 59 2.90 7.22 -2.12
CA ILE A 59 1.76 6.47 -2.65
C ILE A 59 0.57 6.57 -1.67
N THR A 60 -0.68 6.68 -2.17
CA THR A 60 -1.92 6.72 -1.36
C THR A 60 -3.06 5.93 -2.01
N ALA A 61 -3.81 5.13 -1.24
CA ALA A 61 -4.85 4.22 -1.75
C ALA A 61 -6.30 4.71 -1.52
N LYS A 62 -7.19 4.46 -2.50
CA LYS A 62 -8.64 4.78 -2.42
C LYS A 62 -9.48 3.72 -3.17
N GLY A 63 -10.55 3.22 -2.55
CA GLY A 63 -11.42 2.22 -3.18
C GLY A 63 -12.55 1.72 -2.26
N ARG A 64 -13.31 0.73 -2.76
CA ARG A 64 -14.36 0.01 -2.01
C ARG A 64 -14.20 -1.50 -2.25
N PRO A 65 -13.34 -2.22 -1.49
CA PRO A 65 -12.51 -1.76 -0.38
C PRO A 65 -11.28 -0.94 -0.83
N SER A 66 -10.62 -0.31 0.14
CA SER A 66 -9.37 0.47 0.01
C SER A 66 -8.18 -0.21 0.71
N LYS A 67 -8.36 -1.44 1.20
CA LYS A 67 -7.65 -1.97 2.36
C LYS A 67 -6.63 -3.03 1.96
N PHE A 68 -5.40 -2.84 2.43
CA PHE A 68 -4.28 -3.76 2.23
C PHE A 68 -4.38 -5.02 3.10
N GLN A 69 -3.57 -6.01 2.75
CA GLN A 69 -3.24 -7.21 3.53
C GLN A 69 -1.71 -7.42 3.47
N GLN A 70 -1.13 -8.24 4.35
CA GLN A 70 0.20 -8.81 4.16
C GLN A 70 0.26 -10.24 4.71
N GLN A 71 0.93 -11.16 4.01
CA GLN A 71 0.91 -12.60 4.34
C GLN A 71 1.96 -12.93 5.42
N ILE A 72 1.81 -12.35 6.61
CA ILE A 72 2.78 -12.45 7.73
C ILE A 72 3.09 -13.91 8.14
N SER A 73 2.21 -14.86 7.86
CA SER A 73 2.45 -16.31 7.97
C SER A 73 1.43 -17.10 7.13
N ALA A 74 1.48 -18.43 7.17
CA ALA A 74 0.46 -19.30 6.59
C ALA A 74 -0.84 -19.38 7.43
N ASP A 75 -0.74 -19.16 8.75
CA ASP A 75 -1.84 -19.11 9.73
C ASP A 75 -2.35 -17.66 9.91
N LYS A 76 -1.59 -16.83 10.62
CA LYS A 76 -1.87 -15.41 10.93
C LYS A 76 -1.54 -14.46 9.76
N GLY A 77 -1.79 -14.92 8.53
CA GLY A 77 -1.54 -14.19 7.29
C GLY A 77 -2.69 -13.28 6.84
N ILE A 78 -3.81 -13.24 7.57
CA ILE A 78 -4.88 -12.26 7.37
C ILE A 78 -4.63 -11.03 8.26
N ALA A 79 -4.55 -9.87 7.61
CA ALA A 79 -4.35 -8.56 8.23
C ALA A 79 -5.11 -7.47 7.45
N ARG A 80 -5.41 -6.35 8.11
CA ARG A 80 -6.12 -5.18 7.58
C ARG A 80 -5.62 -3.92 8.30
N GLY A 81 -5.78 -2.76 7.68
CA GLY A 81 -5.76 -1.48 8.38
C GLY A 81 -6.45 -0.37 7.60
N GLU A 82 -6.94 0.65 8.30
CA GLU A 82 -7.58 1.83 7.71
C GLU A 82 -7.42 3.07 8.60
N GLY A 83 -7.72 4.24 8.03
CA GLY A 83 -7.65 5.54 8.70
C GLY A 83 -8.13 6.63 7.74
N GLN A 84 -8.04 7.91 8.15
CA GLN A 84 -8.53 9.04 7.34
C GLN A 84 -7.71 9.29 6.06
N THR A 85 -6.57 8.63 5.90
CA THR A 85 -5.85 8.43 4.62
C THR A 85 -4.97 7.20 4.75
N ILE A 86 -4.97 6.32 3.73
CA ILE A 86 -4.12 5.13 3.65
C ILE A 86 -2.91 5.47 2.78
N VAL A 87 -1.80 5.88 3.41
CA VAL A 87 -0.59 6.38 2.75
C VAL A 87 0.56 5.37 2.89
N TYR A 88 1.01 4.85 1.76
CA TYR A 88 2.09 3.88 1.65
C TYR A 88 3.42 4.60 1.44
N ASN A 89 4.32 4.47 2.43
CA ASN A 89 5.70 4.90 2.30
C ASN A 89 6.50 3.93 1.43
N ALA A 90 6.49 4.16 0.11
CA ALA A 90 7.38 3.49 -0.85
C ALA A 90 8.86 3.73 -0.50
N ASP A 91 9.17 4.87 0.13
CA ASP A 91 10.46 5.29 0.67
C ASP A 91 11.04 4.37 1.76
N THR A 92 10.21 3.55 2.45
CA THR A 92 10.69 2.55 3.42
C THR A 92 9.98 1.18 3.33
N GLY A 93 9.05 0.99 2.39
CA GLY A 93 8.33 -0.28 2.19
C GLY A 93 7.26 -0.60 3.25
N ILE A 94 6.70 0.40 3.96
CA ILE A 94 5.75 0.17 5.06
C ILE A 94 4.55 1.14 5.02
N ILE A 95 3.33 0.61 5.11
CA ILE A 95 2.05 1.36 5.04
C ILE A 95 1.75 2.12 6.34
N THR A 96 1.12 3.30 6.21
CA THR A 96 0.68 4.17 7.31
C THR A 96 -0.82 4.46 7.21
N LEU A 97 -1.49 4.53 8.36
CA LEU A 97 -2.91 4.85 8.49
C LEU A 97 -3.05 6.19 9.24
N SER A 98 -3.66 7.19 8.60
CA SER A 98 -3.54 8.62 8.97
C SER A 98 -4.66 9.14 9.87
N GLY A 99 -4.37 10.15 10.71
CA GLY A 99 -5.35 10.80 11.60
C GLY A 99 -5.71 9.95 12.83
N GLY A 100 -6.94 9.42 12.85
CA GLY A 100 -7.32 8.26 13.68
C GLY A 100 -7.35 6.99 12.81
N ALA A 101 -6.96 5.85 13.37
CA ALA A 101 -6.69 4.62 12.60
C ALA A 101 -7.12 3.31 13.31
N TYR A 102 -7.16 2.23 12.53
CA TYR A 102 -7.48 0.85 12.93
C TYR A 102 -6.51 -0.13 12.25
N LEU A 103 -6.15 -1.21 12.96
CA LEU A 103 -5.33 -2.31 12.45
C LEU A 103 -5.87 -3.63 13.03
N TYR A 104 -6.26 -4.56 12.15
CA TYR A 104 -6.66 -5.92 12.48
C TYR A 104 -5.62 -6.92 11.98
N GLN A 105 -5.43 -7.99 12.73
CA GLN A 105 -4.70 -9.19 12.33
C GLN A 105 -5.38 -10.41 12.98
N ASP A 106 -4.91 -11.63 12.69
CA ASP A 106 -5.36 -12.78 13.48
C ASP A 106 -5.07 -12.59 14.98
N GLY A 107 -5.98 -13.07 15.82
CA GLY A 107 -5.94 -12.95 17.28
C GLY A 107 -6.06 -11.53 17.87
N SER A 108 -6.04 -10.43 17.09
CA SER A 108 -6.09 -9.06 17.64
C SER A 108 -6.50 -7.96 16.66
N SER A 109 -7.23 -6.97 17.15
CA SER A 109 -7.43 -5.68 16.47
C SER A 109 -7.32 -4.50 17.44
N ILE A 110 -6.68 -3.42 16.99
CA ILE A 110 -6.50 -2.17 17.74
C ILE A 110 -7.04 -0.98 16.94
N ARG A 111 -7.48 0.08 17.64
CA ARG A 111 -7.80 1.39 17.03
C ARG A 111 -7.41 2.52 17.97
N GLY A 112 -7.07 3.69 17.41
CA GLY A 112 -6.59 4.83 18.18
C GLY A 112 -6.10 5.95 17.26
N ASN A 113 -4.95 6.52 17.57
CA ASN A 113 -4.27 7.50 16.72
C ASN A 113 -3.65 6.84 15.47
N THR A 114 -3.19 7.68 14.54
CA THR A 114 -2.39 7.33 13.37
C THR A 114 -1.25 6.37 13.69
N LEU A 115 -1.01 5.41 12.80
CA LEU A 115 -0.09 4.29 13.07
C LEU A 115 0.60 3.78 11.79
N LYS A 116 1.75 3.12 11.99
CA LYS A 116 2.51 2.37 10.98
C LYS A 116 2.12 0.89 11.08
N TYR A 117 1.89 0.19 9.97
CA TYR A 117 1.67 -1.25 9.98
C TYR A 117 2.94 -2.01 10.42
N SER A 118 2.86 -2.79 11.50
CA SER A 118 3.99 -3.22 12.32
C SER A 118 4.76 -4.46 11.83
N MET A 119 4.88 -4.65 10.51
CA MET A 119 5.37 -5.90 9.87
C MET A 119 6.76 -6.40 10.33
N ASN A 120 7.60 -5.53 10.91
CA ASN A 120 8.99 -5.81 11.27
C ASN A 120 9.16 -6.49 12.64
N LYS A 121 8.04 -6.76 13.34
CA LYS A 121 7.98 -7.51 14.60
C LYS A 121 6.79 -8.48 14.57
N GLY A 122 6.75 -9.47 15.45
CA GLY A 122 5.66 -10.46 15.55
C GLY A 122 4.39 -9.92 16.23
N ASP A 123 4.10 -8.63 16.09
CA ASP A 123 3.35 -7.82 17.06
C ASP A 123 2.38 -6.84 16.37
N VAL A 124 1.34 -6.41 17.10
CA VAL A 124 0.49 -5.26 16.76
C VAL A 124 0.33 -4.40 18.02
N GLU A 125 0.81 -3.16 17.96
CA GLU A 125 0.63 -2.14 19.00
C GLU A 125 0.56 -0.75 18.34
N ALA A 126 -0.20 0.17 18.95
CA ALA A 126 -0.45 1.52 18.46
C ALA A 126 -0.84 2.45 19.61
N GLN A 127 -0.77 3.77 19.41
CA GLN A 127 -1.17 4.74 20.42
C GLN A 127 -2.70 4.78 20.58
N GLY A 128 -3.17 4.50 21.80
CA GLY A 128 -4.56 4.62 22.24
C GLY A 128 -4.71 5.57 23.45
N SER A 129 -5.90 5.60 24.05
CA SER A 129 -6.22 6.44 25.21
C SER A 129 -7.43 5.89 25.99
N SER A 130 -7.99 6.65 26.94
CA SER A 130 -9.20 6.29 27.70
C SER A 130 -9.93 7.55 28.19
N SER A 131 -11.20 7.41 28.60
CA SER A 131 -11.98 8.54 29.13
C SER A 131 -11.38 9.11 30.42
N ASN A 132 -11.61 10.40 30.66
CA ASN A 132 -11.05 11.18 31.77
C ASN A 132 -12.09 12.06 32.49
N ARG A 133 -13.27 12.32 31.90
CA ARG A 133 -14.37 13.13 32.44
C ARG A 133 -15.67 12.74 31.74
N ILE B 3 9.52 -3.13 -14.04
CA ILE B 3 8.08 -2.99 -13.78
C ILE B 3 7.21 -3.29 -15.02
N THR B 4 6.04 -3.91 -14.81
CA THR B 4 5.00 -4.12 -15.83
C THR B 4 3.68 -3.42 -15.47
N TYR B 5 3.02 -2.86 -16.50
CA TYR B 5 1.90 -1.91 -16.39
C TYR B 5 0.80 -2.30 -17.38
N ASN B 7 -3.05 -3.18 -19.08
CA ASN B 7 -4.19 -2.26 -19.17
C ASN B 7 -5.53 -2.94 -19.58
N ARG B 8 -6.52 -2.91 -18.67
CA ARG B 8 -7.92 -3.40 -18.81
C ARG B 8 -8.77 -2.48 -19.69
N THR B 10 -6.76 -1.89 -23.19
CA THR B 10 -6.10 -2.27 -24.45
C THR B 10 -5.71 -3.76 -24.51
N LYS B 12 -3.10 -5.28 -23.78
CA LYS B 12 -1.64 -5.31 -23.69
C LYS B 12 -1.10 -4.51 -22.50
N CYS B 13 0.22 -4.39 -22.42
CA CYS B 13 0.90 -3.61 -21.38
C CYS B 13 1.59 -2.36 -21.93
N ARG B 15 5.34 -0.50 -20.87
CA ARG B 15 6.50 -0.46 -19.96
C ARG B 15 6.42 0.81 -19.08
N TYR B 16 7.27 0.85 -18.07
CA TYR B 16 8.05 2.03 -17.66
C TYR B 16 9.52 1.68 -17.86
N GLY A 1 19.00 -5.07 5.12
CA GLY A 1 19.53 -4.24 4.00
C GLY A 1 19.63 -5.10 2.76
N LEU A 2 20.27 -4.60 1.69
CA LEU A 2 20.56 -5.33 0.45
C LEU A 2 19.36 -6.13 -0.14
N PRO A 3 18.26 -5.45 -0.54
CA PRO A 3 17.09 -6.12 -1.15
C PRO A 3 17.39 -6.88 -2.45
N SER A 4 18.52 -6.58 -3.10
CA SER A 4 19.13 -7.41 -4.15
C SER A 4 18.20 -7.70 -5.34
N ASP A 5 17.51 -6.66 -5.82
CA ASP A 5 16.36 -6.73 -6.74
C ASP A 5 16.67 -7.24 -8.17
N ARG A 6 17.83 -7.86 -8.42
CA ARG A 6 18.26 -8.39 -9.72
C ARG A 6 17.26 -9.35 -10.40
N ASN A 7 16.35 -9.96 -9.64
CA ASN A 7 15.20 -10.71 -10.16
C ASN A 7 13.90 -10.43 -9.37
N GLN A 8 13.85 -9.36 -8.56
CA GLN A 8 12.75 -9.07 -7.62
C GLN A 8 12.02 -7.77 -8.01
N GLN A 9 10.72 -7.68 -7.70
CA GLN A 9 9.83 -6.71 -8.35
C GLN A 9 8.62 -6.31 -7.50
N ILE A 10 8.01 -5.18 -7.89
CA ILE A 10 6.62 -4.83 -7.61
C ILE A 10 5.81 -5.03 -8.91
N SER A 11 4.54 -5.41 -8.84
CA SER A 11 3.66 -5.54 -10.01
C SER A 11 2.28 -4.93 -9.77
N LEU A 12 1.65 -4.30 -10.77
CA LEU A 12 0.33 -3.67 -10.62
C LEU A 12 -0.60 -3.90 -11.83
N VAL A 13 -1.91 -3.88 -11.56
CA VAL A 13 -2.98 -3.98 -12.55
C VAL A 13 -3.98 -2.85 -12.36
N ALA A 14 -4.27 -2.12 -13.44
CA ALA A 14 -5.18 -0.99 -13.43
C ALA A 14 -6.12 -0.98 -14.65
N ASP A 15 -7.35 -0.52 -14.43
CA ASP A 15 -8.41 -0.49 -15.43
C ASP A 15 -8.63 0.92 -16.03
N ARG A 16 -8.53 1.97 -15.21
CA ARG A 16 -8.38 3.36 -15.65
C ARG A 16 -7.12 3.94 -15.00
N ALA A 17 -6.38 4.75 -15.76
CA ALA A 17 -5.11 5.33 -15.34
C ALA A 17 -4.92 6.74 -15.93
N THR A 18 -4.24 7.61 -15.19
CA THR A 18 -3.87 8.96 -15.62
C THR A 18 -2.50 9.33 -15.02
N TYR A 19 -1.61 9.88 -15.83
CA TYR A 19 -0.20 10.08 -15.46
C TYR A 19 0.42 11.19 -16.30
N ASN A 20 1.45 11.84 -15.77
CA ASN A 20 2.09 12.94 -16.49
C ASN A 20 3.56 13.11 -16.07
N GLU A 21 4.45 12.28 -16.64
CA GLU A 21 5.86 12.16 -16.25
C GLU A 21 6.65 13.49 -16.26
N LYS A 22 6.28 14.46 -17.12
CA LYS A 22 6.85 15.82 -17.14
C LYS A 22 6.62 16.63 -15.85
N THR A 23 5.75 16.14 -14.97
CA THR A 23 5.48 16.63 -13.60
C THR A 23 5.37 15.47 -12.60
N GLY A 24 5.93 14.30 -12.92
CA GLY A 24 6.00 13.08 -12.10
C GLY A 24 4.69 12.31 -11.90
N LEU A 25 3.64 12.97 -11.39
CA LEU A 25 2.49 12.31 -10.78
C LEU A 25 1.81 11.25 -11.67
N THR A 26 1.51 10.12 -11.05
CA THR A 26 0.97 8.90 -11.69
C THR A 26 -0.22 8.40 -10.87
N THR A 27 -1.28 7.90 -11.49
CA THR A 27 -2.51 7.48 -10.80
C THR A 27 -3.24 6.36 -11.54
N TYR A 28 -3.79 5.44 -10.77
CA TYR A 28 -4.60 4.29 -11.17
C TYR A 28 -5.94 4.35 -10.42
N THR A 29 -7.06 3.99 -11.05
CA THR A 29 -8.42 4.18 -10.49
C THR A 29 -9.41 3.16 -11.05
N GLY A 30 -10.50 2.89 -10.33
CA GLY A 30 -11.62 2.10 -10.80
C GLY A 30 -11.55 0.61 -10.49
N ASN A 31 -11.16 0.26 -9.27
CA ASN A 31 -10.71 -1.07 -8.79
C ASN A 31 -9.35 -1.45 -9.40
N VAL A 32 -8.27 -1.23 -8.64
CA VAL A 32 -6.87 -1.46 -9.07
C VAL A 32 -6.04 -2.06 -7.93
N VAL A 33 -4.94 -2.74 -8.27
CA VAL A 33 -4.12 -3.48 -7.29
C VAL A 33 -2.63 -3.33 -7.59
N ILE A 34 -1.81 -3.21 -6.54
CA ILE A 34 -0.34 -3.22 -6.58
C ILE A 34 0.23 -4.17 -5.52
N GLU A 35 1.15 -5.04 -5.93
CA GLU A 35 1.56 -6.25 -5.20
C GLU A 35 3.09 -6.44 -5.22
N GLN A 36 3.61 -7.04 -4.15
CA GLN A 36 5.01 -7.31 -3.90
C GLN A 36 5.14 -8.61 -3.08
N GLY A 37 6.34 -9.18 -2.95
CA GLY A 37 6.60 -10.21 -1.95
C GLY A 37 6.11 -9.77 -0.55
N THR A 38 5.22 -10.57 0.06
CA THR A 38 4.48 -10.31 1.31
C THR A 38 3.44 -9.17 1.34
N MET A 39 3.20 -8.40 0.26
CA MET A 39 2.26 -7.26 0.28
C MET A 39 1.30 -7.23 -0.93
N LYS A 40 0.03 -6.93 -0.65
CA LYS A 40 -1.12 -7.06 -1.57
C LYS A 40 -2.04 -5.83 -1.42
N LEU A 41 -1.67 -4.70 -2.02
CA LEU A 41 -2.33 -3.41 -1.83
C LEU A 41 -3.47 -3.26 -2.87
N GLN A 42 -4.69 -3.64 -2.48
CA GLN A 42 -5.89 -3.56 -3.30
C GLN A 42 -6.80 -2.40 -2.87
N ALA A 43 -7.35 -1.68 -3.85
CA ALA A 43 -8.06 -0.42 -3.64
C ALA A 43 -9.06 -0.15 -4.78
N ASP A 44 -9.85 0.92 -4.69
CA ASP A 44 -10.39 1.54 -5.91
C ASP A 44 -9.27 2.24 -6.69
N SER A 45 -8.48 3.07 -5.98
CA SER A 45 -7.53 4.00 -6.57
C SER A 45 -6.19 4.01 -5.83
N ILE A 46 -5.13 4.19 -6.62
CA ILE A 46 -3.72 4.23 -6.21
C ILE A 46 -3.06 5.43 -6.90
N VAL A 47 -2.77 6.47 -6.13
CA VAL A 47 -2.02 7.68 -6.53
C VAL A 47 -0.54 7.49 -6.18
N ALA A 48 0.37 8.03 -6.98
CA ALA A 48 1.81 7.88 -6.78
C ALA A 48 2.64 9.12 -7.19
N THR A 49 3.70 9.40 -6.43
CA THR A 49 4.84 10.24 -6.86
C THR A 49 5.97 9.37 -7.41
N LEU A 50 6.82 9.95 -8.25
CA LEU A 50 8.05 9.32 -8.76
C LEU A 50 9.14 10.36 -8.97
N ASN A 51 10.40 9.91 -9.07
CA ASN A 51 11.50 10.68 -9.64
C ASN A 51 11.90 10.12 -11.02
N SER A 52 12.59 10.94 -11.82
CA SER A 52 12.69 10.89 -13.30
C SER A 52 13.17 9.58 -13.95
N LYS A 53 13.63 8.60 -13.18
CA LYS A 53 13.94 7.22 -13.61
C LYS A 53 12.68 6.34 -13.75
N ARG A 54 11.49 6.94 -13.94
CA ARG A 54 10.15 6.33 -13.70
C ARG A 54 10.03 5.64 -12.31
N GLU A 55 10.78 6.16 -11.34
CA GLU A 55 11.09 5.48 -10.09
C GLU A 55 10.08 5.88 -9.02
N ILE A 56 9.09 5.00 -8.79
CA ILE A 56 7.98 5.24 -7.90
C ILE A 56 8.48 5.41 -6.45
N GLN A 57 8.00 6.46 -5.80
CA GLN A 57 8.67 7.10 -4.66
C GLN A 57 7.79 7.12 -3.41
N THR A 58 6.57 7.66 -3.51
CA THR A 58 5.52 7.53 -2.49
C THR A 58 4.20 7.17 -3.16
N ILE A 59 3.33 6.44 -2.46
CA ILE A 59 2.08 5.90 -2.98
C ILE A 59 0.95 6.19 -1.98
N THR A 60 -0.29 6.32 -2.43
CA THR A 60 -1.46 6.59 -1.58
C THR A 60 -2.71 5.93 -2.15
N ALA A 61 -3.53 5.32 -1.29
CA ALA A 61 -4.66 4.49 -1.64
C ALA A 61 -6.02 5.02 -1.12
N LYS A 62 -7.10 4.74 -1.86
CA LYS A 62 -8.51 5.01 -1.50
C LYS A 62 -9.46 3.93 -2.04
N GLY A 63 -10.61 3.79 -1.38
CA GLY A 63 -11.73 2.98 -1.89
C GLY A 63 -12.68 2.47 -0.81
N ARG A 64 -13.65 1.68 -1.26
CA ARG A 64 -14.45 0.69 -0.49
C ARG A 64 -14.24 -0.66 -1.22
N PRO A 65 -13.41 -1.59 -0.72
CA PRO A 65 -12.53 -1.50 0.46
C PRO A 65 -11.37 -0.50 0.31
N SER A 66 -10.67 -0.23 1.41
CA SER A 66 -9.29 0.30 1.40
C SER A 66 -8.26 -0.66 2.01
N LYS A 67 -8.68 -1.85 2.49
CA LYS A 67 -7.79 -2.87 3.07
C LYS A 67 -6.79 -3.45 2.06
N PHE A 68 -5.54 -3.04 2.23
CA PHE A 68 -4.38 -3.83 1.83
C PHE A 68 -4.32 -5.13 2.64
N GLN A 69 -3.72 -6.16 2.05
CA GLN A 69 -3.42 -7.44 2.68
C GLN A 69 -1.90 -7.65 2.73
N GLN A 70 -1.42 -8.37 3.73
CA GLN A 70 -0.02 -8.79 3.85
C GLN A 70 0.07 -10.24 4.32
N GLN A 71 1.08 -10.95 3.84
CA GLN A 71 1.31 -12.37 4.12
C GLN A 71 2.27 -12.52 5.32
N ILE A 72 1.75 -12.98 6.45
CA ILE A 72 2.46 -13.11 7.74
C ILE A 72 2.89 -14.57 8.05
N SER A 73 2.22 -15.59 7.50
CA SER A 73 2.53 -17.02 7.69
C SER A 73 1.75 -17.92 6.73
N ALA A 74 2.19 -19.16 6.55
CA ALA A 74 1.52 -20.17 5.73
C ALA A 74 0.11 -20.55 6.24
N ASP A 75 -0.10 -20.60 7.56
CA ASP A 75 -1.41 -20.81 8.19
C ASP A 75 -2.24 -19.51 8.32
N LYS A 76 -1.55 -18.37 8.51
CA LYS A 76 -2.17 -17.07 8.80
C LYS A 76 -1.56 -15.93 7.97
N GLY A 77 -1.95 -15.86 6.71
CA GLY A 77 -1.59 -14.78 5.78
C GLY A 77 -2.32 -13.45 6.05
N ILE A 78 -2.19 -12.89 7.26
CA ILE A 78 -3.05 -11.79 7.75
C ILE A 78 -2.30 -10.68 8.51
N ALA A 79 -2.05 -9.58 7.80
CA ALA A 79 -2.09 -8.23 8.39
C ALA A 79 -2.75 -7.25 7.41
N ARG A 80 -3.68 -6.43 7.90
CA ARG A 80 -4.46 -5.46 7.09
C ARG A 80 -4.85 -4.22 7.90
N GLY A 81 -5.12 -3.10 7.23
CA GLY A 81 -5.71 -1.92 7.86
C GLY A 81 -6.49 -1.06 6.87
N GLU A 82 -7.37 -0.21 7.40
CA GLU A 82 -8.23 0.68 6.62
C GLU A 82 -8.21 2.12 7.12
N GLY A 83 -8.66 3.01 6.24
CA GLY A 83 -8.82 4.44 6.48
C GLY A 83 -9.44 5.14 5.27
N GLN A 84 -9.67 6.45 5.40
CA GLN A 84 -10.14 7.31 4.30
C GLN A 84 -8.97 7.86 3.45
N THR A 85 -7.75 7.81 3.98
CA THR A 85 -6.50 7.95 3.21
C THR A 85 -5.45 7.02 3.81
N ILE A 86 -4.82 6.19 2.99
CA ILE A 86 -3.73 5.31 3.39
C ILE A 86 -2.50 5.68 2.54
N VAL A 87 -1.34 5.88 3.17
CA VAL A 87 -0.09 6.24 2.50
C VAL A 87 0.87 5.05 2.56
N TYR A 88 1.59 4.78 1.48
CA TYR A 88 2.56 3.71 1.33
C TYR A 88 3.89 4.31 0.87
N ASN A 89 4.85 4.37 1.78
CA ASN A 89 6.19 4.90 1.55
C ASN A 89 7.01 3.88 0.75
N ALA A 90 6.96 3.94 -0.59
CA ALA A 90 7.75 3.04 -1.44
C ALA A 90 9.27 3.23 -1.24
N ASP A 91 9.68 4.37 -0.71
CA ASP A 91 11.01 4.70 -0.17
C ASP A 91 11.48 3.82 1.01
N THR A 92 10.58 3.22 1.81
CA THR A 92 10.94 2.36 2.95
C THR A 92 9.95 1.20 3.24
N GLY A 93 9.03 0.90 2.34
CA GLY A 93 8.00 -0.15 2.44
C GLY A 93 6.85 0.10 3.43
N ILE A 94 6.98 1.05 4.37
CA ILE A 94 6.01 1.29 5.46
C ILE A 94 4.66 1.80 4.93
N ILE A 95 3.57 1.40 5.60
CA ILE A 95 2.22 1.92 5.37
C ILE A 95 1.73 2.72 6.59
N THR A 96 1.10 3.88 6.34
CA THR A 96 0.46 4.79 7.31
C THR A 96 -1.05 4.88 7.06
N LEU A 97 -1.85 4.80 8.13
CA LEU A 97 -3.32 4.87 8.10
C LEU A 97 -3.81 6.29 8.48
N SER A 98 -4.87 6.81 7.85
CA SER A 98 -5.54 8.05 8.27
C SER A 98 -7.04 8.09 7.95
N GLY A 99 -7.79 8.82 8.77
CA GLY A 99 -9.26 8.96 8.70
C GLY A 99 -10.02 7.69 9.11
N GLY A 100 -10.46 7.62 10.37
CA GLY A 100 -11.12 6.42 10.92
C GLY A 100 -10.20 5.19 10.99
N ALA A 101 -8.91 5.44 11.21
CA ALA A 101 -7.82 4.51 10.95
C ALA A 101 -7.76 3.30 11.90
N TYR A 102 -7.64 2.10 11.33
CA TYR A 102 -7.73 0.81 12.02
C TYR A 102 -6.84 -0.24 11.36
N LEU A 103 -6.26 -1.16 12.14
CA LEU A 103 -5.37 -2.25 11.72
C LEU A 103 -5.64 -3.54 12.53
N TYR A 104 -5.42 -4.69 11.89
CA TYR A 104 -5.70 -6.04 12.37
C TYR A 104 -4.56 -7.00 11.95
N GLN A 105 -4.20 -7.94 12.82
CA GLN A 105 -3.23 -9.01 12.59
C GLN A 105 -3.75 -10.35 13.17
N ASP A 106 -2.90 -11.38 13.27
CA ASP A 106 -3.13 -12.53 14.15
C ASP A 106 -3.55 -12.11 15.57
N GLY A 107 -4.67 -12.67 16.06
CA GLY A 107 -5.24 -12.46 17.39
C GLY A 107 -5.78 -11.07 17.73
N SER A 108 -5.25 -9.99 17.12
CA SER A 108 -5.29 -8.64 17.71
C SER A 108 -5.44 -7.48 16.72
N SER A 109 -5.91 -6.34 17.24
CA SER A 109 -6.07 -5.07 16.53
C SER A 109 -5.27 -3.90 17.10
N ILE A 110 -5.20 -2.79 16.37
CA ILE A 110 -4.76 -1.46 16.86
C ILE A 110 -5.41 -0.36 15.99
N ARG A 111 -5.67 0.83 16.56
CA ARG A 111 -6.40 1.93 15.88
C ARG A 111 -5.83 3.31 16.22
N GLY A 112 -5.97 4.25 15.30
CA GLY A 112 -5.55 5.66 15.44
C GLY A 112 -5.06 6.27 14.12
N ASN A 113 -5.36 7.54 13.86
CA ASN A 113 -4.85 8.24 12.68
C ASN A 113 -3.34 8.54 12.81
N THR A 114 -2.60 8.38 11.72
CA THR A 114 -1.12 8.34 11.67
C THR A 114 -0.48 7.15 12.41
N LEU A 115 -1.25 6.09 12.69
CA LEU A 115 -0.76 4.73 12.92
C LEU A 115 0.07 4.25 11.70
N LYS A 116 1.09 3.42 11.95
CA LYS A 116 1.87 2.72 10.92
C LYS A 116 1.83 1.22 11.14
N TYR A 117 2.10 0.45 10.08
CA TYR A 117 2.46 -0.96 10.19
C TYR A 117 3.99 -1.18 10.20
N SER A 118 4.45 -2.34 10.63
CA SER A 118 5.86 -2.76 10.58
C SER A 118 5.94 -4.29 10.47
N MET A 119 6.70 -4.77 9.48
CA MET A 119 6.61 -6.14 8.96
C MET A 119 7.27 -7.22 9.84
N ASN A 120 7.90 -6.84 10.95
CA ASN A 120 8.05 -7.67 12.13
C ASN A 120 7.96 -6.76 13.37
N LYS A 121 7.31 -7.25 14.44
CA LYS A 121 7.01 -6.48 15.65
C LYS A 121 6.69 -7.45 16.80
N GLY A 122 7.05 -7.09 18.03
CA GLY A 122 6.88 -7.97 19.20
C GLY A 122 5.47 -7.97 19.83
N ASP A 123 4.59 -7.10 19.35
CA ASP A 123 3.30 -6.73 19.97
C ASP A 123 2.36 -6.06 18.92
N VAL A 124 1.07 -5.98 19.20
CA VAL A 124 0.09 -5.23 18.36
C VAL A 124 -0.84 -4.37 19.22
N GLU A 125 -1.64 -5.00 20.07
CA GLU A 125 -2.76 -4.38 20.81
C GLU A 125 -2.32 -3.70 22.10
N ALA A 126 -1.18 -3.01 22.05
CA ALA A 126 -0.48 -2.50 23.21
C ALA A 126 -1.13 -1.20 23.73
N GLN A 127 -1.55 -1.22 24.99
CA GLN A 127 -2.11 -0.05 25.71
C GLN A 127 -1.09 1.07 25.96
N GLY A 128 0.22 0.78 25.91
CA GLY A 128 1.25 1.69 26.39
C GLY A 128 1.14 1.88 27.91
N SER A 129 1.20 3.12 28.39
CA SER A 129 0.85 3.51 29.76
C SER A 129 0.43 4.97 29.83
N SER A 130 -0.26 5.36 30.91
CA SER A 130 -0.73 6.74 31.14
C SER A 130 0.19 7.47 32.11
N SER A 131 0.68 8.64 31.72
CA SER A 131 1.30 9.60 32.67
C SER A 131 0.26 10.34 33.52
N ASN A 132 -1.04 10.25 33.14
CA ASN A 132 -2.23 10.57 33.92
C ASN A 132 -2.27 11.92 34.67
N ARG A 133 -1.58 12.94 34.15
CA ARG A 133 -1.47 14.31 34.68
C ARG A 133 -1.95 15.31 33.62
N ILE B 3 9.88 -2.87 -11.59
CA ILE B 3 8.41 -2.76 -11.49
C ILE B 3 7.72 -3.24 -12.77
N THR B 4 6.50 -3.76 -12.64
CA THR B 4 5.63 -4.21 -13.73
C THR B 4 4.26 -3.53 -13.66
N TYR B 5 3.66 -3.25 -14.82
CA TYR B 5 2.30 -2.72 -14.95
C TYR B 5 1.60 -3.37 -16.15
N ASN B 7 -1.87 -2.82 -18.09
CA ASN B 7 -2.98 -1.96 -18.50
C ASN B 7 -4.19 -2.78 -19.01
N ARG B 8 -5.09 -3.12 -18.08
CA ARG B 8 -6.17 -4.12 -18.20
C ARG B 8 -7.13 -3.88 -19.37
N THR B 10 -6.56 -1.87 -22.31
CA THR B 10 -5.94 -1.74 -23.65
C THR B 10 -5.16 -2.98 -24.12
N LYS B 12 -2.09 -5.08 -23.57
CA LYS B 12 -0.68 -5.53 -23.56
C LYS B 12 0.20 -4.64 -22.68
N CYS B 13 0.93 -5.27 -21.77
CA CYS B 13 1.62 -4.63 -20.66
C CYS B 13 2.85 -3.85 -21.08
N ARG B 15 5.32 -2.57 -18.42
CA ARG B 15 6.13 -1.95 -17.34
C ARG B 15 6.17 -0.42 -17.53
N TYR B 16 5.29 0.30 -16.80
CA TYR B 16 4.92 1.71 -16.98
C TYR B 16 4.42 2.08 -18.39
N GLY A 1 18.51 0.85 -23.81
CA GLY A 1 19.51 -0.01 -23.14
C GLY A 1 18.90 -1.35 -22.82
N LEU A 2 19.66 -2.26 -22.18
CA LEU A 2 19.21 -3.61 -21.81
C LEU A 2 19.46 -3.85 -20.31
N PRO A 3 18.41 -4.01 -19.47
CA PRO A 3 18.58 -4.36 -18.06
C PRO A 3 19.13 -5.78 -17.88
N SER A 4 19.80 -6.04 -16.75
CA SER A 4 20.15 -7.40 -16.31
C SER A 4 18.97 -8.02 -15.55
N ASP A 5 18.36 -7.18 -14.71
CA ASP A 5 17.03 -7.23 -14.11
C ASP A 5 15.89 -7.10 -15.15
N ARG A 6 15.90 -7.99 -16.16
CA ARG A 6 14.84 -8.15 -17.16
C ARG A 6 13.76 -9.16 -16.75
N ASN A 7 14.11 -10.08 -15.84
CA ASN A 7 13.20 -11.10 -15.30
C ASN A 7 12.47 -10.60 -14.04
N GLN A 8 13.20 -10.13 -13.03
CA GLN A 8 12.62 -9.70 -11.75
C GLN A 8 12.02 -8.30 -11.84
N GLN A 9 10.68 -8.22 -11.88
CA GLN A 9 9.91 -7.01 -12.16
C GLN A 9 8.60 -6.95 -11.35
N ILE A 10 8.00 -5.76 -11.29
CA ILE A 10 6.72 -5.50 -10.60
C ILE A 10 5.62 -5.37 -11.65
N SER A 11 4.40 -5.81 -11.32
CA SER A 11 3.25 -5.82 -12.25
C SER A 11 1.96 -5.41 -11.55
N LEU A 12 1.08 -4.70 -12.28
CA LEU A 12 -0.24 -4.25 -11.81
C LEU A 12 -1.32 -4.38 -12.88
N VAL A 13 -2.57 -4.46 -12.42
CA VAL A 13 -3.79 -4.40 -13.23
C VAL A 13 -4.67 -3.26 -12.72
N ALA A 14 -5.22 -2.47 -13.65
CA ALA A 14 -6.13 -1.37 -13.36
C ALA A 14 -7.01 -1.06 -14.58
N ASP A 15 -8.23 -0.57 -14.35
CA ASP A 15 -9.21 -0.27 -15.40
C ASP A 15 -8.95 1.06 -16.13
N ARG A 16 -8.47 2.10 -15.43
CA ARG A 16 -8.29 3.46 -15.99
C ARG A 16 -7.10 4.24 -15.40
N ALA A 17 -6.09 3.53 -14.89
CA ALA A 17 -4.87 4.12 -14.34
C ALA A 17 -4.13 5.01 -15.36
N THR A 18 -3.64 6.14 -14.88
CA THR A 18 -3.40 7.35 -15.67
C THR A 18 -2.08 8.02 -15.28
N TYR A 19 -1.20 8.19 -16.26
CA TYR A 19 -0.11 9.18 -16.17
C TYR A 19 -0.69 10.60 -16.25
N ASN A 20 0.05 11.58 -15.75
CA ASN A 20 -0.16 12.99 -16.12
C ASN A 20 1.15 13.58 -16.66
N GLU A 21 1.17 13.83 -17.97
CA GLU A 21 2.25 14.48 -18.74
C GLU A 21 2.90 15.67 -18.01
N LYS A 22 2.08 16.64 -17.59
CA LYS A 22 2.43 17.86 -16.86
C LYS A 22 3.08 17.68 -15.46
N THR A 23 3.34 16.45 -15.01
CA THR A 23 3.88 16.20 -13.65
C THR A 23 4.64 14.86 -13.47
N GLY A 24 4.38 13.83 -14.30
CA GLY A 24 4.98 12.49 -14.16
C GLY A 24 4.38 11.63 -13.04
N LEU A 25 3.78 12.27 -12.02
CA LEU A 25 2.97 11.63 -10.98
C LEU A 25 1.91 10.69 -11.58
N THR A 26 1.68 9.58 -10.86
CA THR A 26 0.90 8.45 -11.36
C THR A 26 -0.39 8.28 -10.58
N THR A 27 -1.52 8.35 -11.26
CA THR A 27 -2.82 7.92 -10.75
C THR A 27 -2.99 6.44 -11.06
N TYR A 28 -3.45 5.64 -10.10
CA TYR A 28 -4.00 4.32 -10.37
C TYR A 28 -5.48 4.29 -10.01
N THR A 29 -6.31 3.74 -10.89
CA THR A 29 -7.76 3.93 -10.85
C THR A 29 -8.48 2.77 -11.51
N GLY A 30 -9.63 2.39 -10.94
CA GLY A 30 -10.47 1.30 -11.40
C GLY A 30 -9.94 -0.05 -10.96
N ASN A 31 -10.45 -0.52 -9.81
CA ASN A 31 -10.23 -1.86 -9.26
C ASN A 31 -8.75 -2.31 -9.33
N VAL A 32 -7.83 -1.41 -8.95
CA VAL A 32 -6.39 -1.64 -9.06
C VAL A 32 -5.90 -2.72 -8.11
N VAL A 33 -5.01 -3.58 -8.60
CA VAL A 33 -4.22 -4.53 -7.81
C VAL A 33 -2.74 -4.42 -8.21
N ILE A 34 -1.86 -4.29 -7.22
CA ILE A 34 -0.40 -4.35 -7.36
C ILE A 34 0.19 -5.10 -6.16
N GLU A 35 1.15 -5.99 -6.41
CA GLU A 35 1.79 -6.79 -5.36
C GLU A 35 3.32 -6.80 -5.48
N GLN A 36 3.99 -7.15 -4.38
CA GLN A 36 5.34 -7.69 -4.42
C GLN A 36 5.48 -8.87 -3.43
N GLY A 37 4.77 -9.96 -3.73
CA GLY A 37 4.80 -11.21 -2.96
C GLY A 37 4.01 -11.14 -1.65
N THR A 38 4.55 -10.50 -0.62
CA THR A 38 3.96 -10.42 0.73
C THR A 38 3.08 -9.19 0.95
N MET A 39 3.34 -8.08 0.24
CA MET A 39 2.48 -6.90 0.21
C MET A 39 1.44 -7.02 -0.92
N LYS A 40 0.16 -6.85 -0.58
CA LYS A 40 -1.00 -7.10 -1.45
C LYS A 40 -1.86 -5.82 -1.54
N LEU A 41 -1.46 -4.84 -2.34
CA LEU A 41 -2.11 -3.51 -2.36
C LEU A 41 -3.23 -3.48 -3.41
N GLN A 42 -4.47 -3.21 -2.98
CA GLN A 42 -5.61 -3.06 -3.89
C GLN A 42 -6.66 -2.05 -3.39
N ALA A 43 -7.37 -1.45 -4.34
CA ALA A 43 -8.37 -0.41 -4.10
C ALA A 43 -9.25 -0.20 -5.35
N ASP A 44 -10.19 0.75 -5.32
CA ASP A 44 -10.53 1.44 -6.58
C ASP A 44 -9.34 2.28 -7.07
N SER A 45 -8.77 3.14 -6.21
CA SER A 45 -7.83 4.16 -6.68
C SER A 45 -6.80 4.69 -5.66
N ILE A 46 -5.61 4.96 -6.19
CA ILE A 46 -4.34 5.31 -5.52
C ILE A 46 -3.71 6.49 -6.29
N VAL A 47 -2.81 7.26 -5.67
CA VAL A 47 -1.91 8.20 -6.37
C VAL A 47 -0.48 8.12 -5.83
N ALA A 48 0.54 8.23 -6.68
CA ALA A 48 1.95 8.03 -6.32
C ALA A 48 2.90 9.03 -6.99
N THR A 49 4.03 9.29 -6.33
CA THR A 49 5.14 10.14 -6.83
C THR A 49 6.35 9.31 -7.24
N LEU A 50 7.07 9.74 -8.27
CA LEU A 50 8.29 9.10 -8.79
C LEU A 50 9.24 10.11 -9.43
N ASN A 51 10.49 9.72 -9.70
CA ASN A 51 11.58 10.62 -10.11
C ASN A 51 12.41 10.11 -11.32
N SER A 52 13.51 10.81 -11.62
CA SER A 52 14.49 10.48 -12.67
C SER A 52 15.45 9.31 -12.35
N LYS A 53 15.26 8.61 -11.21
CA LYS A 53 15.84 7.28 -10.91
C LYS A 53 14.78 6.16 -11.00
N ARG A 54 13.51 6.53 -11.19
CA ARG A 54 12.33 5.64 -11.20
C ARG A 54 12.11 4.86 -9.89
N GLU A 55 12.60 5.41 -8.78
CA GLU A 55 12.12 5.03 -7.44
C GLU A 55 10.74 5.65 -7.16
N ILE A 56 10.03 5.15 -6.14
CA ILE A 56 8.70 5.62 -5.75
C ILE A 56 8.80 6.38 -4.42
N GLN A 57 8.55 7.68 -4.45
CA GLN A 57 8.84 8.58 -3.33
C GLN A 57 7.72 8.60 -2.27
N THR A 58 6.46 8.36 -2.64
CA THR A 58 5.36 7.96 -1.73
C THR A 58 4.15 7.47 -2.53
N ILE A 59 3.26 6.71 -1.88
CA ILE A 59 2.02 6.16 -2.45
C ILE A 59 0.85 6.48 -1.50
N THR A 60 -0.12 7.28 -1.94
CA THR A 60 -1.35 7.57 -1.18
C THR A 60 -2.50 6.70 -1.68
N ALA A 61 -2.96 5.78 -0.83
CA ALA A 61 -4.12 4.94 -1.06
C ALA A 61 -5.39 5.62 -0.53
N LYS A 62 -6.37 5.81 -1.41
CA LYS A 62 -7.49 6.74 -1.23
C LYS A 62 -8.76 6.24 -1.93
N GLY A 63 -8.98 4.93 -1.94
CA GLY A 63 -10.09 4.29 -2.68
C GLY A 63 -11.37 4.06 -1.86
N ARG A 64 -12.34 3.42 -2.51
CA ARG A 64 -13.45 2.73 -1.86
C ARG A 64 -13.81 1.46 -2.65
N PRO A 65 -13.39 0.25 -2.20
CA PRO A 65 -12.52 -0.03 -1.04
C PRO A 65 -11.08 0.47 -1.21
N SER A 66 -10.28 0.40 -0.14
CA SER A 66 -8.86 0.78 -0.16
C SER A 66 -7.93 -0.05 0.74
N LYS A 67 -8.40 -1.18 1.29
CA LYS A 67 -7.58 -2.07 2.13
C LYS A 67 -6.43 -2.70 1.35
N PHE A 68 -5.22 -2.52 1.86
CA PHE A 68 -4.14 -3.48 1.61
C PHE A 68 -4.43 -4.80 2.33
N GLN A 69 -3.81 -5.87 1.86
CA GLN A 69 -3.70 -7.16 2.53
C GLN A 69 -2.20 -7.52 2.63
N GLN A 70 -1.84 -8.46 3.51
CA GLN A 70 -0.44 -8.77 3.81
C GLN A 70 -0.26 -10.23 4.24
N GLN A 71 0.71 -10.91 3.64
CA GLN A 71 0.99 -12.34 3.87
C GLN A 71 1.98 -12.52 5.03
N ILE A 72 1.49 -12.53 6.28
CA ILE A 72 2.36 -12.67 7.47
C ILE A 72 2.88 -14.12 7.63
N SER A 73 2.09 -15.12 7.24
CA SER A 73 2.48 -16.54 7.27
C SER A 73 1.77 -17.34 6.16
N ALA A 74 1.99 -18.66 6.12
CA ALA A 74 1.25 -19.60 5.29
C ALA A 74 -0.13 -19.97 5.89
N ASP A 75 -0.27 -19.95 7.22
CA ASP A 75 -1.56 -20.08 7.93
C ASP A 75 -2.27 -18.72 7.98
N LYS A 76 -1.74 -17.78 8.76
CA LYS A 76 -2.17 -16.38 8.81
C LYS A 76 -1.55 -15.57 7.68
N GLY A 77 -2.01 -15.84 6.47
CA GLY A 77 -1.76 -15.01 5.28
C GLY A 77 -2.44 -13.64 5.32
N ILE A 78 -2.55 -13.03 6.50
CA ILE A 78 -3.50 -11.95 6.81
C ILE A 78 -2.93 -10.89 7.77
N ALA A 79 -2.84 -9.66 7.27
CA ALA A 79 -2.87 -8.43 8.03
C ALA A 79 -3.34 -7.27 7.14
N ARG A 80 -4.24 -6.44 7.67
CA ARG A 80 -5.05 -5.48 6.89
C ARG A 80 -5.35 -4.24 7.72
N GLY A 81 -5.49 -3.09 7.07
CA GLY A 81 -5.85 -1.82 7.72
C GLY A 81 -6.54 -0.84 6.78
N GLU A 82 -7.39 0.02 7.34
CA GLU A 82 -8.28 0.94 6.60
C GLU A 82 -8.44 2.30 7.32
N GLY A 83 -9.00 3.27 6.61
CA GLY A 83 -9.30 4.63 7.07
C GLY A 83 -9.84 5.47 5.91
N GLN A 84 -10.02 6.77 6.13
CA GLN A 84 -10.35 7.71 5.04
C GLN A 84 -9.15 8.01 4.13
N THR A 85 -7.91 7.81 4.59
CA THR A 85 -6.70 7.82 3.74
C THR A 85 -5.62 6.92 4.31
N ILE A 86 -4.84 6.28 3.44
CA ILE A 86 -3.62 5.54 3.77
C ILE A 86 -2.47 6.16 2.99
N VAL A 87 -1.29 6.28 3.61
CA VAL A 87 -0.05 6.72 2.96
C VAL A 87 1.00 5.64 3.13
N TYR A 88 1.24 4.87 2.09
CA TYR A 88 2.33 3.91 2.02
C TYR A 88 3.62 4.64 1.64
N ASN A 89 4.44 4.89 2.66
CA ASN A 89 5.78 5.46 2.51
C ASN A 89 6.72 4.41 1.89
N ALA A 90 6.67 4.28 0.57
CA ALA A 90 7.57 3.43 -0.22
C ALA A 90 9.05 3.84 -0.04
N ASP A 91 9.30 5.10 0.29
CA ASP A 91 10.59 5.68 0.73
C ASP A 91 11.23 4.99 1.95
N THR A 92 10.43 4.28 2.77
CA THR A 92 10.93 3.46 3.89
C THR A 92 10.22 2.10 4.02
N GLY A 93 9.37 1.73 3.06
CA GLY A 93 8.58 0.48 3.09
C GLY A 93 7.44 0.43 4.13
N ILE A 94 6.97 1.55 4.68
CA ILE A 94 6.03 1.59 5.82
C ILE A 94 4.64 2.12 5.44
N ILE A 95 3.59 1.34 5.73
CA ILE A 95 2.19 1.76 5.56
C ILE A 95 1.74 2.65 6.73
N THR A 96 1.02 3.74 6.42
CA THR A 96 0.45 4.71 7.38
C THR A 96 -1.06 4.77 7.19
N LEU A 97 -1.84 4.85 8.26
CA LEU A 97 -3.31 5.02 8.23
C LEU A 97 -3.70 6.42 8.72
N SER A 98 -4.83 6.96 8.26
CA SER A 98 -5.37 8.26 8.71
C SER A 98 -6.89 8.37 8.55
N GLY A 99 -7.51 9.10 9.49
CA GLY A 99 -8.94 9.46 9.44
C GLY A 99 -9.84 8.27 9.74
N GLY A 100 -10.02 7.94 11.03
CA GLY A 100 -10.71 6.71 11.44
C GLY A 100 -9.87 5.46 11.22
N ALA A 101 -8.58 5.53 11.53
CA ALA A 101 -7.63 4.45 11.29
C ALA A 101 -8.00 3.17 12.08
N TYR A 102 -8.06 2.03 11.39
CA TYR A 102 -8.20 0.70 11.98
C TYR A 102 -7.18 -0.27 11.39
N LEU A 103 -6.45 -1.01 12.24
CA LEU A 103 -5.48 -2.03 11.86
C LEU A 103 -5.83 -3.35 12.53
N TYR A 104 -5.81 -4.44 11.76
CA TYR A 104 -5.95 -5.82 12.20
C TYR A 104 -4.85 -6.68 11.55
N GLN A 105 -3.71 -6.78 12.24
CA GLN A 105 -2.73 -7.85 12.07
C GLN A 105 -3.24 -9.09 12.81
N ASP A 106 -3.03 -10.29 12.27
CA ASP A 106 -3.67 -11.50 12.83
C ASP A 106 -3.02 -12.04 14.12
N GLY A 107 -3.14 -11.22 15.17
CA GLY A 107 -2.65 -11.39 16.53
C GLY A 107 -3.19 -10.33 17.49
N SER A 108 -3.49 -9.10 17.03
CA SER A 108 -4.25 -8.07 17.75
C SER A 108 -4.76 -6.98 16.78
N SER A 109 -5.79 -6.23 17.15
CA SER A 109 -6.33 -5.11 16.36
C SER A 109 -6.54 -3.84 17.19
N ILE A 110 -6.49 -2.69 16.51
CA ILE A 110 -6.45 -1.35 17.12
C ILE A 110 -7.18 -0.32 16.24
N ARG A 111 -7.81 0.67 16.87
CA ARG A 111 -8.46 1.82 16.21
C ARG A 111 -7.98 3.14 16.80
N GLY A 112 -7.92 4.19 15.98
CA GLY A 112 -7.49 5.53 16.39
C GLY A 112 -7.65 6.58 15.27
N ASN A 113 -6.92 7.69 15.38
CA ASN A 113 -6.88 8.74 14.34
C ASN A 113 -5.86 8.44 13.23
N THR A 114 -4.68 7.91 13.60
CA THR A 114 -3.57 7.53 12.71
C THR A 114 -2.66 6.48 13.36
N LEU A 115 -1.91 5.72 12.57
CA LEU A 115 -0.82 4.83 13.01
C LEU A 115 0.12 4.48 11.83
N LYS A 116 1.25 3.83 12.12
CA LYS A 116 2.13 3.20 11.11
C LYS A 116 2.24 1.69 11.36
N TYR A 117 2.44 0.92 10.28
CA TYR A 117 2.71 -0.52 10.29
C TYR A 117 4.16 -0.80 10.69
N SER A 118 4.46 -1.97 11.27
CA SER A 118 5.82 -2.49 11.44
C SER A 118 5.85 -4.01 11.62
N MET A 119 6.79 -4.70 10.98
CA MET A 119 6.99 -6.15 11.13
C MET A 119 7.61 -6.54 12.48
N ASN A 120 8.28 -5.61 13.17
CA ASN A 120 9.06 -5.86 14.38
C ASN A 120 8.21 -6.07 15.66
N LYS A 121 6.88 -6.21 15.54
CA LYS A 121 5.96 -6.38 16.67
C LYS A 121 4.74 -7.23 16.28
N GLY A 122 4.40 -8.24 17.06
CA GLY A 122 3.27 -9.15 16.77
C GLY A 122 1.90 -8.57 17.17
N ASP A 123 1.86 -7.78 18.23
CA ASP A 123 0.65 -7.26 18.89
C ASP A 123 0.52 -5.72 18.80
N VAL A 124 -0.70 -5.23 19.01
CA VAL A 124 -1.03 -3.80 19.12
C VAL A 124 -1.88 -3.55 20.36
N GLU A 125 -1.69 -2.38 20.95
CA GLU A 125 -2.19 -1.94 22.26
C GLU A 125 -2.41 -0.42 22.22
N ALA A 126 -3.40 0.08 22.96
CA ALA A 126 -3.80 1.49 23.02
C ALA A 126 -3.93 2.06 24.45
N GLN A 127 -4.01 1.23 25.51
CA GLN A 127 -4.11 1.73 26.90
C GLN A 127 -2.74 2.02 27.53
N GLY A 128 -2.74 2.51 28.78
CA GLY A 128 -1.54 2.95 29.51
C GLY A 128 -1.07 4.35 29.10
N SER A 129 -0.76 4.55 27.81
CA SER A 129 -0.54 5.87 27.17
C SER A 129 0.46 6.82 27.88
N SER A 130 1.43 6.29 28.64
CA SER A 130 2.42 7.07 29.40
C SER A 130 3.63 6.21 29.79
N SER A 131 4.71 6.85 30.26
CA SER A 131 5.89 6.18 30.84
C SER A 131 6.72 7.13 31.70
N ASN A 132 7.26 6.60 32.80
CA ASN A 132 8.37 7.23 33.52
C ASN A 132 9.69 7.11 32.73
N ARG A 133 10.71 7.80 33.21
CA ARG A 133 12.13 7.47 33.01
C ARG A 133 12.83 7.42 34.37
N ILE B 3 8.67 -2.01 -14.26
CA ILE B 3 7.25 -1.96 -13.90
C ILE B 3 6.38 -2.43 -15.08
N THR B 4 5.19 -2.96 -14.81
CA THR B 4 4.29 -3.54 -15.81
C THR B 4 2.85 -3.16 -15.47
N TYR B 5 2.07 -2.74 -16.46
CA TYR B 5 0.68 -2.31 -16.27
C TYR B 5 -0.20 -2.84 -17.43
N ASN B 7 -3.74 -2.65 -19.11
CA ASN B 7 -4.66 -1.52 -19.21
C ASN B 7 -6.08 -1.90 -19.68
N ARG B 8 -6.52 -3.11 -19.27
CA ARG B 8 -7.87 -3.67 -19.04
C ARG B 8 -9.05 -3.31 -19.95
N THR B 10 -8.59 -1.30 -23.21
CA THR B 10 -8.02 -1.38 -24.58
C THR B 10 -7.20 -2.66 -24.84
N LYS B 12 -4.95 -4.80 -23.87
CA LYS B 12 -3.50 -5.09 -23.83
C LYS B 12 -2.77 -4.50 -22.61
N CYS B 13 -1.44 -4.59 -22.65
CA CYS B 13 -0.54 -4.22 -21.56
C CYS B 13 0.60 -3.31 -22.03
N ARG B 15 4.54 -1.10 -20.38
CA ARG B 15 5.37 -0.48 -19.34
C ARG B 15 4.74 0.83 -18.83
N TYR B 16 5.42 1.47 -17.88
CA TYR B 16 5.26 2.86 -17.45
C TYR B 16 6.66 3.40 -17.18
N GLY A 1 24.05 1.48 1.62
CA GLY A 1 23.82 0.41 0.62
C GLY A 1 22.47 0.59 -0.02
N LEU A 2 22.08 -0.30 -0.93
CA LEU A 2 20.78 -0.33 -1.60
C LEU A 2 20.35 -1.79 -1.86
N PRO A 3 19.05 -2.08 -2.06
CA PRO A 3 18.58 -3.44 -2.38
C PRO A 3 18.97 -3.86 -3.81
N SER A 4 19.03 -5.18 -4.03
CA SER A 4 19.30 -5.79 -5.34
C SER A 4 18.11 -5.70 -6.30
N ASP A 5 17.78 -4.48 -6.76
CA ASP A 5 16.59 -4.20 -7.59
C ASP A 5 16.66 -4.72 -9.04
N ARG A 6 17.64 -5.58 -9.35
CA ARG A 6 17.67 -6.47 -10.51
C ARG A 6 16.90 -7.78 -10.29
N ASN A 7 16.58 -8.10 -9.03
CA ASN A 7 15.89 -9.32 -8.59
C ASN A 7 14.48 -9.05 -8.03
N GLN A 8 13.98 -7.80 -8.08
CA GLN A 8 12.66 -7.42 -7.58
C GLN A 8 11.95 -6.42 -8.49
N GLN A 9 10.62 -6.56 -8.56
CA GLN A 9 9.73 -5.57 -9.16
C GLN A 9 8.46 -5.40 -8.34
N ILE A 10 7.90 -4.20 -8.45
CA ILE A 10 6.48 -3.94 -8.17
C ILE A 10 5.81 -3.85 -9.55
N SER A 11 4.68 -4.55 -9.71
CA SER A 11 3.90 -4.53 -10.94
C SER A 11 2.42 -4.41 -10.60
N LEU A 12 1.66 -3.66 -11.42
CA LEU A 12 0.27 -3.34 -11.14
C LEU A 12 -0.65 -3.50 -12.35
N VAL A 13 -1.92 -3.78 -12.07
CA VAL A 13 -3.03 -3.84 -13.03
C VAL A 13 -4.12 -2.82 -12.67
N ALA A 14 -4.65 -2.13 -13.69
CA ALA A 14 -5.68 -1.10 -13.54
C ALA A 14 -6.74 -1.14 -14.66
N ASP A 15 -7.94 -0.61 -14.37
CA ASP A 15 -9.00 -0.43 -15.37
C ASP A 15 -8.82 0.86 -16.19
N ARG A 16 -8.43 1.97 -15.55
CA ARG A 16 -8.26 3.30 -16.19
C ARG A 16 -7.19 4.16 -15.50
N ALA A 17 -5.94 3.72 -15.51
CA ALA A 17 -4.84 4.49 -14.93
C ALA A 17 -4.53 5.78 -15.73
N THR A 18 -4.62 6.92 -15.04
CA THR A 18 -4.41 8.27 -15.58
C THR A 18 -2.96 8.73 -15.32
N TYR A 19 -2.05 8.27 -16.17
CA TYR A 19 -0.67 8.75 -16.19
C TYR A 19 -0.62 10.17 -16.78
N ASN A 20 -0.27 11.15 -15.94
CA ASN A 20 -0.28 12.56 -16.31
C ASN A 20 1.05 12.92 -16.97
N GLU A 21 1.24 12.46 -18.21
CA GLU A 21 2.50 12.58 -18.97
C GLU A 21 3.00 14.04 -19.14
N LYS A 22 2.09 15.03 -19.01
CA LYS A 22 2.37 16.47 -18.83
C LYS A 22 3.39 16.81 -17.72
N THR A 23 3.59 15.90 -16.77
CA THR A 23 4.57 15.96 -15.68
C THR A 23 5.19 14.60 -15.33
N GLY A 24 4.78 13.50 -15.99
CA GLY A 24 5.27 12.14 -15.74
C GLY A 24 4.82 11.45 -14.44
N LEU A 25 3.85 12.00 -13.69
CA LEU A 25 3.31 11.40 -12.45
C LEU A 25 1.99 10.68 -12.72
N THR A 26 1.67 9.62 -11.97
CA THR A 26 0.55 8.71 -12.31
C THR A 26 -0.41 8.47 -11.15
N THR A 27 -1.71 8.54 -11.46
CA THR A 27 -2.77 7.91 -10.65
C THR A 27 -3.24 6.64 -11.35
N TYR A 28 -3.16 5.51 -10.66
CA TYR A 28 -3.75 4.25 -11.10
C TYR A 28 -5.19 4.20 -10.58
N THR A 29 -6.16 4.07 -11.48
CA THR A 29 -7.60 4.28 -11.18
C THR A 29 -8.47 3.14 -11.71
N GLY A 30 -9.55 2.85 -10.98
CA GLY A 30 -10.48 1.76 -11.28
C GLY A 30 -9.96 0.43 -10.76
N ASN A 31 -10.29 0.13 -9.50
CA ASN A 31 -10.13 -1.15 -8.81
C ASN A 31 -8.77 -1.85 -9.02
N VAL A 32 -7.71 -1.06 -8.84
CA VAL A 32 -6.34 -1.44 -9.20
C VAL A 32 -5.70 -2.35 -8.16
N VAL A 33 -4.69 -3.12 -8.58
CA VAL A 33 -3.93 -4.05 -7.73
C VAL A 33 -2.43 -3.84 -7.96
N ILE A 34 -1.64 -3.70 -6.88
CA ILE A 34 -0.20 -3.39 -6.90
C ILE A 34 0.57 -4.26 -5.90
N GLU A 35 0.69 -5.54 -6.23
CA GLU A 35 1.21 -6.61 -5.37
C GLU A 35 2.75 -6.62 -5.21
N GLN A 36 3.25 -7.14 -4.08
CA GLN A 36 4.64 -7.61 -3.96
C GLN A 36 4.79 -8.71 -2.90
N GLY A 37 5.01 -9.95 -3.33
CA GLY A 37 5.30 -11.08 -2.45
C GLY A 37 4.18 -11.36 -1.45
N THR A 38 4.39 -11.02 -0.17
CA THR A 38 3.37 -11.17 0.90
C THR A 38 2.53 -9.93 1.15
N MET A 39 2.85 -8.76 0.58
CA MET A 39 1.98 -7.58 0.65
C MET A 39 0.94 -7.58 -0.48
N LYS A 40 -0.31 -7.38 -0.09
CA LYS A 40 -1.51 -7.40 -0.94
C LYS A 40 -2.16 -6.01 -0.91
N LEU A 41 -2.15 -5.28 -2.02
CA LEU A 41 -2.42 -3.85 -2.07
C LEU A 41 -3.38 -3.54 -3.23
N GLN A 42 -4.65 -3.26 -2.90
CA GLN A 42 -5.69 -3.04 -3.92
C GLN A 42 -6.79 -2.09 -3.43
N ALA A 43 -7.20 -1.14 -4.28
CA ALA A 43 -8.19 -0.10 -3.96
C ALA A 43 -8.82 0.48 -5.24
N ASP A 44 -9.89 1.28 -5.12
CA ASP A 44 -10.51 1.97 -6.26
C ASP A 44 -9.54 2.93 -6.97
N SER A 45 -8.57 3.49 -6.23
CA SER A 45 -7.46 4.25 -6.79
C SER A 45 -6.20 4.28 -5.92
N ILE A 46 -5.05 4.39 -6.58
CA ILE A 46 -3.71 4.54 -6.00
C ILE A 46 -3.01 5.71 -6.72
N VAL A 47 -2.69 6.78 -6.00
CA VAL A 47 -1.88 7.90 -6.51
C VAL A 47 -0.40 7.61 -6.24
N ALA A 48 0.51 7.83 -7.19
CA ALA A 48 1.95 7.66 -7.00
C ALA A 48 2.76 8.82 -7.60
N THR A 49 3.84 9.22 -6.93
CA THR A 49 4.76 10.26 -7.41
C THR A 49 6.17 9.71 -7.59
N LEU A 50 6.90 10.23 -8.60
CA LEU A 50 8.25 9.79 -8.93
C LEU A 50 9.18 10.94 -9.35
N ASN A 51 10.48 10.66 -9.35
CA ASN A 51 11.56 11.63 -9.58
C ASN A 51 11.92 11.76 -11.07
N SER A 52 12.73 12.76 -11.41
CA SER A 52 13.44 12.84 -12.70
C SER A 52 14.32 11.59 -12.98
N LYS A 53 14.82 10.93 -11.91
CA LYS A 53 15.50 9.63 -11.96
C LYS A 53 14.56 8.40 -11.99
N ARG A 54 13.27 8.58 -12.30
CA ARG A 54 12.17 7.59 -12.41
C ARG A 54 11.79 6.82 -11.14
N GLU A 55 12.67 6.81 -10.14
CA GLU A 55 12.45 6.31 -8.78
C GLU A 55 11.24 6.97 -8.09
N ILE A 56 10.39 6.17 -7.44
CA ILE A 56 9.22 6.62 -6.65
C ILE A 56 9.66 7.50 -5.46
N GLN A 57 8.85 8.48 -5.05
CA GLN A 57 8.91 9.02 -3.67
C GLN A 57 7.89 8.31 -2.76
N THR A 58 6.59 8.51 -3.00
CA THR A 58 5.53 8.00 -2.12
C THR A 58 4.24 7.68 -2.89
N ILE A 59 3.33 6.95 -2.25
CA ILE A 59 2.12 6.37 -2.84
C ILE A 59 0.94 6.56 -1.87
N THR A 60 -0.22 7.01 -2.34
CA THR A 60 -1.43 7.23 -1.51
C THR A 60 -2.62 6.42 -2.06
N ALA A 61 -3.19 5.54 -1.23
CA ALA A 61 -4.30 4.66 -1.57
C ALA A 61 -5.63 5.21 -1.06
N LYS A 62 -6.67 5.19 -1.90
CA LYS A 62 -8.02 5.65 -1.55
C LYS A 62 -9.11 4.94 -2.36
N GLY A 63 -10.16 4.54 -1.65
CA GLY A 63 -11.33 3.80 -2.14
C GLY A 63 -12.27 3.47 -0.98
N ARG A 64 -13.36 2.75 -1.26
CA ARG A 64 -14.27 2.16 -0.25
C ARG A 64 -14.68 0.75 -0.71
N PRO A 65 -13.92 -0.30 -0.37
CA PRO A 65 -12.80 -0.33 0.59
C PRO A 65 -11.49 0.31 0.10
N SER A 66 -10.65 0.69 1.07
CA SER A 66 -9.24 1.06 0.86
C SER A 66 -8.27 0.02 1.44
N LYS A 67 -8.76 -0.95 2.22
CA LYS A 67 -7.94 -1.94 2.95
C LYS A 67 -6.87 -2.63 2.12
N PHE A 68 -5.64 -2.63 2.63
CA PHE A 68 -4.60 -3.57 2.23
C PHE A 68 -4.67 -4.88 3.05
N GLN A 69 -3.75 -5.79 2.77
CA GLN A 69 -3.57 -7.11 3.40
C GLN A 69 -2.07 -7.43 3.46
N GLN A 70 -1.64 -8.22 4.43
CA GLN A 70 -0.34 -8.89 4.38
C GLN A 70 -0.52 -10.35 4.83
N GLN A 71 0.12 -11.28 4.13
CA GLN A 71 0.04 -12.71 4.44
C GLN A 71 1.05 -13.05 5.56
N ILE A 72 0.56 -13.23 6.80
CA ILE A 72 1.41 -13.16 8.01
C ILE A 72 2.13 -14.48 8.35
N SER A 73 1.51 -15.63 8.10
CA SER A 73 2.05 -16.97 8.39
C SER A 73 1.31 -18.05 7.59
N ALA A 74 1.78 -19.31 7.67
CA ALA A 74 1.20 -20.44 6.94
C ALA A 74 -0.17 -20.90 7.49
N ASP A 75 -0.40 -20.77 8.80
CA ASP A 75 -1.69 -20.98 9.46
C ASP A 75 -2.47 -19.65 9.55
N LYS A 76 -1.86 -18.64 10.20
CA LYS A 76 -2.44 -17.32 10.42
C LYS A 76 -2.06 -16.37 9.31
N GLY A 77 -2.60 -16.60 8.11
CA GLY A 77 -2.31 -15.79 6.92
C GLY A 77 -2.91 -14.37 6.91
N ILE A 78 -3.28 -13.77 8.06
CA ILE A 78 -4.31 -12.72 8.12
C ILE A 78 -3.86 -11.41 8.81
N ALA A 79 -3.96 -10.30 8.07
CA ALA A 79 -3.99 -8.94 8.62
C ALA A 79 -4.83 -8.00 7.74
N ARG A 80 -5.32 -6.91 8.33
CA ARG A 80 -6.12 -5.85 7.68
C ARG A 80 -5.75 -4.49 8.27
N GLY A 81 -5.99 -3.40 7.54
CA GLY A 81 -5.96 -2.05 8.08
C GLY A 81 -6.81 -1.08 7.27
N GLU A 82 -7.39 -0.06 7.92
CA GLU A 82 -8.28 0.92 7.29
C GLU A 82 -8.16 2.32 7.93
N GLY A 83 -8.81 3.31 7.33
CA GLY A 83 -8.91 4.66 7.89
C GLY A 83 -9.82 5.59 7.08
N GLN A 84 -9.35 6.80 6.83
CA GLN A 84 -9.91 7.77 5.89
C GLN A 84 -8.89 8.19 4.80
N THR A 85 -7.60 7.86 4.99
CA THR A 85 -6.55 7.93 3.97
C THR A 85 -5.46 6.92 4.34
N ILE A 86 -4.85 6.29 3.33
CA ILE A 86 -3.76 5.33 3.50
C ILE A 86 -2.59 5.79 2.63
N VAL A 87 -1.36 5.74 3.16
CA VAL A 87 -0.13 6.09 2.45
C VAL A 87 0.87 4.92 2.54
N TYR A 88 1.69 4.73 1.51
CA TYR A 88 2.80 3.80 1.46
C TYR A 88 4.05 4.57 1.03
N ASN A 89 4.83 4.96 2.04
CA ASN A 89 6.03 5.75 1.89
C ASN A 89 7.18 4.89 1.38
N ALA A 90 7.31 4.79 0.05
CA ALA A 90 8.40 4.07 -0.62
C ALA A 90 9.79 4.65 -0.32
N ASP A 91 9.85 5.91 0.11
CA ASP A 91 11.00 6.60 0.71
C ASP A 91 11.55 5.93 1.99
N THR A 92 10.76 5.11 2.69
CA THR A 92 11.15 4.45 3.96
C THR A 92 10.63 2.99 4.09
N GLY A 93 9.81 2.52 3.15
CA GLY A 93 9.29 1.15 3.09
C GLY A 93 8.06 0.86 3.98
N ILE A 94 7.34 1.89 4.44
CA ILE A 94 6.28 1.76 5.47
C ILE A 94 4.90 2.19 4.94
N ILE A 95 3.88 1.35 5.20
CA ILE A 95 2.47 1.68 5.02
C ILE A 95 1.93 2.34 6.30
N THR A 96 1.12 3.40 6.17
CA THR A 96 0.52 4.12 7.30
C THR A 96 -0.97 4.41 7.03
N LEU A 97 -1.80 4.17 8.04
CA LEU A 97 -3.22 4.50 8.11
C LEU A 97 -3.40 5.88 8.76
N SER A 98 -4.38 6.65 8.31
CA SER A 98 -4.74 7.97 8.87
C SER A 98 -6.26 8.18 8.96
N GLY A 99 -6.69 9.04 9.89
CA GLY A 99 -8.10 9.33 10.18
C GLY A 99 -8.67 8.40 11.23
N GLY A 100 -9.68 7.60 10.88
CA GLY A 100 -10.18 6.51 11.73
C GLY A 100 -9.26 5.29 11.77
N ALA A 101 -7.94 5.50 11.87
CA ALA A 101 -6.89 4.53 11.57
C ALA A 101 -7.01 3.24 12.39
N TYR A 102 -6.91 2.08 11.72
CA TYR A 102 -7.31 0.77 12.23
C TYR A 102 -6.34 -0.35 11.79
N LEU A 103 -6.17 -1.35 12.65
CA LEU A 103 -5.36 -2.55 12.42
C LEU A 103 -6.09 -3.79 12.94
N TYR A 104 -5.99 -4.89 12.19
CA TYR A 104 -6.31 -6.26 12.62
C TYR A 104 -5.18 -7.22 12.23
N GLN A 105 -4.93 -8.21 13.08
CA GLN A 105 -3.99 -9.33 12.94
C GLN A 105 -4.64 -10.56 13.61
N ASP A 106 -4.13 -11.78 13.39
CA ASP A 106 -4.58 -12.93 14.20
C ASP A 106 -4.39 -12.65 15.71
N GLY A 107 -5.42 -12.97 16.48
CA GLY A 107 -5.50 -12.68 17.92
C GLY A 107 -5.43 -11.21 18.35
N SER A 108 -5.51 -10.21 17.45
CA SER A 108 -5.33 -8.79 17.86
C SER A 108 -5.96 -7.73 16.93
N SER A 109 -6.35 -6.60 17.52
CA SER A 109 -6.77 -5.40 16.80
C SER A 109 -6.50 -4.14 17.62
N ILE A 110 -6.22 -3.01 16.96
CA ILE A 110 -5.94 -1.71 17.60
C ILE A 110 -6.26 -0.56 16.63
N ARG A 111 -6.38 0.67 17.16
CA ARG A 111 -6.67 1.88 16.39
C ARG A 111 -6.10 3.16 17.01
N GLY A 112 -6.05 4.24 16.23
CA GLY A 112 -5.64 5.58 16.65
C GLY A 112 -6.11 6.67 15.66
N ASN A 113 -5.53 7.87 15.77
CA ASN A 113 -5.67 8.93 14.75
C ASN A 113 -4.82 8.63 13.50
N THR A 114 -3.71 7.93 13.71
CA THR A 114 -2.79 7.39 12.72
C THR A 114 -2.19 6.10 13.29
N LEU A 115 -1.78 5.16 12.44
CA LEU A 115 -0.87 4.08 12.83
C LEU A 115 -0.05 3.58 11.63
N LYS A 116 1.23 3.33 11.87
CA LYS A 116 2.18 2.83 10.86
C LYS A 116 2.37 1.33 10.98
N TYR A 117 2.25 0.60 9.87
CA TYR A 117 2.32 -0.86 9.81
C TYR A 117 3.74 -1.39 10.12
N SER A 118 3.90 -2.70 10.27
CA SER A 118 5.19 -3.34 10.58
C SER A 118 5.31 -4.69 9.87
N MET A 119 6.36 -4.87 9.05
CA MET A 119 6.60 -6.12 8.31
C MET A 119 7.09 -7.23 9.26
N ASN A 120 8.15 -6.96 10.03
CA ASN A 120 8.43 -7.73 11.25
C ASN A 120 7.31 -7.44 12.26
N LYS A 121 6.63 -8.48 12.74
CA LYS A 121 5.23 -8.36 13.19
C LYS A 121 5.07 -7.86 14.63
N GLY A 122 6.14 -7.85 15.42
CA GLY A 122 6.27 -7.04 16.64
C GLY A 122 5.29 -7.37 17.77
N ASP A 123 4.80 -6.32 18.42
CA ASP A 123 3.84 -6.32 19.53
C ASP A 123 2.84 -5.15 19.35
N VAL A 124 1.73 -5.17 20.08
CA VAL A 124 0.52 -4.35 19.81
C VAL A 124 0.29 -3.17 20.77
N GLU A 125 1.19 -2.93 21.74
CA GLU A 125 1.08 -1.78 22.66
C GLU A 125 1.12 -0.43 21.90
N ALA A 126 0.21 0.48 22.27
CA ALA A 126 -0.14 1.66 21.48
C ALA A 126 -0.25 2.91 22.36
N GLN A 127 0.92 3.46 22.71
CA GLN A 127 1.12 4.66 23.55
C GLN A 127 0.17 5.84 23.26
N GLY A 128 -0.24 6.04 22.00
CA GLY A 128 -1.28 7.00 21.58
C GLY A 128 -0.87 8.47 21.58
N SER A 129 -0.22 8.94 22.65
CA SER A 129 0.42 10.25 22.77
C SER A 129 1.55 10.19 23.81
N SER A 130 2.61 10.97 23.61
CA SER A 130 3.75 11.07 24.53
C SER A 130 4.42 12.43 24.36
N SER A 131 4.51 13.20 25.44
CA SER A 131 5.06 14.56 25.40
C SER A 131 6.57 14.58 25.15
N ASN A 132 7.03 15.52 24.31
CA ASN A 132 8.45 15.84 24.17
C ASN A 132 9.00 16.56 25.41
N ARG A 133 10.33 16.54 25.48
CA ARG A 133 11.17 17.69 25.84
C ARG A 133 12.30 17.78 24.80
N ILE B 3 9.34 0.51 -11.60
CA ILE B 3 7.90 0.20 -11.48
C ILE B 3 7.31 -0.26 -12.84
N THR B 4 6.42 -1.26 -12.81
CA THR B 4 5.73 -1.81 -13.99
C THR B 4 4.20 -1.61 -13.89
N TYR B 5 3.52 -1.31 -15.01
CA TYR B 5 2.07 -1.02 -15.07
C TYR B 5 1.38 -1.58 -16.33
N ASN B 7 -2.69 -2.15 -18.19
CA ASN B 7 -4.07 -1.65 -18.13
C ASN B 7 -5.06 -2.57 -18.87
N ARG B 8 -6.33 -2.54 -18.47
CA ARG B 8 -7.47 -3.04 -19.26
C ARG B 8 -7.53 -2.28 -20.58
N THR B 10 -5.49 -1.92 -22.87
CA THR B 10 -4.13 -1.89 -23.47
C THR B 10 -3.59 -3.30 -23.64
N LYS B 12 -0.95 -4.74 -23.27
CA LYS B 12 0.48 -4.42 -23.18
C LYS B 12 0.78 -3.56 -21.95
N CYS B 13 1.97 -3.75 -21.41
CA CYS B 13 2.44 -3.15 -20.16
C CYS B 13 3.31 -1.91 -20.40
N ARG B 15 6.23 1.20 -18.15
CA ARG B 15 6.66 1.97 -16.95
C ARG B 15 5.45 2.63 -16.23
N TYR B 16 5.69 3.48 -15.24
CA TYR B 16 4.70 4.38 -14.61
C TYR B 16 3.80 5.14 -15.60
N GLY A 1 26.20 -12.77 -18.48
CA GLY A 1 26.79 -13.06 -17.15
C GLY A 1 26.39 -11.98 -16.17
N LEU A 2 26.97 -11.98 -14.97
CA LEU A 2 26.66 -11.11 -13.83
C LEU A 2 25.22 -11.31 -13.27
N PRO A 3 25.05 -11.87 -12.04
CA PRO A 3 23.73 -12.04 -11.44
C PRO A 3 23.17 -10.71 -10.93
N SER A 4 21.96 -10.34 -11.36
CA SER A 4 21.22 -9.16 -10.90
C SER A 4 19.74 -9.26 -11.28
N ASP A 5 18.88 -8.45 -10.66
CA ASP A 5 17.41 -8.51 -10.74
C ASP A 5 16.77 -8.12 -12.08
N ARG A 6 17.50 -8.19 -13.20
CA ARG A 6 16.97 -8.10 -14.57
C ARG A 6 15.94 -9.19 -14.92
N ASN A 7 15.77 -10.17 -14.03
CA ASN A 7 14.88 -11.32 -14.16
C ASN A 7 13.52 -11.13 -13.44
N GLN A 8 13.28 -10.01 -12.75
CA GLN A 8 12.07 -9.79 -11.94
C GLN A 8 11.51 -8.37 -12.04
N GLN A 9 10.24 -8.20 -11.62
CA GLN A 9 9.52 -6.93 -11.59
C GLN A 9 8.27 -7.00 -10.69
N ILE A 10 7.71 -5.83 -10.36
CA ILE A 10 6.33 -5.67 -9.88
C ILE A 10 5.40 -5.47 -11.10
N SER A 11 4.14 -5.88 -10.98
CA SER A 11 3.08 -5.59 -11.96
C SER A 11 1.87 -4.92 -11.30
N LEU A 12 1.29 -3.91 -11.94
CA LEU A 12 -0.02 -3.33 -11.57
C LEU A 12 -0.99 -3.36 -12.75
N VAL A 13 -2.29 -3.51 -12.45
CA VAL A 13 -3.38 -3.54 -13.43
C VAL A 13 -4.45 -2.49 -13.12
N ALA A 14 -4.80 -1.63 -14.09
CA ALA A 14 -5.75 -0.52 -13.88
C ALA A 14 -6.65 -0.27 -15.12
N ASP A 15 -7.81 0.36 -14.94
CA ASP A 15 -8.84 0.52 -15.98
C ASP A 15 -8.84 1.93 -16.63
N ARG A 16 -8.55 2.97 -15.85
CA ARG A 16 -8.26 4.34 -16.35
C ARG A 16 -7.09 4.91 -15.55
N ALA A 17 -5.86 4.57 -15.97
CA ALA A 17 -4.65 5.13 -15.38
C ALA A 17 -4.37 6.52 -15.96
N THR A 18 -3.97 7.46 -15.10
CA THR A 18 -3.63 8.84 -15.42
C THR A 18 -2.21 9.12 -14.92
N TYR A 19 -1.24 8.67 -15.72
CA TYR A 19 0.20 8.93 -15.55
C TYR A 19 0.61 10.20 -16.32
N ASN A 20 1.77 10.80 -16.02
CA ASN A 20 2.16 12.07 -16.63
C ASN A 20 3.68 12.29 -16.72
N GLU A 21 4.21 12.24 -17.96
CA GLU A 21 5.59 12.57 -18.33
C GLU A 21 6.08 13.87 -17.69
N LYS A 22 5.29 14.94 -17.88
CA LYS A 22 5.59 16.33 -17.52
C LYS A 22 5.60 16.63 -16.00
N THR A 23 5.45 15.63 -15.13
CA THR A 23 5.54 15.83 -13.66
C THR A 23 5.88 14.58 -12.82
N GLY A 24 5.89 13.36 -13.36
CA GLY A 24 6.27 12.16 -12.58
C GLY A 24 5.24 11.67 -11.55
N LEU A 25 3.97 12.03 -11.71
CA LEU A 25 2.85 11.57 -10.87
C LEU A 25 2.00 10.54 -11.62
N THR A 26 1.25 9.69 -10.89
CA THR A 26 0.24 8.81 -11.47
C THR A 26 -0.93 8.57 -10.52
N THR A 27 -2.17 8.63 -11.01
CA THR A 27 -3.35 8.06 -10.36
C THR A 27 -3.89 6.88 -11.17
N TYR A 28 -4.12 5.75 -10.52
CA TYR A 28 -4.86 4.61 -11.07
C TYR A 28 -6.35 4.75 -10.70
N THR A 29 -7.25 4.19 -11.52
CA THR A 29 -8.70 4.11 -11.20
C THR A 29 -9.32 2.84 -11.80
N GLY A 30 -10.43 2.38 -11.22
CA GLY A 30 -11.15 1.18 -11.62
C GLY A 30 -10.48 -0.09 -11.13
N ASN A 31 -10.68 -0.38 -9.84
CA ASN A 31 -10.30 -1.61 -9.13
C ASN A 31 -8.87 -2.09 -9.47
N VAL A 32 -7.88 -1.31 -9.01
CA VAL A 32 -6.44 -1.57 -9.19
C VAL A 32 -5.89 -2.55 -8.16
N VAL A 33 -5.00 -3.42 -8.62
CA VAL A 33 -4.22 -4.34 -7.77
C VAL A 33 -2.73 -4.18 -8.08
N ILE A 34 -1.90 -4.18 -7.03
CA ILE A 34 -0.44 -4.12 -7.08
C ILE A 34 0.16 -4.97 -5.94
N GLU A 35 1.08 -5.88 -6.26
CA GLU A 35 1.71 -6.75 -5.27
C GLU A 35 3.05 -7.34 -5.76
N GLN A 36 3.76 -8.05 -4.88
CA GLN A 36 4.88 -8.94 -5.27
C GLN A 36 4.93 -10.23 -4.42
N GLY A 37 3.79 -10.91 -4.24
CA GLY A 37 3.67 -12.19 -3.52
C GLY A 37 3.13 -12.02 -2.10
N THR A 38 3.90 -11.37 -1.22
CA THR A 38 3.61 -11.31 0.23
C THR A 38 3.10 -9.96 0.73
N MET A 39 3.38 -8.85 0.03
CA MET A 39 2.81 -7.51 0.29
C MET A 39 1.85 -7.14 -0.83
N LYS A 40 0.56 -6.94 -0.51
CA LYS A 40 -0.54 -7.01 -1.48
C LYS A 40 -1.51 -5.84 -1.26
N LEU A 41 -1.67 -4.97 -2.26
CA LEU A 41 -2.52 -3.78 -2.19
C LEU A 41 -3.62 -3.84 -3.26
N GLN A 42 -4.86 -3.61 -2.82
CA GLN A 42 -6.06 -3.70 -3.64
C GLN A 42 -7.08 -2.62 -3.22
N ALA A 43 -7.34 -1.66 -4.11
CA ALA A 43 -8.27 -0.55 -3.89
C ALA A 43 -8.77 -0.03 -5.24
N ASP A 44 -9.75 0.88 -5.27
CA ASP A 44 -10.21 1.38 -6.58
C ASP A 44 -9.25 2.37 -7.23
N SER A 45 -8.58 3.22 -6.44
CA SER A 45 -7.77 4.31 -6.96
C SER A 45 -6.50 4.60 -6.15
N ILE A 46 -5.50 3.71 -6.29
CA ILE A 46 -4.15 3.95 -5.77
C ILE A 46 -3.48 5.12 -6.54
N VAL A 47 -2.66 5.91 -5.84
CA VAL A 47 -1.87 7.03 -6.36
C VAL A 47 -0.39 6.77 -6.08
N ALA A 48 0.46 7.06 -7.04
CA ALA A 48 1.91 6.91 -6.95
C ALA A 48 2.64 8.17 -7.44
N THR A 49 3.85 8.37 -6.92
CA THR A 49 4.74 9.48 -7.29
C THR A 49 6.15 8.91 -7.51
N LEU A 50 6.84 9.31 -8.58
CA LEU A 50 8.13 8.74 -8.95
C LEU A 50 9.16 9.79 -9.39
N ASN A 51 10.39 9.58 -8.93
CA ASN A 51 11.57 10.36 -9.24
C ASN A 51 12.12 9.95 -10.61
N SER A 52 12.93 10.81 -11.24
CA SER A 52 13.55 10.57 -12.57
C SER A 52 14.38 9.28 -12.67
N LYS A 53 14.81 8.72 -11.54
CA LYS A 53 15.39 7.38 -11.34
C LYS A 53 14.51 6.19 -11.78
N ARG A 54 13.20 6.39 -11.99
CA ARG A 54 12.13 5.37 -11.92
C ARG A 54 11.96 4.75 -10.52
N GLU A 55 12.34 5.49 -9.48
CA GLU A 55 12.16 5.12 -8.07
C GLU A 55 10.98 5.90 -7.47
N ILE A 56 10.12 5.20 -6.71
CA ILE A 56 8.97 5.81 -6.03
C ILE A 56 9.43 6.82 -4.97
N GLN A 57 8.70 7.93 -4.82
CA GLN A 57 8.85 8.88 -3.72
C GLN A 57 7.86 8.53 -2.59
N THR A 58 6.55 8.53 -2.87
CA THR A 58 5.51 8.05 -1.93
C THR A 58 4.23 7.60 -2.65
N ILE A 59 3.39 6.81 -1.98
CA ILE A 59 2.15 6.19 -2.51
C ILE A 59 0.96 6.49 -1.57
N THR A 60 -0.27 6.49 -2.10
CA THR A 60 -1.51 6.59 -1.30
C THR A 60 -2.60 5.71 -1.88
N ALA A 61 -3.29 4.91 -1.04
CA ALA A 61 -4.38 4.02 -1.43
C ALA A 61 -5.74 4.54 -0.96
N LYS A 62 -6.73 4.52 -1.86
CA LYS A 62 -8.11 4.95 -1.59
C LYS A 62 -9.13 4.17 -2.44
N GLY A 63 -10.29 3.93 -1.84
CA GLY A 63 -11.37 3.08 -2.34
C GLY A 63 -12.25 2.60 -1.19
N ARG A 64 -13.22 1.72 -1.50
CA ARG A 64 -14.02 0.98 -0.52
C ARG A 64 -14.17 -0.48 -1.01
N PRO A 65 -13.49 -1.46 -0.40
CA PRO A 65 -12.42 -1.31 0.60
C PRO A 65 -11.17 -0.60 0.03
N SER A 66 -10.29 -0.16 0.93
CA SER A 66 -8.97 0.40 0.64
C SER A 66 -7.81 -0.47 1.17
N LYS A 67 -8.12 -1.52 1.95
CA LYS A 67 -7.17 -2.24 2.81
C LYS A 67 -6.05 -2.93 2.03
N PHE A 68 -4.83 -2.83 2.55
CA PHE A 68 -3.76 -3.76 2.19
C PHE A 68 -3.94 -5.09 2.94
N GLN A 69 -3.35 -6.15 2.39
CA GLN A 69 -3.17 -7.44 3.07
C GLN A 69 -1.69 -7.85 2.97
N GLN A 70 -1.16 -8.48 4.01
CA GLN A 70 0.22 -8.95 4.04
C GLN A 70 0.34 -10.32 4.71
N GLN A 71 1.36 -11.10 4.32
CA GLN A 71 1.83 -12.30 5.00
C GLN A 71 3.15 -12.02 5.73
N ILE A 72 3.22 -12.34 7.04
CA ILE A 72 4.41 -12.09 7.89
C ILE A 72 5.13 -13.40 8.25
N SER A 73 4.40 -14.51 8.30
CA SER A 73 4.90 -15.89 8.29
C SER A 73 3.86 -16.78 7.58
N ALA A 74 4.01 -18.11 7.61
CA ALA A 74 2.94 -19.04 7.24
C ALA A 74 1.82 -19.09 8.29
N ASP A 75 2.20 -18.99 9.57
CA ASP A 75 1.36 -19.00 10.76
C ASP A 75 0.64 -17.65 10.99
N LYS A 76 1.33 -16.60 11.46
CA LYS A 76 0.86 -15.20 11.46
C LYS A 76 0.91 -14.57 10.05
N GLY A 77 0.30 -15.24 9.08
CA GLY A 77 0.21 -14.81 7.68
C GLY A 77 -0.77 -13.66 7.42
N ILE A 78 -0.97 -12.74 8.37
CA ILE A 78 -1.99 -11.68 8.26
C ILE A 78 -1.51 -10.29 8.70
N ALA A 79 -2.03 -9.27 8.01
CA ALA A 79 -2.08 -7.87 8.43
C ALA A 79 -3.22 -7.17 7.69
N ARG A 80 -3.86 -6.17 8.32
CA ARG A 80 -4.88 -5.30 7.73
C ARG A 80 -4.73 -3.89 8.29
N GLY A 81 -4.81 -2.86 7.45
CA GLY A 81 -4.87 -1.47 7.89
C GLY A 81 -5.82 -0.65 7.03
N GLU A 82 -6.64 0.17 7.68
CA GLU A 82 -7.80 0.87 7.10
C GLU A 82 -7.98 2.27 7.70
N GLY A 83 -8.81 3.08 7.04
CA GLY A 83 -9.18 4.43 7.43
C GLY A 83 -9.78 5.21 6.26
N GLN A 84 -10.01 6.50 6.45
CA GLN A 84 -10.39 7.42 5.37
C GLN A 84 -9.24 7.68 4.37
N THR A 85 -7.98 7.48 4.76
CA THR A 85 -6.82 7.56 3.86
C THR A 85 -5.68 6.65 4.33
N ILE A 86 -4.99 6.04 3.37
CA ILE A 86 -3.83 5.16 3.60
C ILE A 86 -2.63 5.72 2.83
N VAL A 87 -1.58 6.16 3.52
CA VAL A 87 -0.35 6.71 2.90
C VAL A 87 0.80 5.73 3.09
N TYR A 88 1.34 5.20 1.99
CA TYR A 88 2.45 4.25 1.98
C TYR A 88 3.77 5.00 1.70
N ASN A 89 4.52 5.23 2.76
CA ASN A 89 5.84 5.85 2.73
C ASN A 89 6.86 4.91 2.11
N ALA A 90 7.10 5.05 0.79
CA ALA A 90 8.20 4.37 0.11
C ALA A 90 9.57 4.88 0.59
N ASP A 91 9.62 6.13 1.06
CA ASP A 91 10.73 6.79 1.76
C ASP A 91 11.25 6.04 3.01
N THR A 92 10.47 5.13 3.61
CA THR A 92 10.92 4.25 4.69
C THR A 92 10.34 2.81 4.66
N GLY A 93 9.55 2.45 3.66
CA GLY A 93 8.92 1.13 3.54
C GLY A 93 7.74 0.86 4.49
N ILE A 94 7.03 1.91 4.95
CA ILE A 94 6.00 1.81 6.01
C ILE A 94 4.64 2.36 5.56
N ILE A 95 3.56 1.65 5.88
CA ILE A 95 2.18 2.09 5.63
C ILE A 95 1.67 2.94 6.82
N THR A 96 0.88 3.98 6.53
CA THR A 96 0.26 4.90 7.49
C THR A 96 -1.25 4.93 7.29
N LEU A 97 -2.01 4.85 8.38
CA LEU A 97 -3.46 4.79 8.40
C LEU A 97 -4.02 6.06 9.08
N SER A 98 -5.01 6.73 8.50
CA SER A 98 -5.53 8.00 9.04
C SER A 98 -7.01 8.30 8.73
N GLY A 99 -7.59 9.13 9.60
CA GLY A 99 -9.02 9.50 9.61
C GLY A 99 -9.91 8.32 9.98
N GLY A 100 -10.23 8.14 11.27
CA GLY A 100 -10.98 6.96 11.74
C GLY A 100 -10.24 5.65 11.46
N ALA A 101 -8.93 5.62 11.72
CA ALA A 101 -8.03 4.54 11.33
C ALA A 101 -8.26 3.26 12.15
N TYR A 102 -7.92 2.12 11.55
CA TYR A 102 -8.01 0.78 12.12
C TYR A 102 -6.84 -0.07 11.63
N LEU A 103 -6.25 -0.88 12.53
CA LEU A 103 -5.14 -1.79 12.26
C LEU A 103 -5.41 -3.11 12.98
N TYR A 104 -5.36 -4.23 12.26
CA TYR A 104 -5.62 -5.58 12.76
C TYR A 104 -4.56 -6.59 12.26
N GLN A 105 -4.17 -7.51 13.14
CA GLN A 105 -3.21 -8.58 12.89
C GLN A 105 -3.52 -9.76 13.86
N ASP A 106 -2.69 -10.80 13.90
CA ASP A 106 -2.90 -11.94 14.79
C ASP A 106 -2.90 -11.51 16.27
N GLY A 107 -3.95 -11.90 16.98
CA GLY A 107 -4.19 -11.56 18.40
C GLY A 107 -4.36 -10.07 18.73
N SER A 108 -4.32 -9.15 17.75
CA SER A 108 -4.01 -7.74 18.01
C SER A 108 -4.75 -6.76 17.09
N SER A 109 -5.31 -5.68 17.66
CA SER A 109 -5.86 -4.58 16.86
C SER A 109 -6.01 -3.25 17.62
N ILE A 110 -5.70 -2.14 16.95
CA ILE A 110 -5.80 -0.75 17.46
C ILE A 110 -6.62 0.13 16.51
N ARG A 111 -7.19 1.24 17.02
CA ARG A 111 -7.94 2.26 16.27
C ARG A 111 -7.53 3.67 16.68
N GLY A 112 -7.63 4.65 15.78
CA GLY A 112 -7.22 6.04 16.05
C GLY A 112 -6.97 6.88 14.80
N ASN A 113 -5.80 7.52 14.70
CA ASN A 113 -5.35 8.34 13.58
C ASN A 113 -3.81 8.39 13.52
N THR A 114 -3.25 8.86 12.40
CA THR A 114 -1.79 9.10 12.21
C THR A 114 -0.89 7.87 12.46
N LEU A 115 -1.47 6.67 12.54
CA LEU A 115 -0.79 5.49 13.05
C LEU A 115 -0.07 4.73 11.93
N LYS A 116 1.16 4.28 12.21
CA LYS A 116 2.04 3.61 11.24
C LYS A 116 2.09 2.11 11.49
N TYR A 117 2.27 1.33 10.43
CA TYR A 117 2.33 -0.12 10.47
C TYR A 117 3.72 -0.64 10.89
N SER A 118 3.76 -1.87 11.41
CA SER A 118 4.97 -2.63 11.72
C SER A 118 4.75 -4.07 11.27
N MET A 119 5.74 -4.70 10.62
CA MET A 119 5.52 -6.04 10.01
C MET A 119 5.14 -7.10 11.05
N ASN A 120 5.87 -7.18 12.17
CA ASN A 120 5.50 -8.06 13.29
C ASN A 120 4.50 -7.40 14.25
N LYS A 121 3.78 -8.21 15.04
CA LYS A 121 2.92 -7.78 16.16
C LYS A 121 2.81 -8.87 17.23
N GLY A 122 2.55 -8.41 18.45
CA GLY A 122 2.28 -9.22 19.66
C GLY A 122 1.05 -8.64 20.38
N ASP A 123 1.13 -8.46 21.70
CA ASP A 123 0.07 -7.78 22.47
C ASP A 123 -0.12 -6.31 22.04
N VAL A 124 -1.36 -5.82 22.04
CA VAL A 124 -1.79 -4.49 21.56
C VAL A 124 -3.06 -4.03 22.29
N GLU A 125 -3.11 -2.74 22.62
CA GLU A 125 -4.25 -2.12 23.31
C GLU A 125 -5.50 -2.07 22.43
N ALA A 126 -6.66 -2.45 23.01
CA ALA A 126 -7.96 -2.44 22.34
C ALA A 126 -9.07 -1.92 23.27
N GLN A 127 -10.12 -1.36 22.67
CA GLN A 127 -11.29 -0.82 23.41
C GLN A 127 -12.65 -1.24 22.82
N GLY A 128 -12.76 -1.36 21.49
CA GLY A 128 -14.03 -1.71 20.82
C GLY A 128 -14.40 -0.73 19.70
N SER A 129 -15.52 -0.02 19.88
CA SER A 129 -16.08 0.95 18.93
C SER A 129 -16.95 2.00 19.65
N SER A 130 -17.55 2.93 18.89
CA SER A 130 -18.43 4.00 19.39
C SER A 130 -19.43 4.42 18.29
N SER A 131 -20.32 5.38 18.57
CA SER A 131 -21.33 5.86 17.61
C SER A 131 -21.72 7.33 17.82
N ASN A 132 -22.28 7.96 16.79
CA ASN A 132 -22.61 9.39 16.73
C ASN A 132 -23.88 9.64 15.90
N ARG A 133 -24.45 10.85 16.06
CA ARG A 133 -25.53 11.42 15.23
C ARG A 133 -25.25 12.91 15.06
N ILE B 3 9.28 -2.03 -12.10
CA ILE B 3 7.80 -2.11 -12.05
C ILE B 3 7.22 -2.02 -13.48
N THR B 4 6.00 -2.53 -13.66
CA THR B 4 5.31 -2.71 -14.95
C THR B 4 3.85 -2.27 -14.82
N TYR B 5 3.33 -1.56 -15.83
CA TYR B 5 1.94 -1.08 -15.88
C TYR B 5 1.18 -1.75 -17.03
N ASN B 7 -2.92 -2.41 -18.59
CA ASN B 7 -4.20 -1.72 -18.64
C ASN B 7 -5.34 -2.70 -19.01
N ARG B 8 -6.38 -2.74 -18.17
CA ARG B 8 -7.71 -3.23 -18.58
C ARG B 8 -8.26 -2.28 -19.65
N THR B 10 -8.24 -1.43 -22.56
CA THR B 10 -7.53 -1.57 -23.85
C THR B 10 -6.94 -2.97 -24.01
N LYS B 12 -3.86 -4.01 -23.13
CA LYS B 12 -2.42 -3.89 -23.43
C LYS B 12 -1.63 -3.27 -22.26
N CYS B 13 -0.31 -3.41 -22.28
CA CYS B 13 0.57 -2.75 -21.32
C CYS B 13 1.07 -1.40 -21.84
N ARG B 15 4.25 2.05 -21.08
CA ARG B 15 5.17 2.79 -20.20
C ARG B 15 4.35 3.61 -19.20
N TYR B 16 4.92 3.83 -18.02
CA TYR B 16 4.64 4.96 -17.12
C TYR B 16 5.75 6.00 -17.30
N GLY A 1 25.68 -16.00 -11.31
CA GLY A 1 26.18 -17.01 -12.27
C GLY A 1 25.51 -16.71 -13.58
N LEU A 2 24.48 -17.49 -13.92
CA LEU A 2 23.27 -16.93 -14.50
C LEU A 2 22.64 -15.89 -13.52
N PRO A 3 21.78 -14.97 -13.99
CA PRO A 3 21.01 -14.07 -13.13
C PRO A 3 19.90 -14.81 -12.38
N SER A 4 19.50 -14.28 -11.22
CA SER A 4 18.57 -14.96 -10.28
C SER A 4 17.13 -14.51 -10.38
N ASP A 5 16.88 -13.21 -10.64
CA ASP A 5 15.56 -12.56 -10.61
C ASP A 5 14.91 -12.42 -12.00
N ARG A 6 15.56 -12.99 -13.02
CA ARG A 6 15.22 -13.03 -14.45
C ARG A 6 13.81 -13.51 -14.85
N ASN A 7 12.96 -13.96 -13.91
CA ASN A 7 11.60 -14.44 -14.18
C ASN A 7 10.52 -13.66 -13.41
N GLN A 8 10.86 -12.63 -12.63
CA GLN A 8 9.94 -11.96 -11.70
C GLN A 8 10.07 -10.42 -11.72
N GLN A 9 8.93 -9.73 -11.66
CA GLN A 9 8.85 -8.26 -11.64
C GLN A 9 7.64 -7.78 -10.83
N ILE A 10 7.75 -6.60 -10.18
CA ILE A 10 6.63 -5.97 -9.45
C ILE A 10 5.46 -5.82 -10.42
N SER A 11 4.24 -6.11 -9.99
CA SER A 11 3.09 -6.15 -10.90
C SER A 11 1.87 -5.41 -10.36
N LEU A 12 1.24 -4.61 -11.22
CA LEU A 12 -0.03 -3.95 -10.97
C LEU A 12 -0.97 -4.06 -12.18
N VAL A 13 -2.27 -4.08 -11.92
CA VAL A 13 -3.32 -4.22 -12.94
C VAL A 13 -4.35 -3.09 -12.84
N ALA A 14 -4.60 -2.39 -13.95
CA ALA A 14 -5.42 -1.17 -13.96
C ALA A 14 -6.28 -0.98 -15.23
N ASP A 15 -7.44 -0.33 -15.06
CA ASP A 15 -8.48 -0.14 -16.08
C ASP A 15 -8.39 1.25 -16.75
N ARG A 16 -8.24 2.32 -15.94
CA ARG A 16 -8.39 3.74 -16.36
C ARG A 16 -7.24 4.62 -15.84
N ALA A 17 -6.04 4.03 -15.81
CA ALA A 17 -4.83 4.64 -15.27
C ALA A 17 -4.29 5.79 -16.15
N THR A 18 -3.49 6.68 -15.55
CA THR A 18 -2.78 7.74 -16.28
C THR A 18 -1.49 8.14 -15.55
N TYR A 19 -0.50 8.58 -16.33
CA TYR A 19 0.59 9.42 -15.88
C TYR A 19 0.66 10.65 -16.77
N ASN A 20 1.02 11.81 -16.23
CA ASN A 20 1.23 13.02 -17.04
C ASN A 20 2.73 13.22 -17.30
N GLU A 21 3.15 12.88 -18.52
CA GLU A 21 4.47 13.12 -19.15
C GLU A 21 5.24 14.32 -18.57
N LYS A 22 4.68 15.53 -18.64
CA LYS A 22 5.23 16.81 -18.14
C LYS A 22 5.51 16.92 -16.64
N THR A 23 5.16 15.91 -15.83
CA THR A 23 5.32 15.94 -14.36
C THR A 23 5.59 14.57 -13.70
N GLY A 24 5.39 13.45 -14.39
CA GLY A 24 5.64 12.09 -13.89
C GLY A 24 4.69 11.56 -12.80
N LEU A 25 3.85 12.40 -12.20
CA LEU A 25 2.78 11.97 -11.29
C LEU A 25 1.85 10.98 -12.00
N THR A 26 1.53 9.90 -11.29
CA THR A 26 0.96 8.67 -11.86
C THR A 26 -0.18 8.14 -10.98
N THR A 27 -1.27 7.67 -11.57
CA THR A 27 -2.38 7.06 -10.82
C THR A 27 -2.98 5.88 -11.57
N TYR A 28 -3.46 4.90 -10.81
CA TYR A 28 -4.08 3.67 -11.31
C TYR A 28 -5.54 3.61 -10.83
N THR A 29 -6.47 3.25 -11.72
CA THR A 29 -7.90 3.59 -11.55
C THR A 29 -8.82 2.47 -12.05
N GLY A 30 -9.96 2.25 -11.37
CA GLY A 30 -11.08 1.40 -11.80
C GLY A 30 -11.21 0.07 -11.06
N ASN A 31 -10.95 0.02 -9.75
CA ASN A 31 -10.70 -1.19 -8.93
C ASN A 31 -9.44 -1.93 -9.40
N VAL A 32 -8.34 -1.67 -8.69
CA VAL A 32 -6.96 -1.96 -9.13
C VAL A 32 -6.11 -2.50 -7.97
N VAL A 33 -5.13 -3.36 -8.28
CA VAL A 33 -4.28 -4.03 -7.27
C VAL A 33 -2.79 -4.02 -7.68
N ILE A 34 -1.91 -3.98 -6.67
CA ILE A 34 -0.44 -4.11 -6.76
C ILE A 34 0.08 -5.07 -5.67
N GLU A 35 1.19 -5.76 -5.94
CA GLU A 35 1.81 -6.72 -5.02
C GLU A 35 3.33 -6.55 -4.86
N GLN A 36 3.83 -6.76 -3.64
CA GLN A 36 5.25 -7.04 -3.31
C GLN A 36 5.36 -7.52 -1.84
N GLY A 37 6.47 -8.17 -1.47
CA GLY A 37 6.90 -8.33 -0.07
C GLY A 37 5.86 -8.92 0.89
N THR A 38 5.18 -10.01 0.51
CA THR A 38 4.03 -10.63 1.22
C THR A 38 2.72 -9.82 1.26
N MET A 39 2.70 -8.61 0.70
CA MET A 39 1.55 -7.69 0.72
C MET A 39 0.75 -7.70 -0.59
N LYS A 40 -0.55 -7.43 -0.47
CA LYS A 40 -1.46 -6.99 -1.54
C LYS A 40 -1.96 -5.59 -1.19
N LEU A 41 -2.05 -4.66 -2.14
CA LEU A 41 -2.71 -3.35 -1.93
C LEU A 41 -3.74 -3.09 -3.03
N GLN A 42 -4.99 -2.79 -2.66
CA GLN A 42 -6.03 -2.43 -3.62
C GLN A 42 -7.04 -1.39 -3.12
N ALA A 43 -7.64 -0.68 -4.06
CA ALA A 43 -8.67 0.33 -3.89
C ALA A 43 -9.46 0.47 -5.21
N ASP A 44 -10.49 1.34 -5.24
CA ASP A 44 -11.05 1.81 -6.52
C ASP A 44 -9.98 2.52 -7.38
N SER A 45 -9.01 3.17 -6.73
CA SER A 45 -7.88 3.85 -7.36
C SER A 45 -6.75 4.12 -6.36
N ILE A 46 -5.50 4.01 -6.83
CA ILE A 46 -4.25 4.20 -6.08
C ILE A 46 -3.40 5.26 -6.78
N VAL A 47 -2.96 6.28 -6.04
CA VAL A 47 -2.22 7.45 -6.55
C VAL A 47 -0.73 7.32 -6.19
N ALA A 48 0.18 7.80 -7.02
CA ALA A 48 1.62 7.85 -6.74
C ALA A 48 2.26 9.16 -7.23
N THR A 49 3.26 9.66 -6.49
CA THR A 49 4.08 10.79 -6.93
C THR A 49 5.56 10.40 -6.99
N LEU A 50 6.31 11.07 -7.87
CA LEU A 50 7.73 10.85 -8.08
C LEU A 50 8.44 12.15 -8.49
N ASN A 51 9.76 12.12 -8.51
CA ASN A 51 10.62 13.23 -8.96
C ASN A 51 11.57 12.78 -10.10
N SER A 52 12.51 13.64 -10.50
CA SER A 52 13.45 13.41 -11.62
C SER A 52 14.29 12.13 -11.50
N LYS A 53 14.49 11.58 -10.29
CA LYS A 53 15.12 10.26 -10.06
C LYS A 53 14.28 9.09 -10.58
N ARG A 54 12.97 9.28 -10.80
CA ARG A 54 11.91 8.25 -10.81
C ARG A 54 11.78 7.47 -9.49
N GLU A 55 12.24 8.08 -8.41
CA GLU A 55 11.98 7.68 -7.03
C GLU A 55 10.50 7.89 -6.69
N ILE A 56 9.79 6.84 -6.26
CA ILE A 56 8.36 6.90 -5.95
C ILE A 56 8.16 7.45 -4.52
N GLN A 57 8.41 8.75 -4.38
CA GLN A 57 8.55 9.50 -3.12
C GLN A 57 7.30 9.47 -2.20
N THR A 58 6.13 9.07 -2.70
CA THR A 58 5.02 8.54 -1.89
C THR A 58 3.94 7.89 -2.78
N ILE A 59 3.20 6.93 -2.22
CA ILE A 59 1.99 6.31 -2.80
C ILE A 59 0.82 6.57 -1.83
N THR A 60 -0.42 6.63 -2.33
CA THR A 60 -1.63 6.89 -1.52
C THR A 60 -2.79 6.00 -1.94
N ALA A 61 -3.41 5.36 -0.94
CA ALA A 61 -4.69 4.67 -1.06
C ALA A 61 -5.80 5.47 -0.33
N LYS A 62 -7.01 5.37 -0.89
CA LYS A 62 -8.16 6.25 -0.60
C LYS A 62 -9.45 5.58 -1.08
N GLY A 63 -10.61 6.12 -0.69
CA GLY A 63 -11.90 5.90 -1.38
C GLY A 63 -12.83 4.86 -0.78
N ARG A 64 -12.29 3.85 -0.08
CA ARG A 64 -13.01 2.71 0.54
C ARG A 64 -13.62 1.76 -0.52
N PRO A 65 -12.95 0.64 -0.88
CA PRO A 65 -11.74 0.08 -0.28
C PRO A 65 -10.53 1.00 -0.36
N SER A 66 -9.76 1.07 0.74
CA SER A 66 -8.56 1.91 0.89
C SER A 66 -7.41 1.11 1.53
N LYS A 67 -7.29 -0.19 1.16
CA LYS A 67 -6.89 -1.26 2.08
C LYS A 67 -5.88 -2.25 1.53
N PHE A 68 -4.92 -2.62 2.37
CA PHE A 68 -3.96 -3.70 2.12
C PHE A 68 -4.33 -5.02 2.82
N GLN A 69 -3.74 -6.10 2.33
CA GLN A 69 -3.64 -7.43 2.94
C GLN A 69 -2.15 -7.82 3.04
N GLN A 70 -1.83 -8.79 3.89
CA GLN A 70 -0.50 -9.40 3.98
C GLN A 70 -0.65 -10.89 4.37
N GLN A 71 0.26 -11.75 3.90
CA GLN A 71 0.27 -13.19 4.23
C GLN A 71 1.46 -13.52 5.14
N ILE A 72 1.18 -13.86 6.41
CA ILE A 72 2.18 -14.03 7.48
C ILE A 72 2.64 -15.50 7.63
N SER A 73 1.82 -16.48 7.24
CA SER A 73 2.08 -17.93 7.30
C SER A 73 0.99 -18.68 6.53
N ALA A 74 1.35 -19.71 5.76
CA ALA A 74 0.43 -20.39 4.82
C ALA A 74 -0.78 -21.10 5.47
N ASP A 75 -0.82 -21.23 6.81
CA ASP A 75 -1.87 -21.87 7.60
C ASP A 75 -2.87 -20.90 8.25
N LYS A 76 -2.50 -19.63 8.47
CA LYS A 76 -3.31 -18.64 9.22
C LYS A 76 -3.22 -17.19 8.72
N GLY A 77 -2.14 -16.87 8.00
CA GLY A 77 -1.64 -15.50 7.86
C GLY A 77 -2.53 -14.61 6.99
N ILE A 78 -3.13 -13.61 7.62
CA ILE A 78 -3.93 -12.56 6.97
C ILE A 78 -3.59 -11.21 7.63
N ALA A 79 -3.93 -10.10 6.97
CA ALA A 79 -3.88 -8.78 7.57
C ALA A 79 -4.94 -7.83 6.98
N ARG A 80 -5.22 -6.74 7.68
CA ARG A 80 -6.00 -5.58 7.22
C ARG A 80 -5.40 -4.31 7.84
N GLY A 81 -5.53 -3.18 7.16
CA GLY A 81 -5.43 -1.87 7.80
C GLY A 81 -6.12 -0.78 6.99
N GLU A 82 -6.82 0.13 7.67
CA GLU A 82 -7.67 1.18 7.07
C GLU A 82 -7.76 2.44 7.94
N GLY A 83 -8.19 3.53 7.31
CA GLY A 83 -8.56 4.82 7.89
C GLY A 83 -9.30 5.67 6.84
N GLN A 84 -9.34 7.00 6.98
CA GLN A 84 -9.84 7.91 5.93
C GLN A 84 -8.92 7.96 4.68
N THR A 85 -7.66 7.56 4.86
CA THR A 85 -6.58 7.62 3.88
C THR A 85 -5.46 6.69 4.33
N ILE A 86 -4.70 6.11 3.41
CA ILE A 86 -3.41 5.47 3.69
C ILE A 86 -2.32 6.11 2.84
N VAL A 87 -1.25 6.54 3.49
CA VAL A 87 0.01 6.93 2.85
C VAL A 87 0.94 5.72 2.88
N TYR A 88 1.63 5.46 1.77
CA TYR A 88 2.54 4.32 1.61
C TYR A 88 3.85 4.80 0.99
N ASN A 89 4.85 5.06 1.84
CA ASN A 89 6.14 5.57 1.41
C ASN A 89 7.06 4.42 1.01
N ALA A 90 6.96 4.01 -0.27
CA ALA A 90 7.62 2.85 -0.85
C ALA A 90 9.16 2.91 -0.80
N ASP A 91 9.73 4.11 -0.70
CA ASP A 91 11.12 4.43 -0.40
C ASP A 91 11.63 3.85 0.93
N THR A 92 10.74 3.65 1.91
CA THR A 92 11.05 3.05 3.22
C THR A 92 10.07 1.92 3.61
N GLY A 93 9.16 1.54 2.72
CA GLY A 93 8.12 0.54 2.94
C GLY A 93 7.00 0.91 3.93
N ILE A 94 7.04 2.07 4.58
CA ILE A 94 6.13 2.39 5.69
C ILE A 94 4.70 2.66 5.18
N ILE A 95 3.75 1.88 5.71
CA ILE A 95 2.31 2.14 5.61
C ILE A 95 1.89 3.02 6.78
N THR A 96 1.20 4.14 6.53
CA THR A 96 0.69 5.07 7.55
C THR A 96 -0.79 5.35 7.32
N LEU A 97 -1.60 5.28 8.37
CA LEU A 97 -3.07 5.35 8.33
C LEU A 97 -3.54 6.69 8.92
N SER A 98 -4.34 7.42 8.15
CA SER A 98 -4.82 8.77 8.50
C SER A 98 -6.15 8.75 9.28
N GLY A 99 -6.34 9.75 10.15
CA GLY A 99 -7.53 9.94 10.97
C GLY A 99 -7.70 8.85 12.05
N GLY A 100 -8.94 8.42 12.29
CA GLY A 100 -9.20 7.19 13.04
C GLY A 100 -8.80 5.98 12.20
N ALA A 101 -8.02 5.08 12.80
CA ALA A 101 -7.31 4.01 12.09
C ALA A 101 -7.47 2.64 12.76
N TYR A 102 -7.36 1.58 11.96
CA TYR A 102 -7.51 0.17 12.33
C TYR A 102 -6.39 -0.66 11.71
N LEU A 103 -5.80 -1.60 12.46
CA LEU A 103 -4.78 -2.55 11.99
C LEU A 103 -5.05 -3.94 12.60
N TYR A 104 -4.87 -4.99 11.80
CA TYR A 104 -5.27 -6.36 12.14
C TYR A 104 -4.38 -7.37 11.40
N GLN A 105 -4.13 -8.52 12.01
CA GLN A 105 -3.31 -9.61 11.48
C GLN A 105 -4.03 -10.97 11.69
N ASP A 106 -3.30 -12.08 11.81
CA ASP A 106 -3.85 -13.37 12.25
C ASP A 106 -4.25 -13.33 13.73
N GLY A 107 -5.43 -12.74 14.00
CA GLY A 107 -6.05 -12.59 15.31
C GLY A 107 -5.61 -11.34 16.10
N SER A 108 -4.32 -10.99 16.08
CA SER A 108 -3.84 -9.75 16.72
C SER A 108 -4.38 -8.50 16.02
N SER A 109 -4.76 -7.45 16.76
CA SER A 109 -5.32 -6.22 16.17
C SER A 109 -5.35 -5.03 17.14
N ILE A 110 -5.47 -3.82 16.59
CA ILE A 110 -5.70 -2.58 17.34
C ILE A 110 -6.54 -1.58 16.51
N ARG A 111 -7.24 -0.67 17.21
CA ARG A 111 -8.00 0.43 16.58
C ARG A 111 -7.92 1.67 17.46
N GLY A 112 -7.71 2.84 16.86
CA GLY A 112 -7.46 4.09 17.57
C GLY A 112 -7.16 5.25 16.63
N ASN A 113 -6.17 6.06 16.97
CA ASN A 113 -5.75 7.24 16.20
C ASN A 113 -4.78 6.88 15.06
N THR A 114 -4.28 7.90 14.35
CA THR A 114 -3.24 7.84 13.32
C THR A 114 -2.06 6.94 13.72
N LEU A 115 -1.74 5.95 12.89
CA LEU A 115 -0.76 4.91 13.20
C LEU A 115 0.00 4.42 11.96
N LYS A 116 1.02 3.58 12.19
CA LYS A 116 1.88 2.97 11.16
C LYS A 116 1.76 1.45 11.21
N TYR A 117 2.05 0.75 10.10
CA TYR A 117 2.56 -0.62 10.17
C TYR A 117 4.10 -0.60 10.31
N SER A 118 4.64 -1.58 11.04
CA SER A 118 6.07 -1.74 11.30
C SER A 118 6.56 -3.09 10.77
N MET A 119 7.31 -3.08 9.66
CA MET A 119 7.88 -4.28 9.02
C MET A 119 8.91 -5.03 9.89
N ASN A 120 9.25 -4.50 11.06
CA ASN A 120 9.99 -5.23 12.10
C ASN A 120 9.11 -6.25 12.85
N LYS A 121 7.80 -6.34 12.56
CA LYS A 121 6.82 -7.07 13.37
C LYS A 121 5.89 -7.95 12.53
N GLY A 122 5.66 -9.15 13.03
CA GLY A 122 4.48 -9.97 12.76
C GLY A 122 3.47 -9.88 13.92
N ASP A 123 3.31 -8.70 14.51
CA ASP A 123 2.34 -8.38 15.57
C ASP A 123 1.93 -6.90 15.50
N VAL A 124 0.75 -6.57 16.03
CA VAL A 124 0.03 -5.32 15.77
C VAL A 124 0.37 -4.22 16.79
N GLU A 125 1.53 -3.62 16.60
CA GLU A 125 1.89 -2.34 17.23
C GLU A 125 1.13 -1.16 16.62
N ALA A 126 0.65 -0.27 17.48
CA ALA A 126 0.45 1.15 17.15
C ALA A 126 0.81 1.99 18.38
N GLN A 127 1.97 2.66 18.36
CA GLN A 127 2.53 3.40 19.50
C GLN A 127 1.67 4.57 20.04
N GLY A 128 0.57 4.93 19.38
CA GLY A 128 -0.32 6.04 19.76
C GLY A 128 0.25 7.44 19.52
N SER A 129 -0.61 8.44 19.69
CA SER A 129 -0.32 9.89 19.67
C SER A 129 -1.54 10.65 20.18
N SER A 130 -1.38 11.87 20.71
CA SER A 130 -2.54 12.76 20.87
C SER A 130 -2.98 13.26 19.50
N SER A 131 -4.25 13.05 19.16
CA SER A 131 -4.76 13.16 17.78
C SER A 131 -6.28 13.36 17.81
N ASN A 132 -6.98 12.48 18.52
CA ASN A 132 -8.23 12.84 19.22
C ASN A 132 -7.94 13.34 20.64
N ARG A 133 -8.94 14.01 21.21
CA ARG A 133 -9.18 14.35 22.61
C ARG A 133 -10.64 14.79 22.77
N ILE B 3 9.57 -3.63 -13.24
CA ILE B 3 8.17 -3.25 -12.95
C ILE B 3 7.23 -3.68 -14.10
N THR B 4 5.95 -3.94 -13.80
CA THR B 4 4.92 -4.43 -14.75
C THR B 4 3.61 -3.68 -14.58
N TYR B 5 3.02 -3.27 -15.70
CA TYR B 5 1.80 -2.46 -15.81
C TYR B 5 0.84 -3.11 -16.82
N ASN B 7 -2.94 -4.20 -18.42
CA ASN B 7 -4.05 -3.30 -18.75
C ASN B 7 -5.40 -4.01 -18.82
N ARG B 8 -6.24 -3.73 -17.81
CA ARG B 8 -7.54 -4.35 -17.48
C ARG B 8 -8.69 -3.88 -18.39
N THR B 10 -7.65 -4.32 -22.24
CA THR B 10 -7.09 -4.80 -23.51
C THR B 10 -6.31 -6.12 -23.36
N LYS B 12 -3.27 -6.38 -22.72
CA LYS B 12 -1.84 -6.08 -22.99
C LYS B 12 -1.12 -5.74 -21.68
N CYS B 13 0.21 -5.65 -21.74
CA CYS B 13 1.05 -5.29 -20.62
C CYS B 13 2.16 -4.32 -21.06
N ARG B 15 6.14 -2.47 -19.22
CA ARG B 15 6.87 -1.99 -18.03
C ARG B 15 6.55 -0.49 -17.82
N TYR B 16 7.37 0.20 -17.03
CA TYR B 16 7.41 1.66 -16.92
C TYR B 16 8.88 2.06 -17.04
N GLY A 1 24.74 -0.79 -16.42
CA GLY A 1 25.11 -0.11 -15.15
C GLY A 1 24.18 -0.58 -14.04
N LEU A 2 24.11 0.13 -12.92
CA LEU A 2 23.20 -0.14 -11.79
C LEU A 2 23.10 -1.63 -11.39
N PRO A 3 24.19 -2.25 -10.88
CA PRO A 3 24.14 -3.60 -10.33
C PRO A 3 23.12 -3.65 -9.17
N SER A 4 22.16 -4.58 -9.26
CA SER A 4 20.95 -4.58 -8.43
C SER A 4 20.36 -5.98 -8.28
N ASP A 5 19.27 -6.06 -7.52
CA ASP A 5 18.26 -7.12 -7.40
C ASP A 5 17.55 -7.53 -8.73
N ARG A 6 18.31 -7.78 -9.80
CA ARG A 6 17.86 -7.82 -11.21
C ARG A 6 16.92 -8.98 -11.64
N ASN A 7 16.20 -9.57 -10.70
CA ASN A 7 15.02 -10.40 -10.93
C ASN A 7 13.72 -9.78 -10.38
N GLN A 8 13.79 -8.76 -9.52
CA GLN A 8 12.65 -8.22 -8.79
C GLN A 8 12.00 -7.05 -9.53
N GLN A 9 10.68 -6.89 -9.40
CA GLN A 9 9.90 -5.82 -10.02
C GLN A 9 8.82 -5.26 -9.09
N ILE A 10 8.21 -4.15 -9.50
CA ILE A 10 6.81 -3.81 -9.19
C ILE A 10 5.95 -4.34 -10.34
N SER A 11 4.79 -4.95 -10.05
CA SER A 11 3.77 -5.21 -11.07
C SER A 11 2.38 -4.81 -10.57
N LEU A 12 1.57 -4.19 -11.43
CA LEU A 12 0.25 -3.67 -11.05
C LEU A 12 -0.76 -3.66 -12.20
N VAL A 13 -2.05 -3.74 -11.84
CA VAL A 13 -3.18 -3.75 -12.78
C VAL A 13 -4.04 -2.50 -12.71
N ALA A 14 -4.38 -1.94 -13.88
CA ALA A 14 -5.40 -0.89 -14.01
C ALA A 14 -5.98 -0.83 -15.44
N ASP A 15 -7.31 -0.76 -15.58
CA ASP A 15 -7.94 -0.47 -16.89
C ASP A 15 -7.56 0.93 -17.38
N ARG A 16 -7.44 1.89 -16.45
CA ARG A 16 -7.18 3.30 -16.72
C ARG A 16 -6.06 3.82 -15.80
N ALA A 17 -4.83 3.47 -16.15
CA ALA A 17 -3.64 4.18 -15.69
C ALA A 17 -3.53 5.52 -16.45
N THR A 18 -2.99 6.54 -15.79
CA THR A 18 -2.74 7.87 -16.39
C THR A 18 -1.59 8.56 -15.66
N TYR A 19 -0.69 9.22 -16.40
CA TYR A 19 0.26 10.18 -15.84
C TYR A 19 -0.15 11.58 -16.25
N ASN A 20 -0.28 12.48 -15.27
CA ASN A 20 -0.66 13.87 -15.52
C ASN A 20 0.60 14.71 -15.79
N GLU A 21 1.14 14.57 -17.00
CA GLU A 21 2.38 15.18 -17.53
C GLU A 21 2.72 16.54 -16.88
N LYS A 22 1.82 17.52 -17.01
CA LYS A 22 1.97 18.89 -16.48
C LYS A 22 2.09 19.06 -14.95
N THR A 23 2.13 17.97 -14.19
CA THR A 23 2.46 17.92 -12.74
C THR A 23 3.15 16.61 -12.31
N GLY A 24 3.56 15.74 -13.24
CA GLY A 24 4.34 14.50 -12.98
C GLY A 24 3.65 13.34 -12.25
N LEU A 25 2.59 13.59 -11.47
CA LEU A 25 1.87 12.55 -10.71
C LEU A 25 1.22 11.50 -11.61
N THR A 26 1.09 10.28 -11.09
CA THR A 26 0.53 9.13 -11.81
C THR A 26 -0.59 8.47 -10.99
N THR A 27 -1.69 8.14 -11.65
CA THR A 27 -2.91 7.59 -11.05
C THR A 27 -3.29 6.28 -11.74
N TYR A 28 -3.73 5.30 -10.97
CA TYR A 28 -4.18 4.00 -11.43
C TYR A 28 -5.65 3.83 -11.03
N THR A 29 -6.55 3.64 -12.01
CA THR A 29 -8.01 3.59 -11.77
C THR A 29 -8.68 2.42 -12.47
N GLY A 30 -9.79 1.94 -11.89
CA GLY A 30 -10.62 0.87 -12.46
C GLY A 30 -10.40 -0.50 -11.81
N ASN A 31 -10.50 -0.57 -10.48
CA ASN A 31 -10.28 -1.77 -9.66
C ASN A 31 -8.85 -2.32 -9.79
N VAL A 32 -7.96 -1.73 -9.00
CA VAL A 32 -6.50 -1.78 -9.16
C VAL A 32 -5.83 -2.50 -8.00
N VAL A 33 -4.77 -3.26 -8.29
CA VAL A 33 -3.93 -3.94 -7.30
C VAL A 33 -2.46 -3.88 -7.71
N ILE A 34 -1.57 -3.66 -6.75
CA ILE A 34 -0.10 -3.57 -6.90
C ILE A 34 0.56 -4.63 -6.02
N GLU A 35 1.47 -5.42 -6.62
CA GLU A 35 2.09 -6.58 -5.96
C GLU A 35 3.59 -6.71 -6.25
N GLN A 36 4.26 -7.33 -5.27
CA GLN A 36 5.65 -7.80 -5.34
C GLN A 36 5.82 -9.17 -4.66
N GLY A 37 5.03 -9.47 -3.62
CA GLY A 37 4.91 -10.83 -3.07
C GLY A 37 4.12 -10.90 -1.76
N THR A 38 3.34 -11.97 -1.55
CA THR A 38 2.68 -12.35 -0.26
C THR A 38 1.72 -11.32 0.38
N MET A 39 1.38 -10.22 -0.30
CA MET A 39 0.66 -9.07 0.25
C MET A 39 -0.25 -8.46 -0.83
N LYS A 40 -1.42 -7.95 -0.45
CA LYS A 40 -2.37 -7.26 -1.33
C LYS A 40 -2.57 -5.81 -0.90
N LEU A 41 -2.25 -4.87 -1.79
CA LEU A 41 -2.59 -3.45 -1.69
C LEU A 41 -3.46 -3.09 -2.90
N GLN A 42 -4.76 -2.88 -2.68
CA GLN A 42 -5.77 -2.76 -3.73
C GLN A 42 -6.94 -1.85 -3.36
N ALA A 43 -7.56 -1.25 -4.38
CA ALA A 43 -8.69 -0.34 -4.24
C ALA A 43 -9.44 -0.17 -5.58
N ASP A 44 -10.50 0.65 -5.61
CA ASP A 44 -11.10 1.16 -6.84
C ASP A 44 -10.12 2.00 -7.68
N SER A 45 -9.24 2.76 -7.00
CA SER A 45 -8.25 3.67 -7.59
C SER A 45 -7.18 4.09 -6.56
N ILE A 46 -5.96 4.38 -7.03
CA ILE A 46 -4.76 4.74 -6.24
C ILE A 46 -3.98 5.86 -6.97
N VAL A 47 -3.29 6.74 -6.24
CA VAL A 47 -2.45 7.82 -6.83
C VAL A 47 -1.02 7.83 -6.24
N ALA A 48 -0.03 8.14 -7.07
CA ALA A 48 1.39 7.96 -6.81
C ALA A 48 2.26 9.14 -7.30
N THR A 49 3.41 9.29 -6.65
CA THR A 49 4.48 10.24 -7.00
C THR A 49 5.69 9.48 -7.55
N LEU A 50 6.36 10.03 -8.56
CA LEU A 50 7.54 9.42 -9.21
C LEU A 50 8.53 10.48 -9.70
N ASN A 51 9.70 10.04 -10.15
CA ASN A 51 10.75 10.90 -10.75
C ASN A 51 11.06 10.49 -12.20
N SER A 52 11.88 11.28 -12.91
CA SER A 52 12.18 11.07 -14.34
C SER A 52 12.83 9.72 -14.67
N LYS A 53 13.60 9.15 -13.73
CA LYS A 53 14.19 7.80 -13.81
C LYS A 53 13.22 6.66 -13.37
N ARG A 54 11.91 6.98 -13.33
CA ARG A 54 10.75 6.12 -13.05
C ARG A 54 10.54 5.63 -11.61
N GLU A 55 11.48 5.76 -10.67
CA GLU A 55 11.20 5.22 -9.31
C GLU A 55 10.02 5.94 -8.64
N ILE A 56 9.04 5.15 -8.19
CA ILE A 56 7.88 5.59 -7.43
C ILE A 56 8.33 5.89 -6.00
N GLN A 57 8.02 7.07 -5.46
CA GLN A 57 8.53 7.53 -4.17
C GLN A 57 7.52 7.37 -3.04
N THR A 58 6.31 7.90 -3.20
CA THR A 58 5.19 7.72 -2.26
C THR A 58 3.88 7.48 -3.00
N ILE A 59 3.00 6.69 -2.39
CA ILE A 59 1.68 6.33 -2.91
C ILE A 59 0.63 6.72 -1.86
N THR A 60 -0.39 7.48 -2.29
CA THR A 60 -1.57 7.73 -1.46
C THR A 60 -2.55 6.59 -1.69
N ALA A 61 -2.69 5.75 -0.66
CA ALA A 61 -3.67 4.69 -0.60
C ALA A 61 -4.97 5.18 0.07
N LYS A 62 -6.08 4.64 -0.43
CA LYS A 62 -7.46 5.03 -0.13
C LYS A 62 -8.36 3.96 -0.76
N GLY A 63 -9.63 3.88 -0.39
CA GLY A 63 -10.56 3.00 -1.10
C GLY A 63 -11.92 2.82 -0.43
N ARG A 64 -12.82 2.12 -1.12
CA ARG A 64 -14.05 1.55 -0.57
C ARG A 64 -14.23 0.12 -1.12
N PRO A 65 -13.79 -0.93 -0.40
CA PRO A 65 -13.11 -0.91 0.91
C PRO A 65 -11.70 -0.28 0.84
N SER A 66 -11.21 0.20 1.99
CA SER A 66 -9.99 1.01 2.14
C SER A 66 -8.73 0.22 2.56
N LYS A 67 -8.80 -1.12 2.56
CA LYS A 67 -7.92 -1.99 3.37
C LYS A 67 -6.96 -2.88 2.57
N PHE A 68 -5.75 -3.04 3.08
CA PHE A 68 -4.76 -4.04 2.64
C PHE A 68 -4.93 -5.37 3.38
N GLN A 69 -4.25 -6.42 2.89
CA GLN A 69 -4.26 -7.79 3.42
C GLN A 69 -2.88 -8.47 3.30
N GLN A 70 -2.46 -9.25 4.30
CA GLN A 70 -1.21 -10.02 4.29
C GLN A 70 -1.29 -11.35 5.08
N GLN A 71 -0.56 -12.36 4.60
CA GLN A 71 -0.23 -13.58 5.37
C GLN A 71 0.85 -13.27 6.43
N ILE A 72 0.57 -13.46 7.72
CA ILE A 72 1.56 -13.28 8.81
C ILE A 72 2.22 -14.61 9.20
N SER A 73 1.50 -15.73 9.05
CA SER A 73 2.02 -17.11 9.04
C SER A 73 1.01 -18.03 8.33
N ALA A 74 1.29 -19.33 8.26
CA ALA A 74 0.43 -20.29 7.57
C ALA A 74 -0.95 -20.49 8.25
N ASP A 75 -1.01 -20.33 9.58
CA ASP A 75 -2.24 -20.29 10.39
C ASP A 75 -2.89 -18.89 10.35
N LYS A 76 -2.13 -17.85 10.71
CA LYS A 76 -2.56 -16.45 10.72
C LYS A 76 -2.30 -15.80 9.37
N GLY A 77 -3.07 -16.25 8.39
CA GLY A 77 -3.06 -15.73 7.03
C GLY A 77 -3.69 -14.35 6.84
N ILE A 78 -3.86 -13.55 7.91
CA ILE A 78 -4.63 -12.31 7.89
C ILE A 78 -4.02 -11.19 8.76
N ALA A 79 -3.97 -9.99 8.16
CA ALA A 79 -3.75 -8.71 8.83
C ALA A 79 -4.54 -7.65 8.06
N ARG A 80 -5.36 -6.86 8.76
CA ARG A 80 -6.37 -5.98 8.14
C ARG A 80 -6.38 -4.59 8.78
N GLY A 81 -6.02 -3.58 7.99
CA GLY A 81 -6.09 -2.16 8.38
C GLY A 81 -7.42 -1.47 8.04
N GLU A 82 -7.58 -0.22 8.49
CA GLU A 82 -8.55 0.76 7.98
C GLU A 82 -8.03 2.20 8.18
N GLY A 83 -8.59 3.12 7.39
CA GLY A 83 -8.42 4.58 7.51
C GLY A 83 -9.13 5.33 6.39
N GLN A 84 -9.35 6.63 6.55
CA GLN A 84 -9.88 7.47 5.45
C GLN A 84 -8.80 7.76 4.40
N THR A 85 -7.56 7.88 4.84
CA THR A 85 -6.39 8.24 4.05
C THR A 85 -5.18 7.45 4.52
N ILE A 86 -4.39 6.90 3.60
CA ILE A 86 -3.26 6.03 3.92
C ILE A 86 -2.05 6.48 3.08
N VAL A 87 -0.85 6.55 3.66
CA VAL A 87 0.38 6.95 2.97
C VAL A 87 1.37 5.79 2.94
N TYR A 88 1.63 5.26 1.75
CA TYR A 88 2.57 4.18 1.49
C TYR A 88 3.90 4.79 1.01
N ASN A 89 4.88 4.78 1.92
CA ASN A 89 6.25 5.23 1.69
C ASN A 89 7.01 4.14 0.92
N ALA A 90 7.17 4.28 -0.39
CA ALA A 90 8.02 3.40 -1.18
C ALA A 90 9.52 3.71 -0.97
N ASP A 91 9.84 4.90 -0.45
CA ASP A 91 11.14 5.33 0.10
C ASP A 91 11.66 4.45 1.27
N THR A 92 10.78 3.73 1.97
CA THR A 92 11.18 2.76 3.03
C THR A 92 10.39 1.43 3.02
N GLY A 93 9.42 1.26 2.12
CA GLY A 93 8.57 0.06 2.03
C GLY A 93 7.45 -0.05 3.08
N ILE A 94 7.04 1.07 3.72
CA ILE A 94 6.16 1.07 4.90
C ILE A 94 4.81 1.76 4.59
N ILE A 95 3.71 1.23 5.18
CA ILE A 95 2.36 1.80 5.07
C ILE A 95 2.01 2.59 6.34
N THR A 96 1.36 3.75 6.18
CA THR A 96 1.00 4.70 7.24
C THR A 96 -0.52 4.91 7.24
N LEU A 97 -1.20 4.62 8.35
CA LEU A 97 -2.65 4.77 8.48
C LEU A 97 -3.01 6.18 9.00
N SER A 98 -4.10 6.77 8.52
CA SER A 98 -4.67 8.03 9.07
C SER A 98 -6.19 8.13 8.90
N GLY A 99 -6.82 9.07 9.60
CA GLY A 99 -8.28 9.27 9.54
C GLY A 99 -9.08 8.13 10.17
N GLY A 100 -8.99 7.99 11.50
CA GLY A 100 -9.53 6.84 12.23
C GLY A 100 -8.72 5.57 11.95
N ALA A 101 -7.39 5.66 12.11
CA ALA A 101 -6.45 4.59 11.79
C ALA A 101 -6.75 3.35 12.64
N TYR A 102 -6.89 2.17 12.01
CA TYR A 102 -7.19 0.90 12.68
C TYR A 102 -6.30 -0.23 12.12
N LEU A 103 -6.03 -1.22 12.96
CA LEU A 103 -5.42 -2.50 12.59
C LEU A 103 -5.99 -3.63 13.45
N TYR A 104 -6.40 -4.74 12.84
CA TYR A 104 -6.32 -6.08 13.45
C TYR A 104 -5.16 -6.85 12.81
N GLN A 105 -4.26 -7.38 13.64
CA GLN A 105 -3.33 -8.44 13.28
C GLN A 105 -3.50 -9.57 14.30
N ASP A 106 -3.38 -10.82 13.86
CA ASP A 106 -3.95 -11.95 14.59
C ASP A 106 -3.56 -12.04 16.08
N GLY A 107 -4.58 -11.93 16.93
CA GLY A 107 -4.48 -11.81 18.39
C GLY A 107 -5.23 -10.61 18.97
N SER A 108 -5.21 -9.44 18.32
CA SER A 108 -5.86 -8.21 18.83
C SER A 108 -6.11 -7.15 17.75
N SER A 109 -6.78 -6.05 18.13
CA SER A 109 -6.91 -4.85 17.31
C SER A 109 -6.67 -3.56 18.09
N ILE A 110 -6.05 -2.57 17.44
CA ILE A 110 -5.81 -1.22 17.95
C ILE A 110 -6.33 -0.18 16.96
N ARG A 111 -6.80 0.97 17.44
CA ARG A 111 -7.24 2.09 16.59
C ARG A 111 -7.19 3.45 17.27
N GLY A 112 -7.15 4.52 16.46
CA GLY A 112 -7.22 5.91 16.88
C GLY A 112 -6.34 6.81 16.01
N ASN A 113 -5.26 7.32 16.60
CA ASN A 113 -4.26 8.16 15.94
C ASN A 113 -3.43 7.39 14.91
N THR A 114 -2.75 8.12 14.03
CA THR A 114 -1.85 7.56 13.00
C THR A 114 -0.81 6.60 13.58
N LEU A 115 -0.65 5.48 12.88
CA LEU A 115 0.29 4.40 13.15
C LEU A 115 0.87 3.87 11.83
N LYS A 116 2.02 3.18 11.87
CA LYS A 116 2.61 2.52 10.71
C LYS A 116 2.53 1.00 10.82
N TYR A 117 2.34 0.33 9.69
CA TYR A 117 2.22 -1.12 9.59
C TYR A 117 3.57 -1.75 9.22
N SER A 118 3.94 -2.82 9.91
CA SER A 118 5.24 -3.51 9.79
C SER A 118 5.11 -4.86 9.07
N MET A 119 6.16 -5.26 8.34
CA MET A 119 6.33 -6.65 7.86
C MET A 119 6.88 -7.59 8.96
N ASN A 120 6.76 -7.17 10.22
CA ASN A 120 7.20 -7.85 11.43
C ASN A 120 6.01 -7.89 12.40
N LYS A 121 5.94 -8.91 13.27
CA LYS A 121 4.74 -9.27 14.07
C LYS A 121 4.08 -8.14 14.88
N GLY A 122 4.81 -7.09 15.27
CA GLY A 122 4.30 -5.92 16.00
C GLY A 122 3.90 -6.18 17.47
N ASP A 123 3.16 -7.26 17.72
CA ASP A 123 2.81 -7.80 19.04
C ASP A 123 2.09 -6.78 19.96
N VAL A 124 1.34 -5.85 19.35
CA VAL A 124 0.60 -4.78 20.02
C VAL A 124 -0.72 -5.31 20.61
N GLU A 125 -1.04 -4.89 21.83
CA GLU A 125 -2.29 -5.20 22.54
C GLU A 125 -3.07 -3.93 22.87
N ALA A 126 -4.39 -3.96 22.73
CA ALA A 126 -5.34 -2.92 23.14
C ALA A 126 -6.71 -3.45 23.62
N GLN A 127 -6.82 -4.75 23.96
CA GLN A 127 -8.00 -5.33 24.63
C GLN A 127 -8.30 -4.65 25.98
N GLY A 128 -9.57 -4.75 26.41
CA GLY A 128 -10.09 -4.10 27.62
C GLY A 128 -11.42 -3.35 27.40
N SER A 129 -11.85 -3.20 26.15
CA SER A 129 -13.15 -2.65 25.75
C SER A 129 -13.62 -3.30 24.42
N SER A 130 -14.62 -2.72 23.76
CA SER A 130 -14.94 -3.00 22.34
C SER A 130 -15.31 -4.46 21.99
N SER A 131 -15.62 -5.29 22.98
CA SER A 131 -15.72 -6.74 22.86
C SER A 131 -17.06 -7.23 23.43
N ASN A 132 -17.63 -8.30 22.86
CA ASN A 132 -18.92 -8.88 23.25
C ASN A 132 -20.08 -7.86 23.31
N ARG A 133 -20.17 -6.99 22.30
CA ARG A 133 -21.29 -6.05 22.08
C ARG A 133 -22.37 -6.68 21.19
N ILE B 3 9.60 -1.96 -13.60
CA ILE B 3 8.15 -2.01 -13.39
C ILE B 3 7.42 -2.57 -14.62
N THR B 4 6.40 -3.39 -14.37
CA THR B 4 5.49 -3.94 -15.39
C THR B 4 4.07 -3.40 -15.16
N TYR B 5 3.40 -2.94 -16.22
CA TYR B 5 2.01 -2.46 -16.16
C TYR B 5 1.07 -3.41 -16.91
N ASN B 7 -2.89 -4.17 -17.95
CA ASN B 7 -4.06 -3.29 -18.08
C ASN B 7 -5.43 -3.98 -17.96
N ARG B 8 -5.46 -5.32 -17.88
CA ARG B 8 -6.64 -6.04 -17.37
C ARG B 8 -6.25 -7.38 -16.78
N THR B 10 -7.43 -10.20 -17.09
CA THR B 10 -7.54 -11.24 -18.12
C THR B 10 -6.20 -11.58 -18.78
N LYS B 12 -3.68 -8.95 -20.52
CA LYS B 12 -3.02 -8.02 -21.47
C LYS B 12 -2.25 -6.91 -20.76
N CYS B 13 -0.98 -6.70 -21.15
CA CYS B 13 -0.03 -5.82 -20.45
C CYS B 13 0.66 -4.79 -21.36
N ARG B 15 4.04 -1.31 -21.45
CA ARG B 15 5.26 -0.66 -20.98
C ARG B 15 4.97 0.62 -20.14
N TYR B 16 5.97 1.10 -19.38
CA TYR B 16 6.15 2.47 -18.81
C TYR B 16 7.59 3.02 -19.06
N GLY A 1 24.15 -6.64 -9.11
CA GLY A 1 25.48 -7.07 -9.61
C GLY A 1 25.24 -7.67 -10.96
N LEU A 2 25.23 -9.01 -11.03
CA LEU A 2 24.23 -9.72 -11.84
C LEU A 2 22.80 -9.33 -11.36
N PRO A 3 21.76 -9.46 -12.21
CA PRO A 3 20.39 -9.07 -11.85
C PRO A 3 19.75 -10.09 -10.90
N SER A 4 19.46 -9.66 -9.67
CA SER A 4 18.72 -10.45 -8.66
C SER A 4 17.27 -10.73 -9.09
N ASP A 5 16.68 -9.84 -9.89
CA ASP A 5 15.33 -9.93 -10.45
C ASP A 5 15.13 -11.10 -11.44
N ARG A 6 16.15 -11.94 -11.68
CA ARG A 6 16.08 -13.17 -12.51
C ARG A 6 15.02 -14.21 -12.08
N ASN A 7 14.29 -13.95 -11.00
CA ASN A 7 13.17 -14.75 -10.49
C ASN A 7 12.02 -13.89 -9.91
N GLN A 8 11.98 -12.57 -10.15
CA GLN A 8 11.01 -11.66 -9.51
C GLN A 8 10.47 -10.54 -10.41
N GLN A 9 9.21 -10.17 -10.20
CA GLN A 9 8.45 -9.22 -11.01
C GLN A 9 7.28 -8.64 -10.20
N ILE A 10 6.98 -7.36 -10.38
CA ILE A 10 5.78 -6.68 -9.84
C ILE A 10 4.74 -6.61 -10.97
N SER A 11 3.46 -6.67 -10.64
CA SER A 11 2.36 -6.44 -11.60
C SER A 11 1.22 -5.63 -10.98
N LEU A 12 0.48 -4.87 -11.80
CA LEU A 12 -0.73 -4.14 -11.41
C LEU A 12 -1.82 -4.12 -12.49
N VAL A 13 -3.06 -3.85 -12.05
CA VAL A 13 -4.28 -3.75 -12.87
C VAL A 13 -4.94 -2.36 -12.68
N ALA A 14 -5.57 -1.81 -13.71
CA ALA A 14 -6.41 -0.60 -13.62
C ALA A 14 -7.47 -0.51 -14.75
N ASP A 15 -8.38 0.47 -14.66
CA ASP A 15 -9.33 0.80 -15.75
C ASP A 15 -9.06 2.16 -16.43
N ARG A 16 -8.51 3.12 -15.68
CA ARG A 16 -8.13 4.46 -16.15
C ARG A 16 -6.81 4.93 -15.55
N ALA A 17 -5.79 4.06 -15.52
CA ALA A 17 -4.47 4.49 -15.05
C ALA A 17 -3.87 5.56 -15.97
N THR A 18 -3.32 6.61 -15.38
CA THR A 18 -2.83 7.82 -16.05
C THR A 18 -1.59 8.34 -15.34
N TYR A 19 -0.55 8.63 -16.12
CA TYR A 19 0.64 9.38 -15.68
C TYR A 19 0.44 10.89 -15.88
N ASN A 20 1.45 11.68 -15.51
CA ASN A 20 1.60 13.05 -16.03
C ASN A 20 3.05 13.34 -16.43
N GLU A 21 3.21 13.75 -17.69
CA GLU A 21 4.47 13.94 -18.42
C GLU A 21 5.43 14.94 -17.75
N LYS A 22 4.94 16.11 -17.31
CA LYS A 22 5.76 17.17 -16.65
C LYS A 22 6.45 16.80 -15.33
N THR A 23 6.38 15.53 -14.90
CA THR A 23 6.93 15.02 -13.63
C THR A 23 7.30 13.53 -13.71
N GLY A 24 6.41 12.70 -14.25
CA GLY A 24 6.50 11.24 -14.23
C GLY A 24 5.62 10.54 -13.18
N LEU A 25 4.93 11.27 -12.29
CA LEU A 25 3.98 10.69 -11.32
C LEU A 25 2.82 9.96 -11.99
N THR A 26 2.12 9.10 -11.24
CA THR A 26 1.03 8.27 -11.75
C THR A 26 -0.15 8.18 -10.78
N THR A 27 -1.36 7.97 -11.32
CA THR A 27 -2.49 7.40 -10.59
C THR A 27 -3.06 6.21 -11.35
N TYR A 28 -3.29 5.12 -10.63
CA TYR A 28 -3.90 3.88 -11.08
C TYR A 28 -5.30 3.81 -10.44
N THR A 29 -6.36 3.64 -11.23
CA THR A 29 -7.74 3.93 -10.79
C THR A 29 -8.76 3.10 -11.60
N GLY A 30 -9.93 2.80 -11.01
CA GLY A 30 -10.96 1.94 -11.58
C GLY A 30 -10.71 0.47 -11.23
N ASN A 31 -10.80 0.17 -9.94
CA ASN A 31 -10.21 -1.00 -9.28
C ASN A 31 -8.72 -1.22 -9.60
N VAL A 32 -7.89 -1.13 -8.57
CA VAL A 32 -6.50 -1.58 -8.61
C VAL A 32 -6.31 -2.88 -7.86
N VAL A 33 -5.38 -3.69 -8.38
CA VAL A 33 -4.51 -4.54 -7.56
C VAL A 33 -3.07 -4.23 -7.96
N ILE A 34 -2.16 -4.17 -6.99
CA ILE A 34 -0.71 -4.08 -7.16
C ILE A 34 -0.04 -4.94 -6.09
N GLU A 35 0.83 -5.86 -6.51
CA GLU A 35 1.40 -6.85 -5.61
C GLU A 35 2.77 -7.42 -6.04
N GLN A 36 3.42 -8.06 -5.07
CA GLN A 36 4.59 -8.92 -5.26
C GLN A 36 4.51 -10.18 -4.38
N GLY A 37 3.29 -10.69 -4.14
CA GLY A 37 3.02 -11.84 -3.28
C GLY A 37 3.05 -11.54 -1.77
N THR A 38 4.07 -10.84 -1.28
CA THR A 38 4.25 -10.46 0.13
C THR A 38 3.37 -9.28 0.54
N MET A 39 3.35 -8.22 -0.27
CA MET A 39 2.35 -7.15 -0.25
C MET A 39 1.28 -7.43 -1.32
N LYS A 40 0.02 -7.31 -0.92
CA LYS A 40 -1.20 -7.68 -1.66
C LYS A 40 -2.20 -6.53 -1.59
N LEU A 41 -1.92 -5.40 -2.25
CA LEU A 41 -2.74 -4.20 -2.16
C LEU A 41 -3.81 -4.22 -3.28
N GLN A 42 -5.09 -4.23 -2.90
CA GLN A 42 -6.20 -4.07 -3.83
C GLN A 42 -7.31 -3.16 -3.27
N ALA A 43 -7.75 -2.22 -4.10
CA ALA A 43 -8.57 -1.04 -3.77
C ALA A 43 -9.35 -0.55 -5.02
N ASP A 44 -9.95 0.64 -5.00
CA ASP A 44 -10.27 1.33 -6.27
C ASP A 44 -9.03 1.94 -6.91
N SER A 45 -8.28 2.75 -6.15
CA SER A 45 -7.29 3.65 -6.72
C SER A 45 -6.06 3.84 -5.83
N ILE A 46 -4.89 3.82 -6.47
CA ILE A 46 -3.56 4.08 -5.92
C ILE A 46 -2.93 5.24 -6.70
N VAL A 47 -2.60 6.32 -5.98
CA VAL A 47 -1.70 7.38 -6.48
C VAL A 47 -0.27 6.96 -6.12
N ALA A 48 0.69 7.23 -7.00
CA ALA A 48 2.12 7.08 -6.77
C ALA A 48 2.85 8.33 -7.27
N THR A 49 3.33 9.16 -6.34
CA THR A 49 4.35 10.17 -6.66
C THR A 49 5.71 9.47 -6.77
N LEU A 50 6.37 9.68 -7.89
CA LEU A 50 7.64 9.09 -8.25
C LEU A 50 8.42 10.07 -9.14
N ASN A 51 9.75 9.95 -9.11
CA ASN A 51 10.63 10.96 -9.69
C ASN A 51 11.06 10.62 -11.13
N SER A 52 11.76 11.54 -11.79
CA SER A 52 12.24 11.38 -13.18
C SER A 52 13.24 10.24 -13.37
N LYS A 53 13.79 9.66 -12.30
CA LYS A 53 14.58 8.41 -12.26
C LYS A 53 13.73 7.18 -11.87
N ARG A 54 12.42 7.19 -12.18
CA ARG A 54 11.38 6.18 -11.93
C ARG A 54 11.06 5.83 -10.47
N GLU A 55 12.00 5.90 -9.53
CA GLU A 55 11.76 5.45 -8.15
C GLU A 55 10.79 6.33 -7.34
N ILE A 56 10.11 5.68 -6.39
CA ILE A 56 8.92 6.18 -5.69
C ILE A 56 9.28 7.15 -4.55
N GLN A 57 8.43 8.15 -4.31
CA GLN A 57 8.45 8.96 -3.08
C GLN A 57 7.28 8.62 -2.15
N THR A 58 6.02 8.84 -2.55
CA THR A 58 4.84 8.54 -1.72
C THR A 58 3.71 7.91 -2.52
N ILE A 59 2.97 6.99 -1.91
CA ILE A 59 1.76 6.36 -2.43
C ILE A 59 0.54 6.78 -1.60
N THR A 60 -0.67 6.77 -2.18
CA THR A 60 -1.93 7.06 -1.46
C THR A 60 -3.12 6.27 -2.02
N ALA A 61 -3.85 5.55 -1.14
CA ALA A 61 -4.94 4.65 -1.49
C ALA A 61 -6.33 5.24 -1.21
N LYS A 62 -7.33 4.94 -2.05
CA LYS A 62 -8.71 5.46 -1.95
C LYS A 62 -9.75 4.54 -2.63
N GLY A 63 -11.02 4.93 -2.50
CA GLY A 63 -12.20 4.10 -2.80
C GLY A 63 -12.62 3.28 -1.59
N ARG A 64 -13.41 2.22 -1.81
CA ARG A 64 -13.62 1.15 -0.82
C ARG A 64 -13.70 -0.22 -1.50
N PRO A 65 -12.89 -1.22 -1.09
CA PRO A 65 -11.77 -1.12 -0.13
C PRO A 65 -10.70 -0.12 -0.55
N SER A 66 -9.92 0.36 0.41
CA SER A 66 -8.67 1.11 0.20
C SER A 66 -7.46 0.46 0.86
N LYS A 67 -7.70 -0.42 1.85
CA LYS A 67 -6.70 -1.23 2.56
C LYS A 67 -5.70 -1.96 1.66
N PHE A 68 -4.50 -2.16 2.21
CA PHE A 68 -3.58 -3.21 1.81
C PHE A 68 -3.89 -4.53 2.54
N GLN A 69 -3.37 -5.65 2.03
CA GLN A 69 -3.06 -6.82 2.85
C GLN A 69 -1.58 -7.18 2.68
N GLN A 70 -1.00 -7.80 3.70
CA GLN A 70 0.40 -8.24 3.72
C GLN A 70 0.47 -9.66 4.34
N GLN A 71 1.36 -10.49 3.82
CA GLN A 71 1.41 -11.94 4.10
C GLN A 71 2.62 -12.27 4.99
N ILE A 72 2.38 -12.46 6.30
CA ILE A 72 3.46 -12.61 7.31
C ILE A 72 3.94 -14.06 7.44
N SER A 73 3.11 -15.05 7.10
CA SER A 73 3.45 -16.48 7.05
C SER A 73 2.47 -17.25 6.15
N ALA A 74 2.71 -18.54 5.95
CA ALA A 74 1.78 -19.47 5.30
C ALA A 74 0.56 -19.82 6.17
N ASP A 75 0.70 -19.81 7.51
CA ASP A 75 -0.44 -19.93 8.45
C ASP A 75 -1.08 -18.55 8.70
N LYS A 76 -0.30 -17.60 9.23
CA LYS A 76 -0.69 -16.22 9.49
C LYS A 76 -0.46 -15.34 8.27
N GLY A 77 -1.17 -15.68 7.19
CA GLY A 77 -1.27 -14.91 5.95
C GLY A 77 -2.12 -13.64 6.09
N ILE A 78 -1.97 -12.91 7.21
CA ILE A 78 -2.85 -11.82 7.64
C ILE A 78 -2.07 -10.69 8.34
N ALA A 79 -1.96 -9.57 7.63
CA ALA A 79 -1.65 -8.24 8.16
C ALA A 79 -2.36 -7.18 7.30
N ARG A 80 -2.97 -6.16 7.92
CA ARG A 80 -3.89 -5.20 7.28
C ARG A 80 -3.84 -3.84 7.96
N GLY A 81 -4.30 -2.80 7.26
CA GLY A 81 -4.76 -1.55 7.86
C GLY A 81 -5.64 -0.72 6.92
N GLU A 82 -6.55 0.09 7.48
CA GLU A 82 -7.41 1.02 6.74
C GLU A 82 -7.73 2.26 7.60
N GLY A 83 -8.47 3.21 7.04
CA GLY A 83 -8.94 4.42 7.70
C GLY A 83 -9.98 5.13 6.84
N GLN A 84 -9.97 6.47 6.81
CA GLN A 84 -10.63 7.26 5.76
C GLN A 84 -9.65 7.70 4.66
N THR A 85 -8.33 7.57 4.89
CA THR A 85 -7.28 7.71 3.87
C THR A 85 -6.06 6.90 4.31
N ILE A 86 -5.33 6.32 3.35
CA ILE A 86 -4.03 5.70 3.57
C ILE A 86 -2.98 6.45 2.75
N VAL A 87 -1.91 6.90 3.41
CA VAL A 87 -0.72 7.47 2.78
C VAL A 87 0.49 6.58 3.12
N TYR A 88 1.36 6.34 2.14
CA TYR A 88 2.46 5.39 2.25
C TYR A 88 3.75 6.07 1.81
N ASN A 89 4.62 6.33 2.78
CA ASN A 89 5.96 6.83 2.56
C ASN A 89 6.83 5.71 1.94
N ALA A 90 7.29 5.87 0.70
CA ALA A 90 8.42 5.08 0.19
C ALA A 90 9.76 5.70 0.63
N ASP A 91 9.78 7.02 0.85
CA ASP A 91 10.85 7.81 1.45
C ASP A 91 11.32 7.34 2.84
N THR A 92 10.47 6.62 3.59
CA THR A 92 10.87 5.92 4.84
C THR A 92 10.25 4.52 5.00
N GLY A 93 9.60 3.99 3.96
CA GLY A 93 8.99 2.64 3.95
C GLY A 93 7.72 2.43 4.81
N ILE A 94 7.11 3.48 5.35
CA ILE A 94 6.02 3.40 6.35
C ILE A 94 4.64 3.63 5.71
N ILE A 95 3.71 2.69 5.93
CA ILE A 95 2.27 2.85 5.64
C ILE A 95 1.60 3.56 6.81
N THR A 96 0.87 4.64 6.57
CA THR A 96 0.15 5.46 7.57
C THR A 96 -1.36 5.50 7.28
N LEU A 97 -2.16 5.25 8.30
CA LEU A 97 -3.62 5.15 8.29
C LEU A 97 -4.21 6.39 8.99
N SER A 98 -5.02 7.20 8.29
CA SER A 98 -5.64 8.41 8.85
C SER A 98 -7.17 8.42 8.72
N GLY A 99 -7.83 9.31 9.48
CA GLY A 99 -9.24 9.17 9.85
C GLY A 99 -9.44 8.10 10.93
N GLY A 100 -10.60 7.42 10.94
CA GLY A 100 -10.93 6.34 11.87
C GLY A 100 -10.14 5.06 11.57
N ALA A 101 -8.86 5.06 11.93
CA ALA A 101 -7.85 4.08 11.55
C ALA A 101 -8.08 2.70 12.19
N TYR A 102 -7.52 1.69 11.51
CA TYR A 102 -7.58 0.27 11.86
C TYR A 102 -6.27 -0.43 11.46
N LEU A 103 -5.84 -1.41 12.25
CA LEU A 103 -4.73 -2.31 11.94
C LEU A 103 -5.07 -3.70 12.48
N TYR A 104 -4.91 -4.75 11.68
CA TYR A 104 -5.27 -6.14 12.01
C TYR A 104 -4.15 -7.10 11.60
N GLN A 105 -3.91 -8.13 12.40
CA GLN A 105 -2.81 -9.10 12.25
C GLN A 105 -3.22 -10.46 12.87
N ASP A 106 -2.25 -11.38 13.00
CA ASP A 106 -2.35 -12.68 13.68
C ASP A 106 -3.08 -12.59 15.03
N GLY A 107 -4.31 -13.09 15.07
CA GLY A 107 -5.18 -13.12 16.25
C GLY A 107 -5.53 -11.76 16.89
N SER A 108 -5.20 -10.63 16.26
CA SER A 108 -5.09 -9.33 16.96
C SER A 108 -5.45 -8.13 16.07
N SER A 109 -5.95 -7.05 16.67
CA SER A 109 -6.20 -5.79 15.96
C SER A 109 -6.30 -4.59 16.92
N ILE A 110 -6.21 -3.38 16.36
CA ILE A 110 -6.29 -2.10 17.07
C ILE A 110 -6.96 -1.03 16.20
N ARG A 111 -7.57 -0.01 16.82
CA ARG A 111 -8.12 1.20 16.18
C ARG A 111 -7.59 2.47 16.82
N GLY A 112 -7.67 3.58 16.09
CA GLY A 112 -7.24 4.90 16.54
C GLY A 112 -7.41 5.96 15.44
N ASN A 113 -6.46 6.89 15.35
CA ASN A 113 -6.26 7.76 14.18
C ASN A 113 -4.75 7.96 13.94
N THR A 114 -4.36 8.38 12.74
CA THR A 114 -2.96 8.70 12.35
C THR A 114 -1.96 7.57 12.70
N LEU A 115 -2.45 6.32 12.67
CA LEU A 115 -1.70 5.10 13.01
C LEU A 115 -0.73 4.74 11.87
N LYS A 116 0.26 3.89 12.12
CA LYS A 116 1.13 3.37 11.05
C LYS A 116 1.58 1.93 11.26
N TYR A 117 1.92 1.29 10.15
CA TYR A 117 2.31 -0.13 10.09
C TYR A 117 3.81 -0.34 10.33
N SER A 118 4.17 -1.54 10.80
CA SER A 118 5.56 -1.96 11.06
C SER A 118 5.78 -3.39 10.56
N MET A 119 6.62 -3.54 9.53
CA MET A 119 7.08 -4.83 8.98
C MET A 119 8.16 -5.48 9.87
N ASN A 120 8.01 -5.37 11.19
CA ASN A 120 8.96 -5.85 12.20
C ASN A 120 8.20 -6.52 13.37
N LYS A 121 7.31 -5.75 14.00
CA LYS A 121 6.40 -6.16 15.09
C LYS A 121 5.37 -5.04 15.32
N GLY A 122 4.19 -5.42 15.79
CA GLY A 122 3.24 -4.55 16.50
C GLY A 122 2.72 -5.22 17.79
N ASP A 123 1.81 -4.56 18.48
CA ASP A 123 1.12 -5.04 19.69
C ASP A 123 -0.35 -4.61 19.72
N VAL A 124 -1.15 -5.29 20.55
CA VAL A 124 -2.56 -4.95 20.83
C VAL A 124 -2.64 -3.88 21.94
N GLU A 125 -1.98 -2.75 21.74
CA GLU A 125 -1.84 -1.64 22.71
C GLU A 125 -3.14 -0.80 22.93
N ALA A 126 -4.30 -1.41 22.68
CA ALA A 126 -5.60 -0.77 22.51
C ALA A 126 -6.27 -0.32 23.84
N GLN A 127 -5.58 0.52 24.63
CA GLN A 127 -6.05 1.00 25.93
C GLN A 127 -7.16 2.06 25.79
N GLY A 128 -8.38 1.62 25.45
CA GLY A 128 -9.56 2.47 25.20
C GLY A 128 -10.19 3.12 26.44
N SER A 129 -9.39 3.75 27.30
CA SER A 129 -9.80 4.33 28.60
C SER A 129 -10.63 5.63 28.52
N SER A 130 -11.14 5.98 27.34
CA SER A 130 -11.76 7.28 27.04
C SER A 130 -13.04 7.11 26.20
N SER A 131 -14.07 7.88 26.53
CA SER A 131 -15.28 8.01 25.69
C SER A 131 -14.99 8.87 24.45
N ASN A 132 -15.70 8.59 23.36
CA ASN A 132 -15.92 9.57 22.29
C ASN A 132 -17.00 10.60 22.71
N ARG A 133 -17.34 11.48 21.77
CA ARG A 133 -18.63 12.18 21.69
C ARG A 133 -19.22 12.02 20.28
N ILE B 3 8.63 -3.87 -13.27
CA ILE B 3 7.30 -3.34 -13.02
C ILE B 3 6.40 -3.67 -14.23
N THR B 4 5.15 -4.07 -14.00
CA THR B 4 4.22 -4.51 -15.06
C THR B 4 2.84 -3.92 -14.81
N TYR B 5 2.16 -3.46 -15.85
CA TYR B 5 0.89 -2.73 -15.75
C TYR B 5 -0.07 -3.15 -16.88
N ASN B 7 -4.03 -2.56 -18.32
CA ASN B 7 -5.27 -1.78 -18.28
C ASN B 7 -6.41 -2.59 -18.90
N ARG B 8 -7.49 -2.88 -18.16
CA ARG B 8 -8.62 -3.68 -18.70
C ARG B 8 -9.27 -2.97 -19.87
N THR B 10 -8.68 -1.03 -22.27
CA THR B 10 -8.07 -1.01 -23.61
C THR B 10 -7.45 -2.37 -23.98
N LYS B 12 -4.66 -3.66 -22.94
CA LYS B 12 -3.19 -3.49 -23.09
C LYS B 12 -2.42 -3.86 -21.81
N CYS B 13 -1.42 -4.73 -21.94
CA CYS B 13 -0.36 -4.93 -20.93
C CYS B 13 0.88 -4.10 -21.27
N ARG B 15 5.04 -2.32 -19.64
CA ARG B 15 5.99 -1.82 -18.62
C ARG B 15 5.63 -0.36 -18.25
N TYR B 16 6.39 0.26 -17.35
CA TYR B 16 6.33 1.70 -17.07
C TYR B 16 7.72 2.27 -16.82
N GLY A 1 18.62 -2.79 -23.42
CA GLY A 1 18.57 -4.17 -23.96
C GLY A 1 17.34 -4.31 -24.84
N LEU A 2 16.87 -5.52 -25.09
CA LEU A 2 15.56 -5.75 -25.71
C LEU A 2 14.40 -5.35 -24.76
N PRO A 3 13.20 -5.00 -25.28
CA PRO A 3 12.08 -4.55 -24.46
C PRO A 3 11.37 -5.74 -23.80
N SER A 4 11.81 -6.15 -22.61
CA SER A 4 11.17 -7.21 -21.81
C SER A 4 11.47 -7.07 -20.31
N ASP A 5 10.54 -7.52 -19.48
CA ASP A 5 10.49 -7.32 -18.02
C ASP A 5 11.50 -8.18 -17.20
N ARG A 6 12.66 -8.52 -17.78
CA ARG A 6 13.68 -9.47 -17.29
C ARG A 6 14.04 -9.35 -15.81
N ASN A 7 14.00 -8.15 -15.24
CA ASN A 7 14.42 -7.84 -13.85
C ASN A 7 13.41 -6.94 -13.11
N GLN A 8 12.12 -7.12 -13.40
CA GLN A 8 11.01 -6.46 -12.69
C GLN A 8 10.39 -7.44 -11.67
N GLN A 9 10.01 -6.93 -10.49
CA GLN A 9 9.54 -7.78 -9.36
C GLN A 9 8.32 -7.25 -8.60
N ILE A 10 7.66 -6.22 -9.16
CA ILE A 10 6.41 -5.63 -8.68
C ILE A 10 5.45 -5.63 -9.88
N SER A 11 4.15 -5.90 -9.68
CA SER A 11 3.18 -5.86 -10.79
C SER A 11 1.85 -5.24 -10.36
N LEU A 12 1.22 -4.47 -11.26
CA LEU A 12 -0.05 -3.77 -11.03
C LEU A 12 -1.07 -3.95 -12.16
N VAL A 13 -2.35 -3.84 -11.77
CA VAL A 13 -3.52 -3.81 -12.66
C VAL A 13 -4.50 -2.72 -12.24
N ALA A 14 -5.06 -2.00 -13.20
CA ALA A 14 -6.04 -0.93 -12.99
C ALA A 14 -6.99 -0.82 -14.19
N ASP A 15 -8.23 -0.36 -13.99
CA ASP A 15 -9.13 -0.07 -15.11
C ASP A 15 -8.63 1.11 -15.96
N ARG A 16 -8.23 2.20 -15.30
CA ARG A 16 -7.82 3.46 -15.91
C ARG A 16 -6.58 4.02 -15.20
N ALA A 17 -5.41 3.75 -15.78
CA ALA A 17 -4.15 4.37 -15.38
C ALA A 17 -4.00 5.79 -15.97
N THR A 18 -3.13 6.58 -15.35
CA THR A 18 -2.87 7.99 -15.69
C THR A 18 -1.45 8.33 -15.27
N TYR A 19 -0.75 9.11 -16.09
CA TYR A 19 0.65 9.48 -15.89
C TYR A 19 0.84 10.95 -16.29
N ASN A 20 1.73 11.68 -15.61
CA ASN A 20 1.98 13.10 -15.89
C ASN A 20 3.43 13.52 -15.64
N GLU A 21 4.30 13.10 -16.57
CA GLU A 21 5.73 13.42 -16.68
C GLU A 21 6.09 14.85 -16.25
N LYS A 22 5.46 15.86 -16.88
CA LYS A 22 5.79 17.29 -16.67
C LYS A 22 5.47 17.86 -15.29
N THR A 23 4.98 17.05 -14.37
CA THR A 23 4.75 17.40 -12.96
C THR A 23 5.02 16.23 -11.99
N GLY A 24 5.64 15.14 -12.46
CA GLY A 24 6.03 13.99 -11.64
C GLY A 24 4.87 13.16 -11.05
N LEU A 25 3.67 13.19 -11.65
CA LEU A 25 2.48 12.51 -11.12
C LEU A 25 2.19 11.16 -11.80
N THR A 26 1.53 10.27 -11.06
CA THR A 26 1.01 8.99 -11.53
C THR A 26 -0.27 8.65 -10.74
N THR A 27 -1.29 8.10 -11.40
CA THR A 27 -2.60 7.85 -10.78
C THR A 27 -3.31 6.69 -11.46
N TYR A 28 -3.62 5.65 -10.71
CA TYR A 28 -4.36 4.48 -11.15
C TYR A 28 -5.75 4.50 -10.51
N THR A 29 -6.80 4.22 -11.30
CA THR A 29 -8.20 4.28 -10.86
C THR A 29 -9.03 3.10 -11.40
N GLY A 30 -10.08 2.76 -10.66
CA GLY A 30 -10.99 1.64 -10.96
C GLY A 30 -10.46 0.32 -10.44
N ASN A 31 -10.84 -0.01 -9.19
CA ASN A 31 -10.63 -1.30 -8.52
C ASN A 31 -9.19 -1.87 -8.67
N VAL A 32 -8.18 -1.03 -8.44
CA VAL A 32 -6.78 -1.32 -8.80
C VAL A 32 -6.11 -2.25 -7.78
N VAL A 33 -5.14 -3.03 -8.25
CA VAL A 33 -4.32 -3.94 -7.41
C VAL A 33 -2.85 -3.81 -7.77
N ILE A 34 -1.97 -3.83 -6.76
CA ILE A 34 -0.51 -3.90 -6.89
C ILE A 34 0.09 -4.86 -5.85
N GLU A 35 1.16 -5.58 -6.19
CA GLU A 35 1.78 -6.55 -5.27
C GLU A 35 3.29 -6.75 -5.41
N GLN A 36 3.88 -7.33 -4.35
CA GLN A 36 5.27 -7.79 -4.23
C GLN A 36 5.32 -9.19 -3.57
N GLY A 37 4.50 -10.15 -4.00
CA GLY A 37 4.48 -11.50 -3.43
C GLY A 37 3.63 -11.60 -2.15
N THR A 38 4.25 -11.63 -0.97
CA THR A 38 3.56 -11.71 0.34
C THR A 38 2.85 -10.41 0.75
N MET A 39 3.07 -9.32 0.01
CA MET A 39 2.41 -8.03 0.19
C MET A 39 1.54 -7.69 -1.02
N LYS A 40 0.24 -7.53 -0.80
CA LYS A 40 -0.76 -7.09 -1.80
C LYS A 40 -1.39 -5.75 -1.36
N LEU A 41 -1.91 -4.98 -2.31
CA LEU A 41 -2.71 -3.78 -2.05
C LEU A 41 -3.86 -3.67 -3.04
N GLN A 42 -5.10 -3.57 -2.55
CA GLN A 42 -6.31 -3.38 -3.35
C GLN A 42 -6.98 -2.05 -2.99
N ALA A 43 -7.14 -1.15 -3.96
CA ALA A 43 -7.78 0.15 -3.75
C ALA A 43 -8.50 0.66 -5.01
N ASP A 44 -9.63 1.35 -4.88
CA ASP A 44 -10.32 1.91 -6.06
C ASP A 44 -9.55 3.08 -6.70
N SER A 45 -8.62 3.70 -5.96
CA SER A 45 -7.58 4.57 -6.50
C SER A 45 -6.25 4.42 -5.76
N ILE A 46 -5.16 4.34 -6.55
CA ILE A 46 -3.80 4.68 -6.14
C ILE A 46 -3.41 6.03 -6.78
N VAL A 47 -2.84 6.95 -5.99
CA VAL A 47 -2.28 8.23 -6.47
C VAL A 47 -0.85 8.33 -5.93
N ALA A 48 0.12 8.64 -6.79
CA ALA A 48 1.54 8.56 -6.47
C ALA A 48 2.36 9.65 -7.18
N THR A 49 3.58 9.89 -6.70
CA THR A 49 4.56 10.77 -7.35
C THR A 49 5.86 10.02 -7.67
N LEU A 50 6.59 10.54 -8.65
CA LEU A 50 7.89 10.01 -9.11
C LEU A 50 8.95 11.12 -9.18
N ASN A 51 10.22 10.74 -9.03
CA ASN A 51 11.34 11.63 -9.31
C ASN A 51 11.73 11.57 -10.80
N SER A 52 12.62 12.47 -11.26
CA SER A 52 12.99 12.57 -12.68
C SER A 52 13.62 11.30 -13.28
N LYS A 53 14.05 10.31 -12.46
CA LYS A 53 14.46 8.98 -12.95
C LYS A 53 13.28 8.05 -13.28
N ARG A 54 12.04 8.57 -13.21
CA ARG A 54 10.74 7.87 -13.36
C ARG A 54 10.47 6.76 -12.32
N GLU A 55 11.27 6.70 -11.27
CA GLU A 55 11.01 5.88 -10.09
C GLU A 55 9.90 6.50 -9.24
N ILE A 56 8.85 5.71 -8.97
CA ILE A 56 7.78 6.06 -8.02
C ILE A 56 8.37 6.17 -6.61
N GLN A 57 8.01 7.21 -5.85
CA GLN A 57 8.66 7.57 -4.59
C GLN A 57 7.71 7.78 -3.39
N THR A 58 6.47 8.22 -3.61
CA THR A 58 5.42 8.25 -2.55
C THR A 58 4.08 7.79 -3.12
N ILE A 59 3.29 7.03 -2.36
CA ILE A 59 2.11 6.30 -2.86
C ILE A 59 0.94 6.43 -1.86
N THR A 60 -0.27 6.70 -2.36
CA THR A 60 -1.50 6.83 -1.54
C THR A 60 -2.64 5.97 -2.08
N ALA A 61 -3.32 5.24 -1.19
CA ALA A 61 -4.45 4.35 -1.48
C ALA A 61 -5.77 4.91 -0.91
N LYS A 62 -6.80 4.92 -1.76
CA LYS A 62 -8.13 5.49 -1.51
C LYS A 62 -9.21 4.60 -2.15
N GLY A 63 -10.43 4.65 -1.62
CA GLY A 63 -11.58 3.87 -2.11
C GLY A 63 -12.29 3.10 -0.99
N ARG A 64 -13.12 2.12 -1.35
CA ARG A 64 -13.69 1.12 -0.44
C ARG A 64 -13.83 -0.22 -1.20
N PRO A 65 -12.71 -0.89 -1.50
CA PRO A 65 -11.48 -0.93 -0.69
C PRO A 65 -10.51 0.24 -0.87
N SER A 66 -9.68 0.46 0.16
CA SER A 66 -8.54 1.40 0.18
C SER A 66 -7.21 0.71 0.54
N LYS A 67 -7.21 -0.61 0.69
CA LYS A 67 -6.57 -1.35 1.79
C LYS A 67 -5.56 -2.41 1.36
N PHE A 68 -4.48 -2.56 2.14
CA PHE A 68 -3.52 -3.64 1.94
C PHE A 68 -4.05 -5.02 2.36
N GLN A 69 -3.45 -6.09 1.84
CA GLN A 69 -3.58 -7.45 2.37
C GLN A 69 -2.18 -8.05 2.42
N GLN A 70 -1.71 -8.45 3.60
CA GLN A 70 -0.32 -8.86 3.81
C GLN A 70 -0.22 -10.13 4.64
N GLN A 71 0.94 -10.78 4.59
CA GLN A 71 1.32 -11.89 5.45
C GLN A 71 2.43 -11.51 6.42
N ILE A 72 2.51 -12.22 7.55
CA ILE A 72 3.39 -11.88 8.68
C ILE A 72 4.37 -13.03 8.97
N SER A 73 3.92 -14.09 9.62
CA SER A 73 4.72 -15.29 9.88
C SER A 73 3.81 -16.53 10.00
N ALA A 74 4.41 -17.71 10.21
CA ALA A 74 3.72 -19.00 10.30
C ALA A 74 2.84 -19.16 11.55
N ASP A 75 2.78 -18.16 12.43
CA ASP A 75 1.86 -18.09 13.57
C ASP A 75 0.42 -17.75 13.15
N LYS A 76 0.25 -16.92 12.11
CA LYS A 76 -1.07 -16.44 11.65
C LYS A 76 -1.23 -16.19 10.15
N GLY A 77 -0.12 -15.91 9.44
CA GLY A 77 -0.10 -15.68 8.00
C GLY A 77 -0.85 -14.44 7.48
N ILE A 78 -1.34 -13.52 8.32
CA ILE A 78 -2.22 -12.40 7.91
C ILE A 78 -1.90 -11.06 8.60
N ALA A 79 -2.17 -9.95 7.90
CA ALA A 79 -2.35 -8.60 8.44
C ALA A 79 -3.28 -7.74 7.55
N ARG A 80 -3.96 -6.79 8.19
CA ARG A 80 -4.98 -5.89 7.60
C ARG A 80 -4.84 -4.48 8.16
N GLY A 81 -5.05 -3.47 7.31
CA GLY A 81 -5.05 -2.05 7.70
C GLY A 81 -6.00 -1.23 6.83
N GLU A 82 -6.77 -0.37 7.46
CA GLU A 82 -7.96 0.29 6.89
C GLU A 82 -8.11 1.73 7.36
N GLY A 83 -8.90 2.50 6.60
CA GLY A 83 -9.17 3.92 6.81
C GLY A 83 -9.73 4.57 5.55
N GLN A 84 -10.11 5.85 5.67
CA GLN A 84 -10.58 6.68 4.55
C GLN A 84 -9.45 7.00 3.56
N THR A 85 -8.20 7.13 4.01
CA THR A 85 -7.02 7.34 3.13
C THR A 85 -5.76 6.76 3.77
N ILE A 86 -5.00 6.03 2.95
CA ILE A 86 -3.81 5.27 3.36
C ILE A 86 -2.61 5.80 2.56
N VAL A 87 -1.44 5.94 3.19
CA VAL A 87 -0.22 6.43 2.55
C VAL A 87 0.96 5.51 2.84
N TYR A 88 1.59 5.02 1.78
CA TYR A 88 2.78 4.18 1.83
C TYR A 88 4.00 5.05 1.58
N ASN A 89 4.86 5.17 2.60
CA ASN A 89 6.18 5.77 2.46
C ASN A 89 7.08 4.83 1.67
N ALA A 90 7.00 4.82 0.34
CA ALA A 90 7.92 4.04 -0.51
C ALA A 90 9.38 4.54 -0.42
N ASP A 91 9.56 5.76 0.08
CA ASP A 91 10.80 6.37 0.59
C ASP A 91 11.46 5.64 1.78
N THR A 92 10.72 4.81 2.55
CA THR A 92 11.30 4.00 3.65
C THR A 92 10.64 2.61 3.84
N GLY A 93 9.68 2.21 3.01
CA GLY A 93 8.99 0.92 3.07
C GLY A 93 7.91 0.77 4.16
N ILE A 94 7.41 1.87 4.77
CA ILE A 94 6.51 1.80 5.95
C ILE A 94 5.12 2.43 5.65
N ILE A 95 4.03 1.71 5.89
CA ILE A 95 2.66 2.19 5.60
C ILE A 95 2.11 3.05 6.75
N THR A 96 1.21 3.99 6.44
CA THR A 96 0.36 4.76 7.36
C THR A 96 -1.12 4.57 7.02
N LEU A 97 -1.97 4.34 8.02
CA LEU A 97 -3.42 4.33 7.92
C LEU A 97 -4.00 5.67 8.43
N SER A 98 -4.97 6.29 7.75
CA SER A 98 -5.58 7.55 8.21
C SER A 98 -7.07 7.72 7.89
N GLY A 99 -7.72 8.63 8.62
CA GLY A 99 -9.17 8.90 8.58
C GLY A 99 -10.00 7.74 9.10
N GLY A 100 -10.34 7.75 10.40
CA GLY A 100 -11.07 6.64 11.03
C GLY A 100 -10.30 5.32 10.98
N ALA A 101 -8.98 5.38 11.20
CA ALA A 101 -8.06 4.32 10.82
C ALA A 101 -8.14 3.10 11.75
N TYR A 102 -7.79 1.93 11.22
CA TYR A 102 -8.01 0.61 11.80
C TYR A 102 -6.83 -0.31 11.42
N LEU A 103 -6.30 -1.07 12.39
CA LEU A 103 -5.21 -2.04 12.20
C LEU A 103 -5.58 -3.38 12.87
N TYR A 104 -5.32 -4.50 12.18
CA TYR A 104 -5.58 -5.86 12.67
C TYR A 104 -4.48 -6.86 12.30
N GLN A 105 -4.15 -7.69 13.29
CA GLN A 105 -3.60 -9.03 13.11
C GLN A 105 -4.40 -9.99 14.00
N ASP A 106 -4.35 -11.30 13.71
CA ASP A 106 -4.84 -12.30 14.66
C ASP A 106 -4.19 -12.10 16.05
N GLY A 107 -4.99 -12.28 17.10
CA GLY A 107 -4.84 -11.59 18.37
C GLY A 107 -5.94 -10.53 18.57
N SER A 108 -5.82 -9.34 17.98
CA SER A 108 -6.73 -8.20 18.26
C SER A 108 -6.61 -7.04 17.25
N SER A 109 -7.37 -5.96 17.44
CA SER A 109 -7.34 -4.75 16.60
C SER A 109 -7.51 -3.45 17.37
N ILE A 110 -6.84 -2.39 16.90
CA ILE A 110 -6.92 -1.03 17.44
C ILE A 110 -7.04 0.02 16.32
N ARG A 111 -7.47 1.23 16.69
CA ARG A 111 -7.99 2.29 15.80
C ARG A 111 -7.50 3.67 16.23
N GLY A 112 -7.55 4.65 15.32
CA GLY A 112 -7.14 6.04 15.61
C GLY A 112 -6.90 6.91 14.37
N ASN A 113 -5.91 7.81 14.46
CA ASN A 113 -5.41 8.64 13.36
C ASN A 113 -3.97 8.28 12.97
N THR A 114 -3.60 8.50 11.70
CA THR A 114 -2.21 8.53 11.21
C THR A 114 -1.30 7.40 11.72
N LEU A 115 -1.83 6.17 11.76
CA LEU A 115 -1.20 5.01 12.41
C LEU A 115 -0.18 4.35 11.47
N LYS A 116 1.11 4.35 11.86
CA LYS A 116 2.14 3.58 11.13
C LYS A 116 1.93 2.06 11.30
N TYR A 117 2.29 1.28 10.29
CA TYR A 117 2.21 -0.18 10.27
C TYR A 117 3.55 -0.83 9.96
N SER A 118 3.83 -1.99 10.58
CA SER A 118 5.04 -2.80 10.40
C SER A 118 4.75 -4.19 9.81
N MET A 119 5.59 -4.63 8.87
CA MET A 119 5.56 -5.95 8.22
C MET A 119 6.09 -7.08 9.11
N ASN A 120 5.60 -7.18 10.35
CA ASN A 120 6.01 -8.14 11.37
C ASN A 120 4.89 -8.35 12.41
N LYS A 121 5.01 -9.35 13.28
CA LYS A 121 4.14 -9.52 14.46
C LYS A 121 4.50 -8.51 15.55
N GLY A 122 4.11 -7.25 15.35
CA GLY A 122 3.97 -6.28 16.44
C GLY A 122 2.86 -6.67 17.42
N ASP A 123 2.53 -5.79 18.35
CA ASP A 123 1.44 -5.97 19.31
C ASP A 123 0.51 -4.75 19.32
N VAL A 124 -0.70 -4.91 19.88
CA VAL A 124 -1.89 -4.10 19.54
C VAL A 124 -1.97 -2.71 20.19
N GLU A 125 -0.84 -1.99 20.26
CA GLU A 125 -0.81 -0.59 20.69
C GLU A 125 -1.06 0.38 19.51
N ALA A 126 -1.83 1.43 19.76
CA ALA A 126 -1.85 2.65 18.97
C ALA A 126 -2.23 3.84 19.87
N GLN A 127 -1.66 5.01 19.61
CA GLN A 127 -2.01 6.28 20.27
C GLN A 127 -2.04 7.39 19.21
N GLY A 128 -2.98 8.33 19.29
CA GLY A 128 -3.14 9.40 18.29
C GLY A 128 -2.06 10.50 18.32
N SER A 129 -1.21 10.49 19.35
CA SER A 129 -0.02 11.34 19.53
C SER A 129 0.91 10.65 20.54
N SER A 130 2.11 11.19 20.79
CA SER A 130 3.07 10.67 21.79
C SER A 130 3.81 11.79 22.52
N SER A 131 4.35 11.45 23.70
CA SER A 131 4.99 12.39 24.64
C SER A 131 6.25 11.78 25.25
N ASN A 132 7.24 12.61 25.58
CA ASN A 132 8.47 12.22 26.27
C ASN A 132 8.99 13.39 27.14
N ARG A 133 9.98 13.14 28.01
CA ARG A 133 10.74 14.15 28.77
C ARG A 133 12.20 14.16 28.26
N ILE B 3 8.95 -2.18 -12.16
CA ILE B 3 7.49 -2.30 -12.01
C ILE B 3 6.77 -2.63 -13.34
N THR B 4 6.01 -3.73 -13.36
CA THR B 4 5.19 -4.21 -14.49
C THR B 4 3.75 -3.71 -14.35
N TYR B 5 3.10 -3.40 -15.48
CA TYR B 5 1.81 -2.72 -15.58
C TYR B 5 0.94 -3.38 -16.67
N ASN B 7 -3.04 -2.93 -18.15
CA ASN B 7 -4.27 -2.12 -18.09
C ASN B 7 -5.51 -2.98 -18.36
N ARG B 8 -6.52 -2.93 -17.47
CA ARG B 8 -7.81 -3.65 -17.56
C ARG B 8 -8.77 -3.00 -18.56
N THR B 10 -6.95 -2.93 -22.04
CA THR B 10 -6.06 -3.19 -23.19
C THR B 10 -5.65 -4.66 -23.32
N LYS B 12 -2.94 -6.10 -23.50
CA LYS B 12 -1.51 -5.81 -23.69
C LYS B 12 -0.99 -4.87 -22.60
N CYS B 13 0.29 -5.02 -22.26
CA CYS B 13 0.87 -4.56 -20.99
C CYS B 13 2.21 -3.81 -21.19
N ARG B 15 6.37 -3.20 -19.13
CA ARG B 15 7.27 -2.43 -18.25
C ARG B 15 6.86 -0.96 -18.35
N TYR B 16 6.63 -0.30 -17.20
CA TYR B 16 5.86 0.94 -17.06
C TYR B 16 6.09 1.98 -18.17
N GLY A 1 27.87 -19.01 -15.31
CA GLY A 1 26.49 -18.48 -15.24
C GLY A 1 25.70 -19.26 -14.22
N LEU A 2 24.65 -18.68 -13.65
CA LEU A 2 23.75 -19.29 -12.66
C LEU A 2 22.37 -18.60 -12.73
N PRO A 3 21.28 -19.21 -12.22
CA PRO A 3 19.98 -18.53 -12.16
C PRO A 3 20.03 -17.29 -11.26
N SER A 4 19.37 -16.21 -11.66
CA SER A 4 19.30 -14.93 -10.92
C SER A 4 18.16 -14.07 -11.45
N ASP A 5 17.64 -13.16 -10.64
CA ASP A 5 16.49 -12.31 -11.00
C ASP A 5 16.79 -11.36 -12.15
N ARG A 6 16.21 -11.67 -13.32
CA ARG A 6 16.38 -10.97 -14.60
C ARG A 6 15.09 -10.84 -15.39
N ASN A 7 14.27 -11.89 -15.43
CA ASN A 7 12.93 -11.89 -16.00
C ASN A 7 11.87 -11.30 -15.04
N GLN A 8 12.24 -11.16 -13.76
CA GLN A 8 11.36 -10.77 -12.67
C GLN A 8 11.14 -9.25 -12.66
N GLN A 9 10.11 -8.80 -13.37
CA GLN A 9 9.56 -7.45 -13.30
C GLN A 9 8.07 -7.51 -12.92
N ILE A 10 7.56 -6.47 -12.26
CA ILE A 10 6.19 -6.43 -11.78
C ILE A 10 5.28 -5.87 -12.89
N SER A 11 4.05 -6.38 -13.00
CA SER A 11 3.06 -5.97 -14.01
C SER A 11 1.70 -5.73 -13.35
N LEU A 12 1.42 -4.51 -12.91
CA LEU A 12 0.23 -4.19 -12.11
C LEU A 12 -1.02 -3.93 -12.97
N VAL A 13 -2.20 -4.18 -12.41
CA VAL A 13 -3.49 -4.12 -13.12
C VAL A 13 -4.32 -2.90 -12.73
N ALA A 14 -4.87 -2.21 -13.74
CA ALA A 14 -5.79 -1.08 -13.60
C ALA A 14 -6.64 -0.89 -14.88
N ASP A 15 -7.71 -0.09 -14.82
CA ASP A 15 -8.69 0.06 -15.91
C ASP A 15 -8.53 1.34 -16.74
N ARG A 16 -8.22 2.47 -16.10
CA ARG A 16 -7.89 3.77 -16.74
C ARG A 16 -6.76 4.50 -16.00
N ALA A 17 -5.67 3.80 -15.73
CA ALA A 17 -4.49 4.43 -15.13
C ALA A 17 -3.80 5.40 -16.11
N THR A 18 -3.34 6.52 -15.58
CA THR A 18 -2.81 7.68 -16.32
C THR A 18 -1.73 8.40 -15.50
N TYR A 19 -0.86 9.16 -16.16
CA TYR A 19 0.35 9.71 -15.54
C TYR A 19 0.83 11.00 -16.20
N ASN A 20 1.65 11.76 -15.48
CA ASN A 20 2.32 12.96 -15.98
C ASN A 20 3.81 12.92 -15.62
N GLU A 21 4.62 12.60 -16.61
CA GLU A 21 6.09 12.67 -16.59
C GLU A 21 6.61 14.11 -16.44
N LYS A 22 5.97 15.11 -17.07
CA LYS A 22 6.24 16.55 -16.85
C LYS A 22 5.60 17.13 -15.59
N THR A 23 5.53 16.35 -14.52
CA THR A 23 5.35 16.84 -13.13
C THR A 23 5.84 15.81 -12.11
N GLY A 24 5.57 14.52 -12.34
CA GLY A 24 5.94 13.40 -11.46
C GLY A 24 4.75 12.74 -10.73
N LEU A 25 3.54 12.76 -11.28
CA LEU A 25 2.35 12.13 -10.69
C LEU A 25 1.87 10.91 -11.51
N THR A 26 1.39 9.88 -10.81
CA THR A 26 0.93 8.61 -11.39
C THR A 26 -0.35 8.17 -10.69
N THR A 27 -1.43 7.92 -11.44
CA THR A 27 -2.75 7.58 -10.89
C THR A 27 -3.31 6.33 -11.54
N TYR A 28 -3.49 5.27 -10.76
CA TYR A 28 -4.15 4.03 -11.14
C TYR A 28 -5.62 4.05 -10.71
N THR A 29 -6.54 3.68 -11.61
CA THR A 29 -7.99 3.80 -11.38
C THR A 29 -8.78 2.58 -11.87
N GLY A 30 -9.96 2.36 -11.27
CA GLY A 30 -10.96 1.38 -11.70
C GLY A 30 -10.68 -0.03 -11.21
N ASN A 31 -10.59 -0.19 -9.89
CA ASN A 31 -10.27 -1.42 -9.16
C ASN A 31 -8.91 -2.01 -9.59
N VAL A 32 -7.88 -1.70 -8.81
CA VAL A 32 -6.46 -1.85 -9.15
C VAL A 32 -5.73 -2.67 -8.10
N VAL A 33 -4.73 -3.45 -8.51
CA VAL A 33 -4.01 -4.40 -7.64
C VAL A 33 -2.51 -4.32 -7.88
N ILE A 34 -1.73 -4.34 -6.79
CA ILE A 34 -0.26 -4.35 -6.77
C ILE A 34 0.28 -5.26 -5.65
N GLU A 35 0.93 -6.34 -6.06
CA GLU A 35 1.52 -7.37 -5.21
C GLU A 35 3.05 -7.44 -5.35
N GLN A 36 3.75 -7.85 -4.27
CA GLN A 36 5.08 -8.45 -4.36
C GLN A 36 5.44 -9.23 -3.09
N GLY A 37 6.00 -10.43 -3.25
CA GLY A 37 6.31 -11.33 -2.11
C GLY A 37 5.08 -11.60 -1.25
N THR A 38 5.13 -11.21 0.03
CA THR A 38 4.01 -11.30 0.99
C THR A 38 3.15 -10.04 1.06
N MET A 39 3.53 -8.94 0.40
CA MET A 39 2.78 -7.69 0.36
C MET A 39 1.72 -7.72 -0.75
N LYS A 40 0.48 -7.35 -0.43
CA LYS A 40 -0.68 -7.53 -1.32
C LYS A 40 -1.66 -6.35 -1.15
N LEU A 41 -1.50 -5.33 -1.98
CA LEU A 41 -2.17 -4.03 -1.83
C LEU A 41 -3.15 -3.81 -3.00
N GLN A 42 -4.42 -3.51 -2.69
CA GLN A 42 -5.47 -3.24 -3.68
C GLN A 42 -6.37 -2.10 -3.21
N ALA A 43 -6.90 -1.31 -4.15
CA ALA A 43 -7.92 -0.30 -3.90
C ALA A 43 -8.74 -0.04 -5.17
N ASP A 44 -9.75 0.82 -5.11
CA ASP A 44 -10.45 1.28 -6.33
C ASP A 44 -9.60 2.29 -7.14
N SER A 45 -8.74 3.02 -6.41
CA SER A 45 -7.72 3.92 -6.94
C SER A 45 -6.46 3.92 -6.07
N ILE A 46 -5.30 4.08 -6.72
CA ILE A 46 -4.00 4.32 -6.10
C ILE A 46 -3.37 5.52 -6.80
N VAL A 47 -2.99 6.56 -6.05
CA VAL A 47 -2.25 7.72 -6.57
C VAL A 47 -0.86 7.79 -5.95
N ALA A 48 0.14 8.19 -6.73
CA ALA A 48 1.54 8.21 -6.33
C ALA A 48 2.30 9.43 -6.89
N THR A 49 3.39 9.79 -6.20
CA THR A 49 4.39 10.75 -6.66
C THR A 49 5.72 10.04 -6.94
N LEU A 50 6.31 10.27 -8.10
CA LEU A 50 7.66 9.84 -8.47
C LEU A 50 8.57 11.02 -8.81
N ASN A 51 9.87 10.83 -8.66
CA ASN A 51 10.90 11.85 -8.90
C ASN A 51 11.39 11.86 -10.36
N SER A 52 12.32 12.75 -10.70
CA SER A 52 12.93 12.84 -12.04
C SER A 52 13.72 11.60 -12.45
N LYS A 53 14.21 10.80 -11.49
CA LYS A 53 14.80 9.46 -11.73
C LYS A 53 13.75 8.37 -12.02
N ARG A 54 12.46 8.74 -11.99
CA ARG A 54 11.29 7.87 -12.21
C ARG A 54 11.14 6.72 -11.20
N GLU A 55 11.63 6.95 -9.98
CA GLU A 55 11.37 6.09 -8.83
C GLU A 55 10.34 6.75 -7.89
N ILE A 56 9.52 5.93 -7.23
CA ILE A 56 8.37 6.38 -6.43
C ILE A 56 8.83 6.92 -5.07
N GLN A 57 8.18 7.98 -4.58
CA GLN A 57 8.45 8.65 -3.30
C GLN A 57 7.30 8.46 -2.30
N THR A 58 6.05 8.71 -2.74
CA THR A 58 4.85 8.57 -1.91
C THR A 58 3.72 7.91 -2.69
N ILE A 59 2.85 7.20 -1.97
CA ILE A 59 1.67 6.50 -2.52
C ILE A 59 0.48 6.75 -1.57
N THR A 60 -0.73 6.82 -2.09
CA THR A 60 -2.00 6.97 -1.34
C THR A 60 -3.06 6.06 -1.96
N ALA A 61 -3.81 5.35 -1.11
CA ALA A 61 -4.88 4.44 -1.53
C ALA A 61 -6.28 5.01 -1.21
N LYS A 62 -7.23 4.80 -2.13
CA LYS A 62 -8.65 5.16 -1.91
C LYS A 62 -9.59 4.17 -2.63
N GLY A 63 -10.57 3.62 -1.92
CA GLY A 63 -11.50 2.62 -2.46
C GLY A 63 -12.56 2.13 -1.47
N ARG A 64 -13.43 1.23 -1.92
CA ARG A 64 -14.55 0.66 -1.16
C ARG A 64 -14.56 -0.89 -1.28
N PRO A 65 -13.85 -1.63 -0.39
CA PRO A 65 -12.93 -1.16 0.65
C PRO A 65 -11.55 -0.75 0.08
N SER A 66 -10.63 -0.36 0.97
CA SER A 66 -9.23 -0.05 0.62
C SER A 66 -8.21 -0.79 1.51
N LYS A 67 -8.63 -1.83 2.26
CA LYS A 67 -7.75 -2.62 3.14
C LYS A 67 -6.65 -3.29 2.30
N PHE A 68 -5.39 -3.00 2.60
CA PHE A 68 -4.26 -3.79 2.13
C PHE A 68 -4.07 -5.05 3.01
N GLN A 69 -3.31 -6.01 2.49
CA GLN A 69 -2.92 -7.22 3.20
C GLN A 69 -1.39 -7.43 3.13
N GLN A 70 -0.84 -8.08 4.15
CA GLN A 70 0.57 -8.44 4.24
C GLN A 70 0.68 -9.76 5.02
N GLN A 71 1.22 -10.81 4.41
CA GLN A 71 1.25 -12.15 4.97
C GLN A 71 2.45 -12.34 5.91
N ILE A 72 2.25 -11.98 7.18
CA ILE A 72 3.28 -11.95 8.23
C ILE A 72 4.06 -13.27 8.40
N SER A 73 3.41 -14.43 8.20
CA SER A 73 4.06 -15.73 8.03
C SER A 73 3.03 -16.76 7.50
N ALA A 74 3.33 -18.06 7.57
CA ALA A 74 2.44 -19.14 7.16
C ALA A 74 1.35 -19.51 8.19
N ASP A 75 1.44 -19.00 9.43
CA ASP A 75 0.49 -19.24 10.53
C ASP A 75 -0.52 -18.07 10.67
N LYS A 76 -0.10 -16.96 11.28
CA LYS A 76 -0.83 -15.69 11.41
C LYS A 76 -0.77 -14.86 10.13
N GLY A 77 -0.96 -15.51 8.98
CA GLY A 77 -0.67 -15.00 7.64
C GLY A 77 -1.62 -13.94 7.08
N ILE A 78 -2.21 -13.09 7.93
CA ILE A 78 -3.16 -12.05 7.53
C ILE A 78 -2.87 -10.69 8.18
N ALA A 79 -3.35 -9.61 7.56
CA ALA A 79 -3.34 -8.26 8.12
C ALA A 79 -4.55 -7.48 7.58
N ARG A 80 -4.95 -6.42 8.29
CA ARG A 80 -5.85 -5.37 7.79
C ARG A 80 -5.40 -4.03 8.38
N GLY A 81 -5.71 -2.93 7.70
CA GLY A 81 -5.68 -1.61 8.32
C GLY A 81 -6.35 -0.55 7.44
N GLU A 82 -6.86 0.51 8.06
CA GLU A 82 -7.42 1.66 7.36
C GLU A 82 -7.46 2.93 8.23
N GLY A 83 -7.93 4.03 7.63
CA GLY A 83 -8.34 5.28 8.27
C GLY A 83 -9.04 6.15 7.22
N GLN A 84 -9.38 7.39 7.54
CA GLN A 84 -9.91 8.34 6.55
C GLN A 84 -8.90 8.70 5.44
N THR A 85 -7.63 8.27 5.55
CA THR A 85 -6.76 7.96 4.41
C THR A 85 -5.66 6.95 4.77
N ILE A 86 -5.29 6.10 3.79
CA ILE A 86 -4.10 5.25 3.84
C ILE A 86 -3.01 5.87 2.94
N VAL A 87 -1.84 6.17 3.50
CA VAL A 87 -0.73 6.87 2.83
C VAL A 87 0.61 6.23 3.17
N TYR A 88 1.48 6.08 2.16
CA TYR A 88 2.52 5.05 2.11
C TYR A 88 3.85 5.65 1.62
N ASN A 89 4.91 5.46 2.42
CA ASN A 89 6.24 6.05 2.18
C ASN A 89 7.13 5.04 1.43
N ALA A 90 7.36 5.28 0.14
CA ALA A 90 8.04 4.33 -0.74
C ALA A 90 9.54 4.18 -0.43
N ASP A 91 10.19 5.26 0.01
CA ASP A 91 11.60 5.30 0.43
C ASP A 91 11.95 4.36 1.61
N THR A 92 10.94 3.87 2.35
CA THR A 92 11.13 3.02 3.53
C THR A 92 10.20 1.81 3.58
N GLY A 93 9.26 1.64 2.63
CA GLY A 93 8.33 0.51 2.60
C GLY A 93 7.25 0.51 3.69
N ILE A 94 7.04 1.63 4.41
CA ILE A 94 6.12 1.68 5.56
C ILE A 94 4.82 2.43 5.23
N ILE A 95 3.68 1.77 5.50
CA ILE A 95 2.33 2.29 5.31
C ILE A 95 1.85 3.04 6.57
N THR A 96 1.02 4.06 6.40
CA THR A 96 0.35 4.85 7.44
C THR A 96 -1.16 4.64 7.37
N LEU A 97 -1.78 4.51 8.55
CA LEU A 97 -3.23 4.59 8.76
C LEU A 97 -3.53 5.96 9.38
N SER A 98 -4.19 6.86 8.65
CA SER A 98 -4.34 8.27 9.05
C SER A 98 -5.81 8.68 9.24
N GLY A 99 -6.05 9.45 10.31
CA GLY A 99 -7.35 9.99 10.72
C GLY A 99 -8.40 8.94 11.07
N GLY A 100 -8.60 8.65 12.36
CA GLY A 100 -9.58 7.65 12.82
C GLY A 100 -9.20 6.23 12.39
N ALA A 101 -8.02 5.78 12.80
CA ALA A 101 -7.35 4.60 12.24
C ALA A 101 -7.79 3.28 12.88
N TYR A 102 -7.50 2.17 12.19
CA TYR A 102 -7.69 0.78 12.64
C TYR A 102 -6.58 -0.11 12.04
N LEU A 103 -6.05 -1.07 12.82
CA LEU A 103 -5.06 -2.07 12.36
C LEU A 103 -5.32 -3.41 13.07
N TYR A 104 -5.43 -4.49 12.29
CA TYR A 104 -5.72 -5.85 12.74
C TYR A 104 -4.66 -6.87 12.27
N GLN A 105 -4.37 -7.83 13.14
CA GLN A 105 -3.54 -9.02 12.89
C GLN A 105 -4.33 -10.25 13.36
N ASP A 106 -3.69 -11.41 13.46
CA ASP A 106 -4.23 -12.52 14.26
C ASP A 106 -4.33 -12.12 15.74
N GLY A 107 -5.27 -12.71 16.47
CA GLY A 107 -5.57 -12.42 17.87
C GLY A 107 -6.25 -11.07 18.14
N SER A 108 -5.61 -9.94 17.81
CA SER A 108 -6.01 -8.60 18.31
C SER A 108 -5.91 -7.46 17.28
N SER A 109 -6.44 -6.28 17.64
CA SER A 109 -6.49 -5.10 16.76
C SER A 109 -6.63 -3.75 17.47
N ILE A 110 -5.67 -2.86 17.20
CA ILE A 110 -5.62 -1.47 17.72
C ILE A 110 -6.43 -0.51 16.83
N ARG A 111 -6.88 0.62 17.39
CA ARG A 111 -7.63 1.67 16.69
C ARG A 111 -7.56 3.04 17.38
N GLY A 112 -7.99 4.09 16.68
CA GLY A 112 -8.08 5.46 17.17
C GLY A 112 -7.05 6.38 16.52
N ASN A 113 -5.95 6.65 17.23
CA ASN A 113 -4.89 7.54 16.77
C ASN A 113 -4.19 6.99 15.51
N THR A 114 -3.65 7.90 14.69
CA THR A 114 -2.88 7.52 13.49
C THR A 114 -1.60 6.74 13.85
N LEU A 115 -1.27 5.74 13.04
CA LEU A 115 -0.14 4.84 13.27
C LEU A 115 0.48 4.33 11.96
N LYS A 116 1.62 3.65 12.07
CA LYS A 116 2.27 2.91 10.98
C LYS A 116 1.85 1.43 11.00
N TYR A 117 1.94 0.77 9.86
CA TYR A 117 1.93 -0.70 9.81
C TYR A 117 3.30 -1.29 10.23
N SER A 118 3.32 -2.53 10.77
CA SER A 118 4.54 -3.23 11.21
C SER A 118 4.59 -4.69 10.72
N MET A 119 5.70 -5.07 10.08
CA MET A 119 5.98 -6.44 9.64
C MET A 119 6.59 -7.26 10.79
N ASN A 120 5.78 -7.54 11.82
CA ASN A 120 6.20 -8.27 13.04
C ASN A 120 7.42 -7.62 13.75
N LYS A 121 7.52 -6.28 13.74
CA LYS A 121 8.58 -5.50 14.41
C LYS A 121 8.01 -4.86 15.68
N GLY A 122 8.47 -5.31 16.85
CA GLY A 122 7.89 -4.97 18.14
C GLY A 122 6.53 -5.65 18.39
N ASP A 123 5.95 -5.38 19.56
CA ASP A 123 4.52 -5.56 19.81
C ASP A 123 3.71 -4.32 19.35
N VAL A 124 2.39 -4.32 19.57
CA VAL A 124 1.51 -3.19 19.20
C VAL A 124 0.24 -3.09 20.08
N GLU A 125 0.27 -3.62 21.31
CA GLU A 125 -0.95 -3.85 22.11
C GLU A 125 -0.91 -3.15 23.48
N ALA A 126 -1.52 -1.96 23.54
CA ALA A 126 -1.64 -1.15 24.75
C ALA A 126 -2.98 -0.38 24.81
N GLN A 127 -3.38 0.02 26.01
CA GLN A 127 -4.59 0.80 26.28
C GLN A 127 -4.36 1.77 27.45
N GLY A 128 -5.13 2.87 27.51
CA GLY A 128 -4.97 3.97 28.47
C GLY A 128 -6.21 4.24 29.33
N SER A 129 -6.91 3.20 29.79
CA SER A 129 -8.11 3.32 30.63
C SER A 129 -7.79 3.84 32.04
N SER A 130 -8.78 4.45 32.70
CA SER A 130 -8.68 5.04 34.05
C SER A 130 -10.06 5.30 34.67
N SER A 131 -10.11 5.63 35.96
CA SER A 131 -11.33 5.99 36.70
C SER A 131 -11.02 6.82 37.96
N ASN A 132 -12.07 7.35 38.60
CA ASN A 132 -11.97 7.87 39.98
C ASN A 132 -11.97 6.74 41.03
N ARG A 133 -11.47 7.06 42.22
CA ARG A 133 -11.14 6.18 43.33
C ARG A 133 -11.06 6.93 44.68
N ILE B 3 8.72 -1.57 -13.12
CA ILE B 3 7.26 -1.75 -13.09
C ILE B 3 6.67 -1.65 -14.51
N THR B 4 5.62 -2.42 -14.78
CA THR B 4 4.91 -2.54 -16.06
C THR B 4 3.40 -2.43 -15.84
N TYR B 5 2.62 -2.06 -16.85
CA TYR B 5 1.20 -1.70 -16.72
C TYR B 5 0.31 -2.60 -17.59
N ASN B 7 -3.29 -2.98 -18.55
CA ASN B 7 -4.61 -2.35 -18.57
C ASN B 7 -5.72 -3.42 -18.76
N ARG B 8 -6.57 -3.65 -17.76
CA ARG B 8 -7.81 -4.41 -17.94
C ARG B 8 -8.77 -3.63 -18.83
N THR B 10 -8.30 -3.26 -21.92
CA THR B 10 -7.48 -3.20 -23.15
C THR B 10 -6.77 -4.52 -23.42
N LYS B 12 -3.96 -5.95 -23.98
CA LYS B 12 -2.55 -5.74 -24.35
C LYS B 12 -1.93 -4.66 -23.44
N CYS B 13 -0.82 -5.02 -22.80
CA CYS B 13 -0.23 -4.24 -21.73
C CYS B 13 0.55 -3.00 -22.24
N ARG B 15 4.20 -0.29 -21.54
CA ARG B 15 5.31 0.37 -20.85
C ARG B 15 4.82 1.70 -20.23
N TYR B 16 5.72 2.35 -19.50
CA TYR B 16 5.67 3.73 -19.08
C TYR B 16 6.34 4.64 -20.14
N GLY A 1 21.76 -18.69 -1.33
CA GLY A 1 21.93 -18.12 -2.68
C GLY A 1 21.00 -18.83 -3.65
N LEU A 2 21.13 -18.56 -4.95
CA LEU A 2 20.35 -19.20 -6.03
C LEU A 2 18.82 -19.23 -5.78
N PRO A 3 18.13 -18.07 -5.82
CA PRO A 3 16.67 -18.03 -5.84
C PRO A 3 16.12 -18.63 -7.15
N SER A 4 14.84 -19.04 -7.15
CA SER A 4 14.16 -19.54 -8.36
C SER A 4 13.61 -18.41 -9.25
N ASP A 5 13.74 -17.17 -8.78
CA ASP A 5 12.90 -16.02 -9.10
C ASP A 5 13.25 -15.29 -10.41
N ARG A 6 13.80 -16.05 -11.37
CA ARG A 6 14.26 -15.65 -12.72
C ARG A 6 13.32 -14.71 -13.49
N ASN A 7 12.01 -14.80 -13.24
CA ASN A 7 10.96 -14.14 -14.00
C ASN A 7 9.98 -13.31 -13.14
N GLN A 8 10.28 -13.06 -11.85
CA GLN A 8 9.41 -12.24 -10.99
C GLN A 8 9.34 -10.78 -11.47
N GLN A 9 8.18 -10.15 -11.31
CA GLN A 9 7.99 -8.70 -11.43
C GLN A 9 7.00 -8.20 -10.38
N ILE A 10 7.04 -6.89 -10.09
CA ILE A 10 5.91 -6.18 -9.49
C ILE A 10 4.83 -6.04 -10.58
N SER A 11 3.57 -6.31 -10.24
CA SER A 11 2.46 -6.44 -11.21
C SER A 11 1.26 -5.57 -10.85
N LEU A 12 0.82 -4.70 -11.76
CA LEU A 12 -0.35 -3.80 -11.62
C LEU A 12 -1.50 -4.20 -12.56
N VAL A 13 -2.74 -4.11 -12.08
CA VAL A 13 -3.95 -4.06 -12.91
C VAL A 13 -4.83 -2.87 -12.52
N ALA A 14 -5.27 -2.12 -13.54
CA ALA A 14 -6.18 -0.99 -13.40
C ALA A 14 -7.14 -0.89 -14.60
N ASP A 15 -8.27 -0.20 -14.46
CA ASP A 15 -9.18 0.09 -15.58
C ASP A 15 -8.74 1.33 -16.38
N ARG A 16 -8.06 2.26 -15.70
CA ARG A 16 -7.17 3.25 -16.34
C ARG A 16 -5.95 3.51 -15.47
N ALA A 17 -4.77 3.16 -15.97
CA ALA A 17 -3.48 3.58 -15.43
C ALA A 17 -3.03 4.91 -16.06
N THR A 18 -2.22 5.69 -15.35
CA THR A 18 -1.82 7.04 -15.78
C THR A 18 -0.54 7.50 -15.08
N TYR A 19 0.43 7.98 -15.86
CA TYR A 19 1.46 8.94 -15.40
C TYR A 19 1.99 9.73 -16.60
N ASN A 20 2.95 10.61 -16.37
CA ASN A 20 3.62 11.39 -17.41
C ASN A 20 5.11 11.54 -17.06
N GLU A 21 5.98 11.21 -18.00
CA GLU A 21 7.39 11.61 -18.05
C GLU A 21 7.64 13.09 -17.69
N LYS A 22 6.79 14.00 -18.17
CA LYS A 22 6.87 15.45 -17.90
C LYS A 22 5.99 15.93 -16.72
N THR A 23 5.60 15.06 -15.80
CA THR A 23 5.00 15.48 -14.49
C THR A 23 5.38 14.61 -13.29
N GLY A 24 5.74 13.33 -13.47
CA GLY A 24 6.13 12.38 -12.40
C GLY A 24 5.00 11.92 -11.45
N LEU A 25 3.96 12.73 -11.28
CA LEU A 25 2.73 12.32 -10.57
C LEU A 25 1.99 11.22 -11.37
N THR A 26 1.45 10.27 -10.61
CA THR A 26 0.97 8.96 -11.07
C THR A 26 -0.40 8.66 -10.48
N THR A 27 -1.28 7.96 -11.19
CA THR A 27 -2.65 7.66 -10.76
C THR A 27 -3.19 6.38 -11.41
N TYR A 28 -3.88 5.54 -10.64
CA TYR A 28 -4.58 4.34 -11.12
C TYR A 28 -6.05 4.38 -10.69
N THR A 29 -6.98 3.92 -11.53
CA THR A 29 -8.43 4.08 -11.28
C THR A 29 -9.29 2.90 -11.76
N GLY A 30 -10.39 2.65 -11.04
CA GLY A 30 -11.49 1.79 -11.44
C GLY A 30 -11.41 0.39 -10.86
N ASN A 31 -11.31 0.25 -9.53
CA ASN A 31 -11.08 -1.01 -8.81
C ASN A 31 -9.78 -1.70 -9.28
N VAL A 32 -8.68 -1.37 -8.61
CA VAL A 32 -7.30 -1.61 -9.03
C VAL A 32 -6.48 -2.32 -7.95
N VAL A 33 -5.42 -3.02 -8.36
CA VAL A 33 -4.45 -3.63 -7.43
C VAL A 33 -3.05 -3.67 -8.04
N ILE A 34 -2.05 -3.42 -7.21
CA ILE A 34 -0.63 -3.67 -7.49
C ILE A 34 -0.08 -4.66 -6.46
N GLU A 35 0.69 -5.64 -6.94
CA GLU A 35 1.21 -6.74 -6.12
C GLU A 35 2.72 -6.96 -6.32
N GLN A 36 3.33 -7.48 -5.26
CA GLN A 36 4.74 -7.85 -5.15
C GLN A 36 4.83 -9.12 -4.28
N GLY A 37 5.94 -9.86 -4.33
CA GLY A 37 6.19 -10.95 -3.38
C GLY A 37 6.02 -10.46 -1.93
N THR A 38 5.16 -11.13 -1.15
CA THR A 38 4.70 -10.78 0.22
C THR A 38 3.78 -9.55 0.37
N MET A 39 3.31 -8.89 -0.69
CA MET A 39 2.56 -7.63 -0.56
C MET A 39 1.50 -7.40 -1.66
N LYS A 40 0.27 -7.06 -1.26
CA LYS A 40 -0.78 -6.46 -2.10
C LYS A 40 -1.06 -5.02 -1.68
N LEU A 41 -1.39 -4.14 -2.63
CA LEU A 41 -1.95 -2.80 -2.40
C LEU A 41 -3.12 -2.59 -3.37
N GLN A 42 -4.34 -2.47 -2.84
CA GLN A 42 -5.59 -2.61 -3.56
C GLN A 42 -6.66 -1.61 -3.09
N ALA A 43 -7.29 -0.91 -4.03
CA ALA A 43 -8.33 0.09 -3.77
C ALA A 43 -9.28 0.26 -4.96
N ASP A 44 -10.26 1.17 -4.88
CA ASP A 44 -10.85 1.68 -6.13
C ASP A 44 -9.82 2.46 -6.96
N SER A 45 -9.14 3.41 -6.33
CA SER A 45 -8.27 4.34 -7.05
C SER A 45 -7.14 4.88 -6.16
N ILE A 46 -5.96 4.95 -6.77
CA ILE A 46 -4.65 5.22 -6.16
C ILE A 46 -4.06 6.49 -6.79
N VAL A 47 -3.34 7.30 -6.00
CA VAL A 47 -2.47 8.38 -6.49
C VAL A 47 -1.06 8.21 -5.90
N ALA A 48 -0.02 8.56 -6.66
CA ALA A 48 1.37 8.32 -6.28
C ALA A 48 2.33 9.38 -6.84
N THR A 49 3.54 9.45 -6.29
CA THR A 49 4.63 10.30 -6.79
C THR A 49 5.85 9.44 -7.13
N LEU A 50 6.34 9.51 -8.37
CA LEU A 50 7.67 9.00 -8.72
C LEU A 50 8.69 10.10 -8.96
N ASN A 51 9.93 9.85 -8.55
CA ASN A 51 11.10 10.63 -8.93
C ASN A 51 11.39 10.42 -10.41
N SER A 52 11.97 11.43 -11.09
CA SER A 52 12.25 11.41 -12.54
C SER A 52 13.04 10.16 -13.01
N LYS A 53 13.91 9.63 -12.14
CA LYS A 53 14.58 8.32 -12.22
C LYS A 53 13.64 7.08 -12.15
N ARG A 54 12.34 7.23 -12.43
CA ARG A 54 11.30 6.19 -12.47
C ARG A 54 11.25 5.32 -11.20
N GLU A 55 11.21 6.00 -10.05
CA GLU A 55 11.25 5.43 -8.71
C GLU A 55 10.08 5.96 -7.87
N ILE A 56 9.17 5.08 -7.41
CA ILE A 56 7.99 5.50 -6.63
C ILE A 56 8.39 5.82 -5.18
N GLN A 57 8.14 7.04 -4.72
CA GLN A 57 8.49 7.47 -3.35
C GLN A 57 7.28 7.54 -2.40
N THR A 58 6.10 7.94 -2.88
CA THR A 58 4.87 7.97 -2.07
C THR A 58 3.66 7.43 -2.84
N ILE A 59 2.72 6.81 -2.12
CA ILE A 59 1.46 6.25 -2.66
C ILE A 59 0.33 6.54 -1.66
N THR A 60 -0.84 6.97 -2.14
CA THR A 60 -2.04 7.23 -1.34
C THR A 60 -3.22 6.44 -1.90
N ALA A 61 -3.93 5.73 -1.01
CA ALA A 61 -5.00 4.81 -1.34
C ALA A 61 -6.32 5.18 -0.64
N LYS A 62 -7.42 5.11 -1.41
CA LYS A 62 -8.79 5.45 -0.97
C LYS A 62 -9.85 4.87 -1.90
N GLY A 63 -10.99 4.49 -1.33
CA GLY A 63 -12.18 4.01 -2.05
C GLY A 63 -12.88 2.90 -1.26
N ARG A 64 -13.34 1.88 -1.99
CA ARG A 64 -13.74 0.60 -1.41
C ARG A 64 -13.14 -0.54 -2.24
N PRO A 65 -12.05 -1.22 -1.80
CA PRO A 65 -11.24 -0.96 -0.60
C PRO A 65 -10.34 0.30 -0.69
N SER A 66 -9.50 0.52 0.32
CA SER A 66 -8.49 1.60 0.41
C SER A 66 -7.08 1.07 0.82
N LYS A 67 -6.78 -0.23 0.65
CA LYS A 67 -5.94 -0.97 1.62
C LYS A 67 -4.70 -1.68 1.08
N PHE A 68 -3.97 -2.30 2.01
CA PHE A 68 -2.93 -3.30 1.75
C PHE A 68 -3.28 -4.67 2.34
N GLN A 69 -2.54 -5.70 1.90
CA GLN A 69 -2.48 -7.02 2.55
C GLN A 69 -1.04 -7.56 2.45
N GLN A 70 -0.34 -7.75 3.57
CA GLN A 70 1.06 -8.21 3.58
C GLN A 70 1.24 -9.63 4.17
N GLN A 71 2.42 -10.24 3.99
CA GLN A 71 2.94 -11.38 4.76
C GLN A 71 4.17 -10.94 5.54
N ILE A 72 4.30 -11.33 6.82
CA ILE A 72 5.49 -11.02 7.66
C ILE A 72 6.19 -12.29 8.17
N SER A 73 5.50 -13.43 8.24
CA SER A 73 6.12 -14.76 8.44
C SER A 73 5.21 -15.85 7.85
N ALA A 74 5.65 -17.12 7.91
CA ALA A 74 4.84 -18.26 7.45
C ALA A 74 3.58 -18.51 8.31
N ASP A 75 3.59 -18.11 9.58
CA ASP A 75 2.45 -18.15 10.51
C ASP A 75 1.68 -16.82 10.52
N LYS A 76 2.35 -15.67 10.69
CA LYS A 76 1.78 -14.34 10.38
C LYS A 76 1.87 -14.03 8.88
N GLY A 77 1.16 -14.84 8.12
CA GLY A 77 0.93 -14.66 6.67
C GLY A 77 -0.05 -13.53 6.33
N ILE A 78 -0.27 -12.58 7.24
CA ILE A 78 -1.26 -11.51 7.15
C ILE A 78 -0.67 -10.17 7.64
N ALA A 79 -1.24 -9.06 7.16
CA ALA A 79 -1.21 -7.73 7.79
C ALA A 79 -2.31 -6.90 7.13
N ARG A 80 -3.26 -6.33 7.90
CA ARG A 80 -4.49 -5.73 7.35
C ARG A 80 -4.86 -4.43 8.04
N GLY A 81 -4.24 -3.33 7.63
CA GLY A 81 -4.63 -1.98 8.05
C GLY A 81 -5.75 -1.38 7.19
N GLU A 82 -6.51 -0.43 7.76
CA GLU A 82 -7.30 0.54 6.99
C GLU A 82 -7.68 1.77 7.81
N GLY A 83 -8.38 2.70 7.16
CA GLY A 83 -8.97 3.91 7.74
C GLY A 83 -9.83 4.62 6.68
N GLN A 84 -10.12 5.91 6.85
CA GLN A 84 -10.73 6.71 5.77
C GLN A 84 -9.80 6.85 4.54
N THR A 85 -8.50 6.72 4.74
CA THR A 85 -7.45 6.95 3.74
C THR A 85 -6.16 6.28 4.23
N ILE A 86 -5.32 5.82 3.31
CA ILE A 86 -3.94 5.38 3.59
C ILE A 86 -2.96 6.25 2.82
N VAL A 87 -1.84 6.61 3.44
CA VAL A 87 -0.63 7.10 2.76
C VAL A 87 0.56 6.19 3.07
N TYR A 88 1.41 5.93 2.08
CA TYR A 88 2.59 5.09 2.17
C TYR A 88 3.82 5.87 1.70
N ASN A 89 4.84 5.90 2.54
CA ASN A 89 6.12 6.54 2.28
C ASN A 89 7.20 5.46 2.10
N ALA A 90 7.56 5.18 0.85
CA ALA A 90 8.46 4.08 0.48
C ALA A 90 9.92 4.37 0.88
N ASP A 91 10.29 5.64 0.99
CA ASP A 91 11.57 6.15 1.50
C ASP A 91 11.86 5.80 2.97
N THR A 92 10.84 5.47 3.76
CA THR A 92 10.98 4.90 5.12
C THR A 92 10.21 3.58 5.31
N GLY A 93 9.58 3.04 4.27
CA GLY A 93 8.77 1.82 4.32
C GLY A 93 7.49 1.89 5.17
N ILE A 94 7.10 3.05 5.69
CA ILE A 94 5.95 3.18 6.60
C ILE A 94 4.65 3.38 5.82
N ILE A 95 3.71 2.46 6.02
CA ILE A 95 2.30 2.62 5.66
C ILE A 95 1.58 3.29 6.85
N THR A 96 0.81 4.34 6.59
CA THR A 96 0.07 5.12 7.60
C THR A 96 -1.41 5.15 7.26
N LEU A 97 -2.23 4.69 8.20
CA LEU A 97 -3.69 4.78 8.20
C LEU A 97 -4.08 6.16 8.73
N SER A 98 -5.01 6.86 8.07
CA SER A 98 -5.39 8.25 8.43
C SER A 98 -6.82 8.38 8.96
N GLY A 99 -7.03 9.41 9.78
CA GLY A 99 -8.32 9.75 10.40
C GLY A 99 -8.69 8.78 11.52
N GLY A 100 -9.84 8.12 11.39
CA GLY A 100 -10.16 6.92 12.16
C GLY A 100 -9.49 5.71 11.50
N ALA A 101 -8.66 4.99 12.25
CA ALA A 101 -7.77 3.94 11.77
C ALA A 101 -8.04 2.57 12.45
N TYR A 102 -7.73 1.49 11.74
CA TYR A 102 -7.84 0.10 12.15
C TYR A 102 -6.62 -0.70 11.70
N LEU A 103 -6.23 -1.71 12.47
CA LEU A 103 -5.17 -2.66 12.14
C LEU A 103 -5.51 -4.05 12.68
N TYR A 104 -5.28 -5.09 11.87
CA TYR A 104 -5.27 -6.49 12.31
C TYR A 104 -3.98 -7.21 11.87
N GLN A 105 -3.43 -8.00 12.79
CA GLN A 105 -2.38 -8.98 12.53
C GLN A 105 -2.43 -10.11 13.59
N ASP A 106 -1.37 -10.89 13.71
CA ASP A 106 -1.09 -11.68 14.92
C ASP A 106 -0.97 -10.75 16.15
N GLY A 107 -1.26 -11.27 17.33
CA GLY A 107 -1.37 -10.51 18.58
C GLY A 107 -2.68 -9.74 18.76
N SER A 108 -3.17 -8.98 17.76
CA SER A 108 -4.42 -8.20 17.91
C SER A 108 -5.14 -7.82 16.61
N SER A 109 -6.43 -7.50 16.75
CA SER A 109 -7.08 -6.44 15.97
C SER A 109 -7.33 -5.23 16.88
N ILE A 110 -7.13 -4.02 16.37
CA ILE A 110 -7.11 -2.79 17.16
C ILE A 110 -7.53 -1.57 16.30
N ARG A 111 -8.00 -0.50 16.93
CA ARG A 111 -8.48 0.73 16.26
C ARG A 111 -8.21 1.98 17.11
N GLY A 112 -8.10 3.13 16.45
CA GLY A 112 -7.80 4.42 17.09
C GLY A 112 -7.79 5.59 16.09
N ASN A 113 -7.06 6.65 16.42
CA ASN A 113 -6.71 7.74 15.51
C ASN A 113 -5.56 7.34 14.57
N THR A 114 -5.28 8.17 13.55
CA THR A 114 -4.17 8.11 12.58
C THR A 114 -2.97 7.29 13.07
N LEU A 115 -2.64 6.21 12.37
CA LEU A 115 -1.80 5.11 12.86
C LEU A 115 -0.71 4.74 11.87
N LYS A 116 0.54 4.70 12.34
CA LYS A 116 1.63 3.97 11.69
C LYS A 116 1.38 2.46 11.72
N TYR A 117 1.39 1.81 10.56
CA TYR A 117 1.81 0.41 10.48
C TYR A 117 3.35 0.33 10.60
N SER A 118 3.90 -0.87 10.68
CA SER A 118 5.34 -1.12 10.85
C SER A 118 5.69 -2.50 10.31
N MET A 119 6.54 -2.54 9.28
CA MET A 119 7.11 -3.80 8.76
C MET A 119 8.29 -4.29 9.60
N ASN A 120 8.86 -3.42 10.44
CA ASN A 120 9.76 -3.78 11.53
C ASN A 120 8.99 -4.46 12.67
N LYS A 121 9.71 -5.24 13.50
CA LYS A 121 9.18 -5.72 14.79
C LYS A 121 8.80 -4.55 15.70
N GLY A 122 7.70 -4.71 16.45
CA GLY A 122 7.15 -3.73 17.38
C GLY A 122 5.68 -4.06 17.71
N ASP A 123 5.15 -3.50 18.79
CA ASP A 123 3.83 -3.82 19.30
C ASP A 123 2.67 -3.34 18.41
N VAL A 124 1.58 -4.11 18.40
CA VAL A 124 0.38 -3.87 17.57
C VAL A 124 -0.58 -2.90 18.28
N GLU A 125 -0.09 -1.68 18.50
CA GLU A 125 -0.76 -0.55 19.16
C GLU A 125 -1.69 0.21 18.20
N ALA A 126 -2.68 0.93 18.74
CA ALA A 126 -3.26 2.11 18.11
C ALA A 126 -3.48 3.24 19.15
N GLN A 127 -3.29 4.50 18.76
CA GLN A 127 -3.40 5.64 19.68
C GLN A 127 -4.83 6.19 19.79
N GLY A 128 -5.19 6.69 20.97
CA GLY A 128 -6.28 7.65 21.16
C GLY A 128 -5.68 9.04 21.40
N SER A 129 -5.75 9.94 20.41
CA SER A 129 -4.94 11.16 20.38
C SER A 129 -5.48 12.19 19.38
N SER A 130 -5.35 13.48 19.69
CA SER A 130 -5.51 14.58 18.72
C SER A 130 -4.68 15.79 19.12
N SER A 131 -4.10 16.48 18.14
CA SER A 131 -3.71 17.89 18.29
C SER A 131 -4.95 18.75 18.55
N ASN A 132 -4.79 19.82 19.33
CA ASN A 132 -5.85 20.69 19.81
C ASN A 132 -5.26 22.05 20.24
N ARG A 133 -6.09 23.11 20.20
CA ARG A 133 -5.78 24.47 20.64
C ARG A 133 -7.10 25.22 20.89
N ILE B 3 9.15 -4.56 -13.30
CA ILE B 3 7.82 -3.94 -13.11
C ILE B 3 6.98 -4.09 -14.39
N THR B 4 5.70 -4.42 -14.27
CA THR B 4 4.76 -4.55 -15.41
C THR B 4 3.33 -4.24 -15.00
N TYR B 5 2.51 -3.77 -15.94
CA TYR B 5 1.09 -3.53 -15.75
C TYR B 5 0.23 -4.05 -16.90
N ASN B 7 -3.70 -3.11 -18.51
CA ASN B 7 -4.87 -2.22 -18.46
C ASN B 7 -6.15 -2.99 -18.84
N ARG B 8 -7.05 -3.12 -17.85
CA ARG B 8 -8.41 -3.68 -18.00
C ARG B 8 -9.23 -2.80 -18.95
N THR B 10 -8.92 -2.92 -21.95
CA THR B 10 -8.11 -3.00 -23.18
C THR B 10 -7.57 -4.41 -23.45
N LYS B 12 -4.37 -4.98 -23.13
CA LYS B 12 -2.95 -4.73 -23.40
C LYS B 12 -2.18 -4.63 -22.08
N CYS B 13 -0.89 -4.98 -22.15
CA CYS B 13 0.04 -4.96 -21.01
C CYS B 13 1.36 -4.29 -21.40
N ARG B 15 5.72 -3.34 -19.77
CA ARG B 15 6.74 -2.76 -18.87
C ARG B 15 6.37 -1.31 -18.57
N TYR B 16 6.52 -0.90 -17.30
CA TYR B 16 6.24 0.44 -16.80
C TYR B 16 7.36 1.44 -17.12
N GLY A 1 19.62 -1.39 7.37
CA GLY A 1 18.98 -2.17 6.29
C GLY A 1 19.82 -2.08 5.03
N LEU A 2 19.34 -2.64 3.92
CA LEU A 2 19.99 -2.57 2.60
C LEU A 2 18.94 -2.50 1.48
N PRO A 3 19.28 -2.06 0.26
CA PRO A 3 18.36 -2.08 -0.88
C PRO A 3 18.18 -3.54 -1.38
N SER A 4 17.22 -4.24 -0.79
CA SER A 4 16.94 -5.66 -1.04
C SER A 4 16.63 -5.97 -2.51
N ASP A 5 15.52 -5.44 -3.02
CA ASP A 5 14.77 -5.92 -4.19
C ASP A 5 15.35 -5.53 -5.57
N ARG A 6 16.67 -5.36 -5.66
CA ARG A 6 17.50 -4.96 -6.81
C ARG A 6 16.84 -5.10 -8.19
N ASN A 7 16.52 -6.34 -8.56
CA ASN A 7 16.07 -6.75 -9.89
C ASN A 7 14.72 -7.50 -9.84
N GLN A 8 13.93 -7.30 -8.78
CA GLN A 8 12.53 -7.75 -8.72
C GLN A 8 11.69 -7.08 -9.83
N GLN A 9 10.50 -7.59 -10.08
CA GLN A 9 9.57 -7.00 -11.04
C GLN A 9 8.18 -6.86 -10.41
N ILE A 10 7.62 -5.66 -10.49
CA ILE A 10 6.31 -5.31 -9.92
C ILE A 10 5.38 -4.93 -11.07
N SER A 11 4.12 -5.34 -11.02
CA SER A 11 3.13 -5.10 -12.06
C SER A 11 1.76 -4.72 -11.50
N LEU A 12 1.00 -3.94 -12.27
CA LEU A 12 -0.36 -3.51 -11.95
C LEU A 12 -1.28 -3.57 -13.17
N VAL A 13 -2.59 -3.76 -12.94
CA VAL A 13 -3.61 -3.84 -14.00
C VAL A 13 -4.79 -2.91 -13.73
N ALA A 14 -5.01 -1.96 -14.64
CA ALA A 14 -6.04 -0.91 -14.55
C ALA A 14 -6.59 -0.53 -15.94
N ASP A 15 -7.81 -0.04 -16.03
CA ASP A 15 -8.38 0.57 -17.24
C ASP A 15 -8.20 2.09 -17.23
N ARG A 16 -8.59 2.71 -16.11
CA ARG A 16 -8.62 4.16 -15.85
C ARG A 16 -7.46 4.55 -14.93
N ALA A 17 -6.26 4.60 -15.50
CA ALA A 17 -5.05 5.10 -14.84
C ALA A 17 -4.18 5.94 -15.79
N THR A 18 -3.52 6.98 -15.24
CA THR A 18 -2.90 8.07 -15.99
C THR A 18 -1.59 8.51 -15.34
N TYR A 19 -0.50 8.41 -16.10
CA TYR A 19 0.77 9.06 -15.81
C TYR A 19 0.70 10.54 -16.19
N ASN A 20 1.33 11.41 -15.41
CA ASN A 20 1.34 12.85 -15.59
C ASN A 20 2.76 13.41 -15.46
N GLU A 21 3.56 13.20 -16.51
CA GLU A 21 4.91 13.76 -16.75
C GLU A 21 5.13 15.17 -16.17
N LYS A 22 4.25 16.13 -16.48
CA LYS A 22 4.28 17.53 -16.00
C LYS A 22 4.36 17.72 -14.48
N THR A 23 4.08 16.68 -13.69
CA THR A 23 4.27 16.65 -12.23
C THR A 23 4.89 15.33 -11.73
N GLY A 24 5.34 14.45 -12.62
CA GLY A 24 5.95 13.14 -12.32
C GLY A 24 5.03 12.03 -11.79
N LEU A 25 3.85 12.36 -11.23
CA LEU A 25 2.93 11.40 -10.59
C LEU A 25 2.23 10.45 -11.57
N THR A 26 1.72 9.33 -11.03
CA THR A 26 0.72 8.46 -11.67
C THR A 26 -0.49 8.29 -10.75
N THR A 27 -1.71 8.38 -11.31
CA THR A 27 -2.98 8.19 -10.59
C THR A 27 -3.78 7.06 -11.24
N TYR A 28 -4.39 6.22 -10.41
CA TYR A 28 -5.06 4.98 -10.80
C TYR A 28 -6.44 4.88 -10.13
N THR A 29 -7.44 4.32 -10.84
CA THR A 29 -8.82 4.07 -10.35
C THR A 29 -9.39 2.82 -11.02
N GLY A 30 -10.49 2.28 -10.48
CA GLY A 30 -11.19 1.14 -11.06
C GLY A 30 -10.63 -0.20 -10.59
N ASN A 31 -10.91 -0.57 -9.33
CA ASN A 31 -10.57 -1.86 -8.73
C ASN A 31 -9.10 -2.29 -8.99
N VAL A 32 -8.13 -1.42 -8.71
CA VAL A 32 -6.71 -1.65 -9.08
C VAL A 32 -5.97 -2.55 -8.07
N VAL A 33 -4.97 -3.27 -8.58
CA VAL A 33 -4.14 -4.23 -7.82
C VAL A 33 -2.66 -4.09 -8.21
N ILE A 34 -1.77 -4.19 -7.22
CA ILE A 34 -0.30 -4.19 -7.36
C ILE A 34 0.32 -5.00 -6.20
N GLU A 35 1.29 -5.88 -6.46
CA GLU A 35 1.85 -6.78 -5.42
C GLU A 35 3.36 -7.03 -5.55
N GLN A 36 3.97 -7.48 -4.44
CA GLN A 36 5.30 -8.11 -4.39
C GLN A 36 5.26 -9.54 -3.82
N GLY A 37 4.08 -10.11 -3.60
CA GLY A 37 3.88 -11.43 -2.97
C GLY A 37 4.07 -11.41 -1.45
N THR A 38 5.11 -10.78 -0.93
CA THR A 38 5.31 -10.52 0.52
C THR A 38 4.34 -9.44 1.03
N MET A 39 4.20 -8.36 0.25
CA MET A 39 3.19 -7.31 0.41
C MET A 39 2.29 -7.26 -0.84
N LYS A 40 1.05 -6.81 -0.63
CA LYS A 40 -0.08 -6.90 -1.53
C LYS A 40 -0.85 -5.58 -1.44
N LEU A 41 -1.47 -5.09 -2.51
CA LEU A 41 -2.35 -3.92 -2.45
C LEU A 41 -3.49 -4.07 -3.47
N GLN A 42 -4.73 -4.08 -2.99
CA GLN A 42 -5.94 -4.16 -3.81
C GLN A 42 -7.06 -3.29 -3.21
N ALA A 43 -7.44 -2.26 -3.97
CA ALA A 43 -8.39 -1.21 -3.58
C ALA A 43 -9.15 -0.74 -4.84
N ASP A 44 -9.89 0.38 -4.80
CA ASP A 44 -10.31 1.01 -6.06
C ASP A 44 -9.18 1.82 -6.68
N SER A 45 -8.54 2.70 -5.89
CA SER A 45 -7.72 3.79 -6.38
C SER A 45 -6.36 3.88 -5.67
N ILE A 46 -5.36 4.32 -6.44
CA ILE A 46 -4.00 4.59 -6.00
C ILE A 46 -3.56 5.96 -6.57
N VAL A 47 -2.68 6.67 -5.86
CA VAL A 47 -1.82 7.74 -6.38
C VAL A 47 -0.38 7.39 -6.04
N ALA A 48 0.58 7.67 -6.92
CA ALA A 48 2.00 7.37 -6.74
C ALA A 48 2.89 8.52 -7.22
N THR A 49 3.88 8.89 -6.40
CA THR A 49 4.99 9.79 -6.77
C THR A 49 6.22 8.97 -7.15
N LEU A 50 6.99 9.44 -8.13
CA LEU A 50 8.20 8.77 -8.63
C LEU A 50 9.22 9.79 -9.14
N ASN A 51 10.45 9.33 -9.39
CA ASN A 51 11.59 10.21 -9.66
C ASN A 51 12.44 9.75 -10.87
N SER A 52 13.50 10.51 -11.18
CA SER A 52 14.43 10.23 -12.30
C SER A 52 15.02 8.81 -12.28
N LYS A 53 15.24 8.21 -11.10
CA LYS A 53 15.69 6.81 -10.94
C LYS A 53 14.66 5.74 -11.34
N ARG A 54 13.46 6.13 -11.82
CA ARG A 54 12.24 5.30 -11.97
C ARG A 54 11.61 4.85 -10.65
N GLU A 55 12.36 4.81 -9.55
CA GLU A 55 11.86 4.51 -8.20
C GLU A 55 10.59 5.31 -7.83
N ILE A 56 9.60 4.58 -7.30
CA ILE A 56 8.40 5.13 -6.68
C ILE A 56 8.76 5.58 -5.25
N GLN A 57 8.48 6.84 -4.90
CA GLN A 57 8.86 7.39 -3.60
C GLN A 57 7.74 7.21 -2.57
N THR A 58 6.54 7.75 -2.83
CA THR A 58 5.38 7.56 -1.95
C THR A 58 4.10 7.25 -2.70
N ILE A 59 3.23 6.48 -2.06
CA ILE A 59 1.97 5.95 -2.56
C ILE A 59 0.83 6.38 -1.62
N THR A 60 -0.38 6.54 -2.16
CA THR A 60 -1.60 6.74 -1.39
C THR A 60 -2.74 5.91 -1.98
N ALA A 61 -3.52 5.23 -1.14
CA ALA A 61 -4.58 4.31 -1.56
C ALA A 61 -5.97 4.70 -1.03
N LYS A 62 -7.03 4.35 -1.80
CA LYS A 62 -8.42 4.73 -1.52
C LYS A 62 -9.47 3.83 -2.17
N GLY A 63 -10.71 3.97 -1.71
CA GLY A 63 -11.87 3.19 -2.16
C GLY A 63 -12.60 2.54 -0.98
N ARG A 64 -13.32 1.45 -1.26
CA ARG A 64 -13.84 0.50 -0.25
C ARG A 64 -13.89 -0.92 -0.87
N PRO A 65 -12.87 -1.77 -0.66
CA PRO A 65 -11.69 -1.59 0.19
C PRO A 65 -10.73 -0.48 -0.27
N SER A 66 -9.92 -0.01 0.68
CA SER A 66 -8.91 1.05 0.52
C SER A 66 -7.47 0.56 0.77
N LYS A 67 -7.29 -0.77 0.98
CA LYS A 67 -6.24 -1.29 1.86
C LYS A 67 -5.16 -2.16 1.21
N PHE A 68 -4.02 -2.23 1.89
CA PHE A 68 -2.97 -3.21 1.63
C PHE A 68 -3.27 -4.57 2.29
N GLN A 69 -2.48 -5.57 1.93
CA GLN A 69 -2.43 -6.90 2.53
C GLN A 69 -0.96 -7.34 2.64
N GLN A 70 -0.65 -8.27 3.53
CA GLN A 70 0.74 -8.67 3.83
C GLN A 70 0.77 -10.13 4.28
N GLN A 71 1.83 -10.85 3.94
CA GLN A 71 1.92 -12.30 4.19
C GLN A 71 2.96 -12.59 5.28
N ILE A 72 2.65 -12.18 6.53
CA ILE A 72 3.57 -12.22 7.68
C ILE A 72 4.10 -13.64 7.94
N SER A 73 3.23 -14.63 7.78
CA SER A 73 3.56 -16.05 7.60
C SER A 73 2.38 -16.72 6.88
N ALA A 74 2.56 -17.92 6.35
CA ALA A 74 1.57 -18.61 5.50
C ALA A 74 0.27 -18.98 6.24
N ASP A 75 0.32 -19.13 7.57
CA ASP A 75 -0.82 -19.28 8.46
C ASP A 75 -1.54 -17.95 8.74
N LYS A 76 -0.80 -16.86 8.89
CA LYS A 76 -1.29 -15.53 9.30
C LYS A 76 -1.05 -14.48 8.21
N GLY A 77 -1.59 -14.75 7.02
CA GLY A 77 -1.54 -13.86 5.85
C GLY A 77 -2.49 -12.65 5.93
N ILE A 78 -2.56 -11.98 7.08
CA ILE A 78 -3.59 -10.99 7.42
C ILE A 78 -2.98 -9.65 7.86
N ALA A 79 -3.46 -8.54 7.28
CA ALA A 79 -3.09 -7.19 7.70
C ALA A 79 -4.23 -6.21 7.40
N ARG A 80 -5.13 -5.99 8.37
CA ARG A 80 -6.20 -4.99 8.29
C ARG A 80 -5.71 -3.64 8.79
N GLY A 81 -4.69 -3.09 8.14
CA GLY A 81 -4.39 -1.66 8.23
C GLY A 81 -5.37 -0.91 7.33
N GLU A 82 -6.26 -0.11 7.91
CA GLU A 82 -7.47 0.38 7.26
C GLU A 82 -7.83 1.82 7.65
N GLY A 83 -8.62 2.48 6.81
CA GLY A 83 -9.13 3.83 7.01
C GLY A 83 -9.82 4.39 5.76
N GLN A 84 -10.22 5.66 5.83
CA GLN A 84 -10.66 6.43 4.67
C GLN A 84 -9.51 6.71 3.69
N THR A 85 -8.26 6.63 4.13
CA THR A 85 -7.05 6.80 3.31
C THR A 85 -5.86 6.06 3.92
N ILE A 86 -4.98 5.54 3.08
CA ILE A 86 -3.66 5.03 3.47
C ILE A 86 -2.58 5.78 2.70
N VAL A 87 -1.46 6.09 3.34
CA VAL A 87 -0.21 6.55 2.71
C VAL A 87 0.92 5.53 2.96
N TYR A 88 1.80 5.36 1.99
CA TYR A 88 2.96 4.45 2.02
C TYR A 88 4.19 5.13 1.41
N ASN A 89 5.10 5.57 2.28
CA ASN A 89 6.41 6.06 1.86
C ASN A 89 7.36 4.86 1.65
N ALA A 90 7.38 4.32 0.43
CA ALA A 90 8.35 3.31 0.01
C ALA A 90 9.80 3.79 0.22
N ASP A 91 10.04 5.07 -0.07
CA ASP A 91 10.99 6.04 0.51
C ASP A 91 11.65 5.68 1.85
N THR A 92 10.90 5.16 2.83
CA THR A 92 11.41 4.65 4.12
C THR A 92 10.73 3.35 4.59
N GLY A 93 9.97 2.68 3.71
CA GLY A 93 9.18 1.48 4.00
C GLY A 93 7.94 1.66 4.89
N ILE A 94 7.60 2.88 5.32
CA ILE A 94 6.56 3.14 6.33
C ILE A 94 5.17 3.32 5.71
N ILE A 95 4.18 2.67 6.31
CA ILE A 95 2.74 2.83 6.03
C ILE A 95 2.09 3.65 7.16
N THR A 96 1.08 4.48 6.83
CA THR A 96 0.25 5.20 7.80
C THR A 96 -1.21 5.25 7.35
N LEU A 97 -2.12 5.03 8.29
CA LEU A 97 -3.56 4.88 8.14
C LEU A 97 -4.24 6.17 8.62
N SER A 98 -5.25 6.64 7.88
CA SER A 98 -5.90 7.93 8.12
C SER A 98 -7.42 7.90 7.91
N GLY A 99 -8.14 8.67 8.74
CA GLY A 99 -9.59 8.78 8.75
C GLY A 99 -10.25 7.55 9.35
N GLY A 100 -10.61 7.61 10.64
CA GLY A 100 -11.17 6.46 11.37
C GLY A 100 -10.20 5.28 11.45
N ALA A 101 -8.90 5.59 11.48
CA ALA A 101 -7.81 4.66 11.22
C ALA A 101 -7.84 3.42 12.13
N TYR A 102 -7.47 2.28 11.57
CA TYR A 102 -7.64 0.96 12.15
C TYR A 102 -6.43 0.09 11.84
N LEU A 103 -6.03 -0.74 12.80
CA LEU A 103 -5.13 -1.86 12.61
C LEU A 103 -5.75 -3.10 13.26
N TYR A 104 -5.78 -4.21 12.52
CA TYR A 104 -5.89 -5.56 13.06
C TYR A 104 -4.88 -6.47 12.34
N GLN A 105 -4.26 -7.37 13.09
CA GLN A 105 -3.36 -8.42 12.60
C GLN A 105 -3.61 -9.69 13.43
N ASP A 106 -2.71 -10.68 13.34
CA ASP A 106 -2.69 -11.77 14.30
C ASP A 106 -2.45 -11.26 15.74
N GLY A 107 -3.27 -11.73 16.69
CA GLY A 107 -3.13 -11.44 18.12
C GLY A 107 -3.41 -10.01 18.60
N SER A 108 -3.55 -9.01 17.71
CA SER A 108 -3.55 -7.59 18.09
C SER A 108 -4.47 -6.73 17.21
N SER A 109 -5.10 -5.71 17.81
CA SER A 109 -5.81 -4.65 17.08
C SER A 109 -5.99 -3.36 17.89
N ILE A 110 -6.19 -2.24 17.19
CA ILE A 110 -6.55 -0.92 17.72
C ILE A 110 -7.24 -0.09 16.63
N ARG A 111 -8.11 0.85 16.99
CA ARG A 111 -8.56 1.93 16.09
C ARG A 111 -8.65 3.28 16.81
N GLY A 112 -8.60 4.35 16.01
CA GLY A 112 -8.67 5.73 16.46
C GLY A 112 -8.91 6.69 15.28
N ASN A 113 -8.17 7.81 15.26
CA ASN A 113 -8.26 8.85 14.22
C ASN A 113 -7.26 8.62 13.06
N THR A 114 -5.96 8.54 13.39
CA THR A 114 -4.81 8.38 12.48
C THR A 114 -3.72 7.55 13.19
N LEU A 115 -3.09 6.58 12.53
CA LEU A 115 -2.02 5.76 13.13
C LEU A 115 -1.01 5.23 12.11
N LYS A 116 0.25 5.08 12.54
CA LYS A 116 1.35 4.47 11.76
C LYS A 116 1.36 2.94 11.90
N TYR A 117 1.88 2.24 10.88
CA TYR A 117 2.06 0.79 10.91
C TYR A 117 3.54 0.40 11.04
N SER A 118 3.81 -0.84 11.45
CA SER A 118 5.12 -1.49 11.52
C SER A 118 4.93 -3.01 11.47
N MET A 119 5.73 -3.73 10.67
CA MET A 119 5.59 -5.19 10.48
C MET A 119 6.42 -6.04 11.46
N ASN A 120 7.37 -5.42 12.15
CA ASN A 120 7.95 -5.91 13.39
C ASN A 120 6.92 -5.86 14.54
N LYS A 121 7.23 -6.50 15.67
CA LYS A 121 6.52 -6.27 16.95
C LYS A 121 6.56 -4.78 17.28
N GLY A 122 5.40 -4.18 17.50
CA GLY A 122 5.22 -2.80 17.94
C GLY A 122 3.87 -2.64 18.64
N ASP A 123 3.62 -1.47 19.23
CA ASP A 123 2.50 -1.24 20.15
C ASP A 123 1.88 0.15 19.92
N VAL A 124 0.54 0.22 19.87
CA VAL A 124 -0.22 1.45 19.61
C VAL A 124 -1.53 1.40 20.41
N GLU A 125 -1.86 2.49 21.11
CA GLU A 125 -3.19 2.76 21.68
C GLU A 125 -3.69 4.13 21.17
N ALA A 126 -4.97 4.23 20.82
CA ALA A 126 -5.52 5.36 20.05
C ALA A 126 -7.01 5.64 20.39
N GLN A 127 -7.35 5.64 21.69
CA GLN A 127 -8.72 5.71 22.24
C GLN A 127 -9.39 7.08 21.97
N GLY A 128 -9.71 7.39 20.71
CA GLY A 128 -10.17 8.70 20.24
C GLY A 128 -9.04 9.73 20.19
N SER A 129 -8.34 9.92 21.30
CA SER A 129 -7.02 10.57 21.35
C SER A 129 -5.90 9.59 21.00
N SER A 130 -4.75 10.11 20.57
CA SER A 130 -3.60 9.33 20.11
C SER A 130 -2.28 10.07 20.38
N SER A 131 -2.15 11.30 19.88
CA SER A 131 -1.16 12.34 20.23
C SER A 131 0.34 12.03 20.10
N ASN A 132 0.77 10.77 19.98
CA ASN A 132 2.16 10.42 19.72
C ASN A 132 2.54 10.77 18.27
N ARG A 133 3.79 11.20 18.07
CA ARG A 133 4.35 11.51 16.75
C ARG A 133 4.93 10.28 16.06
N ILE B 3 9.29 -1.76 -12.72
CA ILE B 3 7.86 -1.50 -12.47
C ILE B 3 7.08 -1.47 -13.79
N THR B 4 5.87 -2.04 -13.79
CA THR B 4 5.10 -2.41 -15.00
C THR B 4 3.63 -2.02 -14.87
N TYR B 5 3.00 -1.59 -15.95
CA TYR B 5 1.58 -1.20 -16.01
C TYR B 5 0.92 -1.76 -17.26
N ASN B 7 -2.66 -2.05 -19.30
CA ASN B 7 -3.91 -1.32 -19.38
C ASN B 7 -5.06 -2.17 -19.94
N ARG B 8 -6.10 -2.41 -19.14
CA ARG B 8 -7.31 -3.16 -19.54
C ARG B 8 -8.07 -2.49 -20.69
N THR B 10 -6.86 -0.83 -23.32
CA THR B 10 -6.18 -0.93 -24.63
C THR B 10 -5.53 -2.30 -24.89
N LYS B 12 -2.60 -3.05 -24.00
CA LYS B 12 -1.16 -2.77 -24.08
C LYS B 12 -0.51 -2.72 -22.69
N CYS B 13 0.82 -2.73 -22.63
CA CYS B 13 1.58 -2.63 -21.39
C CYS B 13 2.60 -1.47 -21.43
N ARG B 15 6.13 0.56 -18.79
CA ARG B 15 6.81 0.81 -17.51
C ARG B 15 5.78 1.30 -16.46
N TYR B 16 5.91 2.53 -15.95
CA TYR B 16 4.74 3.36 -15.60
C TYR B 16 4.23 4.11 -16.84
N GLY A 1 18.03 -21.45 3.50
CA GLY A 1 18.02 -20.60 2.28
C GLY A 1 18.61 -19.24 2.63
N LEU A 2 18.80 -18.38 1.62
CA LEU A 2 19.39 -17.04 1.77
C LEU A 2 18.73 -16.11 0.74
N PRO A 3 18.33 -14.87 1.08
CA PRO A 3 17.65 -13.96 0.15
C PRO A 3 18.60 -13.49 -0.96
N SER A 4 18.27 -13.77 -2.22
CA SER A 4 19.11 -13.43 -3.39
C SER A 4 18.25 -13.27 -4.66
N ASP A 5 17.29 -12.35 -4.60
CA ASP A 5 16.46 -11.96 -5.75
C ASP A 5 17.33 -11.30 -6.85
N ARG A 6 16.90 -11.45 -8.11
CA ARG A 6 17.56 -10.98 -9.33
C ARG A 6 16.60 -10.28 -10.31
N ASN A 7 15.30 -10.31 -10.02
CA ASN A 7 14.22 -9.90 -10.92
C ASN A 7 13.15 -9.01 -10.24
N GLN A 8 13.31 -8.74 -8.94
CA GLN A 8 12.48 -7.86 -8.11
C GLN A 8 12.01 -6.60 -8.85
N GLN A 9 10.70 -6.41 -8.90
CA GLN A 9 10.05 -5.19 -9.36
C GLN A 9 8.68 -5.02 -8.70
N ILE A 10 8.16 -3.79 -8.69
CA ILE A 10 6.76 -3.53 -8.36
C ILE A 10 5.91 -3.86 -9.60
N SER A 11 4.64 -4.23 -9.43
CA SER A 11 3.68 -4.34 -10.54
C SER A 11 2.25 -4.02 -10.10
N LEU A 12 1.47 -3.44 -11.01
CA LEU A 12 0.07 -3.07 -10.79
C LEU A 12 -0.80 -3.32 -12.02
N VAL A 13 -2.10 -3.55 -11.79
CA VAL A 13 -3.10 -3.64 -12.88
C VAL A 13 -4.25 -2.65 -12.70
N ALA A 14 -4.50 -1.81 -13.70
CA ALA A 14 -5.60 -0.84 -13.74
C ALA A 14 -5.85 -0.34 -15.17
N ASP A 15 -7.11 -0.23 -15.60
CA ASP A 15 -7.39 0.18 -16.98
C ASP A 15 -7.47 1.70 -17.16
N ARG A 16 -8.38 2.38 -16.45
CA ARG A 16 -8.60 3.83 -16.61
C ARG A 16 -7.64 4.64 -15.72
N ALA A 17 -6.34 4.49 -15.98
CA ALA A 17 -5.29 5.29 -15.36
C ALA A 17 -5.08 6.64 -16.06
N THR A 18 -4.31 7.53 -15.42
CA THR A 18 -3.76 8.75 -16.01
C THR A 18 -2.35 8.99 -15.46
N TYR A 19 -1.38 9.24 -16.34
CA TYR A 19 0.04 9.33 -16.00
C TYR A 19 0.57 10.76 -16.18
N ASN A 20 1.53 11.17 -15.34
CA ASN A 20 2.00 12.56 -15.31
C ASN A 20 3.44 12.70 -14.79
N GLU A 21 4.42 12.15 -15.52
CA GLU A 21 5.86 12.41 -15.25
C GLU A 21 6.18 13.92 -15.24
N LYS A 22 5.51 14.70 -16.09
CA LYS A 22 5.54 16.18 -16.13
C LYS A 22 4.96 16.89 -14.89
N THR A 23 4.61 16.15 -13.83
CA THR A 23 4.26 16.70 -12.51
C THR A 23 4.80 15.86 -11.33
N GLY A 24 5.45 14.72 -11.60
CA GLY A 24 5.96 13.78 -10.59
C GLY A 24 4.95 12.76 -10.04
N LEU A 25 3.79 12.56 -10.67
CA LEU A 25 2.71 11.67 -10.16
C LEU A 25 2.05 10.83 -11.26
N THR A 26 1.27 9.82 -10.86
CA THR A 26 0.37 9.01 -11.70
C THR A 26 -0.82 8.54 -10.85
N THR A 27 -1.96 8.24 -11.47
CA THR A 27 -3.19 7.78 -10.81
C THR A 27 -3.84 6.64 -11.60
N TYR A 28 -4.46 5.70 -10.90
CA TYR A 28 -4.97 4.43 -11.44
C TYR A 28 -6.45 4.25 -11.06
N THR A 29 -7.27 3.69 -11.94
CA THR A 29 -8.69 3.39 -11.66
C THR A 29 -9.11 2.05 -12.26
N GLY A 30 -10.02 1.35 -11.58
CA GLY A 30 -10.70 0.14 -12.04
C GLY A 30 -10.24 -1.09 -11.30
N ASN A 31 -10.69 -1.24 -10.05
CA ASN A 31 -10.39 -2.37 -9.15
C ASN A 31 -8.87 -2.64 -9.03
N VAL A 32 -8.09 -1.57 -8.88
CA VAL A 32 -6.63 -1.60 -8.93
C VAL A 32 -6.03 -2.36 -7.74
N VAL A 33 -5.02 -3.17 -8.05
CA VAL A 33 -4.14 -3.82 -7.09
C VAL A 33 -2.67 -3.60 -7.49
N ILE A 34 -1.81 -3.43 -6.49
CA ILE A 34 -0.36 -3.20 -6.61
C ILE A 34 0.36 -3.91 -5.45
N GLU A 35 1.43 -4.67 -5.72
CA GLU A 35 2.04 -5.51 -4.69
C GLU A 35 3.53 -5.84 -4.88
N GLN A 36 4.11 -6.46 -3.84
CA GLN A 36 5.43 -7.10 -3.81
C GLN A 36 5.36 -8.49 -3.16
N GLY A 37 4.38 -9.33 -3.52
CA GLY A 37 4.20 -10.67 -2.97
C GLY A 37 3.56 -10.66 -1.59
N THR A 38 4.38 -10.49 -0.55
CA THR A 38 3.95 -10.57 0.87
C THR A 38 3.19 -9.35 1.36
N MET A 39 3.14 -8.26 0.59
CA MET A 39 2.38 -7.05 0.91
C MET A 39 1.72 -6.48 -0.36
N LYS A 40 0.45 -6.09 -0.27
CA LYS A 40 -0.40 -5.65 -1.39
C LYS A 40 -1.23 -4.43 -0.98
N LEU A 41 -1.48 -3.47 -1.87
CA LEU A 41 -2.48 -2.41 -1.71
C LEU A 41 -3.58 -2.58 -2.77
N GLN A 42 -4.84 -2.42 -2.37
CA GLN A 42 -6.02 -2.68 -3.22
C GLN A 42 -7.17 -1.69 -2.97
N ALA A 43 -7.74 -1.15 -4.05
CA ALA A 43 -8.79 -0.12 -4.03
C ALA A 43 -9.59 -0.06 -5.35
N ASP A 44 -10.61 0.81 -5.44
CA ASP A 44 -11.16 1.21 -6.74
C ASP A 44 -10.15 2.05 -7.55
N SER A 45 -9.39 2.90 -6.86
CA SER A 45 -8.42 3.83 -7.45
C SER A 45 -7.30 4.23 -6.47
N ILE A 46 -6.07 4.37 -6.99
CA ILE A 46 -4.80 4.58 -6.25
C ILE A 46 -4.00 5.70 -6.91
N VAL A 47 -3.18 6.42 -6.15
CA VAL A 47 -2.23 7.45 -6.62
C VAL A 47 -0.79 6.99 -6.34
N ALA A 48 0.19 7.38 -7.15
CA ALA A 48 1.61 7.18 -6.88
C ALA A 48 2.48 8.37 -7.30
N THR A 49 3.66 8.51 -6.69
CA THR A 49 4.67 9.54 -6.98
C THR A 49 5.93 8.94 -7.61
N LEU A 50 6.48 9.58 -8.64
CA LEU A 50 7.75 9.20 -9.24
C LEU A 50 8.54 10.42 -9.73
N ASN A 51 9.83 10.48 -9.40
CA ASN A 51 10.70 11.62 -9.75
C ASN A 51 11.33 11.47 -11.16
N SER A 52 12.22 12.38 -11.55
CA SER A 52 12.88 12.40 -12.88
C SER A 52 13.75 11.17 -13.19
N LYS A 53 14.16 10.37 -12.19
CA LYS A 53 14.78 9.05 -12.41
C LYS A 53 13.78 7.89 -12.53
N ARG A 54 12.48 8.20 -12.48
CA ARG A 54 11.30 7.31 -12.58
C ARG A 54 11.16 6.26 -11.47
N GLU A 55 12.03 6.29 -10.47
CA GLU A 55 11.91 5.62 -9.17
C GLU A 55 10.57 5.97 -8.48
N ILE A 56 9.84 4.97 -8.00
CA ILE A 56 8.55 5.15 -7.30
C ILE A 56 8.79 5.32 -5.80
N GLN A 57 8.40 6.47 -5.22
CA GLN A 57 8.68 6.76 -3.82
C GLN A 57 7.52 6.45 -2.87
N THR A 58 6.32 6.97 -3.12
CA THR A 58 5.15 6.74 -2.25
C THR A 58 3.85 6.56 -3.04
N ILE A 59 2.93 5.80 -2.44
CA ILE A 59 1.76 5.20 -3.10
C ILE A 59 0.56 5.28 -2.15
N THR A 60 -0.53 5.92 -2.59
CA THR A 60 -1.68 6.29 -1.75
C THR A 60 -2.95 5.56 -2.18
N ALA A 61 -3.56 4.83 -1.24
CA ALA A 61 -4.81 4.10 -1.40
C ALA A 61 -5.94 4.73 -0.55
N LYS A 62 -7.12 4.80 -1.16
CA LYS A 62 -8.31 5.54 -0.70
C LYS A 62 -9.52 5.07 -1.51
N GLY A 63 -10.73 5.28 -1.00
CA GLY A 63 -11.96 4.88 -1.68
C GLY A 63 -12.51 3.53 -1.22
N ARG A 64 -12.99 2.71 -2.16
CA ARG A 64 -13.88 1.56 -1.92
C ARG A 64 -13.36 0.29 -2.64
N PRO A 65 -12.47 -0.51 -2.01
CA PRO A 65 -11.84 -0.32 -0.69
C PRO A 65 -10.67 0.68 -0.72
N SER A 66 -9.98 0.86 0.41
CA SER A 66 -8.78 1.72 0.57
C SER A 66 -7.51 0.96 0.99
N LYS A 67 -7.60 -0.34 1.24
CA LYS A 67 -6.77 -1.05 2.25
C LYS A 67 -5.60 -1.87 1.68
N PHE A 68 -4.69 -2.24 2.59
CA PHE A 68 -3.63 -3.22 2.34
C PHE A 68 -4.04 -4.65 2.71
N GLN A 69 -3.34 -5.62 2.11
CA GLN A 69 -3.27 -7.03 2.52
C GLN A 69 -1.81 -7.40 2.81
N GLN A 70 -1.59 -8.39 3.67
CA GLN A 70 -0.26 -8.96 3.93
C GLN A 70 -0.33 -10.50 3.98
N GLN A 71 0.79 -11.17 3.75
CA GLN A 71 0.94 -12.63 3.79
C GLN A 71 2.05 -12.95 4.81
N ILE A 72 1.71 -13.64 5.90
CA ILE A 72 2.58 -13.82 7.08
C ILE A 72 3.08 -15.27 7.19
N SER A 73 2.22 -16.24 6.87
CA SER A 73 2.50 -17.69 6.85
C SER A 73 1.44 -18.41 6.01
N ALA A 74 1.59 -19.72 5.79
CA ALA A 74 0.72 -20.49 4.90
C ALA A 74 -0.75 -20.60 5.39
N ASP A 75 -0.98 -20.46 6.69
CA ASP A 75 -2.27 -20.24 7.33
C ASP A 75 -2.66 -18.73 7.30
N LYS A 76 -1.71 -17.87 7.65
CA LYS A 76 -1.90 -16.43 7.87
C LYS A 76 -1.70 -15.62 6.59
N GLY A 77 -2.56 -15.87 5.61
CA GLY A 77 -2.68 -15.07 4.38
C GLY A 77 -3.40 -13.72 4.54
N ILE A 78 -3.52 -13.18 5.76
CA ILE A 78 -4.40 -12.06 6.08
C ILE A 78 -3.77 -11.03 7.04
N ALA A 79 -3.91 -9.76 6.67
CA ALA A 79 -3.78 -8.57 7.53
C ALA A 79 -4.57 -7.41 6.87
N ARG A 80 -4.81 -6.32 7.61
CA ARG A 80 -5.56 -5.13 7.18
C ARG A 80 -5.01 -3.87 7.82
N GLY A 81 -5.23 -2.74 7.15
CA GLY A 81 -5.24 -1.41 7.74
C GLY A 81 -6.42 -0.60 7.20
N GLU A 82 -7.01 0.25 8.03
CA GLU A 82 -8.22 1.01 7.73
C GLU A 82 -8.18 2.43 8.32
N GLY A 83 -9.05 3.29 7.79
CA GLY A 83 -9.03 4.74 7.91
C GLY A 83 -9.67 5.37 6.67
N GLN A 84 -9.53 6.68 6.49
CA GLN A 84 -10.04 7.39 5.29
C GLN A 84 -9.00 7.52 4.17
N THR A 85 -7.71 7.42 4.48
CA THR A 85 -6.61 7.47 3.51
C THR A 85 -5.41 6.69 4.05
N ILE A 86 -4.78 5.92 3.16
CA ILE A 86 -3.72 4.96 3.46
C ILE A 86 -2.55 5.22 2.50
N VAL A 87 -1.31 5.10 2.97
CA VAL A 87 -0.12 5.41 2.15
C VAL A 87 1.04 4.47 2.47
N TYR A 88 1.63 3.88 1.43
CA TYR A 88 2.83 3.03 1.47
C TYR A 88 4.03 3.83 0.94
N ASN A 89 5.02 4.04 1.79
CA ASN A 89 6.27 4.71 1.42
C ASN A 89 7.30 3.64 1.03
N ALA A 90 7.40 3.37 -0.28
CA ALA A 90 8.19 2.28 -0.84
C ALA A 90 9.71 2.50 -0.69
N ASP A 91 10.15 3.71 -0.36
CA ASP A 91 11.50 4.06 0.06
C ASP A 91 11.90 3.54 1.45
N THR A 92 10.94 3.15 2.30
CA THR A 92 11.20 2.58 3.65
C THR A 92 10.31 1.39 4.04
N GLY A 93 9.33 1.00 3.23
CA GLY A 93 8.50 -0.20 3.45
C GLY A 93 7.39 -0.08 4.51
N ILE A 94 7.17 1.10 5.10
CA ILE A 94 6.13 1.35 6.10
C ILE A 94 4.82 1.75 5.41
N ILE A 95 3.68 1.37 6.00
CA ILE A 95 2.36 1.91 5.66
C ILE A 95 1.90 2.86 6.77
N THR A 96 1.45 4.07 6.43
CA THR A 96 0.63 4.91 7.30
C THR A 96 -0.84 4.72 7.00
N LEU A 97 -1.63 4.58 8.06
CA LEU A 97 -3.08 4.55 8.05
C LEU A 97 -3.56 5.87 8.68
N SER A 98 -4.54 6.56 8.09
CA SER A 98 -4.92 7.92 8.53
C SER A 98 -6.42 8.17 8.48
N GLY A 99 -6.90 9.14 9.28
CA GLY A 99 -8.32 9.48 9.42
C GLY A 99 -9.10 8.48 10.29
N GLY A 100 -8.82 8.47 11.60
CA GLY A 100 -9.45 7.57 12.58
C GLY A 100 -9.04 6.11 12.35
N ALA A 101 -7.73 5.83 12.44
CA ALA A 101 -7.16 4.66 11.79
C ALA A 101 -7.20 3.37 12.63
N TYR A 102 -7.08 2.25 11.93
CA TYR A 102 -7.32 0.89 12.40
C TYR A 102 -6.25 -0.05 11.81
N LEU A 103 -5.87 -1.10 12.55
CA LEU A 103 -5.09 -2.23 12.06
C LEU A 103 -5.72 -3.55 12.50
N TYR A 104 -5.71 -4.56 11.63
CA TYR A 104 -5.87 -5.97 12.03
C TYR A 104 -4.66 -6.74 11.51
N GLN A 105 -3.92 -7.34 12.45
CA GLN A 105 -2.83 -8.27 12.17
C GLN A 105 -3.38 -9.70 12.30
N ASP A 106 -2.59 -10.71 11.94
CA ASP A 106 -2.96 -12.13 11.78
C ASP A 106 -3.38 -12.90 13.07
N GLY A 107 -3.78 -12.16 14.11
CA GLY A 107 -4.40 -12.66 15.34
C GLY A 107 -4.88 -11.58 16.31
N SER A 108 -4.92 -10.29 15.94
CA SER A 108 -5.31 -9.17 16.83
C SER A 108 -5.68 -7.91 16.05
N SER A 109 -6.34 -6.92 16.68
CA SER A 109 -6.62 -5.61 16.08
C SER A 109 -6.53 -4.45 17.07
N ILE A 110 -6.16 -3.28 16.56
CA ILE A 110 -6.06 -2.00 17.30
C ILE A 110 -6.64 -0.84 16.46
N ARG A 111 -7.09 0.23 17.10
CA ARG A 111 -7.56 1.46 16.44
C ARG A 111 -7.35 2.69 17.33
N GLY A 112 -7.21 3.88 16.73
CA GLY A 112 -6.94 5.12 17.46
C GLY A 112 -6.48 6.28 16.58
N ASN A 113 -5.24 6.70 16.77
CA ASN A 113 -4.58 7.80 16.07
C ASN A 113 -4.20 7.38 14.62
N THR A 114 -3.49 8.21 13.85
CA THR A 114 -2.83 7.78 12.60
C THR A 114 -1.70 6.78 12.89
N LEU A 115 -2.09 5.53 13.19
CA LEU A 115 -1.18 4.41 13.39
C LEU A 115 -0.49 3.98 12.08
N LYS A 116 0.48 3.08 12.20
CA LYS A 116 1.32 2.60 11.08
C LYS A 116 1.42 1.08 11.10
N TYR A 117 1.53 0.45 9.93
CA TYR A 117 2.08 -0.91 9.84
C TYR A 117 3.60 -0.84 9.71
N SER A 118 4.27 -1.71 10.47
CA SER A 118 5.73 -1.90 10.48
C SER A 118 6.03 -3.39 10.59
N MET A 119 7.01 -3.85 9.80
CA MET A 119 7.55 -5.23 9.86
C MET A 119 8.75 -5.37 10.80
N ASN A 120 9.00 -4.37 11.67
CA ASN A 120 10.18 -4.27 12.54
C ASN A 120 9.84 -4.02 14.02
N LYS A 121 8.60 -4.32 14.44
CA LYS A 121 8.09 -4.16 15.81
C LYS A 121 7.28 -5.39 16.24
N GLY A 122 7.18 -5.63 17.54
CA GLY A 122 6.21 -6.58 18.13
C GLY A 122 4.89 -5.91 18.56
N ASP A 123 4.90 -4.59 18.68
CA ASP A 123 3.81 -3.71 19.10
C ASP A 123 3.41 -2.74 17.97
N VAL A 124 2.25 -2.08 18.07
CA VAL A 124 1.72 -1.18 17.02
C VAL A 124 1.59 0.25 17.56
N GLU A 125 0.43 0.58 18.12
CA GLU A 125 0.12 1.77 18.93
C GLU A 125 -0.17 1.29 20.38
N ALA A 126 -0.45 2.20 21.32
CA ALA A 126 -0.51 1.89 22.77
C ALA A 126 0.78 1.20 23.29
N GLN A 127 1.93 1.64 22.76
CA GLN A 127 3.25 1.05 22.99
C GLN A 127 3.60 0.92 24.47
N GLY A 128 4.32 -0.15 24.82
CA GLY A 128 4.78 -0.40 26.21
C GLY A 128 3.70 -0.84 27.19
N SER A 129 2.43 -0.95 26.78
CA SER A 129 1.35 -1.50 27.61
C SER A 129 1.65 -2.92 28.07
N SER A 130 1.64 -3.16 29.38
CA SER A 130 1.97 -4.44 30.02
C SER A 130 0.81 -5.46 29.96
N SER A 131 0.19 -5.62 28.79
CA SER A 131 -1.01 -6.44 28.56
C SER A 131 -0.69 -7.94 28.44
N ASN A 132 -0.10 -8.50 29.50
CA ASN A 132 0.22 -9.93 29.62
C ASN A 132 -1.01 -10.76 30.05
N ARG A 133 -0.97 -12.08 29.82
CA ARG A 133 -1.91 -13.09 30.35
C ARG A 133 -1.15 -14.24 31.03
N ILE B 3 9.64 -1.17 -12.22
CA ILE B 3 8.18 -1.36 -12.14
C ILE B 3 7.60 -1.61 -13.53
N THR B 4 6.55 -2.44 -13.60
CA THR B 4 5.71 -2.62 -14.79
C THR B 4 4.28 -2.17 -14.50
N TYR B 5 3.71 -1.36 -15.40
CA TYR B 5 2.29 -1.01 -15.39
C TYR B 5 1.54 -1.83 -16.44
N ASN B 7 -2.20 -2.72 -18.06
CA ASN B 7 -3.42 -1.95 -18.28
C ASN B 7 -4.67 -2.84 -18.41
N ARG B 8 -4.51 -4.15 -18.69
CA ARG B 8 -5.50 -5.18 -18.29
C ARG B 8 -4.83 -6.55 -18.14
N THR B 10 -5.23 -9.40 -19.22
CA THR B 10 -5.11 -10.16 -20.47
C THR B 10 -3.75 -10.01 -21.15
N LYS B 12 -2.50 -6.36 -22.27
CA LYS B 12 -2.25 -4.95 -22.65
C LYS B 12 -1.56 -4.24 -21.47
N CYS B 13 -0.38 -3.68 -21.70
CA CYS B 13 0.43 -2.98 -20.68
C CYS B 13 0.92 -1.62 -21.20
N ARG B 15 3.99 1.98 -20.88
CA ARG B 15 4.88 2.92 -20.18
C ARG B 15 4.08 3.85 -19.26
N TYR B 16 4.81 4.55 -18.39
CA TYR B 16 4.38 5.41 -17.29
C TYR B 16 5.45 6.49 -17.10
N GLY A 1 4.89 -7.72 -30.39
CA GLY A 1 5.49 -8.27 -29.15
C GLY A 1 4.41 -8.89 -28.29
N LEU A 2 4.78 -9.54 -27.19
CA LEU A 2 3.89 -10.17 -26.22
C LEU A 2 4.30 -9.83 -24.77
N PRO A 3 3.39 -9.88 -23.79
CA PRO A 3 3.70 -9.51 -22.40
C PRO A 3 4.52 -10.59 -21.68
N SER A 4 5.55 -10.18 -20.95
CA SER A 4 6.21 -10.97 -19.88
C SER A 4 7.25 -10.10 -19.16
N ASP A 5 7.29 -10.18 -17.83
CA ASP A 5 7.95 -9.28 -16.87
C ASP A 5 9.51 -9.34 -16.84
N ARG A 6 10.17 -9.76 -17.93
CA ARG A 6 11.59 -10.20 -17.97
C ARG A 6 12.66 -9.16 -17.56
N ASN A 7 12.29 -7.92 -17.23
CA ASN A 7 13.19 -6.90 -16.70
C ASN A 7 12.60 -6.15 -15.47
N GLN A 8 11.56 -6.68 -14.82
CA GLN A 8 10.82 -6.05 -13.71
C GLN A 8 10.35 -7.09 -12.67
N GLN A 9 10.16 -6.66 -11.42
CA GLN A 9 9.78 -7.54 -10.29
C GLN A 9 8.71 -6.94 -9.36
N ILE A 10 7.90 -6.00 -9.87
CA ILE A 10 6.62 -5.55 -9.29
C ILE A 10 5.66 -5.33 -10.48
N SER A 11 4.39 -5.73 -10.36
CA SER A 11 3.45 -5.75 -11.49
C SER A 11 2.05 -5.24 -11.08
N LEU A 12 1.40 -4.42 -11.92
CA LEU A 12 0.08 -3.81 -11.67
C LEU A 12 -0.86 -3.81 -12.90
N VAL A 13 -2.17 -3.67 -12.66
CA VAL A 13 -3.22 -3.56 -13.70
C VAL A 13 -4.18 -2.39 -13.49
N ALA A 14 -4.61 -1.74 -14.58
CA ALA A 14 -5.68 -0.74 -14.60
C ALA A 14 -6.35 -0.60 -15.99
N ASP A 15 -7.55 0.00 -16.06
CA ASP A 15 -8.26 0.29 -17.33
C ASP A 15 -8.42 1.79 -17.64
N ARG A 16 -8.55 2.64 -16.61
CA ARG A 16 -8.69 4.11 -16.70
C ARG A 16 -7.61 4.88 -15.93
N ALA A 17 -6.41 4.32 -15.82
CA ALA A 17 -5.26 5.02 -15.26
C ALA A 17 -4.90 6.28 -16.08
N THR A 18 -4.52 7.35 -15.39
CA THR A 18 -4.09 8.63 -15.96
C THR A 18 -2.64 8.90 -15.60
N TYR A 19 -1.79 8.95 -16.64
CA TYR A 19 -0.33 9.06 -16.50
C TYR A 19 0.16 10.47 -16.88
N ASN A 20 0.93 11.06 -15.98
CA ASN A 20 1.10 12.51 -15.92
C ASN A 20 2.58 12.90 -15.85
N GLU A 21 3.35 12.40 -16.83
CA GLU A 21 4.77 12.72 -17.08
C GLU A 21 5.05 14.23 -17.14
N LYS A 22 4.07 15.02 -17.63
CA LYS A 22 4.09 16.49 -17.63
C LYS A 22 4.27 17.14 -16.24
N THR A 23 4.14 16.36 -15.16
CA THR A 23 4.50 16.73 -13.78
C THR A 23 5.07 15.53 -12.96
N GLY A 24 5.43 14.41 -13.60
CA GLY A 24 6.03 13.24 -12.94
C GLY A 24 5.12 12.41 -12.02
N LEU A 25 3.80 12.44 -12.18
CA LEU A 25 2.83 11.70 -11.34
C LEU A 25 2.07 10.61 -12.11
N THR A 26 1.47 9.65 -11.40
CA THR A 26 0.59 8.63 -12.00
C THR A 26 -0.57 8.29 -11.06
N THR A 27 -1.79 8.22 -11.60
CA THR A 27 -2.96 7.71 -10.87
C THR A 27 -3.53 6.49 -11.58
N TYR A 28 -3.71 5.40 -10.86
CA TYR A 28 -4.28 4.14 -11.34
C TYR A 28 -5.66 3.93 -10.73
N THR A 29 -6.64 3.44 -11.50
CA THR A 29 -8.06 3.44 -11.09
C THR A 29 -8.84 2.33 -11.80
N GLY A 30 -9.89 1.85 -11.13
CA GLY A 30 -10.79 0.79 -11.62
C GLY A 30 -10.78 -0.47 -10.74
N ASN A 31 -10.50 -0.34 -9.44
CA ASN A 31 -9.89 -1.39 -8.60
C ASN A 31 -8.53 -1.81 -9.21
N VAL A 32 -7.55 -0.92 -9.09
CA VAL A 32 -6.15 -1.25 -9.38
C VAL A 32 -5.63 -2.21 -8.31
N VAL A 33 -4.83 -3.19 -8.74
CA VAL A 33 -4.19 -4.20 -7.90
C VAL A 33 -2.72 -4.36 -8.29
N ILE A 34 -1.88 -4.60 -7.28
CA ILE A 34 -0.41 -4.64 -7.36
C ILE A 34 0.17 -5.63 -6.31
N GLU A 35 1.17 -6.40 -6.72
CA GLU A 35 1.82 -7.43 -5.91
C GLU A 35 3.35 -7.44 -6.05
N GLN A 36 4.01 -8.04 -5.05
CA GLN A 36 5.37 -8.58 -5.18
C GLN A 36 5.54 -9.99 -4.55
N GLY A 37 4.63 -10.43 -3.67
CA GLY A 37 4.70 -11.75 -3.05
C GLY A 37 3.96 -11.82 -1.72
N THR A 38 4.70 -11.70 -0.61
CA THR A 38 4.16 -11.72 0.76
C THR A 38 3.30 -10.52 1.15
N MET A 39 3.15 -9.53 0.26
CA MET A 39 2.27 -8.37 0.40
C MET A 39 1.48 -8.16 -0.91
N LYS A 40 0.19 -7.85 -0.76
CA LYS A 40 -0.84 -7.75 -1.80
C LYS A 40 -1.65 -6.47 -1.54
N LEU A 41 -1.68 -5.54 -2.50
CA LEU A 41 -2.38 -4.25 -2.36
C LEU A 41 -3.39 -4.09 -3.50
N GLN A 42 -4.64 -3.77 -3.18
CA GLN A 42 -5.62 -3.28 -4.16
C GLN A 42 -6.48 -2.17 -3.55
N ALA A 43 -6.94 -1.24 -4.39
CA ALA A 43 -7.96 -0.27 -4.01
C ALA A 43 -8.62 0.34 -5.27
N ASP A 44 -9.79 0.96 -5.06
CA ASP A 44 -10.60 1.65 -6.07
C ASP A 44 -9.75 2.58 -6.96
N SER A 45 -8.87 3.38 -6.33
CA SER A 45 -7.91 4.26 -7.02
C SER A 45 -6.64 4.53 -6.20
N ILE A 46 -5.45 4.24 -6.74
CA ILE A 46 -4.14 4.48 -6.13
C ILE A 46 -3.46 5.68 -6.83
N VAL A 47 -2.82 6.56 -6.04
CA VAL A 47 -2.00 7.67 -6.57
C VAL A 47 -0.54 7.41 -6.24
N ALA A 48 0.35 7.46 -7.23
CA ALA A 48 1.79 7.36 -7.06
C ALA A 48 2.47 8.71 -7.30
N THR A 49 3.38 9.08 -6.40
CA THR A 49 4.29 10.22 -6.56
C THR A 49 5.73 9.72 -6.64
N LEU A 50 6.50 10.23 -7.61
CA LEU A 50 7.85 9.76 -7.90
C LEU A 50 8.83 10.87 -8.28
N ASN A 51 10.11 10.64 -8.00
CA ASN A 51 11.25 11.49 -8.36
C ASN A 51 12.11 10.88 -9.48
N SER A 52 13.11 11.64 -9.94
CA SER A 52 13.90 11.44 -11.17
C SER A 52 14.30 10.01 -11.54
N LYS A 53 14.63 9.11 -10.59
CA LYS A 53 15.17 7.77 -10.89
C LYS A 53 14.04 6.72 -11.08
N ARG A 54 12.87 7.16 -11.58
CA ARG A 54 11.58 6.41 -11.51
C ARG A 54 11.29 5.93 -10.07
N GLU A 55 11.48 6.80 -9.10
CA GLU A 55 11.78 6.42 -7.71
C GLU A 55 10.70 6.93 -6.76
N ILE A 56 10.16 6.06 -5.90
CA ILE A 56 8.81 6.24 -5.36
C ILE A 56 8.85 7.06 -4.07
N GLN A 57 8.66 8.37 -4.21
CA GLN A 57 8.59 9.34 -3.12
C GLN A 57 7.52 8.94 -2.08
N THR A 58 6.28 8.67 -2.50
CA THR A 58 5.21 8.12 -1.65
C THR A 58 3.99 7.74 -2.50
N ILE A 59 3.16 6.82 -1.99
CA ILE A 59 1.89 6.38 -2.60
C ILE A 59 0.73 6.73 -1.67
N THR A 60 -0.38 7.23 -2.23
CA THR A 60 -1.67 7.39 -1.51
C THR A 60 -2.63 6.29 -1.94
N ALA A 61 -3.14 5.55 -0.95
CA ALA A 61 -4.10 4.48 -1.10
C ALA A 61 -5.46 4.85 -0.47
N LYS A 62 -6.53 4.57 -1.23
CA LYS A 62 -7.92 4.91 -0.90
C LYS A 62 -8.87 4.02 -1.69
N GLY A 63 -9.86 3.48 -1.00
CA GLY A 63 -10.90 2.60 -1.53
C GLY A 63 -11.84 2.12 -0.43
N ARG A 64 -12.85 1.30 -0.77
CA ARG A 64 -13.83 0.81 0.21
C ARG A 64 -14.14 -0.69 0.09
N PRO A 65 -13.45 -1.57 0.87
CA PRO A 65 -12.34 -1.28 1.79
C PRO A 65 -11.05 -0.85 1.07
N SER A 66 -10.07 -0.33 1.83
CA SER A 66 -8.71 -0.05 1.32
C SER A 66 -7.65 -0.98 1.92
N LYS A 67 -8.03 -1.89 2.82
CA LYS A 67 -7.13 -2.83 3.50
C LYS A 67 -6.33 -3.71 2.55
N PHE A 68 -5.01 -3.71 2.75
CA PHE A 68 -4.06 -4.62 2.11
C PHE A 68 -4.16 -6.05 2.67
N GLN A 69 -3.57 -7.01 1.94
CA GLN A 69 -3.37 -8.40 2.34
C GLN A 69 -1.87 -8.71 2.50
N GLN A 70 -1.55 -9.67 3.36
CA GLN A 70 -0.18 -10.02 3.72
C GLN A 70 -0.05 -11.51 4.08
N GLN A 71 1.17 -12.03 4.12
CA GLN A 71 1.51 -13.32 4.72
C GLN A 71 2.38 -13.10 5.96
N ILE A 72 1.91 -13.54 7.12
CA ILE A 72 2.66 -13.56 8.39
C ILE A 72 3.22 -14.98 8.58
N SER A 73 2.35 -15.98 8.40
CA SER A 73 2.63 -17.40 8.14
C SER A 73 1.36 -17.99 7.49
N ALA A 74 1.42 -19.19 6.90
CA ALA A 74 0.36 -19.71 6.02
C ALA A 74 -1.05 -19.72 6.66
N ASP A 75 -1.17 -20.30 7.86
CA ASP A 75 -2.40 -20.34 8.66
C ASP A 75 -2.87 -18.96 9.15
N LYS A 76 -1.99 -17.96 9.03
CA LYS A 76 -2.06 -16.61 9.64
C LYS A 76 -1.97 -15.51 8.57
N GLY A 77 -2.46 -15.75 7.36
CA GLY A 77 -2.49 -14.78 6.24
C GLY A 77 -3.47 -13.61 6.42
N ILE A 78 -3.61 -13.05 7.63
CA ILE A 78 -4.68 -12.10 8.00
C ILE A 78 -4.10 -10.79 8.56
N ALA A 79 -4.28 -9.72 7.80
CA ALA A 79 -3.95 -8.35 8.18
C ALA A 79 -5.03 -7.38 7.64
N ARG A 80 -5.27 -6.27 8.34
CA ARG A 80 -6.21 -5.22 7.92
C ARG A 80 -5.88 -3.89 8.58
N GLY A 81 -5.26 -2.97 7.82
CA GLY A 81 -5.13 -1.56 8.18
C GLY A 81 -6.17 -0.71 7.45
N GLU A 82 -6.85 0.19 8.16
CA GLU A 82 -7.96 1.02 7.67
C GLU A 82 -7.94 2.43 8.31
N GLY A 83 -8.77 3.34 7.80
CA GLY A 83 -8.89 4.72 8.28
C GLY A 83 -9.76 5.57 7.37
N GLN A 84 -9.31 6.77 7.02
CA GLN A 84 -9.89 7.62 5.98
C GLN A 84 -8.93 7.80 4.78
N THR A 85 -7.62 7.92 5.05
CA THR A 85 -6.56 7.95 4.05
C THR A 85 -5.44 7.00 4.46
N ILE A 86 -4.90 6.24 3.51
CA ILE A 86 -3.70 5.41 3.71
C ILE A 86 -2.55 6.01 2.89
N VAL A 87 -1.37 6.13 3.50
CA VAL A 87 -0.15 6.64 2.84
C VAL A 87 0.97 5.62 3.01
N TYR A 88 1.49 5.12 1.90
CA TYR A 88 2.58 4.15 1.85
C TYR A 88 3.88 4.89 1.49
N ASN A 89 4.67 5.16 2.52
CA ASN A 89 6.01 5.70 2.44
C ASN A 89 6.97 4.63 1.85
N ALA A 90 6.92 4.45 0.53
CA ALA A 90 7.80 3.54 -0.21
C ALA A 90 9.29 3.93 -0.12
N ASP A 91 9.57 5.19 0.18
CA ASP A 91 10.87 5.76 0.56
C ASP A 91 11.51 5.08 1.80
N THR A 92 10.70 4.46 2.68
CA THR A 92 11.17 3.68 3.83
C THR A 92 10.41 2.35 4.05
N GLY A 93 9.55 1.94 3.11
CA GLY A 93 8.73 0.73 3.20
C GLY A 93 7.61 0.74 4.26
N ILE A 94 7.19 1.91 4.76
CA ILE A 94 6.24 2.02 5.88
C ILE A 94 4.82 2.41 5.42
N ILE A 95 3.80 1.68 5.91
CA ILE A 95 2.38 2.03 5.69
C ILE A 95 1.87 2.85 6.88
N THR A 96 1.19 3.95 6.57
CA THR A 96 0.56 4.89 7.50
C THR A 96 -0.96 4.88 7.31
N LEU A 97 -1.71 4.81 8.41
CA LEU A 97 -3.16 4.98 8.47
C LEU A 97 -3.47 6.36 9.07
N SER A 98 -4.36 7.14 8.43
CA SER A 98 -4.74 8.48 8.88
C SER A 98 -6.26 8.68 8.87
N GLY A 99 -6.75 9.43 9.87
CA GLY A 99 -8.17 9.66 10.15
C GLY A 99 -8.87 8.41 10.69
N GLY A 100 -9.23 8.40 11.98
CA GLY A 100 -9.98 7.29 12.60
C GLY A 100 -9.34 5.91 12.37
N ALA A 101 -8.01 5.84 12.51
CA ALA A 101 -7.23 4.70 12.02
C ALA A 101 -7.56 3.40 12.76
N TYR A 102 -7.37 2.28 12.08
CA TYR A 102 -7.55 0.92 12.61
C TYR A 102 -6.45 0.00 12.08
N LEU A 103 -6.01 -0.94 12.90
CA LEU A 103 -5.20 -2.08 12.49
C LEU A 103 -5.64 -3.34 13.27
N TYR A 104 -5.73 -4.46 12.58
CA TYR A 104 -5.69 -5.80 13.18
C TYR A 104 -4.74 -6.71 12.40
N GLN A 105 -4.10 -7.62 13.15
CA GLN A 105 -3.33 -8.76 12.66
C GLN A 105 -3.69 -10.01 13.50
N ASP A 106 -3.12 -11.17 13.17
CA ASP A 106 -3.41 -12.52 13.68
C ASP A 106 -3.22 -12.76 15.20
N GLY A 107 -2.93 -11.72 15.99
CA GLY A 107 -2.91 -11.76 17.45
C GLY A 107 -3.38 -10.49 18.18
N SER A 108 -3.76 -9.39 17.52
CA SER A 108 -4.15 -8.13 18.19
C SER A 108 -4.80 -7.08 17.26
N SER A 109 -5.42 -6.05 17.86
CA SER A 109 -5.87 -4.84 17.16
C SER A 109 -5.55 -3.56 17.94
N ILE A 110 -5.35 -2.45 17.22
CA ILE A 110 -5.20 -1.08 17.76
C ILE A 110 -5.95 -0.10 16.85
N ARG A 111 -6.50 0.99 17.42
CA ARG A 111 -7.34 1.96 16.70
C ARG A 111 -7.36 3.34 17.37
N GLY A 112 -7.65 4.39 16.60
CA GLY A 112 -7.83 5.77 17.08
C GLY A 112 -7.01 6.79 16.30
N ASN A 113 -5.91 7.25 16.90
CA ASN A 113 -4.97 8.22 16.32
C ASN A 113 -4.29 7.71 15.05
N THR A 114 -3.66 8.62 14.30
CA THR A 114 -2.72 8.32 13.20
C THR A 114 -1.71 7.23 13.62
N LEU A 115 -1.50 6.25 12.75
CA LEU A 115 -0.85 4.98 13.08
C LEU A 115 0.08 4.55 11.93
N LYS A 116 1.14 3.78 12.24
CA LYS A 116 2.04 3.19 11.24
C LYS A 116 2.29 1.71 11.52
N TYR A 117 2.47 0.93 10.45
CA TYR A 117 2.74 -0.52 10.53
C TYR A 117 4.25 -0.82 10.60
N SER A 118 4.64 -1.96 11.20
CA SER A 118 6.04 -2.36 11.32
C SER A 118 6.25 -3.85 11.03
N MET A 119 6.74 -4.13 9.81
CA MET A 119 7.30 -5.42 9.42
C MET A 119 8.64 -5.74 10.14
N ASN A 120 9.19 -4.78 10.89
CA ASN A 120 10.43 -4.94 11.65
C ASN A 120 10.17 -5.47 13.07
N LYS A 121 9.21 -4.87 13.81
CA LYS A 121 8.92 -5.25 15.19
C LYS A 121 7.83 -6.34 15.32
N GLY A 122 6.86 -6.37 14.40
CA GLY A 122 5.77 -7.37 14.39
C GLY A 122 4.86 -7.36 15.62
N ASP A 123 4.79 -6.23 16.33
CA ASP A 123 4.30 -6.13 17.71
C ASP A 123 3.51 -4.82 17.95
N VAL A 124 2.56 -4.83 18.91
CA VAL A 124 1.55 -3.77 19.10
C VAL A 124 1.26 -3.55 20.59
N GLU A 125 1.52 -2.34 21.09
CA GLU A 125 1.15 -1.87 22.44
C GLU A 125 0.54 -0.46 22.38
N ALA A 126 -0.29 -0.09 23.36
CA ALA A 126 -1.04 1.18 23.40
C ALA A 126 -0.88 1.90 24.76
N GLN A 127 0.26 2.57 24.96
CA GLN A 127 0.61 3.27 26.22
C GLN A 127 -0.26 4.50 26.58
N GLY A 128 -1.16 4.94 25.68
CA GLY A 128 -1.74 6.29 25.73
C GLY A 128 -0.70 7.37 25.38
N SER A 129 -0.64 8.45 26.16
CA SER A 129 0.38 9.51 26.05
C SER A 129 0.55 10.24 27.40
N SER A 130 1.61 11.04 27.55
CA SER A 130 1.92 11.78 28.79
C SER A 130 2.79 13.01 28.51
N SER A 131 3.07 13.81 29.55
CA SER A 131 3.77 15.11 29.47
C SER A 131 4.70 15.34 30.66
N ASN A 132 5.92 15.82 30.42
CA ASN A 132 6.95 16.03 31.45
C ASN A 132 7.56 17.45 31.48
N ARG A 133 7.54 18.16 30.35
CA ARG A 133 8.08 19.51 30.22
C ARG A 133 7.12 20.38 29.40
N ILE B 3 9.01 -1.64 -13.24
CA ILE B 3 7.60 -2.03 -13.06
C ILE B 3 7.03 -2.73 -14.32
N THR B 4 6.06 -3.62 -14.14
CA THR B 4 5.09 -4.02 -15.19
C THR B 4 3.77 -3.29 -14.97
N TYR B 5 3.22 -2.68 -16.02
CA TYR B 5 1.90 -2.05 -16.02
C TYR B 5 1.08 -2.60 -17.19
N ASN B 7 -2.65 -3.05 -19.27
CA ASN B 7 -3.81 -2.22 -19.58
C ASN B 7 -5.06 -3.07 -19.86
N ARG B 8 -6.02 -3.07 -18.93
CA ARG B 8 -7.39 -3.63 -19.05
C ARG B 8 -8.28 -2.73 -19.92
N THR B 10 -6.83 -2.26 -23.55
CA THR B 10 -6.28 -2.68 -24.85
C THR B 10 -5.78 -4.14 -24.82
N LYS B 12 -2.89 -5.00 -23.72
CA LYS B 12 -1.44 -4.85 -23.88
C LYS B 12 -0.75 -4.58 -22.53
N CYS B 13 0.58 -4.64 -22.51
CA CYS B 13 1.38 -4.30 -21.33
C CYS B 13 2.51 -3.33 -21.67
N ARG B 15 6.20 -1.28 -19.57
CA ARG B 15 6.98 -0.68 -18.47
C ARG B 15 6.79 0.84 -18.42
N TYR B 16 7.33 1.49 -17.38
CA TYR B 16 7.18 2.91 -17.05
C TYR B 16 8.54 3.53 -16.70
#